data_9GYB
#
_entry.id   9GYB
#
_cell.length_a   92.450
_cell.length_b   200.573
_cell.length_c   116.370
_cell.angle_alpha   90.000
_cell.angle_beta   111.210
_cell.angle_gamma   90.000
#
_symmetry.space_group_name_H-M   'P 1 21 1'
#
loop_
_entity.id
_entity.type
_entity.pdbx_description
1 polymer 'Carbon monoxide dehydrogenase'
2 non-polymer 'IRON/SULFUR CLUSTER'
3 non-polymer 'Fe(3)-Ni(1)-S(4) cluster'
4 non-polymer 'SODIUM ION'
#
_entity_poly.entity_id   1
_entity_poly.type   'polypeptide(L)'
_entity_poly.pdbx_seq_one_letter_code
;MTHHDCAHCSSDACATEMLNLAEANSIETAWHRYEKQQPQCGFGSAGLCCRICLKGPCRIDPFGEGPKYGVCGADRDTIV
ARHLVRMIAAGTAAHSEHGRHIALAMQHISQGELHDYSIRDEAKLYAIAKTLGVATEGRGLLAIVGDLAAITLGDFQNQD
YDKPCAWLAASLTPRRVKRLGDLGLLPHNIDASVAQTMSRTHVGCDADPTNLILGGLRVAMADLDGSMLATELSDALFGT
PQPVVSAANLGVMKRGAVNIAVNGHNPMLSDIICDVAADLRDEAIAAGAAEGINIIGICCTGHEVMMRHGVPLATNYLSQ
ELPILTGALEAMVVDVQCIMPSLPRIAECFHTQIITTDKHNKISGATHVPFDEHKAVETAKTIIRMAIAAFGRRDPNRVA
IPAFKQKSIVGFSAEAVVAALAKVNADDPLKPLVDNVVNGNIQGIVLFVGCNTTKVQQDSAYVDLAKSLAKRNVLVLATG
CAAGAFAKAGLMTSEATTQYAGEGLKGVLSAIGTAAGLGGPLPLVMHMGSCVDNSRAVALATALANKLGVDLSDLPLVAS
APECMSEKALAIGSWAVTIGLPTHVGSVPPVIGSQIVTKLVTETAKDLVGGYFIVDTDPKSAGDKLYAAIQERRAGLGL
;
_entity_poly.pdbx_strand_id   A,B,C,D,E,F
#
# COMPACT_ATOMS: atom_id res chain seq x y z
N MET A 18 22.39 20.10 -19.10
CA MET A 18 23.39 19.10 -19.43
C MET A 18 24.78 19.72 -19.54
N LEU A 19 25.76 18.87 -19.89
CA LEU A 19 27.12 19.26 -20.23
C LEU A 19 27.93 19.73 -19.03
N ASN A 20 27.32 20.44 -18.09
CA ASN A 20 28.05 21.00 -16.94
C ASN A 20 27.96 20.05 -15.74
N LEU A 21 26.77 19.97 -15.13
CA LEU A 21 26.49 19.11 -13.98
C LEU A 21 27.58 19.18 -12.92
N ALA A 22 27.48 20.16 -12.02
CA ALA A 22 28.48 20.35 -10.96
C ALA A 22 28.25 19.33 -9.85
N GLU A 23 28.60 18.08 -10.16
CA GLU A 23 28.52 16.97 -9.22
C GLU A 23 29.22 17.32 -7.90
N ALA A 24 28.46 17.81 -6.93
CA ALA A 24 29.00 18.21 -5.64
C ALA A 24 28.58 17.20 -4.57
N ASN A 25 29.55 16.83 -3.72
CA ASN A 25 29.30 15.81 -2.72
C ASN A 25 28.67 16.42 -1.46
N SER A 26 27.73 15.68 -0.88
CA SER A 26 27.09 15.97 0.41
C SER A 26 26.19 17.20 0.38
N ILE A 27 25.80 17.68 -0.80
CA ILE A 27 24.77 18.71 -0.90
C ILE A 27 23.62 18.16 -1.73
N GLU A 28 22.41 18.56 -1.37
CA GLU A 28 21.19 18.09 -2.02
C GLU A 28 20.75 19.05 -3.11
N THR A 29 20.34 18.51 -4.25
CA THR A 29 19.95 19.33 -5.40
C THR A 29 18.54 19.01 -5.87
N ALA A 30 18.16 19.55 -7.05
CA ALA A 30 16.84 19.27 -7.59
C ALA A 30 16.69 17.80 -7.98
N TRP A 31 17.73 17.23 -8.59
CA TRP A 31 17.66 15.84 -9.02
C TRP A 31 17.70 14.89 -7.82
N HIS A 32 18.48 15.23 -6.80
CA HIS A 32 18.48 14.43 -5.58
C HIS A 32 17.12 14.46 -4.90
N ARG A 33 16.48 15.64 -4.87
CA ARG A 33 15.16 15.75 -4.29
C ARG A 33 14.11 15.06 -5.17
N TYR A 34 14.33 15.04 -6.49
CA TYR A 34 13.41 14.33 -7.37
C TYR A 34 13.41 12.83 -7.06
N GLU A 35 14.60 12.22 -7.00
CA GLU A 35 14.69 10.79 -6.80
C GLU A 35 14.25 10.36 -5.42
N LYS A 36 14.25 11.28 -4.44
CA LYS A 36 13.67 10.97 -3.13
C LYS A 36 12.17 10.77 -3.23
N GLN A 37 11.52 11.37 -4.23
CA GLN A 37 10.07 11.32 -4.37
C GLN A 37 9.58 10.07 -5.07
N GLN A 38 10.46 9.23 -5.59
CA GLN A 38 10.03 8.06 -6.35
C GLN A 38 9.43 7.02 -5.42
N PRO A 39 8.27 6.45 -5.75
CA PRO A 39 7.43 6.78 -6.90
C PRO A 39 6.42 7.87 -6.55
N GLN A 40 6.02 8.69 -7.52
CA GLN A 40 5.07 9.75 -7.27
C GLN A 40 3.66 9.27 -7.58
N CYS A 41 2.69 9.87 -6.89
CA CYS A 41 1.40 9.23 -6.61
C CYS A 41 0.80 8.44 -7.76
N GLY A 42 0.79 9.01 -8.95
CA GLY A 42 0.09 8.41 -10.07
C GLY A 42 -1.39 8.75 -10.12
N PHE A 43 -2.05 8.75 -8.97
CA PHE A 43 -3.39 9.31 -8.88
C PHE A 43 -3.38 10.78 -9.30
N GLY A 44 -2.42 11.54 -8.77
CA GLY A 44 -2.28 12.93 -9.18
C GLY A 44 -1.69 13.07 -10.57
N SER A 45 -0.93 12.08 -11.02
CA SER A 45 -0.38 12.13 -12.38
C SER A 45 -1.50 11.99 -13.41
N ALA A 46 -2.48 11.13 -13.14
CA ALA A 46 -3.64 10.99 -14.03
C ALA A 46 -4.70 12.04 -13.77
N GLY A 47 -4.57 12.83 -12.70
CA GLY A 47 -5.63 13.75 -12.33
C GLY A 47 -6.81 13.11 -11.65
N LEU A 48 -6.65 11.89 -11.13
CA LEU A 48 -7.72 11.18 -10.42
C LEU A 48 -7.61 11.37 -8.92
N CYS A 49 -7.27 12.59 -8.52
CA CYS A 49 -7.40 13.07 -7.16
C CYS A 49 -7.92 14.50 -7.25
N CYS A 50 -9.00 14.78 -6.52
CA CYS A 50 -9.68 16.06 -6.69
C CYS A 50 -9.02 17.16 -5.86
N ARG A 51 -9.22 17.10 -4.54
CA ARG A 51 -8.61 18.03 -3.58
C ARG A 51 -9.18 19.44 -3.70
N ILE A 52 -10.46 19.61 -3.37
CA ILE A 52 -11.09 20.93 -3.43
C ILE A 52 -11.86 21.24 -2.14
N CYS A 53 -12.61 20.26 -1.62
CA CYS A 53 -13.74 20.56 -0.74
C CYS A 53 -13.61 20.05 0.69
N LEU A 54 -12.44 19.56 1.13
CA LEU A 54 -12.23 19.22 2.53
C LEU A 54 -13.13 18.11 3.05
N LYS A 55 -14.02 17.56 2.22
CA LYS A 55 -14.57 16.23 2.49
C LYS A 55 -13.71 15.13 1.88
N GLY A 56 -12.89 15.46 0.90
CA GLY A 56 -11.95 14.52 0.35
C GLY A 56 -10.74 14.38 1.25
N PRO A 57 -9.58 14.09 0.66
CA PRO A 57 -9.31 14.00 -0.78
C PRO A 57 -9.89 12.75 -1.43
N CYS A 58 -10.93 12.91 -2.24
CA CYS A 58 -11.50 11.78 -2.97
C CYS A 58 -10.67 11.49 -4.21
N ARG A 59 -10.44 10.20 -4.46
CA ARG A 59 -9.69 9.74 -5.61
C ARG A 59 -10.54 8.75 -6.38
N ILE A 60 -10.29 8.68 -7.68
CA ILE A 60 -11.07 7.83 -8.58
C ILE A 60 -10.28 6.56 -8.88
N ASP A 61 -10.99 5.42 -8.90
CA ASP A 61 -10.38 4.19 -9.39
C ASP A 61 -10.89 3.94 -10.79
N PRO A 62 -10.03 3.96 -11.81
CA PRO A 62 -10.51 3.76 -13.18
C PRO A 62 -10.89 2.32 -13.48
N PHE A 63 -10.18 1.33 -12.91
CA PHE A 63 -10.40 -0.05 -13.30
C PHE A 63 -11.09 -0.80 -12.16
N GLY A 64 -10.34 -1.36 -11.22
CA GLY A 64 -10.87 -2.39 -10.34
C GLY A 64 -11.82 -1.93 -9.24
N GLU A 65 -13.12 -1.97 -9.54
CA GLU A 65 -14.18 -1.48 -8.66
C GLU A 65 -13.75 -0.22 -7.92
N GLY A 66 -13.89 -0.21 -6.60
CA GLY A 66 -13.50 0.93 -5.81
C GLY A 66 -14.40 2.14 -6.06
N PRO A 67 -13.85 3.34 -5.87
CA PRO A 67 -14.67 4.54 -6.01
C PRO A 67 -14.71 5.11 -7.41
N LYS A 68 -15.91 5.34 -7.94
CA LYS A 68 -16.10 5.92 -9.26
C LYS A 68 -16.52 7.38 -9.22
N TYR A 69 -16.61 7.96 -8.03
CA TYR A 69 -17.10 9.33 -7.88
C TYR A 69 -16.41 9.97 -6.69
N GLY A 70 -16.54 11.29 -6.61
CA GLY A 70 -16.25 11.99 -5.38
C GLY A 70 -17.47 12.03 -4.48
N VAL A 71 -17.26 12.50 -3.24
CA VAL A 71 -18.37 12.56 -2.31
C VAL A 71 -19.40 13.58 -2.78
N CYS A 72 -18.95 14.66 -3.42
CA CYS A 72 -19.88 15.59 -4.04
C CYS A 72 -20.66 14.96 -5.17
N GLY A 73 -20.17 13.84 -5.72
CA GLY A 73 -20.81 13.16 -6.81
C GLY A 73 -20.13 13.33 -8.16
N ALA A 74 -19.03 14.06 -8.23
CA ALA A 74 -18.40 14.37 -9.50
C ALA A 74 -17.60 13.18 -10.02
N ASP A 75 -17.72 12.92 -11.32
CA ASP A 75 -17.00 11.83 -11.96
C ASP A 75 -15.57 12.23 -12.26
N ARG A 76 -14.81 11.26 -12.77
CA ARG A 76 -13.40 11.49 -13.10
C ARG A 76 -13.22 12.68 -14.03
N ASP A 77 -14.15 12.87 -14.97
CA ASP A 77 -13.99 13.89 -15.99
C ASP A 77 -14.24 15.30 -15.45
N THR A 78 -15.05 15.42 -14.40
CA THR A 78 -15.15 16.70 -13.71
C THR A 78 -13.91 16.95 -12.86
N ILE A 79 -13.43 15.91 -12.18
CA ILE A 79 -12.25 16.05 -11.32
C ILE A 79 -11.02 16.40 -12.14
N VAL A 80 -10.86 15.76 -13.31
CA VAL A 80 -9.71 16.04 -14.16
C VAL A 80 -9.80 17.45 -14.74
N ALA A 81 -10.97 17.80 -15.28
CA ALA A 81 -11.11 19.09 -15.96
C ALA A 81 -10.95 20.26 -15.00
N ARG A 82 -11.49 20.13 -13.78
CA ARG A 82 -11.44 21.25 -12.84
C ARG A 82 -10.02 21.55 -12.40
N HIS A 83 -9.19 20.52 -12.20
CA HIS A 83 -7.81 20.77 -11.78
C HIS A 83 -7.00 21.39 -12.91
N LEU A 84 -7.18 20.91 -14.14
CA LEU A 84 -6.47 21.50 -15.27
C LEU A 84 -6.81 22.98 -15.43
N VAL A 85 -8.08 23.33 -15.25
CA VAL A 85 -8.53 24.69 -15.49
C VAL A 85 -8.00 25.64 -14.39
N ARG A 86 -7.73 25.10 -13.20
CA ARG A 86 -7.12 25.93 -12.16
C ARG A 86 -5.62 26.09 -12.37
N MET A 87 -4.96 25.11 -13.02
CA MET A 87 -3.56 25.30 -13.40
C MET A 87 -3.43 26.38 -14.48
N ILE A 88 -4.40 26.44 -15.39
CA ILE A 88 -4.39 27.49 -16.40
C ILE A 88 -4.61 28.86 -15.76
N ALA A 89 -5.40 28.92 -14.69
CA ALA A 89 -5.68 30.20 -14.04
C ALA A 89 -4.49 30.68 -13.22
N ALA A 90 -3.83 29.78 -12.49
CA ALA A 90 -2.64 30.17 -11.74
C ALA A 90 -1.51 30.57 -12.67
N GLY A 91 -1.49 30.00 -13.89
CA GLY A 91 -0.50 30.43 -14.86
C GLY A 91 -0.80 31.79 -15.47
N THR A 92 -2.08 32.10 -15.64
CA THR A 92 -2.45 33.43 -16.11
C THR A 92 -2.18 34.48 -15.04
N ALA A 93 -2.49 34.16 -13.78
CA ALA A 93 -2.23 35.09 -12.69
C ALA A 93 -0.74 35.38 -12.57
N ALA A 94 0.11 34.37 -12.78
CA ALA A 94 1.55 34.57 -12.69
C ALA A 94 2.03 35.56 -13.74
N HIS A 95 1.62 35.37 -15.00
CA HIS A 95 2.06 36.27 -16.06
C HIS A 95 1.39 37.63 -15.96
N SER A 96 0.09 37.65 -15.62
CA SER A 96 -0.64 38.92 -15.56
C SER A 96 -0.06 39.86 -14.51
N GLU A 97 0.43 39.31 -13.40
CA GLU A 97 1.03 40.15 -12.37
C GLU A 97 2.30 40.83 -12.87
N HIS A 98 3.04 40.15 -13.75
CA HIS A 98 4.20 40.77 -14.39
C HIS A 98 3.76 41.93 -15.27
N GLY A 99 2.73 41.70 -16.11
CA GLY A 99 2.28 42.75 -17.01
C GLY A 99 1.70 43.94 -16.29
N ARG A 100 1.02 43.71 -15.16
CA ARG A 100 0.41 44.81 -14.43
C ARG A 100 1.45 45.73 -13.81
N HIS A 101 2.63 45.20 -13.51
CA HIS A 101 3.70 46.05 -12.98
C HIS A 101 4.21 47.03 -14.04
N ILE A 102 4.36 46.55 -15.28
CA ILE A 102 4.79 47.43 -16.36
C ILE A 102 3.73 48.50 -16.61
N ALA A 103 2.46 48.10 -16.59
CA ALA A 103 1.37 49.04 -16.89
C ALA A 103 1.25 50.11 -15.82
N LEU A 104 1.43 49.74 -14.55
CA LEU A 104 1.41 50.73 -13.48
C LEU A 104 2.61 51.65 -13.57
N ALA A 105 3.77 51.12 -13.98
CA ALA A 105 4.94 51.96 -14.19
C ALA A 105 4.70 52.96 -15.31
N MET A 106 4.10 52.49 -16.42
CA MET A 106 3.77 53.39 -17.53
C MET A 106 2.76 54.46 -17.13
N GLN A 107 2.03 54.24 -16.03
CA GLN A 107 1.08 55.22 -15.52
C GLN A 107 1.75 56.25 -14.62
N HIS A 108 2.62 55.80 -13.71
CA HIS A 108 3.47 56.74 -12.98
C HIS A 108 4.38 57.51 -13.92
N ILE A 109 4.78 56.89 -15.03
CA ILE A 109 5.64 57.57 -15.99
C ILE A 109 4.88 58.69 -16.69
N SER A 110 3.65 58.41 -17.13
CA SER A 110 2.84 59.42 -17.80
C SER A 110 2.46 60.58 -16.88
N GLN A 111 2.67 60.45 -15.57
CA GLN A 111 2.31 61.48 -14.61
C GLN A 111 3.52 62.18 -13.99
N GLY A 112 4.73 61.72 -14.28
CA GLY A 112 5.91 62.34 -13.72
C GLY A 112 6.46 61.68 -12.48
N GLU A 113 5.76 60.70 -11.92
CA GLU A 113 6.36 59.84 -10.92
C GLU A 113 7.35 58.89 -11.60
N LEU A 114 8.04 58.08 -10.80
CA LEU A 114 9.01 57.12 -11.32
C LEU A 114 10.09 57.81 -12.15
N HIS A 115 11.07 58.40 -11.48
CA HIS A 115 12.10 59.17 -12.17
C HIS A 115 13.25 58.32 -12.68
N ASP A 116 13.36 57.07 -12.24
CA ASP A 116 14.41 56.18 -12.72
C ASP A 116 14.04 55.44 -14.00
N TYR A 117 12.75 55.37 -14.32
CA TYR A 117 12.28 54.73 -15.54
C TYR A 117 11.71 55.79 -16.49
N SER A 118 11.72 55.46 -17.78
CA SER A 118 11.28 56.40 -18.81
C SER A 118 10.99 55.63 -20.09
N ILE A 119 10.46 56.34 -21.07
CA ILE A 119 10.20 55.77 -22.39
C ILE A 119 11.52 55.78 -23.15
N ARG A 120 12.26 54.67 -23.11
CA ARG A 120 13.53 54.59 -23.81
C ARG A 120 13.34 54.42 -25.31
N ASP A 121 12.35 53.64 -25.70
CA ASP A 121 12.03 53.42 -27.12
C ASP A 121 10.75 54.17 -27.45
N GLU A 122 10.88 55.51 -27.57
CA GLU A 122 9.76 56.33 -28.01
C GLU A 122 9.17 55.80 -29.31
N ALA A 123 10.00 55.18 -30.15
CA ALA A 123 9.52 54.58 -31.38
C ALA A 123 8.49 53.50 -31.08
N LYS A 124 8.85 52.51 -30.26
CA LYS A 124 7.93 51.44 -29.89
C LYS A 124 6.60 52.00 -29.40
N LEU A 125 6.66 52.93 -28.44
CA LEU A 125 5.50 53.62 -27.88
C LEU A 125 4.54 54.09 -28.95
N TYR A 126 5.08 54.60 -30.07
CA TYR A 126 4.24 55.12 -31.14
C TYR A 126 3.58 54.02 -31.94
N ALA A 127 4.33 52.96 -32.28
CA ALA A 127 3.76 51.83 -33.00
C ALA A 127 2.85 50.99 -32.11
N ILE A 128 3.05 51.03 -30.79
CA ILE A 128 2.08 50.43 -29.88
C ILE A 128 0.77 51.20 -29.91
N ALA A 129 0.85 52.51 -30.19
CA ALA A 129 -0.33 53.37 -30.18
C ALA A 129 -1.08 53.37 -31.52
N LYS A 130 -0.39 53.12 -32.64
CA LYS A 130 -1.04 53.09 -33.94
C LYS A 130 -2.10 52.00 -33.99
N THR A 131 -1.67 50.73 -34.13
CA THR A 131 -2.52 49.65 -33.68
C THR A 131 -2.87 49.89 -32.22
N LEU A 132 -4.00 49.35 -31.80
CA LEU A 132 -4.65 49.63 -30.50
C LEU A 132 -5.27 51.03 -30.47
N GLY A 133 -5.05 51.87 -31.47
CA GLY A 133 -5.96 52.97 -31.75
C GLY A 133 -5.79 54.25 -30.98
N VAL A 134 -4.66 54.47 -30.32
CA VAL A 134 -4.45 55.75 -29.64
C VAL A 134 -4.09 56.82 -30.67
N ALA A 135 -4.75 57.96 -30.57
CA ALA A 135 -4.49 59.07 -31.47
C ALA A 135 -3.19 59.76 -31.07
N THR A 136 -2.33 60.01 -32.05
CA THR A 136 -1.02 60.60 -31.81
C THR A 136 -0.86 62.00 -32.36
N GLU A 137 -1.61 62.36 -33.41
CA GLU A 137 -1.44 63.61 -34.15
C GLU A 137 -1.26 64.82 -33.26
N GLY A 138 -0.03 65.33 -33.17
CA GLY A 138 0.28 66.48 -32.35
C GLY A 138 -0.11 66.30 -30.90
N ARG A 139 0.43 65.27 -30.26
CA ARG A 139 0.11 65.00 -28.86
C ARG A 139 1.40 64.69 -28.11
N GLY A 140 1.59 65.34 -26.97
CA GLY A 140 2.78 65.10 -26.18
C GLY A 140 2.94 63.63 -25.84
N LEU A 141 4.19 63.20 -25.75
CA LEU A 141 4.49 61.79 -25.49
C LEU A 141 3.74 61.29 -24.26
N LEU A 142 3.69 62.10 -23.20
CA LEU A 142 3.09 61.65 -21.95
C LEU A 142 1.58 61.56 -22.02
N ALA A 143 0.93 62.30 -22.93
CA ALA A 143 -0.48 62.08 -23.17
C ALA A 143 -0.71 60.76 -23.89
N ILE A 144 0.21 60.39 -24.78
CA ILE A 144 0.06 59.15 -25.54
C ILE A 144 0.29 57.94 -24.65
N VAL A 145 1.35 57.98 -23.84
CA VAL A 145 1.58 56.90 -22.88
C VAL A 145 0.56 56.94 -21.74
N GLY A 146 -0.15 58.05 -21.59
CA GLY A 146 -1.25 58.08 -20.64
C GLY A 146 -2.44 57.26 -21.09
N ASP A 147 -2.82 57.40 -22.37
CA ASP A 147 -3.89 56.57 -22.92
C ASP A 147 -3.51 55.10 -22.92
N LEU A 148 -2.24 54.81 -23.25
CA LEU A 148 -1.76 53.43 -23.26
C LEU A 148 -1.91 52.79 -21.89
N ALA A 149 -1.55 53.52 -20.82
CA ALA A 149 -1.65 52.98 -19.48
C ALA A 149 -3.09 52.74 -19.08
N ALA A 150 -4.00 53.64 -19.46
CA ALA A 150 -5.41 53.47 -19.12
C ALA A 150 -6.01 52.28 -19.86
N ILE A 151 -5.84 52.23 -21.17
CA ILE A 151 -6.41 51.14 -21.97
C ILE A 151 -5.91 49.79 -21.48
N THR A 152 -4.60 49.70 -21.22
CA THR A 152 -4.01 48.43 -20.80
C THR A 152 -4.48 48.03 -19.40
N LEU A 153 -4.64 49.01 -18.50
CA LEU A 153 -5.18 48.71 -17.17
C LEU A 153 -6.66 48.34 -17.23
N GLY A 154 -7.36 48.71 -18.30
CA GLY A 154 -8.75 48.29 -18.46
C GLY A 154 -8.89 46.79 -18.62
N ASP A 155 -7.90 46.14 -19.23
CA ASP A 155 -7.87 44.69 -19.30
C ASP A 155 -7.83 44.03 -17.93
N PHE A 156 -7.59 44.80 -16.88
CA PHE A 156 -7.60 44.30 -15.51
C PHE A 156 -8.81 44.78 -14.72
N GLN A 157 -9.74 45.52 -15.33
CA GLN A 157 -10.80 46.13 -14.54
C GLN A 157 -12.11 46.28 -15.30
N ASN A 158 -12.13 45.93 -16.59
CA ASN A 158 -13.38 45.95 -17.35
C ASN A 158 -14.34 44.91 -16.79
N GLN A 159 -15.59 45.31 -16.61
CA GLN A 159 -16.61 44.41 -16.07
C GLN A 159 -17.70 44.06 -17.09
N ASP A 160 -17.64 44.62 -18.30
CA ASP A 160 -18.52 44.19 -19.37
C ASP A 160 -18.01 42.84 -19.87
N TYR A 161 -18.75 41.78 -19.57
CA TYR A 161 -18.31 40.43 -19.89
C TYR A 161 -18.13 40.23 -21.40
N ASP A 162 -18.91 40.94 -22.21
CA ASP A 162 -18.84 40.81 -23.66
C ASP A 162 -18.00 41.91 -24.31
N LYS A 163 -17.15 42.58 -23.54
CA LYS A 163 -16.20 43.53 -24.09
C LYS A 163 -14.84 42.85 -24.15
N PRO A 164 -14.39 42.39 -25.32
CA PRO A 164 -13.10 41.68 -25.38
C PRO A 164 -11.96 42.54 -24.88
N CYS A 165 -10.90 41.86 -24.43
CA CYS A 165 -9.71 42.56 -23.94
C CYS A 165 -9.15 43.45 -25.05
N ALA A 166 -8.59 44.59 -24.62
CA ALA A 166 -8.13 45.60 -25.57
C ALA A 166 -7.05 45.05 -26.50
N TRP A 167 -5.98 44.51 -25.92
CA TRP A 167 -4.87 44.01 -26.71
C TRP A 167 -5.31 42.87 -27.62
N LEU A 168 -6.09 41.92 -27.08
CA LEU A 168 -6.48 40.73 -27.84
C LEU A 168 -7.16 41.13 -29.15
N ALA A 169 -8.16 42.00 -29.08
CA ALA A 169 -8.83 42.45 -30.30
C ALA A 169 -7.84 43.10 -31.26
N ALA A 170 -6.94 43.94 -30.73
CA ALA A 170 -6.08 44.74 -31.58
C ALA A 170 -4.91 43.98 -32.17
N SER A 171 -4.59 42.79 -31.67
CA SER A 171 -3.28 42.21 -31.93
C SER A 171 -3.27 40.91 -32.73
N LEU A 172 -4.28 40.05 -32.61
CA LEU A 172 -4.28 38.83 -33.40
C LEU A 172 -5.32 38.92 -34.51
N THR A 173 -5.10 38.12 -35.57
CA THR A 173 -5.79 38.20 -36.86
C THR A 173 -7.29 38.46 -36.70
N PRO A 174 -7.85 39.38 -37.47
CA PRO A 174 -9.29 39.68 -37.33
C PRO A 174 -10.20 38.49 -37.56
N ARG A 175 -9.71 37.46 -38.25
CA ARG A 175 -10.51 36.24 -38.39
C ARG A 175 -10.55 35.46 -37.08
N ARG A 176 -9.41 35.33 -36.41
CA ARG A 176 -9.39 34.69 -35.10
C ARG A 176 -10.16 35.52 -34.07
N VAL A 177 -10.19 36.84 -34.24
CA VAL A 177 -11.00 37.69 -33.36
C VAL A 177 -12.48 37.30 -33.45
N LYS A 178 -12.95 37.02 -34.67
CA LYS A 178 -14.36 36.67 -34.86
C LYS A 178 -14.66 35.28 -34.32
N ARG A 179 -13.78 34.31 -34.63
CA ARG A 179 -13.98 32.93 -34.17
C ARG A 179 -14.14 32.89 -32.65
N LEU A 180 -13.05 33.17 -31.92
CA LEU A 180 -13.11 33.15 -30.46
C LEU A 180 -14.23 34.03 -29.91
N GLY A 181 -14.59 35.09 -30.63
CA GLY A 181 -15.73 35.89 -30.22
C GLY A 181 -17.04 35.14 -30.31
N ASP A 182 -17.24 34.42 -31.41
CA ASP A 182 -18.47 33.65 -31.61
C ASP A 182 -18.52 32.40 -30.77
N LEU A 183 -17.37 31.89 -30.33
CA LEU A 183 -17.34 30.81 -29.35
C LEU A 183 -17.39 31.31 -27.90
N GLY A 184 -17.26 32.63 -27.70
CA GLY A 184 -17.26 33.17 -26.37
C GLY A 184 -15.96 32.99 -25.61
N LEU A 185 -14.83 32.94 -26.31
CA LEU A 185 -13.54 32.68 -25.69
C LEU A 185 -12.66 33.92 -25.59
N LEU A 186 -13.05 35.04 -26.19
CA LEU A 186 -12.32 36.28 -26.03
C LEU A 186 -12.54 36.81 -24.61
N PRO A 187 -11.54 36.80 -23.74
CA PRO A 187 -11.76 37.25 -22.37
C PRO A 187 -12.00 38.75 -22.29
N HIS A 188 -12.70 39.16 -21.23
CA HIS A 188 -13.06 40.54 -21.02
C HIS A 188 -12.24 41.22 -19.93
N ASN A 189 -11.51 40.46 -19.12
CA ASN A 189 -10.78 40.98 -17.97
C ASN A 189 -9.82 39.91 -17.50
N ILE A 190 -8.54 40.26 -17.34
CA ILE A 190 -7.57 39.27 -16.89
C ILE A 190 -7.82 38.88 -15.44
N ASP A 191 -7.99 39.88 -14.57
CA ASP A 191 -8.15 39.61 -13.15
C ASP A 191 -9.45 38.84 -12.88
N ALA A 192 -10.52 39.17 -13.61
CA ALA A 192 -11.79 38.49 -13.41
C ALA A 192 -11.85 37.13 -14.10
N SER A 193 -10.96 36.87 -15.06
CA SER A 193 -10.91 35.54 -15.67
C SER A 193 -10.23 34.54 -14.75
N VAL A 194 -9.18 34.96 -14.05
CA VAL A 194 -8.53 34.09 -13.07
C VAL A 194 -9.49 33.80 -11.91
N ALA A 195 -10.29 34.80 -11.53
CA ALA A 195 -11.17 34.65 -10.37
C ALA A 195 -12.42 33.85 -10.70
N GLN A 196 -13.12 34.20 -11.78
CA GLN A 196 -14.29 33.43 -12.20
C GLN A 196 -13.95 31.98 -12.50
N THR A 197 -12.66 31.68 -12.68
CA THR A 197 -12.22 30.31 -12.85
C THR A 197 -12.15 29.57 -11.51
N MET A 198 -11.45 30.15 -10.54
CA MET A 198 -11.37 29.53 -9.22
C MET A 198 -12.76 29.39 -8.58
N SER A 199 -13.66 30.32 -8.88
CA SER A 199 -15.01 30.25 -8.33
C SER A 199 -15.81 29.13 -8.98
N ARG A 200 -15.79 29.06 -10.31
CA ARG A 200 -16.56 28.04 -11.02
C ARG A 200 -16.01 26.64 -10.82
N THR A 201 -14.81 26.49 -10.27
CA THR A 201 -14.23 25.19 -9.94
C THR A 201 -14.25 24.91 -8.45
N HIS A 202 -14.87 25.80 -7.67
CA HIS A 202 -15.18 25.54 -6.27
C HIS A 202 -16.16 24.36 -6.18
N VAL A 203 -16.28 23.79 -4.98
CA VAL A 203 -17.12 22.60 -4.82
C VAL A 203 -18.57 22.96 -5.14
N GLY A 204 -19.20 22.16 -5.99
CA GLY A 204 -20.58 22.35 -6.32
C GLY A 204 -20.86 23.39 -7.38
N CYS A 205 -19.89 23.70 -8.23
CA CYS A 205 -20.03 24.72 -9.25
C CYS A 205 -19.99 24.05 -10.63
N ASP A 206 -19.22 24.55 -11.60
CA ASP A 206 -19.22 23.97 -12.93
C ASP A 206 -18.71 22.54 -12.90
N ALA A 207 -19.38 21.68 -13.66
CA ALA A 207 -19.03 20.26 -13.70
C ALA A 207 -18.96 19.67 -15.10
N ASP A 208 -19.64 20.24 -16.09
CA ASP A 208 -19.60 19.72 -17.44
C ASP A 208 -18.18 19.77 -17.97
N PRO A 209 -17.60 18.64 -18.40
CA PRO A 209 -16.23 18.66 -18.93
C PRO A 209 -16.02 19.65 -20.07
N THR A 210 -16.96 19.69 -21.02
CA THR A 210 -16.82 20.61 -22.16
C THR A 210 -16.85 22.06 -21.70
N ASN A 211 -17.75 22.39 -20.78
CA ASN A 211 -17.87 23.77 -20.31
C ASN A 211 -16.61 24.22 -19.60
N LEU A 212 -16.06 23.38 -18.73
CA LEU A 212 -14.91 23.76 -17.93
C LEU A 212 -13.69 24.03 -18.82
N ILE A 213 -13.33 23.05 -19.67
CA ILE A 213 -12.15 23.21 -20.51
C ILE A 213 -12.32 24.36 -21.49
N LEU A 214 -13.56 24.65 -21.90
CA LEU A 214 -13.80 25.80 -22.74
C LEU A 214 -13.58 27.10 -21.97
N GLY A 215 -14.00 27.14 -20.70
CA GLY A 215 -13.71 28.28 -19.87
C GLY A 215 -12.24 28.42 -19.53
N GLY A 216 -11.53 27.30 -19.49
CA GLY A 216 -10.09 27.35 -19.34
C GLY A 216 -9.39 27.87 -20.57
N LEU A 217 -9.99 27.66 -21.75
CA LEU A 217 -9.47 28.23 -22.98
C LEU A 217 -9.61 29.75 -23.00
N ARG A 218 -10.56 30.29 -22.23
CA ARG A 218 -10.75 31.73 -22.17
C ARG A 218 -9.78 32.39 -21.20
N VAL A 219 -9.61 31.80 -20.01
CA VAL A 219 -8.60 32.28 -19.07
C VAL A 219 -7.19 32.05 -19.61
N ALA A 220 -7.04 31.18 -20.62
CA ALA A 220 -5.76 31.03 -21.30
C ALA A 220 -5.54 32.18 -22.28
N MET A 221 -6.58 32.61 -23.00
CA MET A 221 -6.46 33.77 -23.88
C MET A 221 -6.16 35.04 -23.09
N ALA A 222 -6.36 35.02 -21.78
CA ALA A 222 -5.93 36.14 -20.94
C ALA A 222 -4.44 36.12 -20.70
N ASP A 223 -3.82 34.93 -20.67
CA ASP A 223 -2.37 34.87 -20.59
C ASP A 223 -1.71 35.42 -21.84
N LEU A 224 -2.38 35.30 -22.99
CA LEU A 224 -1.90 35.99 -24.18
C LEU A 224 -1.97 37.50 -24.00
N ASP A 225 -3.03 38.00 -23.35
CA ASP A 225 -3.16 39.43 -23.10
C ASP A 225 -2.03 39.93 -22.21
N GLY A 226 -1.84 39.28 -21.05
CA GLY A 226 -0.77 39.69 -20.17
C GLY A 226 0.60 39.60 -20.83
N SER A 227 0.84 38.51 -21.56
CA SER A 227 2.11 38.37 -22.26
C SER A 227 2.28 39.44 -23.32
N MET A 228 1.19 39.83 -23.98
CA MET A 228 1.26 40.82 -25.04
C MET A 228 1.61 42.20 -24.48
N LEU A 229 0.83 42.68 -23.51
CA LEU A 229 1.08 44.00 -22.96
C LEU A 229 2.44 44.06 -22.28
N ALA A 230 2.81 43.02 -21.52
CA ALA A 230 4.09 43.01 -20.83
C ALA A 230 5.23 43.19 -21.83
N THR A 231 5.29 42.32 -22.84
CA THR A 231 6.36 42.38 -23.83
C THR A 231 6.43 43.76 -24.49
N GLU A 232 5.33 44.19 -25.10
CA GLU A 232 5.31 45.44 -25.84
C GLU A 232 5.67 46.62 -24.93
N LEU A 233 4.99 46.74 -23.79
CA LEU A 233 5.23 47.87 -22.91
C LEU A 233 6.63 47.83 -22.31
N SER A 234 7.14 46.63 -22.01
CA SER A 234 8.50 46.54 -21.47
C SER A 234 9.53 47.02 -22.49
N ASP A 235 9.25 46.83 -23.78
CA ASP A 235 10.16 47.31 -24.81
C ASP A 235 10.24 48.83 -24.80
N ALA A 236 9.08 49.50 -24.77
CA ALA A 236 9.06 50.96 -24.76
C ALA A 236 9.80 51.53 -23.56
N LEU A 237 9.85 50.78 -22.46
CA LEU A 237 10.55 51.22 -21.25
C LEU A 237 12.04 50.90 -21.29
N PHE A 238 12.44 49.82 -21.97
CA PHE A 238 13.82 49.37 -21.93
C PHE A 238 14.45 49.17 -23.31
N GLY A 239 13.69 49.23 -24.38
CA GLY A 239 14.26 49.11 -25.72
C GLY A 239 13.80 47.83 -26.40
N THR A 240 13.42 47.94 -27.67
CA THR A 240 13.04 46.78 -28.45
C THR A 240 14.29 45.98 -28.81
N PRO A 241 14.37 44.69 -28.46
CA PRO A 241 15.59 43.92 -28.73
C PRO A 241 15.97 43.92 -30.19
N GLN A 242 17.26 43.98 -30.45
CA GLN A 242 17.89 43.86 -31.76
C GLN A 242 19.06 42.89 -31.62
N PRO A 243 19.50 42.26 -32.74
CA PRO A 243 20.53 41.21 -32.65
C PRO A 243 21.76 41.59 -31.85
N VAL A 244 22.10 40.78 -30.85
CA VAL A 244 23.24 41.00 -29.97
C VAL A 244 23.95 39.67 -29.76
N VAL A 245 25.29 39.72 -29.72
CA VAL A 245 26.10 38.55 -29.38
C VAL A 245 26.26 38.50 -27.86
N SER A 246 25.92 37.37 -27.26
CA SER A 246 26.09 37.17 -25.82
C SER A 246 26.81 35.85 -25.60
N ALA A 247 26.72 35.32 -24.38
CA ALA A 247 27.33 34.06 -24.02
C ALA A 247 26.45 33.37 -22.99
N ALA A 248 26.55 32.03 -22.95
CA ALA A 248 25.72 31.23 -22.07
C ALA A 248 26.59 30.27 -21.27
N ASN A 249 25.96 29.66 -20.27
CA ASN A 249 26.51 28.61 -19.41
C ASN A 249 27.43 29.17 -18.32
N LEU A 250 27.83 28.31 -17.38
CA LEU A 250 28.46 28.77 -16.15
C LEU A 250 29.80 29.45 -16.38
N GLY A 251 30.45 29.24 -17.52
CA GLY A 251 31.75 29.84 -17.76
C GLY A 251 31.69 31.34 -17.89
N VAL A 252 30.48 31.89 -17.86
CA VAL A 252 30.29 33.34 -17.93
C VAL A 252 30.61 34.04 -16.61
N MET A 253 30.97 33.30 -15.57
CA MET A 253 31.34 33.88 -14.29
C MET A 253 32.84 34.14 -14.25
N LYS A 254 33.24 35.13 -13.44
CA LYS A 254 34.63 35.57 -13.37
C LYS A 254 35.07 35.63 -11.92
N ARG A 255 36.25 35.07 -11.64
CA ARG A 255 36.80 35.11 -10.28
C ARG A 255 37.26 36.50 -9.91
N GLY A 256 37.81 37.25 -10.88
CA GLY A 256 38.31 38.59 -10.64
C GLY A 256 37.24 39.65 -10.71
N ALA A 257 35.98 39.23 -10.61
CA ALA A 257 34.85 40.13 -10.60
C ALA A 257 33.85 39.60 -9.58
N VAL A 258 33.07 40.50 -9.01
CA VAL A 258 32.01 40.14 -8.10
C VAL A 258 30.79 39.71 -8.92
N ASN A 259 30.37 38.46 -8.76
CA ASN A 259 29.37 37.84 -9.61
C ASN A 259 27.99 38.00 -8.96
N ILE A 260 27.08 38.65 -9.67
CA ILE A 260 25.73 38.88 -9.18
C ILE A 260 24.76 38.24 -10.18
N ALA A 261 23.89 37.37 -9.67
CA ALA A 261 22.92 36.68 -10.50
C ALA A 261 21.54 37.32 -10.34
N VAL A 262 20.81 37.43 -11.45
CA VAL A 262 19.48 38.02 -11.46
C VAL A 262 18.51 36.94 -11.95
N ASN A 263 17.70 36.43 -11.04
CA ASN A 263 16.69 35.43 -11.35
C ASN A 263 15.29 36.00 -11.14
N GLY A 264 14.33 35.42 -11.84
CA GLY A 264 12.95 35.81 -11.71
C GLY A 264 12.26 36.08 -13.04
N HIS A 265 11.61 37.23 -13.18
CA HIS A 265 10.87 37.52 -14.40
C HIS A 265 10.83 39.02 -14.75
N ASN A 266 10.65 39.88 -13.76
CA ASN A 266 10.38 41.29 -14.04
C ASN A 266 11.63 42.01 -14.52
N PRO A 267 11.61 42.64 -15.69
CA PRO A 267 12.78 43.40 -16.14
C PRO A 267 12.96 44.73 -15.42
N MET A 268 11.91 45.23 -14.76
CA MET A 268 12.01 46.52 -14.07
C MET A 268 13.17 46.54 -13.08
N LEU A 269 13.46 45.40 -12.45
CA LEU A 269 14.59 45.31 -11.53
C LEU A 269 15.90 45.19 -12.28
N SER A 270 16.01 44.19 -13.15
CA SER A 270 17.30 43.83 -13.75
C SER A 270 17.90 45.00 -14.52
N ASP A 271 17.12 45.57 -15.45
CA ASP A 271 17.61 46.66 -16.29
C ASP A 271 18.26 47.75 -15.45
N ILE A 272 17.67 48.07 -14.30
CA ILE A 272 18.30 49.02 -13.39
C ILE A 272 19.61 48.46 -12.87
N ILE A 273 19.57 47.28 -12.24
CA ILE A 273 20.77 46.64 -11.70
C ILE A 273 21.89 46.64 -12.73
N CYS A 274 21.56 46.37 -13.99
CA CYS A 274 22.57 46.31 -15.03
C CYS A 274 23.21 47.68 -15.27
N ASP A 275 22.40 48.73 -15.39
CA ASP A 275 22.94 50.07 -15.58
C ASP A 275 23.75 50.51 -14.36
N VAL A 276 23.21 50.28 -13.16
CA VAL A 276 23.90 50.70 -11.94
C VAL A 276 25.21 49.94 -11.77
N ALA A 277 25.26 48.69 -12.21
CA ALA A 277 26.48 47.90 -12.11
C ALA A 277 27.63 48.56 -12.85
N ALA A 278 27.36 49.10 -14.03
CA ALA A 278 28.40 49.77 -14.80
C ALA A 278 28.93 51.00 -14.06
N ASP A 279 28.02 51.86 -13.58
CA ASP A 279 28.44 53.04 -12.83
C ASP A 279 29.13 52.68 -11.53
N LEU A 280 28.94 51.44 -11.05
CA LEU A 280 29.54 50.99 -9.81
C LEU A 280 30.74 50.08 -10.04
N ARG A 281 31.38 50.19 -11.21
CA ARG A 281 32.56 49.36 -11.49
C ARG A 281 33.76 49.82 -10.68
N ASP A 282 33.94 51.14 -10.54
CA ASP A 282 35.12 51.66 -9.87
C ASP A 282 35.14 51.38 -8.38
N GLU A 283 33.99 51.09 -7.76
CA GLU A 283 34.02 50.62 -6.38
C GLU A 283 34.29 49.13 -6.29
N ALA A 284 33.93 48.36 -7.32
CA ALA A 284 34.20 46.93 -7.32
C ALA A 284 35.70 46.66 -7.37
N ILE A 285 36.39 47.28 -8.33
CA ILE A 285 37.84 47.10 -8.46
C ILE A 285 38.53 47.50 -7.17
N ALA A 286 38.05 48.57 -6.53
CA ALA A 286 38.67 49.05 -5.29
C ALA A 286 38.53 48.03 -4.17
N ALA A 287 37.51 47.18 -4.21
CA ALA A 287 37.30 46.15 -3.21
C ALA A 287 38.03 44.86 -3.53
N GLY A 288 38.73 44.79 -4.66
CA GLY A 288 39.44 43.60 -5.06
C GLY A 288 38.88 42.89 -6.28
N ALA A 289 37.84 43.44 -6.91
CA ALA A 289 37.21 42.82 -8.08
C ALA A 289 37.71 43.55 -9.33
N ALA A 290 38.92 43.17 -9.76
CA ALA A 290 39.59 43.87 -10.85
C ALA A 290 38.77 43.88 -12.15
N GLU A 291 37.83 42.94 -12.31
CA GLU A 291 37.02 42.88 -13.51
C GLU A 291 35.63 43.47 -13.32
N GLY A 292 35.41 44.21 -12.23
CA GLY A 292 34.15 44.93 -12.06
C GLY A 292 33.02 44.06 -11.55
N ILE A 293 31.80 44.44 -11.95
CA ILE A 293 30.55 43.76 -11.59
C ILE A 293 30.25 42.74 -12.69
N ASN A 294 30.07 41.47 -12.32
CA ASN A 294 29.67 40.44 -13.29
C ASN A 294 28.21 40.07 -13.05
N ILE A 295 27.31 40.70 -13.81
CA ILE A 295 25.87 40.43 -13.69
C ILE A 295 25.53 39.29 -14.63
N ILE A 296 25.23 38.13 -14.07
CA ILE A 296 24.85 36.95 -14.83
C ILE A 296 23.35 36.74 -14.69
N GLY A 297 22.75 36.10 -15.68
CA GLY A 297 21.30 35.95 -15.76
C GLY A 297 20.87 34.51 -15.59
N ILE A 298 19.80 34.32 -14.82
CA ILE A 298 19.16 33.02 -14.63
C ILE A 298 17.69 33.14 -14.97
N CYS A 299 17.18 32.19 -15.74
CA CYS A 299 15.76 32.10 -16.14
C CYS A 299 15.42 33.34 -16.97
N CYS A 300 14.22 33.90 -16.78
CA CYS A 300 13.68 34.85 -17.76
C CYS A 300 14.23 36.26 -17.58
N THR A 301 14.46 36.70 -16.33
CA THR A 301 15.09 37.99 -16.13
C THR A 301 16.38 38.11 -16.93
N GLY A 302 17.20 37.07 -16.86
CA GLY A 302 18.41 37.05 -17.66
C GLY A 302 18.13 37.10 -19.15
N HIS A 303 17.09 36.40 -19.60
CA HIS A 303 16.73 36.43 -21.02
C HIS A 303 16.34 37.83 -21.45
N GLU A 304 15.61 38.56 -20.61
CA GLU A 304 15.19 39.90 -20.97
C GLU A 304 16.39 40.83 -21.16
N VAL A 305 17.31 40.84 -20.18
CA VAL A 305 18.44 41.76 -20.27
C VAL A 305 19.45 41.31 -21.32
N MET A 306 19.56 40.00 -21.55
CA MET A 306 20.42 39.53 -22.63
C MET A 306 19.88 39.95 -23.98
N MET A 307 18.59 39.70 -24.22
CA MET A 307 17.98 40.08 -25.49
C MET A 307 18.17 41.56 -25.77
N ARG A 308 18.14 42.40 -24.73
CA ARG A 308 18.19 43.85 -24.91
C ARG A 308 19.60 44.41 -24.80
N HIS A 309 20.46 43.81 -23.96
CA HIS A 309 21.80 44.34 -23.74
C HIS A 309 22.91 43.31 -23.89
N GLY A 310 22.60 42.02 -23.93
CA GLY A 310 23.61 41.00 -24.17
C GLY A 310 24.30 40.47 -22.95
N VAL A 311 23.72 40.63 -21.76
CA VAL A 311 24.32 40.13 -20.53
C VAL A 311 24.34 38.61 -20.60
N PRO A 312 25.31 37.95 -19.96
CA PRO A 312 25.41 36.49 -20.06
C PRO A 312 24.38 35.78 -19.20
N LEU A 313 23.94 34.63 -19.70
CA LEU A 313 23.03 33.75 -18.97
C LEU A 313 23.83 32.59 -18.38
N ALA A 314 23.75 32.43 -17.07
CA ALA A 314 24.37 31.28 -16.43
C ALA A 314 23.62 30.01 -16.80
N THR A 315 22.45 29.80 -16.23
CA THR A 315 21.67 28.60 -16.48
C THR A 315 20.20 28.94 -16.65
N ASN A 316 19.40 27.89 -16.82
CA ASN A 316 17.96 28.00 -16.94
C ASN A 316 17.34 27.65 -15.58
N TYR A 317 16.35 26.75 -15.49
CA TYR A 317 15.62 26.52 -14.26
C TYR A 317 16.29 25.48 -13.37
N LEU A 318 16.42 24.25 -13.88
CA LEU A 318 16.85 23.13 -13.04
C LEU A 318 18.23 23.35 -12.44
N SER A 319 19.07 24.15 -13.09
CA SER A 319 20.45 24.38 -12.66
C SER A 319 20.66 25.79 -12.14
N GLN A 320 19.70 26.32 -11.39
CA GLN A 320 19.85 27.62 -10.77
C GLN A 320 20.52 27.56 -9.41
N GLU A 321 20.72 26.35 -8.88
CA GLU A 321 21.41 26.18 -7.60
C GLU A 321 22.90 25.94 -7.77
N LEU A 322 23.32 25.45 -8.93
CA LEU A 322 24.72 25.13 -9.21
C LEU A 322 25.61 26.36 -9.29
N PRO A 323 25.13 27.51 -9.81
CA PRO A 323 25.96 28.73 -9.73
C PRO A 323 26.46 29.04 -8.33
N ILE A 324 25.77 28.60 -7.29
CA ILE A 324 26.28 28.79 -5.93
C ILE A 324 27.45 27.85 -5.66
N LEU A 325 27.43 26.65 -6.26
CA LEU A 325 28.46 25.65 -5.98
C LEU A 325 29.84 26.06 -6.51
N THR A 326 29.88 26.94 -7.52
CA THR A 326 31.14 27.46 -8.03
C THR A 326 31.97 28.15 -6.97
N GLY A 327 31.38 28.45 -5.82
CA GLY A 327 32.07 29.24 -4.81
C GLY A 327 32.34 30.66 -5.21
N ALA A 328 31.75 31.13 -6.31
CA ALA A 328 32.02 32.47 -6.82
C ALA A 328 30.75 33.29 -7.03
N LEU A 329 29.62 32.87 -6.49
CA LEU A 329 28.38 33.66 -6.54
C LEU A 329 28.27 34.45 -5.24
N GLU A 330 28.23 35.78 -5.36
CA GLU A 330 28.16 36.65 -4.20
C GLU A 330 26.74 37.05 -3.84
N ALA A 331 25.84 37.09 -4.82
CA ALA A 331 24.46 37.47 -4.55
C ALA A 331 23.57 36.93 -5.66
N MET A 332 22.33 36.60 -5.29
CA MET A 332 21.31 36.17 -6.23
C MET A 332 20.08 37.05 -5.98
N VAL A 333 20.01 38.17 -6.69
CA VAL A 333 18.89 39.09 -6.57
C VAL A 333 17.70 38.47 -7.30
N VAL A 334 16.69 38.06 -6.53
CA VAL A 334 15.55 37.33 -7.05
C VAL A 334 14.30 38.19 -6.88
N ASP A 335 13.49 38.31 -7.93
CA ASP A 335 12.24 39.04 -7.79
C ASP A 335 11.06 38.06 -7.69
N VAL A 336 10.45 37.68 -8.82
CA VAL A 336 9.27 36.83 -8.80
C VAL A 336 9.39 35.70 -9.80
N GLN A 337 8.80 34.56 -9.44
CA GLN A 337 8.53 33.42 -10.32
C GLN A 337 9.74 32.53 -10.59
N CYS A 338 9.54 31.22 -10.44
CA CYS A 338 10.53 30.20 -10.80
C CYS A 338 11.86 30.41 -10.05
N ILE A 339 11.75 30.62 -8.74
CA ILE A 339 12.90 30.80 -7.86
C ILE A 339 12.84 29.67 -6.85
N MET A 340 13.81 28.76 -6.92
CA MET A 340 13.77 27.57 -6.09
C MET A 340 13.91 27.93 -4.61
N PRO A 341 13.01 27.44 -3.75
CA PRO A 341 13.14 27.73 -2.31
C PRO A 341 14.36 27.10 -1.65
N SER A 342 15.04 26.18 -2.33
CA SER A 342 16.21 25.53 -1.75
C SER A 342 17.45 26.43 -1.73
N LEU A 343 17.50 27.44 -2.59
CA LEU A 343 18.68 28.30 -2.72
C LEU A 343 19.15 28.90 -1.40
N PRO A 344 18.28 29.44 -0.53
CA PRO A 344 18.78 29.90 0.78
C PRO A 344 19.52 28.82 1.56
N ARG A 345 19.07 27.56 1.43
CA ARG A 345 19.74 26.45 2.09
C ARG A 345 21.03 26.06 1.40
N ILE A 346 21.09 26.20 0.08
CA ILE A 346 22.31 25.83 -0.65
C ILE A 346 23.38 26.89 -0.45
N ALA A 347 23.00 28.14 -0.17
CA ALA A 347 23.92 29.11 0.39
C ALA A 347 24.26 28.69 1.83
N GLU A 348 24.67 29.65 2.67
CA GLU A 348 25.19 29.32 4.00
C GLU A 348 26.41 28.40 3.85
N CYS A 349 26.22 27.23 3.25
CA CYS A 349 27.31 26.34 2.84
C CYS A 349 28.42 27.14 2.16
N PHE A 350 28.07 28.29 1.59
CA PHE A 350 29.04 29.17 0.95
C PHE A 350 29.00 30.57 1.56
N HIS A 351 29.01 31.59 0.71
CA HIS A 351 28.94 32.97 1.14
C HIS A 351 27.86 33.77 0.40
N THR A 352 27.12 33.12 -0.51
CA THR A 352 26.18 33.83 -1.36
C THR A 352 25.05 34.43 -0.54
N GLN A 353 24.48 35.53 -1.05
CA GLN A 353 23.38 36.23 -0.41
C GLN A 353 22.17 36.16 -1.35
N ILE A 354 21.25 35.24 -1.09
CA ILE A 354 19.98 35.20 -1.81
C ILE A 354 19.16 36.41 -1.35
N ILE A 355 18.94 37.36 -2.25
CA ILE A 355 18.34 38.64 -1.91
C ILE A 355 16.97 38.71 -2.59
N THR A 356 15.92 38.62 -1.79
CA THR A 356 14.55 38.74 -2.29
C THR A 356 14.14 40.20 -2.35
N THR A 357 13.19 40.50 -3.22
CA THR A 357 12.80 41.89 -3.45
C THR A 357 11.31 42.12 -3.41
N ASP A 358 10.51 41.18 -3.89
CA ASP A 358 9.07 41.38 -3.99
C ASP A 358 8.38 41.05 -2.67
N LYS A 359 7.42 41.89 -2.29
CA LYS A 359 6.66 41.67 -1.07
C LYS A 359 5.81 40.41 -1.14
N HIS A 360 5.51 39.93 -2.36
CA HIS A 360 4.79 38.69 -2.56
C HIS A 360 5.72 37.58 -3.08
N ASN A 361 7.02 37.66 -2.74
CA ASN A 361 7.97 36.59 -3.05
C ASN A 361 9.09 36.64 -2.01
N LYS A 362 8.84 36.00 -0.87
CA LYS A 362 9.81 35.90 0.23
C LYS A 362 10.11 34.43 0.52
N ILE A 363 11.39 34.13 0.74
CA ILE A 363 11.84 32.77 1.01
C ILE A 363 12.50 32.75 2.38
N SER A 364 12.08 31.81 3.23
CA SER A 364 12.57 31.74 4.60
C SER A 364 14.07 31.46 4.61
N GLY A 365 14.84 32.34 5.25
CA GLY A 365 16.28 32.22 5.32
C GLY A 365 17.05 33.11 4.38
N ALA A 366 16.36 33.93 3.57
CA ALA A 366 17.00 34.81 2.62
C ALA A 366 16.83 36.26 3.07
N THR A 367 17.77 37.11 2.67
CA THR A 367 17.76 38.51 3.05
C THR A 367 16.84 39.28 2.11
N HIS A 368 15.86 39.97 2.67
CA HIS A 368 14.89 40.75 1.91
C HIS A 368 15.18 42.23 2.09
N VAL A 369 15.46 42.91 0.99
CA VAL A 369 15.49 44.36 0.92
C VAL A 369 14.44 44.77 -0.11
N PRO A 370 13.38 45.46 0.30
CA PRO A 370 12.27 45.72 -0.63
C PRO A 370 12.69 46.66 -1.75
N PHE A 371 12.10 46.43 -2.92
CA PHE A 371 12.43 47.19 -4.13
C PHE A 371 11.35 48.24 -4.35
N ASP A 372 11.65 49.50 -4.03
CA ASP A 372 10.78 50.61 -4.38
C ASP A 372 11.18 51.11 -5.76
N GLU A 373 10.22 51.12 -6.68
CA GLU A 373 10.50 51.52 -8.05
C GLU A 373 10.70 53.03 -8.15
N HIS A 374 10.10 53.79 -7.23
CA HIS A 374 10.41 55.21 -7.14
C HIS A 374 11.85 55.44 -6.72
N LYS A 375 12.45 54.48 -6.02
CA LYS A 375 13.84 54.55 -5.61
C LYS A 375 14.63 53.36 -6.18
N ALA A 376 14.56 53.20 -7.50
CA ALA A 376 15.14 52.00 -8.12
C ALA A 376 16.66 51.99 -8.01
N VAL A 377 17.31 53.01 -8.56
CA VAL A 377 18.78 53.04 -8.59
C VAL A 377 19.35 52.97 -7.18
N GLU A 378 18.75 53.71 -6.24
CA GLU A 378 19.21 53.70 -4.86
C GLU A 378 19.15 52.29 -4.27
N THR A 379 18.02 51.61 -4.43
CA THR A 379 17.92 50.23 -3.98
C THR A 379 18.94 49.35 -4.68
N ALA A 380 19.09 49.55 -6.00
CA ALA A 380 20.08 48.80 -6.78
C ALA A 380 21.47 48.89 -6.17
N LYS A 381 21.95 50.12 -5.96
CA LYS A 381 23.25 50.33 -5.34
C LYS A 381 23.39 49.52 -4.05
N THR A 382 22.36 49.58 -3.20
CA THR A 382 22.40 48.85 -1.94
C THR A 382 22.64 47.36 -2.17
N ILE A 383 21.81 46.74 -3.02
CA ILE A 383 21.96 45.31 -3.33
C ILE A 383 23.38 45.02 -3.80
N ILE A 384 23.86 45.80 -4.77
CA ILE A 384 25.19 45.57 -5.33
C ILE A 384 26.25 45.71 -4.24
N ARG A 385 26.08 46.68 -3.34
CA ARG A 385 27.04 46.84 -2.24
C ARG A 385 27.05 45.62 -1.35
N MET A 386 25.88 45.02 -1.08
CA MET A 386 25.83 43.80 -0.29
C MET A 386 26.64 42.68 -0.95
N ALA A 387 26.76 42.72 -2.28
CA ALA A 387 27.50 41.67 -2.97
C ALA A 387 28.99 42.00 -3.03
N ILE A 388 29.34 43.27 -3.25
CA ILE A 388 30.74 43.67 -3.17
C ILE A 388 31.28 43.56 -1.76
N ALA A 389 30.41 43.37 -0.77
CA ALA A 389 30.82 43.01 0.57
C ALA A 389 30.99 41.50 0.73
N ALA A 390 30.19 40.70 0.01
CA ALA A 390 30.36 39.26 0.00
C ALA A 390 31.56 38.82 -0.82
N PHE A 391 31.99 39.65 -1.77
CA PHE A 391 33.22 39.36 -2.50
C PHE A 391 34.41 39.30 -1.56
N GLY A 392 34.43 40.17 -0.54
CA GLY A 392 35.46 40.16 0.47
C GLY A 392 35.19 39.12 1.54
N ARG A 393 34.38 38.12 1.22
CA ARG A 393 34.13 36.99 2.10
C ARG A 393 34.18 35.67 1.35
N ARG A 394 34.57 35.69 0.08
CA ARG A 394 34.61 34.48 -0.74
C ARG A 394 35.85 33.67 -0.40
N ASP A 395 35.66 32.42 0.03
CA ASP A 395 36.77 31.50 0.24
C ASP A 395 37.43 31.23 -1.10
N PRO A 396 38.65 31.72 -1.32
CA PRO A 396 39.29 31.51 -2.63
C PRO A 396 39.76 30.09 -2.86
N ASN A 397 39.80 29.26 -1.82
CA ASN A 397 40.15 27.86 -1.94
C ASN A 397 38.95 26.98 -2.25
N ARG A 398 37.78 27.58 -2.46
CA ARG A 398 36.56 26.83 -2.78
C ARG A 398 35.92 27.32 -4.07
N VAL A 399 36.71 27.91 -4.97
CA VAL A 399 36.22 28.42 -6.25
C VAL A 399 36.30 27.30 -7.28
N ALA A 400 35.27 27.21 -8.13
CA ALA A 400 35.24 26.19 -9.18
C ALA A 400 34.29 26.60 -10.29
N ILE A 401 34.77 27.39 -11.24
CA ILE A 401 33.98 27.84 -12.39
C ILE A 401 34.27 26.90 -13.55
N PRO A 402 33.31 26.06 -13.97
CA PRO A 402 33.58 25.03 -14.97
C PRO A 402 34.23 25.53 -16.26
N ALA A 403 34.06 26.80 -16.60
CA ALA A 403 34.62 27.42 -17.82
C ALA A 403 33.91 26.96 -19.08
N PHE A 404 32.59 26.80 -19.00
CA PHE A 404 31.74 26.55 -20.16
C PHE A 404 31.12 27.88 -20.59
N LYS A 405 31.62 28.45 -21.68
CA LYS A 405 31.15 29.75 -22.17
C LYS A 405 30.81 29.60 -23.64
N GLN A 406 29.56 29.26 -23.93
CA GLN A 406 29.08 29.07 -25.29
C GLN A 406 28.59 30.41 -25.82
N LYS A 407 29.26 30.94 -26.84
CA LYS A 407 28.83 32.19 -27.46
C LYS A 407 27.44 32.03 -28.05
N SER A 408 26.61 33.06 -27.87
CA SER A 408 25.23 33.02 -28.34
C SER A 408 24.89 34.32 -29.03
N ILE A 409 24.23 34.22 -30.18
CA ILE A 409 23.68 35.36 -30.89
C ILE A 409 22.18 35.39 -30.63
N VAL A 410 21.71 36.50 -30.05
CA VAL A 410 20.34 36.60 -29.56
C VAL A 410 19.71 37.91 -30.02
N GLY A 411 18.69 38.36 -29.32
CA GLY A 411 18.05 39.62 -29.64
C GLY A 411 17.24 39.60 -30.91
N PHE A 412 16.44 38.55 -31.12
CA PHE A 412 15.69 38.40 -32.36
C PHE A 412 14.21 38.63 -32.09
N SER A 413 13.86 39.89 -31.85
CA SER A 413 12.47 40.28 -31.76
C SER A 413 11.80 40.15 -33.13
N ALA A 414 10.47 40.14 -33.11
CA ALA A 414 9.73 40.14 -34.37
C ALA A 414 10.11 41.34 -35.23
N GLU A 415 10.29 42.50 -34.61
CA GLU A 415 10.74 43.68 -35.34
C GLU A 415 12.10 43.43 -35.97
N ALA A 416 13.03 42.82 -35.23
CA ALA A 416 14.35 42.54 -35.77
C ALA A 416 14.29 41.58 -36.93
N VAL A 417 13.42 40.57 -36.85
CA VAL A 417 13.29 39.60 -37.93
C VAL A 417 12.81 40.31 -39.21
N VAL A 418 11.79 41.16 -39.08
CA VAL A 418 11.28 41.88 -40.25
C VAL A 418 12.36 42.77 -40.85
N ALA A 419 13.19 43.39 -40.00
CA ALA A 419 14.25 44.26 -40.50
C ALA A 419 15.27 43.48 -41.32
N ALA A 420 15.66 42.30 -40.84
CA ALA A 420 16.57 41.46 -41.62
C ALA A 420 15.95 41.06 -42.95
N LEU A 421 14.66 40.71 -42.93
CA LEU A 421 13.94 40.45 -44.17
C LEU A 421 13.72 41.70 -45.00
N ALA A 422 13.97 42.89 -44.43
CA ALA A 422 13.94 44.12 -45.20
C ALA A 422 15.29 44.46 -45.82
N LYS A 423 16.37 43.88 -45.30
CA LYS A 423 17.68 44.02 -45.93
C LYS A 423 17.80 43.25 -47.23
N VAL A 424 16.85 42.34 -47.50
CA VAL A 424 16.79 41.63 -48.77
C VAL A 424 15.70 42.17 -49.68
N ASN A 425 14.53 42.51 -49.11
CA ASN A 425 13.42 43.10 -49.85
C ASN A 425 12.78 44.16 -48.97
N ALA A 426 13.24 45.41 -49.11
CA ALA A 426 12.72 46.51 -48.31
C ALA A 426 11.37 47.01 -48.78
N ASP A 427 10.81 46.45 -49.86
CA ASP A 427 9.49 46.83 -50.34
C ASP A 427 8.42 45.87 -49.87
N ASP A 428 8.67 44.55 -49.97
CA ASP A 428 7.80 43.52 -49.44
C ASP A 428 8.62 42.66 -48.48
N PRO A 429 8.92 43.18 -47.29
CA PRO A 429 9.83 42.44 -46.38
C PRO A 429 9.37 41.03 -46.06
N LEU A 430 8.08 40.76 -46.11
CA LEU A 430 7.60 39.43 -45.80
C LEU A 430 7.64 38.50 -47.01
N LYS A 431 7.74 39.06 -48.23
CA LYS A 431 7.85 38.25 -49.44
C LYS A 431 8.99 37.24 -49.39
N PRO A 432 10.21 37.59 -48.95
CA PRO A 432 11.25 36.56 -48.83
C PRO A 432 10.85 35.37 -47.98
N LEU A 433 10.05 35.60 -46.93
CA LEU A 433 9.61 34.49 -46.09
C LEU A 433 8.59 33.62 -46.81
N VAL A 434 7.46 34.20 -47.22
CA VAL A 434 6.39 33.41 -47.83
C VAL A 434 6.92 32.64 -49.02
N ASP A 435 7.58 33.36 -49.95
CA ASP A 435 8.12 32.73 -51.16
C ASP A 435 8.90 31.46 -50.83
N ASN A 436 9.76 31.53 -49.81
CA ASN A 436 10.54 30.37 -49.40
C ASN A 436 9.75 29.38 -48.58
N VAL A 437 8.46 29.63 -48.32
CA VAL A 437 7.60 28.65 -47.67
C VAL A 437 6.72 27.98 -48.71
N VAL A 438 6.31 28.71 -49.75
CA VAL A 438 5.53 28.05 -50.81
C VAL A 438 6.43 27.15 -51.63
N ASN A 439 7.69 27.51 -51.84
CA ASN A 439 8.56 26.66 -52.65
C ASN A 439 8.96 25.39 -51.90
N GLY A 440 9.21 25.50 -50.59
CA GLY A 440 9.53 24.34 -49.79
C GLY A 440 10.81 24.46 -49.00
N ASN A 441 11.60 25.50 -49.28
CA ASN A 441 12.84 25.70 -48.54
C ASN A 441 12.58 25.82 -47.05
N ILE A 442 11.54 26.55 -46.67
CA ILE A 442 11.06 26.61 -45.29
C ILE A 442 9.76 25.82 -45.26
N GLN A 443 9.85 24.58 -44.78
CA GLN A 443 8.65 23.75 -44.68
C GLN A 443 7.71 24.22 -43.59
N GLY A 444 8.22 25.00 -42.64
CA GLY A 444 7.37 25.50 -41.58
C GLY A 444 8.20 26.15 -40.50
N ILE A 445 7.51 26.53 -39.43
CA ILE A 445 8.16 27.16 -38.28
C ILE A 445 7.70 26.45 -37.02
N VAL A 446 8.59 26.40 -36.04
CA VAL A 446 8.27 25.82 -34.73
C VAL A 446 8.72 26.79 -33.65
N LEU A 447 7.85 27.02 -32.66
CA LEU A 447 8.18 27.84 -31.50
C LEU A 447 8.40 26.91 -30.31
N PHE A 448 9.62 26.92 -29.78
CA PHE A 448 9.99 26.04 -28.67
C PHE A 448 9.78 26.80 -27.37
N VAL A 449 8.66 26.55 -26.71
CA VAL A 449 8.41 27.08 -25.39
C VAL A 449 8.68 25.97 -24.37
N GLY A 450 8.72 26.33 -23.09
CA GLY A 450 8.86 25.33 -22.06
C GLY A 450 9.82 25.71 -20.95
N CYS A 451 9.84 24.91 -19.90
CA CYS A 451 10.75 25.11 -18.77
C CYS A 451 11.73 23.96 -18.69
N ASN A 452 11.96 23.45 -17.48
CA ASN A 452 12.83 22.30 -17.28
C ASN A 452 12.24 21.40 -16.22
N THR A 453 12.05 20.13 -16.56
CA THR A 453 11.49 19.13 -15.66
C THR A 453 12.55 18.10 -15.30
N THR A 454 12.42 17.52 -14.12
CA THR A 454 13.33 16.46 -13.67
C THR A 454 12.93 15.09 -14.20
N LYS A 455 11.77 14.97 -14.83
CA LYS A 455 11.34 13.72 -15.44
C LYS A 455 11.86 13.54 -16.85
N VAL A 456 12.50 14.57 -17.42
CA VAL A 456 13.19 14.49 -18.70
C VAL A 456 14.54 15.13 -18.53
N GLN A 457 15.60 14.44 -18.98
CA GLN A 457 16.96 14.95 -18.85
C GLN A 457 17.04 16.39 -19.35
N GLN A 458 17.72 17.23 -18.58
CA GLN A 458 17.73 18.67 -18.83
C GLN A 458 18.21 18.97 -20.25
N ASP A 459 17.39 19.72 -20.99
CA ASP A 459 17.71 20.24 -22.32
C ASP A 459 17.80 19.16 -23.39
N SER A 460 17.71 17.89 -22.99
CA SER A 460 17.95 16.79 -23.92
C SER A 460 16.94 16.80 -25.06
N ALA A 461 15.65 16.73 -24.73
CA ALA A 461 14.62 16.67 -25.76
C ALA A 461 14.58 17.95 -26.59
N TYR A 462 14.83 19.10 -25.95
CA TYR A 462 14.93 20.37 -26.67
C TYR A 462 15.90 20.26 -27.83
N VAL A 463 17.15 19.91 -27.53
CA VAL A 463 18.20 19.86 -28.56
C VAL A 463 17.86 18.85 -29.63
N ASP A 464 17.44 17.65 -29.22
CA ASP A 464 17.13 16.59 -30.18
C ASP A 464 16.00 17.02 -31.12
N LEU A 465 14.92 17.57 -30.56
CA LEU A 465 13.76 17.91 -31.37
C LEU A 465 14.08 19.01 -32.38
N ALA A 466 14.92 19.97 -31.99
CA ALA A 466 15.26 21.07 -32.89
C ALA A 466 16.03 20.56 -34.10
N LYS A 467 17.07 19.74 -33.85
CA LYS A 467 17.91 19.25 -34.95
C LYS A 467 17.12 18.35 -35.89
N SER A 468 16.35 17.41 -35.34
CA SER A 468 15.54 16.53 -36.16
C SER A 468 14.58 17.33 -37.04
N LEU A 469 14.06 18.44 -36.53
CA LEU A 469 13.14 19.26 -37.29
C LEU A 469 13.88 20.18 -38.26
N ALA A 470 14.97 20.81 -37.80
CA ALA A 470 15.74 21.69 -38.67
C ALA A 470 16.23 20.96 -39.91
N LYS A 471 16.67 19.72 -39.75
CA LYS A 471 17.06 18.89 -40.89
C LYS A 471 15.91 18.78 -41.89
N ARG A 472 14.67 18.69 -41.38
CA ARG A 472 13.48 18.63 -42.21
C ARG A 472 13.07 19.98 -42.79
N ASN A 473 13.94 20.99 -42.68
CA ASN A 473 13.75 22.29 -43.32
C ASN A 473 12.60 23.09 -42.68
N VAL A 474 12.64 23.21 -41.35
CA VAL A 474 11.69 24.07 -40.64
C VAL A 474 12.47 25.00 -39.72
N LEU A 475 12.05 26.26 -39.69
CA LEU A 475 12.71 27.26 -38.86
C LEU A 475 12.40 27.00 -37.38
N VAL A 476 13.39 27.21 -36.53
CA VAL A 476 13.26 26.96 -35.10
C VAL A 476 13.30 28.28 -34.36
N LEU A 477 12.23 28.60 -33.65
CA LEU A 477 12.19 29.74 -32.76
C LEU A 477 12.00 29.26 -31.33
N ALA A 478 12.52 30.01 -30.36
CA ALA A 478 12.44 29.56 -28.99
C ALA A 478 12.41 30.75 -28.03
N THR A 479 11.91 30.48 -26.83
CA THR A 479 11.81 31.45 -25.75
C THR A 479 12.09 30.75 -24.42
N GLY A 480 12.38 31.56 -23.40
CA GLY A 480 12.50 31.07 -22.04
C GLY A 480 13.61 30.05 -21.84
N CYS A 481 13.40 29.17 -20.86
CA CYS A 481 14.40 28.16 -20.53
C CYS A 481 14.69 27.24 -21.71
N ALA A 482 13.71 27.07 -22.60
CA ALA A 482 13.96 26.34 -23.83
C ALA A 482 15.06 27.01 -24.65
N ALA A 483 14.91 28.32 -24.88
CA ALA A 483 15.95 29.07 -25.59
C ALA A 483 17.27 29.04 -24.82
N GLY A 484 17.20 29.11 -23.49
CA GLY A 484 18.42 28.98 -22.69
C GLY A 484 19.12 27.66 -22.93
N ALA A 485 18.34 26.59 -23.12
CA ALA A 485 18.92 25.30 -23.45
C ALA A 485 19.65 25.34 -24.79
N PHE A 486 19.02 25.96 -25.80
CA PHE A 486 19.67 26.08 -27.10
C PHE A 486 20.87 27.03 -27.04
N ALA A 487 20.82 28.04 -26.19
CA ALA A 487 21.95 28.97 -26.07
C ALA A 487 23.16 28.26 -25.46
N LYS A 488 22.97 27.57 -24.33
CA LYS A 488 24.07 26.86 -23.69
C LYS A 488 24.55 25.66 -24.49
N ALA A 489 23.83 25.26 -25.53
CA ALA A 489 24.22 24.13 -26.36
C ALA A 489 24.91 24.54 -27.65
N GLY A 490 24.83 25.81 -28.03
CA GLY A 490 25.46 26.23 -29.27
C GLY A 490 24.60 26.06 -30.50
N LEU A 491 23.30 25.89 -30.33
CA LEU A 491 22.39 25.95 -31.47
C LEU A 491 21.96 27.38 -31.77
N MET A 492 22.36 28.33 -30.95
CA MET A 492 22.12 29.75 -31.15
C MET A 492 23.35 30.45 -31.73
N THR A 493 23.95 29.84 -32.75
CA THR A 493 25.08 30.45 -33.43
C THR A 493 24.93 30.25 -34.93
N SER A 494 25.80 30.93 -35.68
CA SER A 494 25.77 30.80 -37.14
C SER A 494 26.24 29.42 -37.58
N GLU A 495 27.27 28.89 -36.94
CA GLU A 495 27.82 27.59 -37.33
C GLU A 495 26.77 26.49 -37.22
N ALA A 496 25.91 26.57 -36.20
CA ALA A 496 24.90 25.53 -36.00
C ALA A 496 23.98 25.42 -37.20
N THR A 497 23.69 26.54 -37.87
CA THR A 497 22.89 26.49 -39.09
C THR A 497 23.63 25.74 -40.19
N THR A 498 24.89 26.10 -40.42
CA THR A 498 25.66 25.45 -41.48
C THR A 498 25.85 23.96 -41.23
N GLN A 499 25.68 23.50 -39.98
CA GLN A 499 25.90 22.10 -39.65
C GLN A 499 24.60 21.28 -39.70
N TYR A 500 23.63 21.63 -38.85
CA TYR A 500 22.45 20.79 -38.67
C TYR A 500 21.27 21.19 -39.55
N ALA A 501 21.27 22.38 -40.13
CA ALA A 501 20.10 22.79 -40.90
C ALA A 501 20.07 22.08 -42.25
N GLY A 502 18.86 21.76 -42.71
CA GLY A 502 18.71 21.24 -44.05
C GLY A 502 19.06 22.26 -45.10
N GLU A 503 19.30 21.77 -46.32
CA GLU A 503 19.75 22.62 -47.41
C GLU A 503 18.83 23.82 -47.62
N GLY A 504 17.55 23.55 -47.85
CA GLY A 504 16.61 24.64 -48.11
C GLY A 504 16.57 25.66 -47.00
N LEU A 505 16.48 25.19 -45.75
CA LEU A 505 16.47 26.11 -44.61
C LEU A 505 17.80 26.83 -44.47
N LYS A 506 18.92 26.10 -44.56
CA LYS A 506 20.24 26.70 -44.43
C LYS A 506 20.46 27.78 -45.49
N GLY A 507 19.85 27.62 -46.67
CA GLY A 507 19.98 28.61 -47.72
C GLY A 507 19.32 29.93 -47.36
N VAL A 508 18.03 29.89 -47.03
CA VAL A 508 17.31 31.11 -46.66
C VAL A 508 17.97 31.78 -45.47
N LEU A 509 18.29 31.00 -44.44
CA LEU A 509 18.91 31.56 -43.24
C LEU A 509 20.22 32.25 -43.57
N SER A 510 21.07 31.60 -44.37
CA SER A 510 22.36 32.18 -44.72
C SER A 510 22.20 33.46 -45.52
N ALA A 511 21.21 33.50 -46.41
CA ALA A 511 21.00 34.68 -47.25
C ALA A 511 20.64 35.90 -46.40
N ILE A 512 19.55 35.80 -45.63
CA ILE A 512 19.12 36.90 -44.78
C ILE A 512 20.24 37.31 -43.83
N GLY A 513 20.97 36.33 -43.30
CA GLY A 513 22.09 36.60 -42.43
C GLY A 513 23.15 37.46 -43.09
N THR A 514 23.78 36.93 -44.15
CA THR A 514 24.86 37.66 -44.82
C THR A 514 24.37 39.00 -45.36
N ALA A 515 23.07 39.13 -45.63
CA ALA A 515 22.54 40.40 -46.13
C ALA A 515 22.28 41.38 -44.99
N ALA A 516 22.06 40.88 -43.78
CA ALA A 516 21.85 41.72 -42.60
C ALA A 516 23.09 41.74 -41.70
N GLY A 517 24.27 41.74 -42.31
CA GLY A 517 25.52 41.71 -41.57
C GLY A 517 25.82 40.36 -40.94
N LEU A 518 26.25 40.36 -39.67
CA LEU A 518 26.50 39.16 -38.87
C LEU A 518 27.44 38.15 -39.53
N GLY A 519 27.86 38.41 -40.77
CA GLY A 519 28.84 37.59 -41.47
C GLY A 519 28.65 36.10 -41.37
N GLY A 520 27.50 35.61 -41.83
CA GLY A 520 27.20 34.20 -41.79
C GLY A 520 25.71 33.93 -41.85
N PRO A 521 25.31 32.70 -41.55
CA PRO A 521 23.88 32.37 -41.55
C PRO A 521 23.20 32.77 -40.26
N LEU A 522 21.88 32.98 -40.35
CA LEU A 522 21.11 33.28 -39.17
C LEU A 522 21.15 32.09 -38.21
N PRO A 523 21.11 32.33 -36.90
CA PRO A 523 21.14 31.22 -35.94
C PRO A 523 20.09 30.18 -36.25
N LEU A 524 20.43 28.91 -35.98
CA LEU A 524 19.47 27.83 -36.11
C LEU A 524 18.23 28.09 -35.26
N VAL A 525 18.44 28.33 -33.97
CA VAL A 525 17.38 28.74 -33.05
C VAL A 525 17.51 30.23 -32.84
N MET A 526 16.45 30.97 -33.13
CA MET A 526 16.43 32.41 -32.95
C MET A 526 15.76 32.74 -31.61
N HIS A 527 16.50 33.40 -30.73
CA HIS A 527 15.99 33.77 -29.41
C HIS A 527 14.90 34.82 -29.59
N MET A 528 13.65 34.45 -29.32
CA MET A 528 12.54 35.39 -29.37
C MET A 528 12.22 36.01 -28.02
N GLY A 529 12.83 35.54 -26.94
CA GLY A 529 12.73 36.25 -25.68
C GLY A 529 12.35 35.41 -24.47
N SER A 530 11.67 36.04 -23.52
CA SER A 530 11.21 35.37 -22.32
C SER A 530 9.86 34.72 -22.58
N CYS A 531 9.20 34.26 -21.51
CA CYS A 531 7.88 33.64 -21.67
C CYS A 531 6.88 34.62 -22.26
N VAL A 532 6.80 35.83 -21.68
CA VAL A 532 5.88 36.84 -22.20
C VAL A 532 6.23 37.21 -23.62
N ASP A 533 7.51 37.08 -24.01
CA ASP A 533 7.93 37.38 -25.36
C ASP A 533 7.50 36.33 -26.37
N ASN A 534 6.83 35.26 -25.93
CA ASN A 534 6.17 34.37 -26.89
C ASN A 534 5.10 35.10 -27.67
N SER A 535 4.68 36.28 -27.20
CA SER A 535 3.80 37.14 -27.99
C SER A 535 4.49 37.71 -29.22
N ARG A 536 5.83 37.65 -29.27
CA ARG A 536 6.52 38.08 -30.48
C ARG A 536 6.33 37.08 -31.61
N ALA A 537 6.26 35.79 -31.29
CA ALA A 537 6.06 34.78 -32.32
C ALA A 537 4.65 34.84 -32.88
N VAL A 538 3.65 35.03 -32.02
CA VAL A 538 2.29 35.20 -32.51
C VAL A 538 2.14 36.52 -33.25
N ALA A 539 3.01 37.50 -32.97
CA ALA A 539 3.01 38.74 -33.75
C ALA A 539 3.52 38.49 -35.16
N LEU A 540 4.69 37.85 -35.27
CA LEU A 540 5.24 37.51 -36.58
C LEU A 540 4.27 36.62 -37.36
N ALA A 541 3.67 35.64 -36.68
CA ALA A 541 2.75 34.73 -37.35
C ALA A 541 1.51 35.46 -37.86
N THR A 542 0.87 36.24 -36.99
CA THR A 542 -0.30 37.01 -37.40
C THR A 542 0.02 37.91 -38.59
N ALA A 543 1.22 38.50 -38.59
CA ALA A 543 1.62 39.34 -39.71
C ALA A 543 1.73 38.53 -41.00
N LEU A 544 2.38 37.37 -40.93
CA LEU A 544 2.47 36.50 -42.10
C LEU A 544 1.10 35.99 -42.52
N ALA A 545 0.28 35.60 -41.55
CA ALA A 545 -1.07 35.15 -41.86
C ALA A 545 -1.92 36.28 -42.44
N ASN A 546 -1.61 37.53 -42.08
CA ASN A 546 -2.34 38.65 -42.65
C ASN A 546 -1.82 39.02 -44.03
N LYS A 547 -0.56 38.73 -44.31
CA LYS A 547 -0.04 38.91 -45.68
C LYS A 547 -0.63 37.88 -46.63
N LEU A 548 -0.91 36.67 -46.13
CA LEU A 548 -1.44 35.58 -46.94
C LEU A 548 -2.96 35.49 -46.86
N GLY A 549 -3.62 36.37 -46.12
CA GLY A 549 -5.08 36.33 -46.02
C GLY A 549 -5.61 35.09 -45.34
N VAL A 550 -4.88 34.58 -44.34
CA VAL A 550 -5.28 33.36 -43.64
C VAL A 550 -5.23 33.59 -42.14
N ASP A 551 -5.42 32.53 -41.37
CA ASP A 551 -5.29 32.56 -39.93
C ASP A 551 -4.18 31.61 -39.51
N LEU A 552 -3.71 31.75 -38.26
CA LEU A 552 -2.65 30.89 -37.75
C LEU A 552 -3.03 29.43 -37.85
N SER A 553 -4.33 29.12 -37.86
CA SER A 553 -4.80 27.75 -38.03
C SER A 553 -4.54 27.21 -39.44
N ASP A 554 -4.06 28.04 -40.36
CA ASP A 554 -3.70 27.60 -41.70
C ASP A 554 -2.20 27.65 -41.97
N LEU A 555 -1.46 28.44 -41.19
CA LEU A 555 -0.02 28.52 -41.38
C LEU A 555 0.64 27.20 -40.95
N PRO A 556 1.78 26.85 -41.57
CA PRO A 556 2.58 25.70 -41.12
C PRO A 556 3.36 26.00 -39.84
N LEU A 557 2.64 26.49 -38.82
CA LEU A 557 3.23 26.91 -37.57
C LEU A 557 2.84 25.94 -36.46
N VAL A 558 3.80 25.61 -35.60
CA VAL A 558 3.64 24.59 -34.58
C VAL A 558 4.42 25.03 -33.33
N ALA A 559 3.88 24.69 -32.16
CA ALA A 559 4.54 24.97 -30.89
C ALA A 559 4.88 23.66 -30.19
N SER A 560 5.97 23.68 -29.42
CA SER A 560 6.45 22.48 -28.75
C SER A 560 6.96 22.84 -27.35
N ALA A 561 6.54 22.06 -26.36
CA ALA A 561 7.00 22.19 -24.98
C ALA A 561 7.57 20.85 -24.52
N PRO A 562 8.79 20.51 -24.95
CA PRO A 562 9.32 19.17 -24.66
C PRO A 562 9.57 18.90 -23.18
N GLU A 563 9.70 19.93 -22.35
CA GLU A 563 10.05 19.73 -20.94
C GLU A 563 9.26 20.66 -20.05
N CYS A 564 7.96 20.80 -20.31
CA CYS A 564 7.13 21.69 -19.52
C CYS A 564 6.95 21.15 -18.10
N MET A 565 6.57 22.05 -17.19
CA MET A 565 6.33 21.66 -15.81
C MET A 565 5.49 22.70 -15.08
N SER A 566 5.47 23.93 -15.58
CA SER A 566 4.85 25.04 -14.87
C SER A 566 3.41 25.28 -15.33
N GLU A 567 2.65 25.95 -14.48
CA GLU A 567 1.29 26.35 -14.84
C GLU A 567 1.29 27.38 -15.96
N LYS A 568 2.27 28.29 -15.96
CA LYS A 568 2.37 29.26 -17.05
C LYS A 568 2.51 28.56 -18.40
N ALA A 569 3.33 27.51 -18.45
CA ALA A 569 3.50 26.78 -19.71
C ALA A 569 2.20 26.11 -20.14
N LEU A 570 1.47 25.52 -19.19
CA LEU A 570 0.18 24.93 -19.51
C LEU A 570 -0.78 25.97 -20.07
N ALA A 571 -0.73 27.19 -19.54
CA ALA A 571 -1.52 28.28 -20.10
C ALA A 571 -0.94 28.75 -21.42
N ILE A 572 0.39 28.84 -21.50
CA ILE A 572 1.04 29.28 -22.74
C ILE A 572 0.71 28.32 -23.87
N GLY A 573 0.63 27.02 -23.57
CA GLY A 573 0.22 26.06 -24.58
C GLY A 573 -1.25 26.10 -24.88
N SER A 574 -2.07 26.51 -23.91
CA SER A 574 -3.52 26.50 -24.10
C SER A 574 -3.99 27.65 -24.97
N TRP A 575 -3.37 28.83 -24.87
CA TRP A 575 -3.73 29.88 -25.82
C TRP A 575 -3.09 29.67 -27.18
N ALA A 576 -1.98 28.92 -27.25
CA ALA A 576 -1.44 28.52 -28.53
C ALA A 576 -2.43 27.63 -29.28
N VAL A 577 -3.10 26.72 -28.56
CA VAL A 577 -4.13 25.88 -29.17
C VAL A 577 -5.30 26.75 -29.62
N THR A 578 -5.71 27.69 -28.77
CA THR A 578 -6.91 28.48 -29.07
C THR A 578 -6.68 29.47 -30.21
N ILE A 579 -5.43 29.90 -30.42
CA ILE A 579 -5.13 30.75 -31.58
C ILE A 579 -4.89 29.94 -32.84
N GLY A 580 -4.91 28.62 -32.76
CA GLY A 580 -4.86 27.76 -33.91
C GLY A 580 -3.57 26.99 -34.13
N LEU A 581 -2.75 26.80 -33.11
CA LEU A 581 -1.45 26.17 -33.29
C LEU A 581 -1.45 24.75 -32.74
N PRO A 582 -1.06 23.76 -33.55
CA PRO A 582 -0.84 22.41 -33.02
C PRO A 582 0.29 22.41 -31.99
N THR A 583 -0.06 22.25 -30.72
CA THR A 583 0.90 22.38 -29.63
C THR A 583 1.31 21.00 -29.13
N HIS A 584 2.61 20.80 -28.94
CA HIS A 584 3.15 19.56 -28.40
C HIS A 584 3.50 19.76 -26.93
N VAL A 585 3.11 18.80 -26.10
CA VAL A 585 3.47 18.78 -24.69
C VAL A 585 4.28 17.53 -24.42
N GLY A 586 5.34 17.68 -23.63
CA GLY A 586 6.25 16.57 -23.39
C GLY A 586 6.40 16.19 -21.93
N SER A 587 5.38 16.47 -21.13
CA SER A 587 5.39 16.09 -19.73
C SER A 587 4.07 15.50 -19.24
N VAL A 588 3.06 15.41 -20.10
CA VAL A 588 1.78 14.78 -19.79
C VAL A 588 1.06 15.49 -18.65
N PRO A 589 0.16 16.42 -18.95
CA PRO A 589 -0.62 17.07 -17.89
C PRO A 589 -1.58 16.09 -17.24
N PRO A 590 -2.12 16.42 -16.06
CA PRO A 590 -3.10 15.53 -15.43
C PRO A 590 -4.38 15.43 -16.24
N VAL A 591 -4.38 14.58 -17.27
CA VAL A 591 -5.50 14.54 -18.22
C VAL A 591 -5.76 13.10 -18.66
N ILE A 592 -4.77 12.22 -18.47
CA ILE A 592 -4.88 10.84 -18.93
C ILE A 592 -6.06 10.13 -18.26
N GLY A 593 -6.45 10.59 -17.08
CA GLY A 593 -7.54 9.94 -16.36
C GLY A 593 -8.92 10.17 -16.96
N SER A 594 -9.04 11.03 -17.96
CA SER A 594 -10.32 11.30 -18.60
C SER A 594 -10.13 11.27 -20.12
N GLN A 595 -10.72 10.28 -20.77
CA GLN A 595 -10.69 10.23 -22.23
C GLN A 595 -11.53 11.34 -22.83
N ILE A 596 -12.53 11.84 -22.10
CA ILE A 596 -13.36 12.93 -22.59
C ILE A 596 -12.56 14.21 -22.66
N VAL A 597 -11.91 14.58 -21.56
CA VAL A 597 -11.08 15.79 -21.53
C VAL A 597 -9.92 15.65 -22.52
N THR A 598 -9.32 14.46 -22.59
CA THR A 598 -8.25 14.23 -23.56
C THR A 598 -8.74 14.50 -24.98
N LYS A 599 -9.86 13.87 -25.36
CA LYS A 599 -10.41 14.10 -26.70
C LYS A 599 -10.76 15.56 -26.91
N LEU A 600 -11.26 16.23 -25.87
CA LEU A 600 -11.68 17.62 -26.01
C LEU A 600 -10.51 18.52 -26.36
N VAL A 601 -9.34 18.29 -25.76
CA VAL A 601 -8.17 19.13 -26.00
C VAL A 601 -7.31 18.62 -27.15
N THR A 602 -7.58 17.42 -27.67
CA THR A 602 -6.78 16.84 -28.75
C THR A 602 -7.49 16.79 -30.09
N GLU A 603 -8.76 16.40 -30.11
CA GLU A 603 -9.47 16.15 -31.37
C GLU A 603 -10.57 17.18 -31.64
N THR A 604 -11.51 17.35 -30.71
CA THR A 604 -12.60 18.30 -30.93
C THR A 604 -12.11 19.75 -30.96
N ALA A 605 -10.88 20.02 -30.53
CA ALA A 605 -10.33 21.36 -30.66
C ALA A 605 -9.92 21.65 -32.10
N LYS A 606 -9.53 20.63 -32.86
CA LYS A 606 -9.27 20.78 -34.28
C LYS A 606 -10.53 21.13 -35.07
N ASP A 607 -11.70 21.05 -34.44
CA ASP A 607 -12.96 21.44 -35.06
C ASP A 607 -13.50 22.76 -34.55
N LEU A 608 -13.19 23.15 -33.31
CA LEU A 608 -13.70 24.36 -32.69
C LEU A 608 -12.76 25.55 -32.82
N VAL A 609 -11.47 25.34 -32.60
CA VAL A 609 -10.52 26.45 -32.54
C VAL A 609 -9.36 26.24 -33.51
N GLY A 610 -9.33 25.07 -34.16
CA GLY A 610 -8.31 24.75 -35.15
C GLY A 610 -7.05 24.12 -34.60
N GLY A 611 -6.56 24.60 -33.47
CA GLY A 611 -5.39 24.02 -32.85
C GLY A 611 -5.72 22.79 -32.01
N TYR A 612 -4.67 22.14 -31.52
CA TYR A 612 -4.85 20.94 -30.71
C TYR A 612 -3.57 20.65 -29.94
N PHE A 613 -3.64 19.67 -29.06
CA PHE A 613 -2.52 19.24 -28.24
C PHE A 613 -1.98 17.91 -28.76
N ILE A 614 -0.67 17.73 -28.61
CA ILE A 614 0.02 16.50 -29.02
C ILE A 614 0.85 16.03 -27.83
N VAL A 615 0.30 15.14 -27.02
CA VAL A 615 1.01 14.56 -25.89
C VAL A 615 1.74 13.32 -26.38
N ASP A 616 3.06 13.28 -26.19
CA ASP A 616 3.84 12.16 -26.72
C ASP A 616 4.83 11.61 -25.69
N THR A 617 5.78 12.44 -25.27
CA THR A 617 6.88 12.18 -24.34
C THR A 617 8.07 11.50 -25.01
N ASP A 618 7.92 10.91 -26.20
CA ASP A 618 9.06 10.42 -26.96
C ASP A 618 9.53 11.51 -27.90
N PRO A 619 10.74 12.06 -27.69
CA PRO A 619 11.19 13.17 -28.56
C PRO A 619 11.22 12.83 -30.04
N LYS A 620 11.52 11.57 -30.39
CA LYS A 620 11.50 11.17 -31.79
C LYS A 620 10.08 11.23 -32.35
N SER A 621 9.15 10.54 -31.69
CA SER A 621 7.77 10.51 -32.17
C SER A 621 7.14 11.89 -32.17
N ALA A 622 7.57 12.77 -31.28
CA ALA A 622 7.06 14.14 -31.27
C ALA A 622 7.38 14.83 -32.59
N GLY A 623 8.65 14.87 -32.96
CA GLY A 623 9.05 15.55 -34.20
C GLY A 623 8.36 14.98 -35.42
N ASP A 624 8.18 13.66 -35.46
CA ASP A 624 7.45 13.05 -36.56
C ASP A 624 6.02 13.56 -36.62
N LYS A 625 5.34 13.62 -35.47
CA LYS A 625 3.97 14.10 -35.43
C LYS A 625 3.91 15.61 -35.70
N LEU A 626 4.90 16.36 -35.22
CA LEU A 626 4.93 17.80 -35.47
C LEU A 626 5.12 18.07 -36.96
N TYR A 627 6.07 17.38 -37.59
CA TYR A 627 6.29 17.55 -39.02
C TYR A 627 5.07 17.10 -39.82
N ALA A 628 4.39 16.05 -39.36
CA ALA A 628 3.15 15.63 -40.00
C ALA A 628 2.12 16.75 -39.97
N ALA A 629 1.98 17.42 -38.83
CA ALA A 629 1.08 18.55 -38.73
C ALA A 629 1.55 19.70 -39.61
N ILE A 630 2.85 20.00 -39.57
CA ILE A 630 3.42 21.04 -40.42
C ILE A 630 3.09 20.78 -41.88
N GLN A 631 3.21 19.53 -42.31
CA GLN A 631 2.88 19.19 -43.69
C GLN A 631 1.38 19.19 -43.93
N GLU A 632 0.58 18.84 -42.92
CA GLU A 632 -0.88 18.91 -43.07
C GLU A 632 -1.33 20.34 -43.29
N ARG A 633 -0.73 21.30 -42.59
CA ARG A 633 -1.07 22.70 -42.79
C ARG A 633 -0.67 23.16 -44.19
N ARG A 634 0.31 22.50 -44.82
CA ARG A 634 0.68 22.80 -46.18
C ARG A 634 -0.26 22.17 -47.20
N ALA A 635 -1.03 21.16 -46.81
CA ALA A 635 -2.07 20.63 -47.68
C ALA A 635 -3.06 21.74 -48.05
N GLY A 636 -3.65 22.38 -47.05
CA GLY A 636 -4.26 23.67 -47.28
C GLY A 636 -3.24 24.68 -47.75
N LEU A 637 -3.70 25.66 -48.53
CA LEU A 637 -2.83 26.59 -49.26
C LEU A 637 -2.07 25.88 -50.37
N MET B 18 -28.52 13.81 12.73
CA MET B 18 -29.31 13.22 11.65
C MET B 18 -30.78 13.61 11.81
N LEU B 19 -31.66 13.02 11.00
CA LEU B 19 -33.07 13.41 11.04
C LEU B 19 -34.00 12.47 10.27
N ASN B 20 -33.83 12.37 8.95
CA ASN B 20 -34.90 11.90 8.05
C ASN B 20 -34.75 10.43 7.67
N LEU B 21 -33.65 10.07 7.02
CA LEU B 21 -33.38 8.70 6.58
C LEU B 21 -34.47 8.22 5.61
N ALA B 22 -34.37 8.74 4.39
CA ALA B 22 -35.17 8.27 3.27
C ALA B 22 -34.31 7.27 2.52
N GLU B 23 -34.48 5.98 2.83
CA GLU B 23 -33.57 4.95 2.34
C GLU B 23 -33.75 4.76 0.85
N ALA B 24 -32.66 5.00 0.10
CA ALA B 24 -32.67 4.83 -1.35
C ALA B 24 -32.93 3.37 -1.72
N ASN B 25 -31.99 2.49 -1.39
CA ASN B 25 -32.08 1.05 -1.68
C ASN B 25 -32.21 0.81 -3.18
N SER B 26 -31.38 1.51 -3.96
CA SER B 26 -31.19 1.33 -5.39
C SER B 26 -30.30 2.42 -5.94
N ILE B 27 -30.11 3.49 -5.16
CA ILE B 27 -29.46 4.72 -5.64
C ILE B 27 -28.32 5.09 -4.71
N GLU B 28 -27.20 5.49 -5.30
CA GLU B 28 -26.10 6.04 -4.51
C GLU B 28 -26.45 7.45 -4.05
N THR B 29 -26.06 7.78 -2.82
CA THR B 29 -26.23 9.11 -2.27
C THR B 29 -24.89 9.61 -1.76
N ALA B 30 -24.88 10.82 -1.19
CA ALA B 30 -23.64 11.41 -0.71
C ALA B 30 -23.02 10.57 0.40
N TRP B 31 -23.84 9.92 1.23
CA TRP B 31 -23.30 9.06 2.27
C TRP B 31 -22.72 7.78 1.70
N HIS B 32 -23.34 7.25 0.64
CA HIS B 32 -22.81 6.05 -0.02
C HIS B 32 -21.45 6.34 -0.63
N ARG B 33 -21.36 7.41 -1.44
CA ARG B 33 -20.12 7.72 -2.13
C ARG B 33 -18.99 8.06 -1.16
N TYR B 34 -19.32 8.49 0.06
CA TYR B 34 -18.27 8.76 1.05
C TYR B 34 -17.65 7.48 1.57
N GLU B 35 -18.47 6.46 1.84
CA GLU B 35 -17.96 5.23 2.43
C GLU B 35 -17.15 4.42 1.42
N LYS B 36 -17.49 4.51 0.13
CA LYS B 36 -16.67 3.86 -0.89
C LYS B 36 -15.35 4.57 -1.12
N GLN B 37 -15.16 5.75 -0.54
CA GLN B 37 -13.89 6.44 -0.57
C GLN B 37 -13.01 6.12 0.63
N GLN B 38 -13.45 5.22 1.51
CA GLN B 38 -12.70 4.89 2.72
C GLN B 38 -11.69 3.79 2.42
N PRO B 39 -10.42 3.95 2.82
CA PRO B 39 -9.86 5.12 3.52
C PRO B 39 -9.47 6.21 2.52
N GLN B 40 -9.36 7.46 2.97
CA GLN B 40 -8.97 8.56 2.11
C GLN B 40 -7.50 8.90 2.37
N CYS B 41 -6.88 9.48 1.35
CA CYS B 41 -5.43 9.71 1.39
C CYS B 41 -5.03 10.56 2.58
N GLY B 42 -4.29 9.98 3.52
CA GLY B 42 -3.85 10.73 4.68
C GLY B 42 -2.84 11.79 4.35
N PHE B 43 -2.13 11.63 3.24
CA PHE B 43 -1.17 12.64 2.80
C PHE B 43 -1.88 13.97 2.55
N GLY B 44 -2.92 13.96 1.71
CA GLY B 44 -3.65 15.18 1.43
C GLY B 44 -4.35 15.74 2.65
N SER B 45 -4.92 14.85 3.49
CA SER B 45 -5.53 15.29 4.73
C SER B 45 -4.49 15.93 5.66
N ALA B 46 -3.22 15.53 5.53
CA ALA B 46 -2.15 16.13 6.32
C ALA B 46 -1.66 17.44 5.74
N GLY B 47 -1.99 17.74 4.49
CA GLY B 47 -1.41 18.87 3.82
C GLY B 47 -0.05 18.62 3.20
N LEU B 48 0.45 17.38 3.25
CA LEU B 48 1.74 17.02 2.69
C LEU B 48 1.59 16.36 1.31
N CYS B 49 0.68 16.87 0.50
CA CYS B 49 0.58 16.53 -0.91
C CYS B 49 0.75 17.80 -1.72
N CYS B 50 1.11 17.65 -2.99
CA CYS B 50 1.50 18.81 -3.77
C CYS B 50 1.43 18.49 -5.25
N ARG B 51 0.71 19.34 -6.01
CA ARG B 51 0.51 19.17 -7.45
C ARG B 51 0.55 20.50 -8.18
N ILE B 52 1.30 21.48 -7.67
CA ILE B 52 1.27 22.81 -8.27
C ILE B 52 1.98 22.83 -9.61
N CYS B 53 3.05 22.06 -9.74
CA CYS B 53 3.76 21.94 -11.02
C CYS B 53 3.75 20.49 -11.46
N LEU B 54 4.10 20.28 -12.73
CA LEU B 54 4.13 18.95 -13.32
C LEU B 54 5.42 18.21 -13.05
N LYS B 55 6.20 18.62 -12.05
CA LYS B 55 7.30 17.81 -11.56
C LYS B 55 6.88 16.94 -10.38
N GLY B 56 5.71 17.18 -9.82
CA GLY B 56 5.16 16.32 -8.80
C GLY B 56 4.45 15.13 -9.41
N PRO B 57 3.53 14.50 -8.66
CA PRO B 57 3.07 14.82 -7.30
C PRO B 57 4.16 14.64 -6.24
N CYS B 58 4.31 15.59 -5.34
CA CYS B 58 5.37 15.57 -4.33
C CYS B 58 4.73 15.45 -2.96
N ARG B 59 5.07 14.38 -2.26
CA ARG B 59 4.60 14.17 -0.90
C ARG B 59 5.76 14.36 0.07
N ILE B 60 5.41 14.56 1.34
CA ILE B 60 6.38 14.76 2.41
C ILE B 60 6.18 13.65 3.44
N ASP B 61 7.25 12.92 3.72
CA ASP B 61 7.24 11.92 4.79
C ASP B 61 7.78 12.58 6.04
N PRO B 62 6.94 12.97 6.99
CA PRO B 62 7.44 13.65 8.19
C PRO B 62 8.20 12.74 9.14
N PHE B 63 8.12 11.43 8.96
CA PHE B 63 8.66 10.51 9.95
C PHE B 63 9.84 9.70 9.41
N GLY B 64 9.55 8.52 8.85
CA GLY B 64 10.56 7.53 8.53
C GLY B 64 11.58 7.85 7.45
N GLU B 65 12.20 9.02 7.51
CA GLU B 65 13.33 9.37 6.65
C GLU B 65 13.00 9.24 5.16
N GLY B 66 11.77 9.60 4.79
CA GLY B 66 11.40 9.68 3.40
C GLY B 66 11.82 11.02 2.83
N PRO B 67 11.13 11.48 1.79
CA PRO B 67 11.44 12.81 1.23
C PRO B 67 10.97 13.91 2.18
N LYS B 68 11.91 14.75 2.62
CA LYS B 68 11.59 15.90 3.45
C LYS B 68 11.36 17.17 2.64
N TYR B 69 11.58 17.12 1.33
CA TYR B 69 11.35 18.26 0.45
C TYR B 69 10.73 17.76 -0.85
N GLY B 70 10.14 18.68 -1.59
CA GLY B 70 9.70 18.40 -2.94
C GLY B 70 10.78 18.68 -3.95
N VAL B 71 10.48 18.35 -5.22
CA VAL B 71 11.41 18.66 -6.29
C VAL B 71 11.63 20.16 -6.37
N CYS B 72 10.64 20.94 -5.96
CA CYS B 72 10.77 22.38 -5.85
C CYS B 72 11.93 22.77 -4.94
N GLY B 73 12.22 21.94 -3.94
CA GLY B 73 12.96 22.36 -2.77
C GLY B 73 12.09 22.86 -1.65
N ALA B 74 10.78 22.95 -1.87
CA ALA B 74 9.87 23.44 -0.86
C ALA B 74 9.65 22.40 0.22
N ASP B 75 9.57 22.87 1.47
CA ASP B 75 9.40 21.99 2.62
C ASP B 75 7.92 21.83 2.96
N ARG B 76 7.65 21.10 4.05
CA ARG B 76 6.28 20.82 4.45
C ARG B 76 5.51 22.09 4.79
N ASP B 77 6.20 23.12 5.29
CA ASP B 77 5.52 24.32 5.75
C ASP B 77 5.12 25.21 4.59
N THR B 78 6.04 25.43 3.64
CA THR B 78 5.68 26.19 2.45
C THR B 78 4.73 25.42 1.54
N ILE B 79 4.65 24.10 1.70
CA ILE B 79 3.68 23.32 0.93
C ILE B 79 2.30 23.41 1.56
N VAL B 80 2.22 23.20 2.88
CA VAL B 80 0.95 23.27 3.59
C VAL B 80 0.33 24.66 3.43
N ALA B 81 1.15 25.71 3.54
CA ALA B 81 0.64 27.07 3.55
C ALA B 81 0.15 27.50 2.17
N ARG B 82 0.95 27.22 1.13
CA ARG B 82 0.55 27.58 -0.24
C ARG B 82 -0.82 27.02 -0.60
N HIS B 83 -1.17 25.86 -0.04
CA HIS B 83 -2.49 25.29 -0.27
C HIS B 83 -3.54 25.89 0.63
N LEU B 84 -3.14 26.38 1.81
CA LEU B 84 -4.08 27.05 2.71
C LEU B 84 -4.64 28.31 2.06
N VAL B 85 -3.76 29.19 1.60
CA VAL B 85 -4.21 30.48 1.05
C VAL B 85 -4.83 30.29 -0.33
N ARG B 86 -4.43 29.26 -1.07
CA ARG B 86 -5.09 28.97 -2.34
C ARG B 86 -6.53 28.52 -2.10
N MET B 87 -6.79 27.86 -0.97
CA MET B 87 -8.15 27.50 -0.62
C MET B 87 -8.95 28.73 -0.18
N ILE B 88 -8.34 29.58 0.65
CA ILE B 88 -8.98 30.84 1.03
C ILE B 88 -9.28 31.67 -0.20
N ALA B 89 -8.36 31.67 -1.17
CA ALA B 89 -8.53 32.49 -2.37
C ALA B 89 -9.72 32.00 -3.20
N ALA B 90 -9.91 30.68 -3.28
CA ALA B 90 -11.03 30.15 -4.05
C ALA B 90 -12.36 30.54 -3.44
N GLY B 91 -12.50 30.39 -2.12
CA GLY B 91 -13.72 30.81 -1.45
C GLY B 91 -14.00 32.30 -1.60
N THR B 92 -12.94 33.11 -1.69
CA THR B 92 -13.12 34.53 -1.96
C THR B 92 -13.64 34.75 -3.38
N ALA B 93 -13.09 34.02 -4.35
CA ALA B 93 -13.60 34.10 -5.71
C ALA B 93 -15.04 33.62 -5.80
N ALA B 94 -15.43 32.67 -4.94
CA ALA B 94 -16.79 32.17 -4.96
C ALA B 94 -17.77 33.22 -4.46
N HIS B 95 -17.50 33.79 -3.28
CA HIS B 95 -18.41 34.80 -2.72
C HIS B 95 -18.45 36.04 -3.60
N SER B 96 -17.30 36.46 -4.12
CA SER B 96 -17.22 37.72 -4.86
C SER B 96 -18.00 37.67 -6.16
N GLU B 97 -18.10 36.50 -6.78
CA GLU B 97 -18.85 36.39 -8.02
C GLU B 97 -20.34 36.62 -7.79
N HIS B 98 -20.83 36.30 -6.58
CA HIS B 98 -22.22 36.59 -6.25
C HIS B 98 -22.44 38.08 -6.06
N GLY B 99 -21.54 38.75 -5.33
CA GLY B 99 -21.68 40.18 -5.14
C GLY B 99 -21.50 40.98 -6.41
N ARG B 100 -20.67 40.49 -7.34
CA ARG B 100 -20.46 41.21 -8.59
C ARG B 100 -21.74 41.27 -9.41
N HIS B 101 -22.51 40.18 -9.44
CA HIS B 101 -23.79 40.20 -10.14
C HIS B 101 -24.73 41.21 -9.52
N ILE B 102 -24.74 41.30 -8.19
CA ILE B 102 -25.63 42.23 -7.50
C ILE B 102 -25.25 43.67 -7.82
N ALA B 103 -23.94 43.98 -7.74
CA ALA B 103 -23.48 45.33 -8.01
C ALA B 103 -23.68 45.71 -9.47
N LEU B 104 -23.45 44.75 -10.37
CA LEU B 104 -23.69 44.99 -11.80
C LEU B 104 -25.16 45.26 -12.07
N ALA B 105 -26.06 44.55 -11.38
CA ALA B 105 -27.47 44.95 -11.40
C ALA B 105 -27.62 46.41 -10.99
N MET B 106 -27.30 46.72 -9.73
CA MET B 106 -27.44 48.08 -9.21
C MET B 106 -26.94 49.13 -10.19
N GLN B 107 -25.89 48.83 -10.95
CA GLN B 107 -25.46 49.75 -11.98
C GLN B 107 -26.46 49.81 -13.14
N HIS B 108 -27.10 48.69 -13.46
CA HIS B 108 -28.13 48.70 -14.49
C HIS B 108 -29.42 49.36 -13.99
N ILE B 109 -29.83 49.10 -12.74
CA ILE B 109 -30.99 49.82 -12.20
C ILE B 109 -30.75 51.33 -12.25
N SER B 110 -29.50 51.77 -12.05
CA SER B 110 -29.23 53.21 -12.05
C SER B 110 -29.32 53.84 -13.44
N GLN B 111 -29.13 53.05 -14.49
CA GLN B 111 -29.12 53.54 -15.86
C GLN B 111 -30.42 53.21 -16.60
N GLY B 112 -31.53 53.13 -15.88
CA GLY B 112 -32.83 52.92 -16.49
C GLY B 112 -32.99 51.56 -17.14
N GLU B 113 -32.05 50.66 -16.88
CA GLU B 113 -32.06 49.32 -17.42
C GLU B 113 -32.35 48.31 -16.32
N LEU B 114 -32.52 47.05 -16.72
CA LEU B 114 -32.90 45.97 -15.82
C LEU B 114 -34.25 46.27 -15.16
N HIS B 115 -35.28 46.33 -16.01
CA HIS B 115 -36.59 46.79 -15.56
C HIS B 115 -37.25 45.80 -14.62
N ASP B 116 -37.03 44.49 -14.85
CA ASP B 116 -37.62 43.48 -13.98
C ASP B 116 -37.15 43.57 -12.54
N TYR B 117 -36.11 44.37 -12.27
CA TYR B 117 -35.59 44.57 -10.93
C TYR B 117 -35.72 46.04 -10.55
N SER B 118 -35.67 46.29 -9.24
CA SER B 118 -35.83 47.65 -8.72
C SER B 118 -35.32 47.69 -7.30
N ILE B 119 -35.32 48.90 -6.72
CA ILE B 119 -34.90 49.10 -5.33
C ILE B 119 -36.15 48.93 -4.49
N ARG B 120 -36.37 47.71 -4.01
CA ARG B 120 -37.56 47.40 -3.22
C ARG B 120 -37.43 47.83 -1.76
N ASP B 121 -36.24 48.26 -1.33
CA ASP B 121 -36.00 48.68 0.04
C ASP B 121 -35.16 49.96 -0.01
N GLU B 122 -35.78 51.06 -0.44
CA GLU B 122 -35.07 52.32 -0.55
C GLU B 122 -34.61 52.84 0.81
N ALA B 123 -35.19 52.34 1.90
CA ALA B 123 -34.70 52.72 3.22
C ALA B 123 -33.32 52.13 3.48
N LYS B 124 -33.10 50.88 3.07
CA LYS B 124 -31.78 50.27 3.18
C LYS B 124 -30.77 50.96 2.26
N LEU B 125 -31.23 51.48 1.12
CA LEU B 125 -30.32 52.10 0.17
C LEU B 125 -29.73 53.39 0.72
N TYR B 126 -30.56 54.23 1.35
CA TYR B 126 -30.05 55.47 1.92
C TYR B 126 -29.13 55.22 3.10
N ALA B 127 -29.40 54.16 3.87
CA ALA B 127 -28.51 53.82 4.98
C ALA B 127 -27.18 53.28 4.47
N ILE B 128 -27.19 52.54 3.36
CA ILE B 128 -25.95 52.08 2.75
C ILE B 128 -25.11 53.27 2.28
N ALA B 129 -25.76 54.24 1.63
CA ALA B 129 -25.06 55.44 1.19
C ALA B 129 -24.59 56.29 2.36
N LYS B 130 -25.24 56.17 3.52
CA LYS B 130 -24.76 56.86 4.72
C LYS B 130 -23.44 56.27 5.18
N THR B 131 -23.39 54.94 5.35
CA THR B 131 -22.17 54.29 5.79
C THR B 131 -21.05 54.39 4.76
N LEU B 132 -21.38 54.65 3.50
CA LEU B 132 -20.38 54.78 2.45
C LEU B 132 -19.97 56.23 2.17
N GLY B 133 -20.71 57.20 2.70
CA GLY B 133 -20.38 58.59 2.53
C GLY B 133 -20.99 59.26 1.32
N VAL B 134 -21.93 58.60 0.65
CA VAL B 134 -22.53 59.15 -0.57
C VAL B 134 -23.63 60.11 -0.19
N ALA B 135 -23.63 61.30 -0.80
CA ALA B 135 -24.70 62.25 -0.58
C ALA B 135 -26.03 61.67 -1.06
N THR B 136 -27.07 61.92 -0.26
CA THR B 136 -28.44 61.54 -0.61
C THR B 136 -29.45 62.67 -0.54
N GLU B 137 -29.18 63.71 0.24
CA GLU B 137 -30.13 64.80 0.41
C GLU B 137 -30.44 65.48 -0.91
N GLY B 138 -31.70 65.39 -1.35
CA GLY B 138 -32.14 65.99 -2.60
C GLY B 138 -31.34 65.54 -3.81
N ARG B 139 -31.41 64.26 -4.15
CA ARG B 139 -30.56 63.72 -5.21
C ARG B 139 -31.26 62.79 -6.18
N GLY B 140 -32.35 62.13 -5.80
CA GLY B 140 -33.03 61.23 -6.71
C GLY B 140 -32.44 59.82 -6.64
N LEU B 141 -33.30 58.80 -6.79
CA LEU B 141 -32.89 57.43 -6.49
C LEU B 141 -31.78 56.96 -7.42
N LEU B 142 -31.94 57.16 -8.73
CA LEU B 142 -30.99 56.60 -9.68
C LEU B 142 -29.61 57.24 -9.58
N ALA B 143 -29.50 58.44 -9.01
CA ALA B 143 -28.19 59.05 -8.80
C ALA B 143 -27.45 58.37 -7.66
N ILE B 144 -28.14 58.13 -6.55
CA ILE B 144 -27.53 57.43 -5.41
C ILE B 144 -27.14 56.01 -5.81
N VAL B 145 -28.04 55.32 -6.52
CA VAL B 145 -27.78 53.95 -6.93
C VAL B 145 -26.53 53.88 -7.79
N GLY B 146 -26.34 54.88 -8.67
CA GLY B 146 -25.13 54.93 -9.47
C GLY B 146 -23.89 55.19 -8.64
N ASP B 147 -23.98 56.15 -7.72
CA ASP B 147 -22.86 56.40 -6.81
C ASP B 147 -22.56 55.17 -5.96
N LEU B 148 -23.58 54.37 -5.64
CA LEU B 148 -23.38 53.17 -4.86
C LEU B 148 -22.82 52.02 -5.70
N ALA B 149 -23.20 51.94 -6.97
CA ALA B 149 -22.66 50.91 -7.84
C ALA B 149 -21.23 51.23 -8.26
N ALA B 150 -20.96 52.50 -8.58
CA ALA B 150 -19.62 52.90 -8.98
C ALA B 150 -18.61 52.63 -7.88
N ILE B 151 -18.99 52.91 -6.63
CA ILE B 151 -18.10 52.61 -5.50
C ILE B 151 -17.89 51.11 -5.38
N THR B 152 -18.99 50.34 -5.36
CA THR B 152 -18.89 48.91 -5.10
C THR B 152 -18.18 48.17 -6.23
N LEU B 153 -18.38 48.61 -7.49
CA LEU B 153 -17.57 48.08 -8.57
C LEU B 153 -16.11 48.47 -8.40
N GLY B 154 -15.84 49.62 -7.77
CA GLY B 154 -14.47 50.05 -7.56
C GLY B 154 -13.63 49.05 -6.77
N ASP B 155 -14.25 48.34 -5.83
CA ASP B 155 -13.56 47.29 -5.10
C ASP B 155 -13.15 46.14 -6.00
N PHE B 156 -13.68 46.06 -7.22
CA PHE B 156 -13.33 45.03 -8.18
C PHE B 156 -12.42 45.54 -9.27
N GLN B 157 -11.84 46.74 -9.12
CA GLN B 157 -11.05 47.31 -10.20
C GLN B 157 -9.95 48.27 -9.74
N ASN B 158 -9.80 48.54 -8.45
CA ASN B 158 -8.72 49.40 -7.99
C ASN B 158 -7.36 48.72 -8.19
N GLN B 159 -6.38 49.49 -8.62
CA GLN B 159 -5.02 48.99 -8.81
C GLN B 159 -4.02 49.63 -7.85
N ASP B 160 -4.48 50.51 -6.96
CA ASP B 160 -3.62 51.12 -5.95
C ASP B 160 -3.59 50.19 -4.75
N TYR B 161 -2.55 49.35 -4.68
CA TYR B 161 -2.43 48.32 -3.65
C TYR B 161 -2.63 48.85 -2.24
N ASP B 162 -2.44 50.15 -2.02
CA ASP B 162 -2.49 50.72 -0.68
C ASP B 162 -3.80 51.44 -0.38
N LYS B 163 -4.75 51.48 -1.31
CA LYS B 163 -6.06 52.06 -1.04
C LYS B 163 -7.00 50.95 -0.60
N PRO B 164 -7.44 50.93 0.65
CA PRO B 164 -8.32 49.84 1.12
C PRO B 164 -9.60 49.75 0.31
N CYS B 165 -10.27 48.61 0.45
CA CYS B 165 -11.57 48.43 -0.16
C CYS B 165 -12.57 49.38 0.47
N ALA B 166 -13.43 49.99 -0.37
CA ALA B 166 -14.33 51.02 0.12
C ALA B 166 -15.27 50.49 1.19
N TRP B 167 -15.77 49.26 1.02
CA TRP B 167 -16.71 48.72 2.00
C TRP B 167 -16.01 48.36 3.31
N LEU B 168 -14.80 47.82 3.24
CA LEU B 168 -14.07 47.43 4.46
C LEU B 168 -13.83 48.64 5.36
N ALA B 169 -13.28 49.72 4.80
CA ALA B 169 -13.01 50.91 5.60
C ALA B 169 -14.28 51.50 6.18
N ALA B 170 -15.40 51.37 5.47
CA ALA B 170 -16.66 51.93 5.93
C ALA B 170 -17.34 51.08 7.01
N SER B 171 -17.01 49.78 7.09
CA SER B 171 -17.84 48.85 7.84
C SER B 171 -17.16 48.17 9.02
N LEU B 172 -15.86 48.33 9.21
CA LEU B 172 -15.22 47.81 10.40
C LEU B 172 -15.22 48.86 11.51
N THR B 173 -14.81 48.43 12.69
CA THR B 173 -14.47 49.40 13.73
C THR B 173 -13.26 50.21 13.27
N PRO B 174 -13.14 51.45 13.72
CA PRO B 174 -11.96 52.25 13.28
C PRO B 174 -10.66 51.70 13.82
N ARG B 175 -10.68 51.11 15.02
CA ARG B 175 -9.46 50.51 15.57
C ARG B 175 -9.00 49.33 14.70
N ARG B 176 -9.95 48.54 14.20
CA ARG B 176 -9.59 47.38 13.39
C ARG B 176 -9.03 47.82 12.03
N VAL B 177 -9.60 48.86 11.44
CA VAL B 177 -9.09 49.35 10.16
C VAL B 177 -7.65 49.78 10.29
N LYS B 178 -7.28 50.37 11.43
CA LYS B 178 -5.89 50.73 11.68
C LYS B 178 -5.02 49.49 11.80
N ARG B 179 -5.43 48.55 12.67
CA ARG B 179 -4.62 47.37 12.95
C ARG B 179 -4.26 46.61 11.68
N LEU B 180 -5.21 46.48 10.76
CA LEU B 180 -4.96 45.69 9.55
C LEU B 180 -4.19 46.49 8.51
N GLY B 181 -4.50 47.77 8.35
CA GLY B 181 -3.74 48.60 7.43
C GLY B 181 -2.29 48.73 7.83
N ASP B 182 -2.01 48.77 9.15
CA ASP B 182 -0.64 48.78 9.62
C ASP B 182 0.10 47.51 9.23
N LEU B 183 -0.61 46.38 9.14
CA LEU B 183 -0.03 45.13 8.69
C LEU B 183 -0.25 44.87 7.21
N GLY B 184 -0.84 45.83 6.50
CA GLY B 184 -1.14 45.63 5.09
C GLY B 184 -2.14 44.52 4.82
N LEU B 185 -2.99 44.21 5.80
CA LEU B 185 -3.99 43.16 5.66
C LEU B 185 -5.30 43.67 5.07
N LEU B 186 -5.38 44.95 4.73
CA LEU B 186 -6.57 45.52 4.12
C LEU B 186 -6.48 45.36 2.61
N PRO B 187 -7.33 44.56 1.98
CA PRO B 187 -7.23 44.38 0.53
C PRO B 187 -7.66 45.64 -0.21
N HIS B 188 -7.14 45.76 -1.43
CA HIS B 188 -7.43 46.89 -2.31
C HIS B 188 -8.34 46.52 -3.47
N ASN B 189 -8.49 45.23 -3.77
CA ASN B 189 -9.19 44.77 -4.96
C ASN B 189 -9.50 43.30 -4.76
N ILE B 190 -10.77 42.93 -4.92
CA ILE B 190 -11.17 41.55 -4.67
C ILE B 190 -10.66 40.63 -5.77
N ASP B 191 -10.84 41.03 -7.03
CA ASP B 191 -10.33 40.22 -8.14
C ASP B 191 -8.81 40.12 -8.08
N ALA B 192 -8.13 41.23 -7.79
CA ALA B 192 -6.67 41.21 -7.74
C ALA B 192 -6.16 40.45 -6.51
N SER B 193 -6.92 40.45 -5.42
CA SER B 193 -6.50 39.68 -4.24
C SER B 193 -6.49 38.19 -4.55
N VAL B 194 -7.55 37.70 -5.21
CA VAL B 194 -7.60 36.30 -5.59
C VAL B 194 -6.48 35.98 -6.58
N ALA B 195 -6.32 36.83 -7.60
CA ALA B 195 -5.32 36.57 -8.63
C ALA B 195 -3.91 36.70 -8.09
N GLN B 196 -3.67 37.68 -7.22
CA GLN B 196 -2.34 37.81 -6.63
C GLN B 196 -2.03 36.67 -5.67
N THR B 197 -3.05 36.00 -5.13
CA THR B 197 -2.84 34.82 -4.31
C THR B 197 -2.48 33.61 -5.16
N MET B 198 -3.17 33.45 -6.30
CA MET B 198 -2.82 32.38 -7.23
C MET B 198 -1.39 32.54 -7.73
N SER B 199 -1.01 33.77 -8.08
CA SER B 199 0.30 33.99 -8.69
C SER B 199 1.43 33.78 -7.69
N ARG B 200 1.23 34.18 -6.43
CA ARG B 200 2.31 34.06 -5.45
C ARG B 200 2.49 32.65 -4.94
N THR B 201 1.51 31.77 -5.13
CA THR B 201 1.63 30.36 -4.76
C THR B 201 2.06 29.50 -5.94
N HIS B 202 2.52 30.12 -7.02
CA HIS B 202 3.01 29.41 -8.18
C HIS B 202 4.26 28.59 -7.81
N VAL B 203 4.70 27.76 -8.76
CA VAL B 203 5.91 26.98 -8.53
C VAL B 203 7.10 27.94 -8.46
N GLY B 204 7.79 27.92 -7.32
CA GLY B 204 8.96 28.76 -7.15
C GLY B 204 8.67 30.24 -6.96
N CYS B 205 7.56 30.58 -6.29
CA CYS B 205 7.29 31.98 -5.96
C CYS B 205 7.41 32.19 -4.46
N ASP B 206 6.34 32.67 -3.82
CA ASP B 206 6.39 32.93 -2.38
C ASP B 206 6.59 31.62 -1.61
N ALA B 207 7.56 31.63 -0.69
CA ALA B 207 7.90 30.46 0.10
C ALA B 207 7.57 30.64 1.57
N ASP B 208 8.22 31.58 2.25
CA ASP B 208 8.11 31.87 3.67
C ASP B 208 6.71 31.60 4.22
N PRO B 209 6.58 30.67 5.16
CA PRO B 209 5.24 30.38 5.72
C PRO B 209 4.56 31.59 6.32
N THR B 210 5.33 32.51 6.92
CA THR B 210 4.73 33.67 7.56
C THR B 210 4.20 34.65 6.52
N ASN B 211 5.03 34.98 5.52
CA ASN B 211 4.57 35.83 4.42
C ASN B 211 3.35 35.22 3.73
N LEU B 212 3.32 33.89 3.64
CA LEU B 212 2.20 33.20 3.00
C LEU B 212 0.90 33.37 3.77
N ILE B 213 0.95 33.10 5.08
CA ILE B 213 -0.28 33.12 5.87
C ILE B 213 -0.81 34.54 6.00
N LEU B 214 0.07 35.53 6.11
CA LEU B 214 -0.38 36.92 6.03
C LEU B 214 -1.05 37.19 4.68
N GLY B 215 -0.59 36.54 3.62
CA GLY B 215 -1.22 36.70 2.33
C GLY B 215 -2.58 36.04 2.24
N GLY B 216 -2.80 34.97 3.00
CA GLY B 216 -4.11 34.37 3.06
C GLY B 216 -5.09 35.18 3.90
N LEU B 217 -4.59 35.83 4.96
CA LEU B 217 -5.45 36.67 5.78
C LEU B 217 -5.87 37.93 5.04
N ARG B 218 -4.99 38.48 4.18
CA ARG B 218 -5.37 39.65 3.39
C ARG B 218 -6.44 39.30 2.36
N VAL B 219 -6.34 38.12 1.74
CA VAL B 219 -7.37 37.71 0.79
C VAL B 219 -8.60 37.18 1.51
N ALA B 220 -8.48 36.77 2.78
CA ALA B 220 -9.67 36.46 3.56
C ALA B 220 -10.51 37.72 3.78
N MET B 221 -9.86 38.86 3.91
CA MET B 221 -10.59 40.12 4.06
C MET B 221 -11.29 40.50 2.76
N ALA B 222 -10.69 40.20 1.61
CA ALA B 222 -11.36 40.43 0.33
C ALA B 222 -12.62 39.61 0.19
N ASP B 223 -12.72 38.48 0.90
CA ASP B 223 -13.99 37.76 0.97
C ASP B 223 -15.00 38.53 1.80
N LEU B 224 -14.58 39.01 2.99
CA LEU B 224 -15.48 39.80 3.83
C LEU B 224 -16.09 40.94 3.04
N ASP B 225 -15.28 41.62 2.21
CA ASP B 225 -15.81 42.69 1.37
C ASP B 225 -16.95 42.19 0.50
N GLY B 226 -16.71 41.12 -0.26
CA GLY B 226 -17.76 40.57 -1.09
C GLY B 226 -19.01 40.25 -0.30
N SER B 227 -18.85 39.68 0.89
CA SER B 227 -20.01 39.32 1.70
C SER B 227 -20.77 40.55 2.19
N MET B 228 -20.06 41.65 2.45
CA MET B 228 -20.75 42.86 2.91
C MET B 228 -21.53 43.52 1.78
N LEU B 229 -20.86 43.89 0.69
CA LEU B 229 -21.56 44.50 -0.44
C LEU B 229 -22.61 43.57 -1.02
N ALA B 230 -22.48 42.26 -0.81
CA ALA B 230 -23.52 41.34 -1.28
C ALA B 230 -24.76 41.42 -0.42
N THR B 231 -24.58 41.36 0.91
CA THR B 231 -25.74 41.40 1.81
C THR B 231 -26.47 42.73 1.71
N GLU B 232 -25.72 43.84 1.71
CA GLU B 232 -26.34 45.16 1.78
C GLU B 232 -27.11 45.46 0.50
N LEU B 233 -26.46 45.36 -0.66
CA LEU B 233 -27.15 45.66 -1.91
C LEU B 233 -28.19 44.61 -2.27
N SER B 234 -28.12 43.41 -1.67
CA SER B 234 -29.21 42.45 -1.85
C SER B 234 -30.43 42.83 -1.04
N ASP B 235 -30.23 43.48 0.11
CA ASP B 235 -31.37 44.04 0.84
C ASP B 235 -32.04 45.14 0.03
N ALA B 236 -31.25 46.10 -0.46
CA ALA B 236 -31.81 47.19 -1.24
C ALA B 236 -32.51 46.68 -2.50
N LEU B 237 -32.10 45.52 -3.01
CA LEU B 237 -32.72 44.94 -4.18
C LEU B 237 -34.03 44.23 -3.86
N PHE B 238 -34.12 43.60 -2.68
CA PHE B 238 -35.22 42.71 -2.38
C PHE B 238 -35.88 42.95 -1.02
N GLY B 239 -35.27 43.73 -0.15
CA GLY B 239 -35.86 44.00 1.16
C GLY B 239 -35.08 43.38 2.31
N THR B 240 -34.83 44.18 3.34
CA THR B 240 -34.12 43.68 4.51
C THR B 240 -34.97 42.61 5.22
N PRO B 241 -34.38 41.48 5.60
CA PRO B 241 -35.14 40.48 6.36
C PRO B 241 -35.66 41.05 7.67
N GLN B 242 -36.92 40.74 7.95
CA GLN B 242 -37.56 41.03 9.22
C GLN B 242 -38.23 39.75 9.72
N PRO B 243 -38.39 39.60 11.04
CA PRO B 243 -38.82 38.31 11.60
C PRO B 243 -40.07 37.76 10.92
N VAL B 244 -39.99 36.49 10.51
CA VAL B 244 -41.07 35.83 9.79
C VAL B 244 -41.12 34.37 10.23
N VAL B 245 -42.29 33.77 10.11
CA VAL B 245 -42.49 32.36 10.44
C VAL B 245 -42.26 31.52 9.21
N SER B 246 -41.43 30.49 9.33
CA SER B 246 -41.12 29.59 8.24
C SER B 246 -41.13 28.16 8.78
N ALA B 247 -40.96 27.21 7.87
CA ALA B 247 -40.92 25.80 8.23
C ALA B 247 -39.82 25.10 7.43
N ALA B 248 -39.19 24.11 8.04
CA ALA B 248 -38.04 23.44 7.46
C ALA B 248 -38.29 21.93 7.38
N ASN B 249 -37.28 21.24 6.83
CA ASN B 249 -37.21 19.78 6.69
C ASN B 249 -38.04 19.26 5.50
N LEU B 250 -37.85 17.97 5.19
CA LEU B 250 -38.41 17.38 3.97
C LEU B 250 -39.93 17.42 3.92
N GLY B 251 -40.59 17.69 5.05
CA GLY B 251 -42.05 17.62 5.08
C GLY B 251 -42.75 18.71 4.30
N VAL B 252 -42.03 19.76 3.91
CA VAL B 252 -42.66 20.96 3.35
C VAL B 252 -43.05 20.73 1.90
N MET B 253 -42.86 19.52 1.39
CA MET B 253 -43.25 19.18 0.04
C MET B 253 -44.71 18.73 0.03
N LYS B 254 -45.55 19.45 -0.71
CA LYS B 254 -46.95 19.12 -0.84
C LYS B 254 -47.16 18.18 -2.03
N ARG B 255 -47.87 17.07 -1.81
CA ARG B 255 -48.19 16.18 -2.91
C ARG B 255 -49.14 16.86 -3.88
N GLY B 256 -50.11 17.62 -3.37
CA GLY B 256 -51.06 18.32 -4.20
C GLY B 256 -50.55 19.57 -4.87
N ALA B 257 -49.24 19.84 -4.80
CA ALA B 257 -48.65 21.02 -5.39
C ALA B 257 -47.55 20.64 -6.36
N VAL B 258 -47.22 21.57 -7.25
CA VAL B 258 -46.01 21.45 -8.05
C VAL B 258 -44.84 21.90 -7.18
N ASN B 259 -43.92 20.99 -6.90
CA ASN B 259 -42.82 21.24 -5.98
C ASN B 259 -41.58 21.63 -6.77
N ILE B 260 -41.09 22.85 -6.53
CA ILE B 260 -39.96 23.41 -7.25
C ILE B 260 -38.88 23.74 -6.23
N ALA B 261 -37.76 23.05 -6.29
CA ALA B 261 -36.65 23.30 -5.38
C ALA B 261 -35.68 24.29 -5.99
N VAL B 262 -35.40 25.36 -5.27
CA VAL B 262 -34.43 26.36 -5.69
C VAL B 262 -33.16 26.15 -4.87
N ASN B 263 -32.08 25.74 -5.54
CA ASN B 263 -30.81 25.44 -4.88
C ASN B 263 -29.71 26.24 -5.54
N GLY B 264 -28.73 26.65 -4.74
CA GLY B 264 -27.68 27.52 -5.23
C GLY B 264 -27.35 28.66 -4.28
N HIS B 265 -27.26 29.89 -4.78
CA HIS B 265 -26.78 30.98 -3.93
C HIS B 265 -27.35 32.35 -4.25
N ASN B 266 -27.62 32.64 -5.52
CA ASN B 266 -27.97 34.01 -5.93
C ASN B 266 -29.46 34.22 -5.83
N PRO B 267 -29.94 35.15 -4.98
CA PRO B 267 -31.39 35.41 -4.91
C PRO B 267 -31.94 36.14 -6.13
N MET B 268 -31.09 36.60 -7.04
CA MET B 268 -31.58 37.26 -8.25
C MET B 268 -32.46 36.33 -9.07
N LEU B 269 -32.22 35.01 -8.99
CA LEU B 269 -33.11 34.05 -9.61
C LEU B 269 -34.31 33.74 -8.72
N SER B 270 -34.04 33.37 -7.47
CA SER B 270 -35.10 32.85 -6.61
C SER B 270 -36.15 33.90 -6.30
N ASP B 271 -35.73 35.10 -5.90
CA ASP B 271 -36.68 36.15 -5.57
C ASP B 271 -37.59 36.48 -6.75
N ILE B 272 -37.12 36.25 -7.98
CA ILE B 272 -37.97 36.41 -9.14
C ILE B 272 -38.89 35.19 -9.30
N ILE B 273 -38.36 34.00 -9.08
CA ILE B 273 -39.18 32.78 -9.14
C ILE B 273 -40.30 32.83 -8.12
N CYS B 274 -40.05 33.43 -6.96
CA CYS B 274 -41.10 33.59 -5.95
C CYS B 274 -42.27 34.40 -6.50
N ASP B 275 -41.98 35.53 -7.12
CA ASP B 275 -43.04 36.43 -7.59
C ASP B 275 -43.81 35.81 -8.76
N VAL B 276 -43.10 35.16 -9.67
CA VAL B 276 -43.79 34.52 -10.81
C VAL B 276 -44.63 33.34 -10.33
N ALA B 277 -44.16 32.63 -9.31
CA ALA B 277 -44.94 31.53 -8.75
C ALA B 277 -46.31 31.97 -8.26
N ALA B 278 -46.47 33.25 -7.91
CA ALA B 278 -47.77 33.75 -7.47
C ALA B 278 -48.75 33.86 -8.63
N ASP B 279 -48.37 34.60 -9.68
CA ASP B 279 -49.26 34.79 -10.82
C ASP B 279 -49.53 33.50 -11.57
N LEU B 280 -48.64 32.51 -11.46
CA LEU B 280 -48.76 31.26 -12.20
C LEU B 280 -49.51 30.18 -11.42
N ARG B 281 -50.15 30.53 -10.30
CA ARG B 281 -50.85 29.52 -9.52
C ARG B 281 -51.96 28.86 -10.32
N ASP B 282 -52.73 29.66 -11.08
CA ASP B 282 -53.89 29.12 -11.78
C ASP B 282 -53.48 28.08 -12.82
N GLU B 283 -52.31 28.24 -13.44
CA GLU B 283 -51.84 27.23 -14.38
C GLU B 283 -51.45 25.94 -13.67
N ALA B 284 -50.97 26.05 -12.42
CA ALA B 284 -50.70 24.86 -11.63
C ALA B 284 -51.98 24.10 -11.32
N ILE B 285 -53.01 24.83 -10.91
CA ILE B 285 -54.30 24.20 -10.61
C ILE B 285 -54.88 23.56 -11.86
N ALA B 286 -54.76 24.26 -13.01
CA ALA B 286 -55.30 23.74 -14.26
C ALA B 286 -54.66 22.40 -14.63
N ALA B 287 -53.34 22.32 -14.52
CA ALA B 287 -52.63 21.09 -14.86
C ALA B 287 -52.95 19.94 -13.89
N GLY B 288 -53.65 20.22 -12.80
CA GLY B 288 -54.04 19.21 -11.86
C GLY B 288 -53.36 19.25 -10.50
N ALA B 289 -52.70 20.36 -10.15
CA ALA B 289 -52.08 20.53 -8.84
C ALA B 289 -53.02 21.38 -7.98
N ALA B 290 -53.73 20.73 -7.07
CA ALA B 290 -54.78 21.42 -6.32
C ALA B 290 -54.22 22.53 -5.45
N GLU B 291 -52.96 22.42 -5.01
CA GLU B 291 -52.37 23.37 -4.08
C GLU B 291 -51.45 24.37 -4.77
N GLY B 292 -51.63 24.61 -6.06
CA GLY B 292 -50.76 25.54 -6.76
C GLY B 292 -49.33 25.02 -6.86
N ILE B 293 -48.41 25.94 -7.10
CA ILE B 293 -46.98 25.62 -7.11
C ILE B 293 -46.39 25.99 -5.75
N ASN B 294 -45.65 25.06 -5.17
CA ASN B 294 -45.03 25.23 -3.86
C ASN B 294 -43.52 25.17 -4.07
N ILE B 295 -42.87 26.33 -4.07
CA ILE B 295 -41.43 26.39 -4.24
C ILE B 295 -40.77 26.24 -2.88
N ILE B 296 -39.71 25.42 -2.84
CA ILE B 296 -38.99 25.12 -1.61
C ILE B 296 -37.53 25.47 -1.82
N GLY B 297 -36.85 25.73 -0.71
CA GLY B 297 -35.47 26.23 -0.74
C GLY B 297 -34.48 25.18 -0.31
N ILE B 298 -33.37 25.10 -1.03
CA ILE B 298 -32.21 24.30 -0.63
C ILE B 298 -31.02 25.24 -0.53
N CYS B 299 -30.25 25.08 0.55
CA CYS B 299 -28.98 25.79 0.72
C CYS B 299 -29.24 27.30 0.81
N CYS B 300 -28.23 28.11 0.47
CA CYS B 300 -28.22 29.50 0.88
C CYS B 300 -29.23 30.34 0.11
N THR B 301 -29.47 30.05 -1.17
CA THR B 301 -30.56 30.73 -1.86
C THR B 301 -31.90 30.38 -1.23
N GLY B 302 -32.03 29.15 -0.72
CA GLY B 302 -33.22 28.79 0.04
C GLY B 302 -33.33 29.57 1.33
N HIS B 303 -32.19 29.95 1.91
CA HIS B 303 -32.22 30.80 3.09
C HIS B 303 -32.58 32.24 2.74
N GLU B 304 -32.09 32.73 1.59
CA GLU B 304 -32.39 34.10 1.17
C GLU B 304 -33.89 34.33 1.12
N VAL B 305 -34.62 33.45 0.43
CA VAL B 305 -36.06 33.59 0.32
C VAL B 305 -36.80 33.07 1.55
N MET B 306 -36.12 32.27 2.40
CA MET B 306 -36.66 31.98 3.72
C MET B 306 -36.55 33.20 4.62
N MET B 307 -35.37 33.83 4.62
CA MET B 307 -35.15 35.06 5.36
C MET B 307 -36.20 36.12 5.01
N ARG B 308 -36.44 36.30 3.72
CA ARG B 308 -37.17 37.48 3.22
C ARG B 308 -38.66 37.22 3.06
N HIS B 309 -39.02 36.19 2.29
CA HIS B 309 -40.41 35.91 1.97
C HIS B 309 -41.00 34.77 2.79
N GLY B 310 -40.19 34.11 3.61
CA GLY B 310 -40.67 33.00 4.41
C GLY B 310 -40.84 31.70 3.67
N VAL B 311 -40.30 31.59 2.45
CA VAL B 311 -40.42 30.34 1.69
C VAL B 311 -39.76 29.21 2.46
N PRO B 312 -40.40 28.04 2.56
CA PRO B 312 -39.84 26.97 3.40
C PRO B 312 -38.49 26.48 2.89
N LEU B 313 -37.70 25.94 3.80
CA LEU B 313 -36.39 25.38 3.50
C LEU B 313 -36.50 23.85 3.53
N ALA B 314 -36.31 23.22 2.37
CA ALA B 314 -36.43 21.77 2.30
C ALA B 314 -35.31 21.09 3.08
N THR B 315 -34.06 21.37 2.71
CA THR B 315 -32.92 20.79 3.40
C THR B 315 -31.71 21.68 3.18
N ASN B 316 -30.61 21.34 3.87
CA ASN B 316 -29.36 22.04 3.65
C ASN B 316 -28.52 21.32 2.60
N TYR B 317 -27.21 21.19 2.85
CA TYR B 317 -26.31 20.75 1.80
C TYR B 317 -26.33 19.25 1.60
N LEU B 318 -25.95 18.49 2.63
CA LEU B 318 -25.65 17.06 2.44
C LEU B 318 -26.88 16.28 1.99
N SER B 319 -28.05 16.62 2.52
CA SER B 319 -29.29 15.91 2.20
C SER B 319 -30.04 16.56 1.03
N GLN B 320 -29.32 17.11 0.05
CA GLN B 320 -29.98 17.84 -1.04
C GLN B 320 -30.44 16.92 -2.16
N GLU B 321 -29.92 15.70 -2.24
CA GLU B 321 -30.42 14.75 -3.22
C GLU B 321 -31.73 14.10 -2.79
N LEU B 322 -32.02 14.09 -1.50
CA LEU B 322 -33.15 13.39 -0.91
C LEU B 322 -34.51 13.95 -1.35
N PRO B 323 -34.65 15.24 -1.65
CA PRO B 323 -35.93 15.69 -2.23
C PRO B 323 -36.34 14.94 -3.48
N ILE B 324 -35.39 14.60 -4.37
CA ILE B 324 -35.74 13.80 -5.54
C ILE B 324 -36.19 12.40 -5.12
N LEU B 325 -35.72 11.93 -3.97
CA LEU B 325 -36.09 10.60 -3.49
C LEU B 325 -37.55 10.51 -3.06
N THR B 326 -38.19 11.65 -2.76
CA THR B 326 -39.60 11.58 -2.40
C THR B 326 -40.50 11.35 -3.61
N GLY B 327 -39.95 11.31 -4.82
CA GLY B 327 -40.76 11.12 -6.01
C GLY B 327 -41.75 12.23 -6.27
N ALA B 328 -41.52 13.42 -5.72
CA ALA B 328 -42.47 14.52 -5.88
C ALA B 328 -41.77 15.87 -6.00
N LEU B 329 -40.53 15.89 -6.48
CA LEU B 329 -39.84 17.12 -6.84
C LEU B 329 -39.96 17.28 -8.35
N GLU B 330 -40.72 18.28 -8.78
CA GLU B 330 -40.99 18.44 -10.20
C GLU B 330 -39.79 19.02 -10.93
N ALA B 331 -39.10 19.96 -10.31
CA ALA B 331 -37.88 20.52 -10.88
C ALA B 331 -37.05 21.13 -9.77
N MET B 332 -35.75 20.93 -9.83
CA MET B 332 -34.82 21.62 -8.94
C MET B 332 -34.04 22.62 -9.77
N VAL B 333 -34.24 23.91 -9.50
CA VAL B 333 -33.64 24.99 -10.26
C VAL B 333 -32.37 25.41 -9.53
N VAL B 334 -31.23 25.23 -10.19
CA VAL B 334 -29.93 25.55 -9.61
C VAL B 334 -29.34 26.75 -10.33
N ASP B 335 -28.39 27.40 -9.66
CA ASP B 335 -27.60 28.42 -10.33
C ASP B 335 -26.11 28.19 -10.10
N VAL B 336 -25.57 28.54 -8.92
CA VAL B 336 -24.15 28.37 -8.66
C VAL B 336 -23.91 27.86 -7.24
N GLN B 337 -22.86 27.05 -7.11
CA GLN B 337 -22.19 26.75 -5.84
C GLN B 337 -22.97 25.83 -4.91
N CYS B 338 -22.28 24.80 -4.41
CA CYS B 338 -22.79 23.89 -3.38
C CYS B 338 -24.00 23.08 -3.86
N ILE B 339 -24.07 22.85 -5.17
CA ILE B 339 -25.05 21.96 -5.78
C ILE B 339 -24.32 20.72 -6.27
N MET B 340 -24.95 19.57 -6.14
CA MET B 340 -24.16 18.35 -6.29
C MET B 340 -24.20 17.86 -7.73
N PRO B 341 -23.05 17.54 -8.34
CA PRO B 341 -23.06 17.05 -9.73
C PRO B 341 -23.74 15.70 -9.92
N SER B 342 -24.14 15.03 -8.84
CA SER B 342 -24.83 13.75 -8.92
C SER B 342 -26.30 13.89 -9.24
N LEU B 343 -26.82 15.11 -9.34
CA LEU B 343 -28.25 15.37 -9.34
C LEU B 343 -28.91 15.04 -10.69
N PRO B 344 -28.27 15.30 -11.84
CA PRO B 344 -28.85 14.78 -13.09
C PRO B 344 -28.94 13.27 -13.12
N ARG B 345 -27.99 12.57 -12.50
CA ARG B 345 -28.05 11.11 -12.44
C ARG B 345 -29.24 10.64 -11.61
N ILE B 346 -29.37 11.18 -10.39
CA ILE B 346 -30.41 10.72 -9.47
C ILE B 346 -31.80 11.06 -9.98
N ALA B 347 -31.95 12.22 -10.64
CA ALA B 347 -33.25 12.63 -11.16
C ALA B 347 -33.66 11.86 -12.40
N GLU B 348 -32.77 11.09 -13.01
CA GLU B 348 -33.14 10.30 -14.18
C GLU B 348 -33.98 9.09 -13.79
N CYS B 349 -33.83 8.61 -12.55
CA CYS B 349 -34.70 7.54 -12.07
C CYS B 349 -36.14 8.00 -11.92
N PHE B 350 -36.37 9.31 -11.82
CA PHE B 350 -37.71 9.85 -11.69
C PHE B 350 -38.09 10.71 -12.88
N HIS B 351 -38.94 11.70 -12.62
CA HIS B 351 -39.37 12.68 -13.61
C HIS B 351 -38.74 14.04 -13.38
N THR B 352 -37.92 14.19 -12.33
CA THR B 352 -37.44 15.50 -11.91
C THR B 352 -36.56 16.13 -12.97
N GLN B 353 -36.66 17.46 -13.08
CA GLN B 353 -35.88 18.25 -14.04
C GLN B 353 -34.90 19.11 -13.26
N ILE B 354 -33.64 18.68 -13.20
CA ILE B 354 -32.59 19.52 -12.64
C ILE B 354 -32.21 20.54 -13.69
N ILE B 355 -32.44 21.82 -13.39
CA ILE B 355 -32.33 22.89 -14.39
C ILE B 355 -31.20 23.82 -13.98
N THR B 356 -30.11 23.79 -14.73
CA THR B 356 -29.01 24.74 -14.55
C THR B 356 -29.31 26.04 -15.28
N THR B 357 -28.68 27.12 -14.81
CA THR B 357 -29.01 28.44 -15.33
C THR B 357 -27.79 29.29 -15.66
N ASP B 358 -26.69 29.12 -14.93
CA ASP B 358 -25.59 30.07 -15.02
C ASP B 358 -24.63 29.73 -16.15
N LYS B 359 -24.03 30.79 -16.71
CA LYS B 359 -23.03 30.65 -17.78
C LYS B 359 -21.84 29.82 -17.32
N HIS B 360 -21.50 29.87 -16.04
CA HIS B 360 -20.31 29.25 -15.49
C HIS B 360 -20.67 28.17 -14.49
N ASN B 361 -21.74 27.43 -14.77
CA ASN B 361 -22.22 26.41 -13.85
C ASN B 361 -23.19 25.44 -14.52
N LYS B 362 -22.67 24.61 -15.42
CA LYS B 362 -23.45 23.57 -16.07
C LYS B 362 -23.07 22.22 -15.50
N ILE B 363 -24.06 21.37 -15.27
CA ILE B 363 -23.86 19.99 -14.84
C ILE B 363 -24.22 19.09 -16.00
N SER B 364 -23.29 18.24 -16.40
CA SER B 364 -23.51 17.34 -17.54
C SER B 364 -24.72 16.46 -17.28
N GLY B 365 -25.72 16.55 -18.16
CA GLY B 365 -26.93 15.77 -18.03
C GLY B 365 -28.13 16.52 -17.50
N ALA B 366 -27.95 17.75 -17.04
CA ALA B 366 -29.07 18.57 -16.60
C ALA B 366 -29.69 19.27 -17.80
N THR B 367 -30.65 20.16 -17.56
CA THR B 367 -31.28 20.94 -18.61
C THR B 367 -30.97 22.41 -18.37
N HIS B 368 -30.31 23.03 -19.33
CA HIS B 368 -29.86 24.41 -19.21
C HIS B 368 -30.87 25.36 -19.84
N VAL B 369 -31.49 26.20 -19.03
CA VAL B 369 -32.21 27.37 -19.50
C VAL B 369 -31.47 28.59 -18.93
N PRO B 370 -30.90 29.45 -19.77
CA PRO B 370 -30.06 30.52 -19.24
C PRO B 370 -30.89 31.69 -18.72
N PHE B 371 -30.40 32.28 -17.64
CA PHE B 371 -31.12 33.35 -16.95
C PHE B 371 -30.66 34.69 -17.51
N ASP B 372 -31.42 35.23 -18.45
CA ASP B 372 -31.20 36.60 -18.90
C ASP B 372 -31.76 37.52 -17.83
N GLU B 373 -30.88 38.08 -17.00
CA GLU B 373 -31.29 39.03 -15.98
C GLU B 373 -32.18 40.12 -16.56
N HIS B 374 -31.89 40.53 -17.80
CA HIS B 374 -32.71 41.53 -18.47
C HIS B 374 -34.11 41.00 -18.77
N LYS B 375 -34.21 39.76 -19.22
CA LYS B 375 -35.50 39.10 -19.45
C LYS B 375 -35.81 38.13 -18.32
N ALA B 376 -35.93 38.70 -17.10
CA ALA B 376 -35.93 37.89 -15.89
C ALA B 376 -37.26 37.15 -15.69
N VAL B 377 -38.36 37.89 -15.59
CA VAL B 377 -39.64 37.27 -15.24
C VAL B 377 -40.22 36.40 -16.34
N GLU B 378 -39.73 36.53 -17.58
CA GLU B 378 -40.17 35.63 -18.63
C GLU B 378 -39.36 34.34 -18.66
N THR B 379 -38.09 34.39 -18.26
CA THR B 379 -37.32 33.16 -18.07
C THR B 379 -37.87 32.37 -16.91
N ALA B 380 -38.34 33.05 -15.86
CA ALA B 380 -38.99 32.37 -14.75
C ALA B 380 -40.20 31.57 -15.22
N LYS B 381 -41.11 32.23 -15.93
CA LYS B 381 -42.30 31.54 -16.46
C LYS B 381 -41.91 30.28 -17.21
N THR B 382 -40.92 30.38 -18.11
CA THR B 382 -40.44 29.21 -18.83
C THR B 382 -40.03 28.10 -17.88
N ILE B 383 -39.31 28.45 -16.81
CA ILE B 383 -38.88 27.46 -15.83
C ILE B 383 -40.09 26.83 -15.15
N ILE B 384 -41.03 27.66 -14.68
CA ILE B 384 -42.18 27.13 -13.96
C ILE B 384 -43.10 26.37 -14.90
N ARG B 385 -43.21 26.82 -16.15
CA ARG B 385 -43.99 26.07 -17.14
C ARG B 385 -43.44 24.66 -17.31
N MET B 386 -42.12 24.50 -17.34
CA MET B 386 -41.52 23.18 -17.46
C MET B 386 -41.89 22.30 -16.26
N ALA B 387 -41.80 22.86 -15.05
CA ALA B 387 -42.11 22.08 -13.86
C ALA B 387 -43.60 21.77 -13.76
N ILE B 388 -44.45 22.66 -14.27
CA ILE B 388 -45.87 22.33 -14.40
C ILE B 388 -46.04 21.12 -15.32
N ALA B 389 -45.22 21.05 -16.38
CA ALA B 389 -45.26 19.93 -17.30
C ALA B 389 -44.53 18.70 -16.77
N ALA B 390 -43.61 18.88 -15.81
CA ALA B 390 -43.05 17.72 -15.13
C ALA B 390 -44.07 17.08 -14.22
N PHE B 391 -44.93 17.90 -13.60
CA PHE B 391 -46.06 17.40 -12.83
C PHE B 391 -46.95 16.49 -13.66
N GLY B 392 -47.05 16.76 -14.97
CA GLY B 392 -47.82 15.89 -15.84
C GLY B 392 -47.28 14.47 -15.91
N ARG B 393 -45.96 14.32 -15.81
CA ARG B 393 -45.31 13.01 -15.85
C ARG B 393 -44.88 12.53 -14.47
N ARG B 394 -45.56 12.95 -13.42
CA ARG B 394 -45.21 12.51 -12.07
C ARG B 394 -45.86 11.15 -11.79
N ASP B 395 -45.04 10.18 -11.43
CA ASP B 395 -45.55 8.87 -11.03
C ASP B 395 -46.21 9.01 -9.66
N PRO B 396 -47.51 8.72 -9.53
CA PRO B 396 -48.21 9.04 -8.28
C PRO B 396 -48.07 7.98 -7.20
N ASN B 397 -47.77 6.74 -7.58
CA ASN B 397 -47.55 5.66 -6.62
C ASN B 397 -46.10 5.56 -6.17
N ARG B 398 -45.29 6.56 -6.47
CA ARG B 398 -43.90 6.62 -6.03
C ARG B 398 -43.63 7.78 -5.09
N VAL B 399 -44.66 8.58 -4.75
CA VAL B 399 -44.48 9.70 -3.84
C VAL B 399 -44.35 9.18 -2.41
N ALA B 400 -43.42 9.74 -1.66
CA ALA B 400 -43.13 9.28 -0.31
C ALA B 400 -42.52 10.42 0.51
N ILE B 401 -43.25 11.53 0.62
CA ILE B 401 -42.77 12.69 1.36
C ILE B 401 -42.82 12.40 2.86
N PRO B 402 -41.70 12.49 3.57
CA PRO B 402 -41.73 12.37 5.03
C PRO B 402 -42.58 13.49 5.64
N ALA B 403 -43.16 13.21 6.80
CA ALA B 403 -44.03 14.16 7.48
C ALA B 403 -43.27 14.84 8.63
N PHE B 404 -42.22 15.58 8.26
CA PHE B 404 -41.25 16.07 9.23
C PHE B 404 -41.25 17.58 9.42
N LYS B 405 -41.91 18.33 8.53
CA LYS B 405 -42.06 19.78 8.60
C LYS B 405 -41.94 20.37 10.01
N GLN B 406 -40.85 21.10 10.26
CA GLN B 406 -40.61 21.73 11.56
C GLN B 406 -40.60 23.23 11.38
N LYS B 407 -41.35 23.94 12.22
CA LYS B 407 -41.49 25.38 12.09
C LYS B 407 -40.30 26.10 12.72
N SER B 408 -40.11 27.35 12.31
CA SER B 408 -38.95 28.14 12.72
C SER B 408 -39.23 29.61 12.46
N ILE B 409 -38.88 30.46 13.42
CA ILE B 409 -38.97 31.90 13.25
C ILE B 409 -37.63 32.39 12.73
N VAL B 410 -37.62 32.85 11.49
CA VAL B 410 -36.39 33.30 10.84
C VAL B 410 -36.55 34.76 10.40
N GLY B 411 -35.54 35.30 9.72
CA GLY B 411 -35.61 36.67 9.26
C GLY B 411 -35.02 37.65 10.24
N PHE B 412 -33.93 37.27 10.90
CA PHE B 412 -33.35 38.09 11.96
C PHE B 412 -32.09 38.80 11.45
N SER B 413 -32.32 39.73 10.54
CA SER B 413 -31.25 40.58 10.06
C SER B 413 -30.71 41.44 11.21
N ALA B 414 -29.51 41.97 11.01
CA ALA B 414 -28.93 42.86 12.01
C ALA B 414 -29.80 44.09 12.23
N GLU B 415 -30.48 44.55 11.17
CA GLU B 415 -31.39 45.68 11.30
C GLU B 415 -32.58 45.33 12.20
N ALA B 416 -33.17 44.15 11.98
CA ALA B 416 -34.35 43.77 12.73
C ALA B 416 -34.02 43.49 14.19
N VAL B 417 -32.84 42.93 14.46
CA VAL B 417 -32.45 42.63 15.84
C VAL B 417 -32.37 43.90 16.67
N VAL B 418 -31.80 44.97 16.09
CA VAL B 418 -31.73 46.25 16.78
C VAL B 418 -33.10 46.94 16.83
N ALA B 419 -34.01 46.58 15.91
CA ALA B 419 -35.37 47.10 16.00
C ALA B 419 -36.11 46.50 17.18
N ALA B 420 -36.01 45.17 17.35
CA ALA B 420 -36.65 44.53 18.49
C ALA B 420 -36.07 45.01 19.81
N LEU B 421 -34.79 45.38 19.81
CA LEU B 421 -34.19 45.98 21.01
C LEU B 421 -34.78 47.35 21.30
N ALA B 422 -35.25 48.05 20.27
CA ALA B 422 -35.88 49.35 20.44
C ALA B 422 -37.32 49.25 20.92
N LYS B 423 -37.89 48.05 20.97
CA LYS B 423 -39.10 47.79 21.75
C LYS B 423 -38.79 47.60 23.22
N VAL B 424 -37.54 47.81 23.60
CA VAL B 424 -37.10 47.70 24.99
C VAL B 424 -36.50 49.04 25.42
N ASN B 425 -35.89 49.76 24.46
CA ASN B 425 -35.28 51.06 24.77
C ASN B 425 -35.03 51.76 23.43
N ALA B 426 -35.99 52.60 23.03
CA ALA B 426 -35.83 53.37 21.80
C ALA B 426 -34.72 54.41 21.90
N ASP B 427 -34.39 54.86 23.10
CA ASP B 427 -33.33 55.86 23.28
C ASP B 427 -31.97 55.26 22.92
N ASP B 428 -31.48 54.34 23.74
CA ASP B 428 -30.26 53.59 23.45
C ASP B 428 -30.63 52.15 23.15
N PRO B 429 -30.85 51.80 21.87
CA PRO B 429 -31.36 50.44 21.57
C PRO B 429 -30.39 49.34 21.93
N LEU B 430 -29.09 49.62 21.97
CA LEU B 430 -28.10 48.62 22.33
C LEU B 430 -27.88 48.54 23.83
N LYS B 431 -28.33 49.52 24.60
CA LYS B 431 -28.15 49.51 26.05
C LYS B 431 -28.66 48.25 26.74
N PRO B 432 -29.84 47.69 26.40
CA PRO B 432 -30.20 46.40 27.02
C PRO B 432 -29.20 45.31 26.70
N LEU B 433 -28.74 45.23 25.46
CA LEU B 433 -27.75 44.23 25.08
C LEU B 433 -26.44 44.44 25.83
N VAL B 434 -25.95 45.67 25.85
CA VAL B 434 -24.69 45.96 26.55
C VAL B 434 -24.83 45.67 28.03
N ASP B 435 -25.89 46.20 28.66
CA ASP B 435 -26.07 46.00 30.10
C ASP B 435 -26.21 44.53 30.46
N ASN B 436 -27.01 43.79 29.68
CA ASN B 436 -27.20 42.37 29.97
C ASN B 436 -25.93 41.56 29.74
N VAL B 437 -24.90 42.15 29.12
CA VAL B 437 -23.62 41.47 28.98
C VAL B 437 -22.69 41.80 30.14
N VAL B 438 -22.65 43.05 30.59
CA VAL B 438 -21.76 43.38 31.70
C VAL B 438 -22.22 42.73 33.01
N ASN B 439 -23.47 42.29 33.10
CA ASN B 439 -23.95 41.65 34.31
C ASN B 439 -23.95 40.12 34.23
N GLY B 440 -23.95 39.55 33.02
CA GLY B 440 -23.74 38.12 32.87
C GLY B 440 -24.94 37.31 32.44
N ASN B 441 -26.12 37.92 32.29
CA ASN B 441 -27.25 37.19 31.71
C ASN B 441 -26.86 36.59 30.36
N ILE B 442 -26.15 37.35 29.55
CA ILE B 442 -25.51 36.86 28.34
C ILE B 442 -24.02 36.80 28.62
N GLN B 443 -23.48 35.58 28.73
CA GLN B 443 -22.04 35.44 28.93
C GLN B 443 -21.28 35.75 27.66
N GLY B 444 -21.88 35.51 26.50
CA GLY B 444 -21.21 35.79 25.25
C GLY B 444 -22.12 35.50 24.08
N ILE B 445 -21.52 35.49 22.88
CA ILE B 445 -22.24 35.22 21.65
C ILE B 445 -21.41 34.25 20.82
N VAL B 446 -22.04 33.18 20.34
CA VAL B 446 -21.44 32.28 19.37
C VAL B 446 -22.19 32.41 18.05
N LEU B 447 -21.45 32.42 16.95
CA LEU B 447 -22.01 32.46 15.62
C LEU B 447 -21.64 31.15 14.92
N PHE B 448 -22.65 30.33 14.67
CA PHE B 448 -22.44 29.04 14.02
C PHE B 448 -22.48 29.22 12.51
N VAL B 449 -21.38 28.89 11.85
CA VAL B 449 -21.20 29.10 10.41
C VAL B 449 -20.78 27.79 9.78
N GLY B 450 -20.83 27.76 8.45
CA GLY B 450 -20.27 26.65 7.71
C GLY B 450 -21.31 25.70 7.17
N CYS B 451 -20.81 24.72 6.42
CA CYS B 451 -21.64 23.84 5.61
C CYS B 451 -21.94 22.52 6.30
N ASN B 452 -21.86 21.43 5.54
CA ASN B 452 -22.04 20.08 6.05
C ASN B 452 -20.89 19.22 5.54
N THR B 453 -20.29 18.44 6.44
CA THR B 453 -19.27 17.49 6.06
C THR B 453 -19.73 16.08 6.39
N THR B 454 -19.19 15.10 5.67
CA THR B 454 -19.51 13.70 5.95
C THR B 454 -18.67 13.13 7.08
N LYS B 455 -17.53 13.75 7.39
CA LYS B 455 -16.70 13.34 8.51
C LYS B 455 -17.25 13.83 9.85
N VAL B 456 -18.42 14.44 9.85
CA VAL B 456 -19.19 14.72 11.06
C VAL B 456 -20.62 14.30 10.79
N GLN B 457 -21.21 13.56 11.73
CA GLN B 457 -22.59 13.11 11.56
C GLN B 457 -23.50 14.31 11.35
N GLN B 458 -24.34 14.24 10.33
CA GLN B 458 -25.04 15.41 9.81
C GLN B 458 -25.92 16.06 10.88
N ASP B 459 -25.73 17.37 11.07
CA ASP B 459 -26.52 18.22 11.96
C ASP B 459 -26.22 17.99 13.44
N SER B 460 -25.49 16.93 13.77
CA SER B 460 -25.31 16.57 15.17
C SER B 460 -24.36 17.53 15.88
N ALA B 461 -23.24 17.88 15.25
CA ALA B 461 -22.26 18.74 15.91
C ALA B 461 -22.83 20.12 16.20
N TYR B 462 -23.64 20.66 15.27
CA TYR B 462 -24.28 21.94 15.50
C TYR B 462 -25.15 21.91 16.74
N VAL B 463 -26.06 20.93 16.81
CA VAL B 463 -27.03 20.87 17.90
C VAL B 463 -26.35 20.56 19.22
N ASP B 464 -25.35 19.67 19.20
CA ASP B 464 -24.55 19.42 20.40
C ASP B 464 -23.96 20.72 20.93
N LEU B 465 -23.30 21.48 20.06
CA LEU B 465 -22.63 22.70 20.47
C LEU B 465 -23.61 23.78 20.87
N ALA B 466 -24.76 23.86 20.19
CA ALA B 466 -25.70 24.95 20.42
C ALA B 466 -26.25 24.91 21.84
N LYS B 467 -26.90 23.80 22.21
CA LYS B 467 -27.53 23.72 23.52
C LYS B 467 -26.51 23.71 24.64
N SER B 468 -25.33 23.15 24.41
CA SER B 468 -24.28 23.17 25.43
C SER B 468 -23.86 24.60 25.74
N LEU B 469 -23.69 25.41 24.71
CA LEU B 469 -23.30 26.80 24.91
C LEU B 469 -24.47 27.66 25.35
N ALA B 470 -25.67 27.41 24.80
CA ALA B 470 -26.87 28.11 25.26
C ALA B 470 -27.01 28.00 26.77
N LYS B 471 -27.07 26.76 27.27
CA LYS B 471 -27.14 26.46 28.70
C LYS B 471 -26.13 27.28 29.51
N ARG B 472 -24.93 27.48 28.95
CA ARG B 472 -23.90 28.27 29.58
C ARG B 472 -24.15 29.78 29.46
N ASN B 473 -25.33 30.17 28.97
CA ASN B 473 -25.76 31.57 28.90
C ASN B 473 -24.97 32.37 27.87
N VAL B 474 -24.91 31.85 26.64
CA VAL B 474 -24.38 32.59 25.51
C VAL B 474 -25.43 32.62 24.41
N LEU B 475 -25.55 33.77 23.75
CA LEU B 475 -26.51 33.96 22.67
C LEU B 475 -25.99 33.30 21.41
N VAL B 476 -26.85 32.55 20.72
CA VAL B 476 -26.45 31.79 19.53
C VAL B 476 -27.03 32.47 18.30
N LEU B 477 -26.15 32.78 17.35
CA LEU B 477 -26.54 33.22 16.02
C LEU B 477 -26.07 32.19 15.00
N ALA B 478 -26.84 32.01 13.94
CA ALA B 478 -26.52 30.99 12.95
C ALA B 478 -26.82 31.51 11.55
N THR B 479 -26.08 30.97 10.58
CA THR B 479 -26.22 31.33 9.17
C THR B 479 -26.02 30.10 8.31
N GLY B 480 -26.45 30.21 7.05
CA GLY B 480 -26.15 29.19 6.06
C GLY B 480 -26.65 27.81 6.46
N CYS B 481 -25.85 26.80 6.14
CA CYS B 481 -26.18 25.41 6.45
C CYS B 481 -26.09 25.09 7.93
N ALA B 482 -25.71 26.05 8.77
CA ALA B 482 -25.83 25.90 10.21
C ALA B 482 -27.21 26.33 10.69
N ALA B 483 -27.66 27.50 10.25
CA ALA B 483 -29.04 27.91 10.48
C ALA B 483 -30.03 26.92 9.89
N GLY B 484 -29.67 26.31 8.75
CA GLY B 484 -30.49 25.25 8.20
C GLY B 484 -30.53 24.01 9.06
N ALA B 485 -29.42 23.70 9.74
CA ALA B 485 -29.40 22.54 10.63
C ALA B 485 -30.13 22.82 11.94
N PHE B 486 -30.19 24.09 12.36
CA PHE B 486 -31.00 24.44 13.52
C PHE B 486 -32.46 24.67 13.16
N ALA B 487 -32.73 25.09 11.92
CA ALA B 487 -34.10 25.33 11.45
C ALA B 487 -34.93 24.08 11.66
N LYS B 488 -34.68 23.05 10.85
CA LYS B 488 -35.09 21.71 11.25
C LYS B 488 -34.44 21.37 12.57
N ALA B 489 -35.10 20.48 13.33
CA ALA B 489 -34.78 20.21 14.74
C ALA B 489 -35.11 21.38 15.65
N GLY B 490 -35.96 22.30 15.17
CA GLY B 490 -36.66 23.27 15.99
C GLY B 490 -35.90 24.05 17.05
N LEU B 491 -34.61 24.27 16.87
CA LEU B 491 -33.94 25.21 17.78
C LEU B 491 -34.24 26.65 17.41
N MET B 492 -34.97 26.88 16.32
CA MET B 492 -35.38 28.21 15.88
C MET B 492 -36.80 28.52 16.32
N THR B 493 -37.15 28.19 17.55
CA THR B 493 -38.48 28.41 18.08
C THR B 493 -38.39 29.09 19.43
N SER B 494 -39.44 29.85 19.76
CA SER B 494 -39.54 30.41 21.11
C SER B 494 -39.55 29.31 22.16
N GLU B 495 -40.09 28.14 21.82
CA GLU B 495 -40.13 27.03 22.76
C GLU B 495 -38.74 26.48 23.02
N ALA B 496 -37.88 26.43 21.99
CA ALA B 496 -36.52 25.98 22.17
C ALA B 496 -35.75 26.86 23.14
N THR B 497 -36.17 28.11 23.31
CA THR B 497 -35.50 28.99 24.27
C THR B 497 -35.88 28.61 25.70
N THR B 498 -37.15 28.36 25.98
CA THR B 498 -37.54 28.01 27.33
C THR B 498 -36.95 26.67 27.77
N GLN B 499 -36.69 25.77 26.83
CA GLN B 499 -36.29 24.42 27.20
C GLN B 499 -34.78 24.28 27.46
N TYR B 500 -33.95 25.02 26.72
CA TYR B 500 -32.51 24.82 26.79
C TYR B 500 -31.68 26.05 27.12
N ALA B 501 -32.28 27.24 27.21
CA ALA B 501 -31.47 28.46 27.20
C ALA B 501 -30.61 28.59 28.45
N GLY B 502 -31.19 28.33 29.63
CA GLY B 502 -30.50 28.63 30.86
C GLY B 502 -30.93 29.99 31.36
N GLU B 503 -30.98 30.20 32.67
CA GLU B 503 -31.80 31.25 33.27
C GLU B 503 -31.42 32.64 32.75
N GLY B 504 -30.20 33.08 33.05
CA GLY B 504 -29.79 34.42 32.66
C GLY B 504 -29.98 34.69 31.18
N LEU B 505 -29.57 33.75 30.33
CA LEU B 505 -29.78 33.89 28.90
C LEU B 505 -31.27 33.88 28.56
N LYS B 506 -32.05 33.04 29.24
CA LYS B 506 -33.47 32.93 28.94
C LYS B 506 -34.24 34.15 29.42
N GLY B 507 -33.80 34.76 30.52
CA GLY B 507 -34.48 35.94 31.02
C GLY B 507 -34.48 37.08 30.02
N VAL B 508 -33.32 37.37 29.44
CA VAL B 508 -33.24 38.42 28.43
C VAL B 508 -33.99 37.99 27.16
N LEU B 509 -33.70 36.78 26.66
CA LEU B 509 -34.27 36.34 25.38
C LEU B 509 -35.78 36.46 25.36
N SER B 510 -36.44 36.23 26.51
CA SER B 510 -37.88 36.36 26.59
C SER B 510 -38.35 37.80 26.76
N ALA B 511 -37.48 38.68 27.26
CA ALA B 511 -37.84 40.09 27.38
C ALA B 511 -38.03 40.72 26.01
N ILE B 512 -37.00 40.66 25.16
CA ILE B 512 -37.14 41.17 23.80
C ILE B 512 -38.17 40.37 23.02
N GLY B 513 -38.26 39.06 23.31
CA GLY B 513 -39.20 38.22 22.59
C GLY B 513 -40.64 38.66 22.74
N THR B 514 -40.99 39.25 23.89
CA THR B 514 -42.33 39.77 24.08
C THR B 514 -42.44 41.26 23.84
N ALA B 515 -41.33 42.00 23.90
CA ALA B 515 -41.32 43.40 23.52
C ALA B 515 -41.80 43.52 22.08
N ALA B 516 -41.02 42.99 21.14
CA ALA B 516 -41.52 42.78 19.79
C ALA B 516 -42.54 41.65 19.81
N GLY B 517 -43.68 41.85 19.16
CA GLY B 517 -44.78 40.90 19.24
C GLY B 517 -44.52 39.56 18.60
N LEU B 518 -43.88 38.64 19.35
CA LEU B 518 -43.59 37.30 18.85
C LEU B 518 -44.63 36.29 19.31
N GLY B 519 -44.74 36.09 20.62
CA GLY B 519 -45.61 35.08 21.18
C GLY B 519 -44.93 34.40 22.35
N GLY B 520 -43.61 34.47 22.36
CA GLY B 520 -42.80 33.98 23.44
C GLY B 520 -41.46 34.68 23.43
N PRO B 521 -40.40 33.97 23.81
CA PRO B 521 -39.05 34.51 23.69
C PRO B 521 -38.58 34.49 22.23
N LEU B 522 -37.39 35.02 22.02
CA LEU B 522 -36.74 34.87 20.74
C LEU B 522 -36.22 33.43 20.61
N PRO B 523 -36.08 32.92 19.38
CA PRO B 523 -35.57 31.55 19.22
C PRO B 523 -34.16 31.42 19.77
N LEU B 524 -33.84 30.20 20.23
CA LEU B 524 -32.53 29.92 20.79
C LEU B 524 -31.42 30.37 19.86
N VAL B 525 -31.35 29.76 18.69
CA VAL B 525 -30.47 30.23 17.63
C VAL B 525 -31.22 31.28 16.81
N MET B 526 -30.47 32.07 16.04
CA MET B 526 -31.02 33.23 15.36
C MET B 526 -30.57 33.23 13.91
N HIS B 527 -31.51 33.08 12.98
CA HIS B 527 -31.19 33.06 11.57
C HIS B 527 -30.73 34.43 11.11
N MET B 528 -29.57 34.48 10.45
CA MET B 528 -29.10 35.70 9.82
C MET B 528 -28.92 35.59 8.32
N GLY B 529 -29.04 34.39 7.74
CA GLY B 529 -29.19 34.23 6.31
C GLY B 529 -28.11 33.35 5.71
N SER B 530 -27.80 33.61 4.44
CA SER B 530 -26.79 32.87 3.70
C SER B 530 -25.40 33.15 4.28
N CYS B 531 -24.38 32.52 3.68
CA CYS B 531 -23.03 32.71 4.19
C CYS B 531 -22.58 34.16 4.05
N VAL B 532 -22.97 34.82 2.95
CA VAL B 532 -22.61 36.22 2.77
C VAL B 532 -23.27 37.07 3.85
N ASP B 533 -24.45 36.67 4.31
CA ASP B 533 -25.12 37.37 5.40
C ASP B 533 -24.43 37.18 6.74
N ASN B 534 -23.32 36.45 6.78
CA ASN B 534 -22.44 36.52 7.95
C ASN B 534 -21.90 37.92 8.15
N SER B 535 -21.98 38.77 7.12
CA SER B 535 -21.67 40.19 7.28
C SER B 535 -22.65 40.89 8.20
N ARG B 536 -23.85 40.33 8.38
CA ARG B 536 -24.83 40.92 9.30
C ARG B 536 -24.31 40.88 10.73
N ALA B 537 -23.78 39.74 11.15
CA ALA B 537 -23.27 39.61 12.51
C ALA B 537 -22.09 40.53 12.75
N VAL B 538 -21.27 40.77 11.73
CA VAL B 538 -20.19 41.76 11.86
C VAL B 538 -20.77 43.15 12.07
N ALA B 539 -21.85 43.48 11.35
CA ALA B 539 -22.53 44.75 11.57
C ALA B 539 -23.11 44.84 12.97
N LEU B 540 -23.71 43.74 13.43
CA LEU B 540 -24.20 43.69 14.82
C LEU B 540 -23.06 43.91 15.80
N ALA B 541 -21.95 43.20 15.61
CA ALA B 541 -20.85 43.23 16.58
C ALA B 541 -20.04 44.51 16.52
N THR B 542 -19.86 45.08 15.32
CA THR B 542 -19.08 46.31 15.22
C THR B 542 -19.84 47.50 15.82
N ALA B 543 -21.17 47.52 15.70
CA ALA B 543 -21.95 48.55 16.36
C ALA B 543 -21.89 48.39 17.88
N LEU B 544 -21.97 47.15 18.36
CA LEU B 544 -21.75 46.89 19.77
C LEU B 544 -20.36 47.33 20.20
N ALA B 545 -19.33 46.86 19.48
CA ALA B 545 -17.95 47.22 19.80
C ALA B 545 -17.75 48.73 19.83
N ASN B 546 -18.56 49.48 19.09
CA ASN B 546 -18.44 50.92 19.06
C ASN B 546 -19.20 51.59 20.20
N LYS B 547 -20.38 51.07 20.56
CA LYS B 547 -21.10 51.56 21.72
C LYS B 547 -20.22 51.53 22.96
N LEU B 548 -19.52 50.42 23.16
CA LEU B 548 -18.55 50.29 24.25
C LEU B 548 -17.23 50.98 23.93
N GLY B 549 -17.05 51.50 22.72
CA GLY B 549 -15.80 52.13 22.33
C GLY B 549 -14.64 51.15 22.36
N VAL B 550 -14.75 50.07 21.58
CA VAL B 550 -13.81 48.97 21.66
C VAL B 550 -13.79 48.23 20.33
N ASP B 551 -13.11 47.09 20.26
CA ASP B 551 -13.03 46.29 19.05
C ASP B 551 -13.56 44.88 19.31
N LEU B 552 -13.78 44.15 18.21
CA LEU B 552 -14.32 42.80 18.31
C LEU B 552 -13.34 41.84 18.97
N SER B 553 -12.04 42.13 18.88
CA SER B 553 -11.03 41.33 19.60
C SER B 553 -11.05 41.57 21.10
N ASP B 554 -12.09 42.25 21.59
CA ASP B 554 -12.34 42.42 23.01
C ASP B 554 -13.72 41.94 23.45
N LEU B 555 -14.67 41.80 22.51
CA LEU B 555 -16.00 41.37 22.87
C LEU B 555 -16.02 39.88 23.21
N PRO B 556 -16.90 39.46 24.12
CA PRO B 556 -17.10 38.02 24.33
C PRO B 556 -17.81 37.39 23.14
N LEU B 557 -17.13 37.37 22.01
CA LEU B 557 -17.70 36.96 20.72
C LEU B 557 -16.85 35.86 20.13
N VAL B 558 -17.51 34.84 19.59
CA VAL B 558 -16.82 33.65 19.12
C VAL B 558 -17.58 33.08 17.92
N ALA B 559 -16.82 32.57 16.94
CA ALA B 559 -17.38 31.88 15.79
C ALA B 559 -17.02 30.41 15.85
N SER B 560 -17.85 29.57 15.22
CA SER B 560 -17.67 28.13 15.29
C SER B 560 -18.22 27.48 14.03
N ALA B 561 -17.38 26.72 13.34
CA ALA B 561 -17.78 25.93 12.17
C ALA B 561 -17.49 24.46 12.48
N PRO B 562 -18.43 23.76 13.14
CA PRO B 562 -18.16 22.37 13.51
C PRO B 562 -18.13 21.40 12.33
N GLU B 563 -18.82 21.72 11.23
CA GLU B 563 -18.88 20.84 10.06
C GLU B 563 -18.65 21.69 8.81
N CYS B 564 -17.40 22.04 8.54
CA CYS B 564 -17.05 22.87 7.40
C CYS B 564 -16.31 22.04 6.34
N MET B 565 -16.44 22.48 5.09
CA MET B 565 -15.84 21.78 3.97
C MET B 565 -15.39 22.73 2.86
N SER B 566 -16.24 23.71 2.54
CA SER B 566 -16.00 24.51 1.35
C SER B 566 -14.84 25.48 1.55
N GLU B 567 -14.25 25.90 0.42
CA GLU B 567 -13.24 26.95 0.46
C GLU B 567 -13.83 28.25 0.99
N LYS B 568 -15.13 28.48 0.76
CA LYS B 568 -15.80 29.60 1.39
C LYS B 568 -15.75 29.49 2.91
N ALA B 569 -16.05 28.30 3.43
CA ALA B 569 -15.96 28.08 4.88
C ALA B 569 -14.55 28.35 5.39
N LEU B 570 -13.53 28.04 4.59
CA LEU B 570 -12.16 28.35 4.99
C LEU B 570 -11.88 29.84 4.90
N ALA B 571 -12.37 30.49 3.82
CA ALA B 571 -12.19 31.93 3.69
C ALA B 571 -13.01 32.67 4.75
N ILE B 572 -14.24 32.24 4.99
CA ILE B 572 -15.08 32.87 6.02
C ILE B 572 -14.40 32.78 7.37
N GLY B 573 -13.88 31.59 7.70
CA GLY B 573 -13.25 31.40 9.00
C GLY B 573 -12.00 32.24 9.19
N SER B 574 -11.26 32.49 8.10
CA SER B 574 -9.99 33.19 8.24
C SER B 574 -10.20 34.67 8.51
N TRP B 575 -11.18 35.30 7.88
CA TRP B 575 -11.45 36.69 8.22
C TRP B 575 -12.19 36.82 9.55
N ALA B 576 -12.82 35.73 10.02
CA ALA B 576 -13.31 35.73 11.39
C ALA B 576 -12.16 35.80 12.39
N VAL B 577 -10.98 35.29 12.00
CA VAL B 577 -9.79 35.43 12.84
C VAL B 577 -9.20 36.83 12.71
N THR B 578 -9.04 37.29 11.47
CA THR B 578 -8.49 38.62 11.22
C THR B 578 -9.35 39.73 11.82
N ILE B 579 -10.63 39.46 12.06
CA ILE B 579 -11.49 40.47 12.65
C ILE B 579 -11.31 40.53 14.17
N GLY B 580 -11.00 39.40 14.79
CA GLY B 580 -10.73 39.38 16.22
C GLY B 580 -11.41 38.23 16.93
N LEU B 581 -11.93 37.28 16.17
CA LEU B 581 -12.69 36.29 16.92
C LEU B 581 -11.92 35.00 17.07
N PRO B 582 -12.02 34.36 18.24
CA PRO B 582 -11.65 32.95 18.34
C PRO B 582 -12.59 32.12 17.49
N THR B 583 -12.04 31.50 16.45
CA THR B 583 -12.84 30.81 15.44
C THR B 583 -12.61 29.31 15.57
N HIS B 584 -13.67 28.57 15.91
CA HIS B 584 -13.58 27.13 16.07
C HIS B 584 -13.82 26.43 14.74
N VAL B 585 -12.89 25.57 14.36
CA VAL B 585 -13.03 24.69 13.20
C VAL B 585 -13.20 23.28 13.70
N GLY B 586 -14.22 22.58 13.21
CA GLY B 586 -14.48 21.23 13.65
C GLY B 586 -14.27 20.18 12.59
N SER B 587 -13.42 20.48 11.60
CA SER B 587 -13.21 19.54 10.49
C SER B 587 -11.76 19.53 10.00
N VAL B 588 -10.82 20.01 10.80
CA VAL B 588 -9.36 20.03 10.57
C VAL B 588 -8.97 20.32 9.12
N PRO B 589 -8.53 21.54 8.81
CA PRO B 589 -7.96 21.83 7.49
C PRO B 589 -6.64 21.09 7.32
N PRO B 590 -6.01 21.18 6.13
CA PRO B 590 -4.70 20.52 5.94
C PRO B 590 -3.53 21.36 6.46
N VAL B 591 -3.38 21.39 7.78
CA VAL B 591 -2.29 22.10 8.43
C VAL B 591 -1.49 21.23 9.39
N ILE B 592 -2.07 20.15 9.92
CA ILE B 592 -1.44 19.36 10.98
C ILE B 592 -0.05 18.88 10.57
N GLY B 593 0.17 18.64 9.28
CA GLY B 593 1.49 18.27 8.82
C GLY B 593 2.53 19.35 9.03
N SER B 594 2.11 20.59 9.24
CA SER B 594 3.01 21.72 9.46
C SER B 594 2.78 22.27 10.87
N GLN B 595 3.71 21.98 11.78
CA GLN B 595 3.66 22.58 13.11
C GLN B 595 3.84 24.10 13.03
N ILE B 596 4.62 24.57 12.07
CA ILE B 596 4.94 26.00 11.97
C ILE B 596 3.71 26.79 11.52
N VAL B 597 2.99 26.30 10.51
CA VAL B 597 1.74 26.94 10.10
C VAL B 597 0.70 26.81 11.20
N THR B 598 0.64 25.64 11.85
CA THR B 598 -0.32 25.44 12.93
C THR B 598 -0.05 26.37 14.10
N LYS B 599 1.22 26.68 14.37
CA LYS B 599 1.55 27.71 15.34
C LYS B 599 1.07 29.08 14.86
N LEU B 600 1.17 29.33 13.55
CA LEU B 600 0.90 30.66 13.02
C LEU B 600 -0.56 31.05 13.18
N VAL B 601 -1.48 30.10 13.00
CA VAL B 601 -2.90 30.41 13.05
C VAL B 601 -3.50 30.25 14.44
N THR B 602 -2.84 29.52 15.34
CA THR B 602 -3.30 29.34 16.71
C THR B 602 -2.65 30.36 17.65
N GLU B 603 -1.34 30.27 17.82
CA GLU B 603 -0.57 31.34 18.44
C GLU B 603 -0.33 32.40 17.37
N THR B 604 0.52 33.39 17.67
CA THR B 604 0.87 34.44 16.71
C THR B 604 -0.34 35.22 16.22
N ALA B 605 -1.34 34.52 15.67
CA ALA B 605 -2.60 35.17 15.34
C ALA B 605 -3.25 35.78 16.59
N LYS B 606 -3.13 35.09 17.72
CA LYS B 606 -3.63 35.63 18.99
C LYS B 606 -3.07 37.01 19.28
N ASP B 607 -1.82 37.26 18.87
CA ASP B 607 -1.14 38.51 19.19
C ASP B 607 -1.32 39.57 18.11
N LEU B 608 -1.12 39.18 16.85
CA LEU B 608 -1.16 40.15 15.76
C LEU B 608 -2.56 40.71 15.54
N VAL B 609 -3.58 39.86 15.58
CA VAL B 609 -4.86 40.20 14.99
C VAL B 609 -6.01 39.87 15.93
N GLY B 610 -5.68 39.55 17.19
CA GLY B 610 -6.69 39.34 18.21
C GLY B 610 -7.37 38.00 18.12
N GLY B 611 -7.94 37.70 16.96
CA GLY B 611 -8.55 36.40 16.76
C GLY B 611 -7.53 35.29 16.66
N TYR B 612 -8.03 34.06 16.70
CA TYR B 612 -7.21 32.88 16.60
C TYR B 612 -8.11 31.70 16.27
N PHE B 613 -7.51 30.63 15.76
CA PHE B 613 -8.27 29.45 15.42
C PHE B 613 -8.41 28.53 16.63
N ILE B 614 -9.40 27.64 16.55
CA ILE B 614 -9.60 26.60 17.55
C ILE B 614 -10.01 25.34 16.79
N VAL B 615 -9.08 24.42 16.63
CA VAL B 615 -9.34 23.17 15.90
C VAL B 615 -9.64 22.08 16.92
N ASP B 616 -10.91 21.71 17.01
CA ASP B 616 -11.32 20.57 17.83
C ASP B 616 -12.40 19.80 17.09
N THR B 617 -12.23 18.49 17.03
CA THR B 617 -13.19 17.60 16.40
C THR B 617 -14.26 17.10 17.36
N ASP B 618 -14.14 17.42 18.64
CA ASP B 618 -15.10 16.97 19.65
C ASP B 618 -16.08 18.09 19.96
N PRO B 619 -17.37 17.93 19.68
CA PRO B 619 -18.33 19.00 20.02
C PRO B 619 -18.38 19.33 21.50
N LYS B 620 -18.09 18.37 22.37
CA LYS B 620 -18.12 18.63 23.81
C LYS B 620 -16.88 19.38 24.26
N SER B 621 -15.69 19.02 23.75
CA SER B 621 -14.48 19.69 24.15
C SER B 621 -14.27 21.00 23.39
N ALA B 622 -14.85 21.12 22.19
CA ALA B 622 -14.81 22.39 21.48
C ALA B 622 -15.63 23.44 22.22
N GLY B 623 -16.85 23.09 22.64
CA GLY B 623 -17.67 24.00 23.41
C GLY B 623 -17.08 24.35 24.75
N ASP B 624 -16.14 23.55 25.25
CA ASP B 624 -15.42 23.92 26.47
C ASP B 624 -14.38 24.98 26.17
N LYS B 625 -13.68 24.87 25.04
CA LYS B 625 -12.73 25.91 24.65
C LYS B 625 -13.44 27.19 24.24
N LEU B 626 -14.60 27.07 23.59
CA LEU B 626 -15.35 28.25 23.18
C LEU B 626 -15.81 29.05 24.39
N TYR B 627 -16.38 28.37 25.39
CA TYR B 627 -16.78 29.06 26.61
C TYR B 627 -15.56 29.61 27.34
N ALA B 628 -14.45 28.87 27.32
CA ALA B 628 -13.22 29.37 27.93
C ALA B 628 -12.72 30.62 27.20
N ALA B 629 -12.80 30.61 25.87
CA ALA B 629 -12.43 31.81 25.11
C ALA B 629 -13.31 32.99 25.47
N ILE B 630 -14.62 32.75 25.56
CA ILE B 630 -15.54 33.81 25.96
C ILE B 630 -15.23 34.29 27.37
N GLN B 631 -15.01 33.36 28.29
CA GLN B 631 -14.76 33.74 29.68
C GLN B 631 -13.42 34.46 29.82
N GLU B 632 -12.41 34.05 29.04
CA GLU B 632 -11.19 34.83 28.97
C GLU B 632 -11.47 36.22 28.39
N ARG B 633 -12.30 36.28 27.35
CA ARG B 633 -12.62 37.55 26.71
C ARG B 633 -13.32 38.49 27.69
N ARG B 634 -14.23 37.96 28.50
CA ARG B 634 -14.91 38.77 29.50
C ARG B 634 -13.92 39.34 30.51
N ALA B 635 -12.94 38.53 30.93
CA ALA B 635 -11.99 38.96 31.94
C ALA B 635 -11.28 40.24 31.54
N GLY B 636 -10.94 40.38 30.26
CA GLY B 636 -10.23 41.54 29.77
C GLY B 636 -10.96 42.87 29.94
N LEU B 637 -12.19 42.82 30.47
CA LEU B 637 -12.96 44.03 30.73
C LEU B 637 -13.25 44.18 32.22
N MET C 18 30.34 -12.45 -18.81
CA MET C 18 29.30 -11.78 -19.59
C MET C 18 29.81 -10.44 -20.12
N LEU C 19 29.25 -10.00 -21.24
CA LEU C 19 29.58 -8.69 -21.81
C LEU C 19 28.40 -7.75 -21.59
N ASN C 20 28.68 -6.60 -20.99
CA ASN C 20 27.70 -5.52 -20.92
C ASN C 20 27.87 -4.69 -22.17
N LEU C 21 27.16 -5.09 -23.23
CA LEU C 21 26.96 -4.17 -24.34
C LEU C 21 26.44 -2.85 -23.80
N ALA C 22 25.48 -2.93 -22.87
CA ALA C 22 25.13 -1.82 -21.98
C ALA C 22 24.63 -0.61 -22.74
N GLU C 23 25.53 0.34 -23.00
CA GLU C 23 25.20 1.61 -23.63
C GLU C 23 24.11 2.34 -22.87
N ALA C 24 22.88 1.80 -22.91
CA ALA C 24 21.71 2.40 -22.29
C ALA C 24 21.41 3.79 -22.82
N ASN C 25 21.85 4.09 -24.04
CA ASN C 25 21.62 5.41 -24.65
C ASN C 25 20.23 5.41 -25.27
N SER C 26 19.23 5.64 -24.42
CA SER C 26 17.83 5.80 -24.79
C SER C 26 17.18 4.52 -25.30
N ILE C 27 17.70 3.35 -24.93
CA ILE C 27 17.14 2.07 -25.36
C ILE C 27 16.83 1.25 -24.12
N GLU C 28 15.55 0.90 -23.96
CA GLU C 28 15.12 0.05 -22.86
C GLU C 28 15.39 -1.41 -23.20
N THR C 29 15.77 -2.19 -22.19
CA THR C 29 16.10 -3.60 -22.38
C THR C 29 15.45 -4.42 -21.27
N ALA C 30 15.74 -5.72 -21.28
CA ALA C 30 15.11 -6.65 -20.34
C ALA C 30 15.45 -6.31 -18.89
N TRP C 31 16.73 -6.02 -18.62
CA TRP C 31 17.12 -5.65 -17.26
C TRP C 31 16.54 -4.29 -16.87
N HIS C 32 16.47 -3.37 -17.82
CA HIS C 32 15.84 -2.08 -17.57
C HIS C 32 14.40 -2.25 -17.11
N ARG C 33 13.58 -2.88 -17.94
CA ARG C 33 12.17 -3.13 -17.61
C ARG C 33 12.02 -3.99 -16.35
N TYR C 34 13.06 -4.76 -16.00
CA TYR C 34 12.99 -5.57 -14.79
C TYR C 34 12.87 -4.70 -13.55
N GLU C 35 13.75 -3.72 -13.40
CA GLU C 35 13.74 -2.87 -12.22
C GLU C 35 12.49 -2.00 -12.16
N LYS C 36 11.98 -1.55 -13.31
CA LYS C 36 10.75 -0.78 -13.32
C LYS C 36 9.57 -1.56 -12.75
N GLN C 37 9.68 -2.88 -12.66
CA GLN C 37 8.67 -3.70 -12.03
C GLN C 37 8.88 -3.87 -10.54
N GLN C 38 10.06 -3.51 -10.02
CA GLN C 38 10.36 -3.74 -8.61
C GLN C 38 9.60 -2.76 -7.72
N PRO C 39 8.93 -3.24 -6.68
CA PRO C 39 8.80 -4.64 -6.28
C PRO C 39 7.64 -5.32 -7.01
N GLN C 40 7.76 -6.61 -7.31
CA GLN C 40 6.71 -7.33 -8.00
C GLN C 40 5.75 -7.94 -6.99
N CYS C 41 4.50 -8.15 -7.42
CA CYS C 41 3.45 -8.53 -6.48
C CYS C 41 3.78 -9.84 -5.80
N GLY C 42 3.79 -9.81 -4.45
CA GLY C 42 4.09 -11.00 -3.68
C GLY C 42 2.98 -12.02 -3.66
N PHE C 43 1.74 -11.63 -4.02
CA PHE C 43 0.64 -12.57 -4.03
C PHE C 43 0.81 -13.61 -5.13
N GLY C 44 1.01 -13.16 -6.36
CA GLY C 44 1.30 -14.07 -7.46
C GLY C 44 2.61 -14.80 -7.31
N SER C 45 3.56 -14.23 -6.58
CA SER C 45 4.82 -14.92 -6.32
C SER C 45 4.63 -16.08 -5.37
N ALA C 46 3.74 -15.93 -4.38
CA ALA C 46 3.44 -17.00 -3.45
C ALA C 46 2.42 -18.00 -4.00
N GLY C 47 1.85 -17.72 -5.17
CA GLY C 47 0.79 -18.54 -5.71
C GLY C 47 -0.57 -18.27 -5.12
N LEU C 48 -0.72 -17.21 -4.32
CA LEU C 48 -1.94 -16.93 -3.58
C LEU C 48 -2.80 -15.88 -4.28
N CYS C 49 -2.97 -15.99 -5.60
CA CYS C 49 -3.87 -15.09 -6.31
C CYS C 49 -4.37 -15.81 -7.55
N CYS C 50 -5.67 -16.04 -7.62
CA CYS C 50 -6.27 -16.66 -8.78
C CYS C 50 -7.28 -15.70 -9.39
N ARG C 51 -7.47 -15.83 -10.71
CA ARG C 51 -8.44 -15.04 -11.44
C ARG C 51 -9.14 -15.89 -12.50
N ILE C 52 -9.24 -17.19 -12.23
CA ILE C 52 -9.78 -18.14 -13.20
C ILE C 52 -11.22 -17.83 -13.58
N CYS C 53 -11.99 -17.14 -12.74
CA CYS C 53 -13.29 -16.65 -13.14
C CYS C 53 -13.40 -15.16 -12.82
N LEU C 54 -14.49 -14.56 -13.28
CA LEU C 54 -14.70 -13.13 -13.16
C LEU C 54 -15.17 -12.70 -11.77
N LYS C 55 -15.28 -13.62 -10.83
CA LYS C 55 -15.70 -13.28 -9.48
C LYS C 55 -14.56 -12.78 -8.61
N GLY C 56 -13.32 -12.82 -9.11
CA GLY C 56 -12.19 -12.34 -8.37
C GLY C 56 -11.70 -11.00 -8.86
N PRO C 57 -10.38 -10.79 -8.84
CA PRO C 57 -9.32 -11.73 -8.46
C PRO C 57 -9.17 -11.87 -6.95
N CYS C 58 -9.43 -13.05 -6.39
CA CYS C 58 -9.24 -13.25 -4.97
C CYS C 58 -7.77 -13.50 -4.63
N ARG C 59 -7.38 -13.08 -3.44
CA ARG C 59 -6.07 -13.36 -2.88
C ARG C 59 -6.26 -14.02 -1.53
N ILE C 60 -5.21 -14.68 -1.06
CA ILE C 60 -5.24 -15.42 0.19
C ILE C 60 -4.29 -14.75 1.18
N ASP C 61 -4.77 -14.58 2.41
CA ASP C 61 -3.98 -14.00 3.48
C ASP C 61 -3.57 -15.09 4.47
N PRO C 62 -2.29 -15.45 4.54
CA PRO C 62 -1.88 -16.52 5.45
C PRO C 62 -1.73 -16.10 6.90
N PHE C 63 -1.72 -14.79 7.18
CA PHE C 63 -1.39 -14.32 8.52
C PHE C 63 -2.56 -13.60 9.18
N GLY C 64 -2.80 -12.35 8.80
CA GLY C 64 -3.77 -11.50 9.47
C GLY C 64 -5.22 -11.98 9.41
N GLU C 65 -5.43 -13.27 9.67
CA GLU C 65 -6.72 -13.96 9.72
C GLU C 65 -7.74 -13.47 8.70
N GLY C 66 -7.91 -14.22 7.61
CA GLY C 66 -8.89 -13.90 6.61
C GLY C 66 -8.42 -12.83 5.65
N PRO C 67 -8.69 -13.02 4.36
CA PRO C 67 -9.44 -14.15 3.76
C PRO C 67 -8.60 -15.41 3.62
N LYS C 68 -9.10 -16.53 4.12
CA LYS C 68 -8.46 -17.83 3.93
C LYS C 68 -9.00 -18.58 2.72
N TYR C 69 -9.99 -18.02 2.02
CA TYR C 69 -10.61 -18.70 0.90
C TYR C 69 -10.99 -17.68 -0.16
N GLY C 70 -11.21 -18.18 -1.38
CA GLY C 70 -11.75 -17.37 -2.45
C GLY C 70 -13.26 -17.47 -2.51
N VAL C 71 -13.83 -16.81 -3.53
CA VAL C 71 -15.28 -16.72 -3.62
C VAL C 71 -15.91 -18.08 -3.93
N CYS C 72 -15.22 -18.93 -4.70
CA CYS C 72 -15.77 -20.26 -4.96
C CYS C 72 -15.75 -21.11 -3.70
N GLY C 73 -14.75 -20.90 -2.85
CA GLY C 73 -14.58 -21.68 -1.64
C GLY C 73 -13.25 -22.41 -1.63
N ALA C 74 -12.39 -22.07 -2.59
CA ALA C 74 -11.11 -22.75 -2.73
C ALA C 74 -10.12 -22.22 -1.70
N ASP C 75 -9.42 -23.15 -1.03
CA ASP C 75 -8.38 -22.77 -0.09
C ASP C 75 -7.09 -22.45 -0.84
N ARG C 76 -6.05 -22.08 -0.08
CA ARG C 76 -4.79 -21.68 -0.69
C ARG C 76 -4.12 -22.85 -1.41
N ASP C 77 -4.32 -24.08 -0.94
CA ASP C 77 -3.73 -25.24 -1.60
C ASP C 77 -4.32 -25.43 -2.98
N THR C 78 -5.65 -25.42 -3.08
CA THR C 78 -6.29 -25.57 -4.39
C THR C 78 -5.91 -24.44 -5.34
N ILE C 79 -5.87 -23.21 -4.83
CA ILE C 79 -5.53 -22.07 -5.68
C ILE C 79 -4.12 -22.21 -6.23
N VAL C 80 -3.17 -22.61 -5.38
CA VAL C 80 -1.80 -22.82 -5.85
C VAL C 80 -1.76 -23.92 -6.90
N ALA C 81 -2.20 -25.13 -6.52
CA ALA C 81 -2.06 -26.30 -7.39
C ALA C 81 -2.64 -26.07 -8.77
N ARG C 82 -3.79 -25.39 -8.86
CA ARG C 82 -4.45 -25.20 -10.15
C ARG C 82 -3.56 -24.43 -11.12
N HIS C 83 -2.95 -23.34 -10.64
CA HIS C 83 -2.06 -22.56 -11.49
C HIS C 83 -0.87 -23.39 -11.94
N LEU C 84 -0.21 -24.06 -10.98
CA LEU C 84 1.02 -24.79 -11.28
C LEU C 84 0.85 -25.78 -12.42
N VAL C 85 -0.28 -26.48 -12.47
CA VAL C 85 -0.49 -27.46 -13.52
C VAL C 85 -1.00 -26.80 -14.80
N ARG C 86 -1.67 -25.64 -14.68
CA ARG C 86 -2.00 -24.87 -15.88
C ARG C 86 -0.73 -24.34 -16.54
N MET C 87 0.31 -24.06 -15.76
CA MET C 87 1.59 -23.70 -16.32
C MET C 87 2.21 -24.88 -17.07
N ILE C 88 2.19 -26.06 -16.45
CA ILE C 88 2.75 -27.25 -17.11
C ILE C 88 2.01 -27.53 -18.41
N ALA C 89 0.68 -27.52 -18.36
CA ALA C 89 -0.10 -27.75 -19.57
C ALA C 89 0.22 -26.73 -20.66
N ALA C 90 0.58 -25.51 -20.26
CA ALA C 90 0.97 -24.50 -21.25
C ALA C 90 2.31 -24.85 -21.88
N GLY C 91 3.29 -25.25 -21.06
CA GLY C 91 4.58 -25.67 -21.61
C GLY C 91 4.47 -26.95 -22.41
N THR C 92 3.67 -27.89 -21.92
CA THR C 92 3.40 -29.11 -22.70
C THR C 92 2.79 -28.76 -24.05
N ALA C 93 1.92 -27.76 -24.09
CA ALA C 93 1.35 -27.31 -25.36
C ALA C 93 2.37 -26.59 -26.22
N ALA C 94 3.31 -25.87 -25.60
CA ALA C 94 4.31 -25.13 -26.36
C ALA C 94 5.29 -26.09 -27.04
N HIS C 95 5.76 -27.09 -26.28
CA HIS C 95 6.69 -28.07 -26.85
C HIS C 95 6.03 -28.91 -27.94
N SER C 96 4.77 -29.30 -27.72
CA SER C 96 4.13 -30.28 -28.61
C SER C 96 3.84 -29.68 -29.98
N GLU C 97 3.47 -28.40 -30.03
CA GLU C 97 3.20 -27.76 -31.31
C GLU C 97 4.44 -27.73 -32.20
N HIS C 98 5.63 -27.86 -31.61
CA HIS C 98 6.86 -28.01 -32.38
C HIS C 98 6.95 -29.41 -32.98
N GLY C 99 6.74 -30.44 -32.16
CA GLY C 99 6.85 -31.80 -32.64
C GLY C 99 5.76 -32.18 -33.64
N ARG C 100 4.57 -31.58 -33.51
CA ARG C 100 3.47 -31.91 -34.41
C ARG C 100 3.79 -31.49 -35.84
N HIS C 101 4.41 -30.31 -35.99
CA HIS C 101 4.84 -29.88 -37.33
C HIS C 101 5.85 -30.86 -37.92
N ILE C 102 6.85 -31.24 -37.12
CA ILE C 102 7.84 -32.22 -37.53
C ILE C 102 7.16 -33.50 -38.00
N ALA C 103 6.13 -33.93 -37.27
CA ALA C 103 5.42 -35.16 -37.61
C ALA C 103 4.59 -35.00 -38.88
N LEU C 104 3.98 -33.83 -39.07
CA LEU C 104 3.22 -33.61 -40.29
C LEU C 104 4.13 -33.47 -41.50
N ALA C 105 5.37 -33.04 -41.29
CA ALA C 105 6.36 -33.08 -42.38
C ALA C 105 6.74 -34.52 -42.69
N MET C 106 7.00 -35.32 -41.66
CA MET C 106 7.11 -36.76 -41.82
C MET C 106 5.94 -37.31 -42.63
N GLN C 107 4.73 -36.83 -42.35
CA GLN C 107 3.54 -37.36 -43.00
C GLN C 107 3.38 -36.88 -44.43
N HIS C 108 3.93 -35.71 -44.76
CA HIS C 108 3.96 -35.27 -46.16
C HIS C 108 5.14 -35.87 -46.91
N ILE C 109 6.23 -36.18 -46.21
CA ILE C 109 7.42 -36.71 -46.86
C ILE C 109 7.12 -38.07 -47.48
N SER C 110 6.46 -38.95 -46.73
CA SER C 110 5.71 -40.02 -47.36
C SER C 110 4.44 -39.42 -47.96
N GLN C 111 4.01 -39.97 -49.11
CA GLN C 111 3.00 -39.47 -50.04
C GLN C 111 3.62 -38.63 -51.15
N GLY C 112 4.87 -38.19 -51.01
CA GLY C 112 5.55 -37.52 -52.09
C GLY C 112 5.32 -36.03 -52.19
N GLU C 113 4.88 -35.38 -51.12
CA GLU C 113 4.81 -33.93 -51.07
C GLU C 113 5.98 -33.40 -50.25
N LEU C 114 6.08 -32.07 -50.16
CA LEU C 114 7.19 -31.41 -49.49
C LEU C 114 8.51 -31.75 -50.18
N HIS C 115 8.82 -31.07 -51.27
CA HIS C 115 10.04 -31.36 -52.03
C HIS C 115 11.28 -30.72 -51.44
N ASP C 116 11.11 -29.69 -50.62
CA ASP C 116 12.24 -29.01 -49.99
C ASP C 116 12.66 -29.66 -48.68
N TYR C 117 12.11 -30.83 -48.36
CA TYR C 117 12.53 -31.61 -47.20
C TYR C 117 12.58 -33.08 -47.60
N SER C 118 13.32 -33.86 -46.82
CA SER C 118 13.47 -35.28 -47.07
C SER C 118 14.10 -35.92 -45.83
N ILE C 119 14.17 -37.24 -45.84
CA ILE C 119 14.87 -37.97 -44.79
C ILE C 119 16.37 -37.87 -45.09
N ARG C 120 17.02 -36.88 -44.47
CA ARG C 120 18.46 -36.70 -44.68
C ARG C 120 19.28 -37.74 -43.94
N ASP C 121 18.71 -38.39 -42.92
CA ASP C 121 19.40 -39.40 -42.12
C ASP C 121 18.50 -40.63 -42.07
N GLU C 122 18.66 -41.51 -43.06
CA GLU C 122 17.90 -42.75 -43.07
C GLU C 122 18.28 -43.64 -41.89
N ALA C 123 19.57 -43.70 -41.55
CA ALA C 123 20.02 -44.53 -40.44
C ALA C 123 19.31 -44.16 -39.15
N LYS C 124 19.04 -42.87 -38.95
CA LYS C 124 18.26 -42.45 -37.80
C LYS C 124 16.82 -42.95 -37.89
N LEU C 125 16.23 -42.85 -39.08
CA LEU C 125 14.85 -43.30 -39.27
C LEU C 125 14.72 -44.80 -39.00
N TYR C 126 15.74 -45.58 -39.35
CA TYR C 126 15.68 -47.02 -39.12
C TYR C 126 15.85 -47.36 -37.65
N ALA C 127 16.63 -46.55 -36.91
CA ALA C 127 16.75 -46.77 -35.47
C ALA C 127 15.44 -46.44 -34.76
N ILE C 128 14.82 -45.31 -35.14
CA ILE C 128 13.51 -44.96 -34.60
C ILE C 128 12.50 -46.07 -34.89
N ALA C 129 12.53 -46.59 -36.11
CA ALA C 129 11.58 -47.64 -36.50
C ALA C 129 11.78 -48.91 -35.68
N LYS C 130 13.02 -49.23 -35.32
CA LYS C 130 13.25 -50.42 -34.51
C LYS C 130 12.78 -50.19 -33.07
N THR C 131 12.98 -48.99 -32.54
CA THR C 131 12.50 -48.69 -31.19
C THR C 131 10.99 -48.76 -31.11
N LEU C 132 10.30 -48.26 -32.13
CA LEU C 132 8.84 -48.24 -32.16
C LEU C 132 8.23 -49.55 -32.62
N GLY C 133 9.04 -50.59 -32.84
CA GLY C 133 8.49 -51.85 -33.32
C GLY C 133 7.98 -51.82 -34.74
N VAL C 134 8.38 -50.83 -35.53
CA VAL C 134 7.99 -50.74 -36.93
C VAL C 134 8.96 -51.54 -37.77
N ALA C 135 8.44 -52.45 -38.58
CA ALA C 135 9.28 -53.34 -39.37
C ALA C 135 9.96 -52.58 -40.49
N THR C 136 11.26 -52.78 -40.64
CA THR C 136 12.04 -52.18 -41.72
C THR C 136 12.45 -53.16 -42.79
N GLU C 137 12.38 -54.46 -42.50
CA GLU C 137 12.86 -55.49 -43.41
C GLU C 137 12.02 -55.54 -44.69
N GLY C 138 12.67 -55.34 -45.83
CA GLY C 138 12.00 -55.46 -47.11
C GLY C 138 10.99 -54.37 -47.41
N ARG C 139 11.16 -53.18 -46.83
CA ARG C 139 10.28 -52.05 -47.08
C ARG C 139 11.14 -50.81 -47.30
N GLY C 140 10.75 -49.97 -48.26
CA GLY C 140 11.67 -48.97 -48.78
C GLY C 140 11.51 -47.54 -48.30
N LEU C 141 11.48 -47.33 -46.98
CA LEU C 141 11.52 -46.00 -46.37
C LEU C 141 10.26 -45.19 -46.67
N LEU C 142 9.82 -45.20 -47.94
CA LEU C 142 8.55 -44.66 -48.40
C LEU C 142 7.41 -44.79 -47.40
N ALA C 143 7.42 -45.86 -46.61
CA ALA C 143 6.28 -46.27 -45.82
C ALA C 143 6.70 -46.46 -44.37
N ILE C 144 8.00 -46.74 -44.16
CA ILE C 144 8.58 -46.58 -42.83
C ILE C 144 8.21 -45.21 -42.30
N VAL C 145 8.64 -44.16 -43.01
CA VAL C 145 8.26 -42.77 -42.75
C VAL C 145 6.77 -42.68 -42.47
N GLY C 146 5.96 -43.25 -43.37
CA GLY C 146 4.51 -43.14 -43.23
C GLY C 146 3.99 -43.78 -41.95
N ASP C 147 4.44 -45.00 -41.65
CA ASP C 147 4.01 -45.66 -40.43
C ASP C 147 4.56 -44.98 -39.19
N LEU C 148 5.76 -44.39 -39.29
CA LEU C 148 6.25 -43.54 -38.21
C LEU C 148 5.37 -42.31 -38.06
N ALA C 149 4.98 -41.68 -39.17
CA ALA C 149 4.14 -40.50 -39.11
C ALA C 149 2.77 -40.82 -38.54
N ALA C 150 2.21 -41.98 -38.91
CA ALA C 150 0.90 -42.36 -38.38
C ALA C 150 0.97 -42.68 -36.90
N ILE C 151 2.07 -43.31 -36.46
CA ILE C 151 2.24 -43.60 -35.04
C ILE C 151 2.45 -42.30 -34.26
N THR C 152 3.34 -41.43 -34.76
CA THR C 152 3.61 -40.18 -34.07
C THR C 152 2.37 -39.30 -34.02
N LEU C 153 1.62 -39.23 -35.12
CA LEU C 153 0.35 -38.51 -35.10
C LEU C 153 -0.69 -39.23 -34.26
N GLY C 154 -0.48 -40.50 -33.94
CA GLY C 154 -1.39 -41.19 -33.03
C GLY C 154 -1.36 -40.61 -31.64
N ASP C 155 -0.18 -40.15 -31.19
CA ASP C 155 -0.04 -39.56 -29.86
C ASP C 155 -0.83 -38.27 -29.69
N PHE C 156 -1.39 -37.73 -30.76
CA PHE C 156 -2.18 -36.51 -30.71
C PHE C 156 -3.67 -36.75 -30.91
N GLN C 157 -4.10 -38.00 -31.08
CA GLN C 157 -5.50 -38.25 -31.42
C GLN C 157 -6.13 -39.46 -30.76
N ASN C 158 -5.43 -40.16 -29.88
CA ASN C 158 -6.02 -41.29 -29.18
C ASN C 158 -7.02 -40.80 -28.13
N GLN C 159 -8.20 -41.41 -28.11
CA GLN C 159 -9.22 -41.09 -27.10
C GLN C 159 -9.41 -42.21 -26.09
N ASP C 160 -8.48 -43.17 -26.04
CA ASP C 160 -8.51 -44.24 -25.05
C ASP C 160 -7.62 -43.84 -23.89
N TYR C 161 -8.25 -43.47 -22.77
CA TYR C 161 -7.52 -42.91 -21.64
C TYR C 161 -6.53 -43.89 -21.02
N ASP C 162 -6.68 -45.19 -21.27
CA ASP C 162 -5.80 -46.20 -20.69
C ASP C 162 -4.75 -46.69 -21.68
N LYS C 163 -4.65 -46.09 -22.86
CA LYS C 163 -3.65 -46.45 -23.86
C LYS C 163 -2.50 -45.45 -23.77
N PRO C 164 -1.36 -45.81 -23.18
CA PRO C 164 -0.26 -44.86 -23.06
C PRO C 164 0.22 -44.39 -24.42
N CYS C 165 0.89 -43.23 -24.42
CA CYS C 165 1.40 -42.65 -25.64
C CYS C 165 2.39 -43.61 -26.31
N ALA C 166 2.45 -43.55 -27.64
CA ALA C 166 3.27 -44.50 -28.39
C ALA C 166 4.75 -44.34 -28.07
N TRP C 167 5.22 -43.10 -27.97
CA TRP C 167 6.66 -42.87 -27.82
C TRP C 167 7.14 -43.16 -26.40
N LEU C 168 6.39 -42.70 -25.39
CA LEU C 168 6.78 -42.98 -24.01
C LEU C 168 6.80 -44.47 -23.72
N ALA C 169 5.92 -45.24 -24.36
CA ALA C 169 5.88 -46.68 -24.14
C ALA C 169 7.13 -47.35 -24.69
N ALA C 170 7.65 -46.86 -25.82
CA ALA C 170 8.81 -47.48 -26.45
C ALA C 170 10.13 -47.00 -25.87
N SER C 171 10.17 -45.81 -25.26
CA SER C 171 11.43 -45.17 -24.93
C SER C 171 11.78 -45.18 -23.44
N LEU C 172 10.80 -45.28 -22.55
CA LEU C 172 11.12 -45.35 -21.13
C LEU C 172 11.55 -46.76 -20.75
N THR C 173 12.25 -46.86 -19.62
CA THR C 173 12.57 -48.17 -19.08
C THR C 173 11.27 -48.92 -18.78
N PRO C 174 11.23 -50.23 -19.02
CA PRO C 174 9.97 -50.96 -18.81
C PRO C 174 9.46 -50.89 -17.38
N ARG C 175 10.36 -50.84 -16.41
CA ARG C 175 9.95 -50.66 -15.02
C ARG C 175 9.19 -49.34 -14.84
N ARG C 176 9.75 -48.25 -15.37
CA ARG C 176 9.11 -46.95 -15.23
C ARG C 176 7.77 -46.90 -15.96
N VAL C 177 7.63 -47.65 -17.06
CA VAL C 177 6.37 -47.68 -17.77
C VAL C 177 5.27 -48.28 -16.90
N LYS C 178 5.56 -49.41 -16.24
CA LYS C 178 4.59 -50.00 -15.34
C LYS C 178 4.38 -49.13 -14.11
N ARG C 179 5.47 -48.54 -13.60
CA ARG C 179 5.36 -47.70 -12.40
C ARG C 179 4.45 -46.51 -12.65
N LEU C 180 4.56 -45.88 -13.83
CA LEU C 180 3.73 -44.73 -14.14
C LEU C 180 2.32 -45.15 -14.50
N GLY C 181 2.18 -46.15 -15.40
CA GLY C 181 0.88 -46.61 -15.78
C GLY C 181 0.04 -47.11 -14.61
N ASP C 182 0.70 -47.62 -13.56
CA ASP C 182 -0.02 -48.03 -12.36
C ASP C 182 -0.66 -46.84 -11.67
N LEU C 183 0.11 -45.79 -11.43
CA LEU C 183 -0.41 -44.59 -10.79
C LEU C 183 -1.36 -43.82 -11.69
N GLY C 184 -1.48 -44.18 -12.96
CA GLY C 184 -2.27 -43.42 -13.90
C GLY C 184 -1.57 -42.19 -14.45
N LEU C 185 -0.24 -42.22 -14.53
CA LEU C 185 0.55 -41.08 -14.92
C LEU C 185 1.02 -41.13 -16.38
N LEU C 186 0.70 -42.21 -17.10
CA LEU C 186 1.10 -42.32 -18.50
C LEU C 186 0.04 -41.69 -19.38
N PRO C 187 0.33 -40.57 -20.04
CA PRO C 187 -0.69 -39.91 -20.85
C PRO C 187 -1.04 -40.73 -22.08
N HIS C 188 -2.26 -40.51 -22.57
CA HIS C 188 -2.78 -41.20 -23.74
C HIS C 188 -2.78 -40.34 -24.99
N ASN C 189 -2.67 -39.03 -24.84
CA ASN C 189 -2.85 -38.08 -25.93
C ASN C 189 -2.29 -36.75 -25.46
N ILE C 190 -1.37 -36.18 -26.24
CA ILE C 190 -0.77 -34.91 -25.85
C ILE C 190 -1.81 -33.80 -25.87
N ASP C 191 -2.48 -33.61 -27.01
CA ASP C 191 -3.43 -32.52 -27.15
C ASP C 191 -4.65 -32.68 -26.24
N ALA C 192 -4.95 -33.90 -25.81
CA ALA C 192 -6.04 -34.11 -24.85
C ALA C 192 -5.59 -33.93 -23.41
N SER C 193 -4.32 -34.17 -23.12
CA SER C 193 -3.82 -33.94 -21.75
C SER C 193 -3.82 -32.46 -21.41
N VAL C 194 -3.32 -31.62 -22.33
CA VAL C 194 -3.29 -30.19 -22.09
C VAL C 194 -4.70 -29.63 -21.98
N ALA C 195 -5.61 -30.12 -22.82
CA ALA C 195 -6.99 -29.63 -22.77
C ALA C 195 -7.69 -30.08 -21.50
N GLN C 196 -7.50 -31.34 -21.09
CA GLN C 196 -8.11 -31.83 -19.86
C GLN C 196 -7.59 -31.09 -18.64
N THR C 197 -6.32 -30.66 -18.68
CA THR C 197 -5.76 -29.89 -17.57
C THR C 197 -6.45 -28.53 -17.47
N MET C 198 -6.55 -27.81 -18.59
CA MET C 198 -7.35 -26.59 -18.63
C MET C 198 -8.78 -26.86 -18.20
N SER C 199 -9.37 -27.95 -18.70
CA SER C 199 -10.74 -28.29 -18.39
C SER C 199 -10.93 -28.54 -16.90
N ARG C 200 -10.04 -29.34 -16.31
CA ARG C 200 -10.18 -29.75 -14.93
C ARG C 200 -9.80 -28.68 -13.92
N THR C 201 -9.15 -27.61 -14.35
CA THR C 201 -8.83 -26.49 -13.47
C THR C 201 -9.76 -25.30 -13.68
N HIS C 202 -10.81 -25.47 -14.50
CA HIS C 202 -11.85 -24.48 -14.62
C HIS C 202 -12.53 -24.26 -13.27
N VAL C 203 -13.28 -23.15 -13.17
CA VAL C 203 -13.90 -22.79 -11.90
C VAL C 203 -14.84 -23.89 -11.45
N GLY C 204 -14.68 -24.33 -10.20
CA GLY C 204 -15.55 -25.34 -9.63
C GLY C 204 -15.32 -26.74 -10.13
N CYS C 205 -14.10 -27.05 -10.57
CA CYS C 205 -13.80 -28.41 -11.00
C CYS C 205 -12.91 -29.13 -10.01
N ASP C 206 -11.74 -29.59 -10.46
CA ASP C 206 -10.83 -30.29 -9.56
C ASP C 206 -10.36 -29.36 -8.46
N ALA C 207 -10.23 -29.91 -7.24
CA ALA C 207 -9.87 -29.13 -6.07
C ALA C 207 -8.94 -29.84 -5.10
N ASP C 208 -8.97 -31.16 -5.00
CA ASP C 208 -8.07 -31.90 -4.12
C ASP C 208 -6.63 -31.71 -4.59
N PRO C 209 -5.76 -31.08 -3.78
CA PRO C 209 -4.40 -30.78 -4.26
C PRO C 209 -3.62 -32.00 -4.74
N THR C 210 -3.91 -33.19 -4.20
CA THR C 210 -3.18 -34.38 -4.63
C THR C 210 -3.66 -34.84 -6.01
N ASN C 211 -4.98 -34.92 -6.20
CA ASN C 211 -5.51 -35.27 -7.52
C ASN C 211 -5.12 -34.24 -8.56
N LEU C 212 -4.88 -32.99 -8.15
CA LEU C 212 -4.46 -31.95 -9.08
C LEU C 212 -2.98 -32.10 -9.45
N ILE C 213 -2.12 -32.27 -8.45
CA ILE C 213 -0.69 -32.38 -8.73
C ILE C 213 -0.39 -33.68 -9.47
N LEU C 214 -1.06 -34.78 -9.10
CA LEU C 214 -0.96 -36.01 -9.89
C LEU C 214 -1.35 -35.76 -11.34
N GLY C 215 -2.39 -34.95 -11.56
CA GLY C 215 -2.77 -34.62 -12.92
C GLY C 215 -1.75 -33.77 -13.64
N GLY C 216 -1.01 -32.94 -12.90
CA GLY C 216 0.06 -32.17 -13.53
C GLY C 216 1.20 -33.05 -14.01
N LEU C 217 1.48 -34.13 -13.29
CA LEU C 217 2.53 -35.04 -13.71
C LEU C 217 2.16 -35.77 -15.00
N ARG C 218 0.88 -36.07 -15.17
CA ARG C 218 0.43 -36.76 -16.39
C ARG C 218 0.66 -35.89 -17.62
N VAL C 219 0.21 -34.63 -17.56
CA VAL C 219 0.41 -33.71 -18.68
C VAL C 219 1.88 -33.30 -18.80
N ALA C 220 2.67 -33.51 -17.75
CA ALA C 220 4.11 -33.32 -17.86
C ALA C 220 4.74 -34.42 -18.71
N MET C 221 4.29 -35.67 -18.52
CA MET C 221 4.79 -36.75 -19.36
C MET C 221 4.40 -36.58 -20.82
N ALA C 222 3.33 -35.83 -21.09
CA ALA C 222 2.99 -35.50 -22.48
C ALA C 222 4.02 -34.54 -23.06
N ASP C 223 4.67 -33.73 -22.22
CA ASP C 223 5.76 -32.89 -22.69
C ASP C 223 6.99 -33.74 -23.02
N LEU C 224 7.26 -34.77 -22.21
CA LEU C 224 8.36 -35.69 -22.53
C LEU C 224 8.10 -36.41 -23.84
N ASP C 225 6.89 -36.94 -24.02
CA ASP C 225 6.53 -37.55 -25.29
C ASP C 225 6.69 -36.57 -26.44
N GLY C 226 6.34 -35.30 -26.20
CA GLY C 226 6.58 -34.29 -27.22
C GLY C 226 8.05 -34.03 -27.45
N SER C 227 8.85 -34.09 -26.37
CA SER C 227 10.29 -33.90 -26.53
C SER C 227 10.91 -35.04 -27.34
N MET C 228 10.46 -36.26 -27.10
CA MET C 228 11.02 -37.42 -27.81
C MET C 228 10.67 -37.39 -29.29
N LEU C 229 9.37 -37.38 -29.60
CA LEU C 229 8.92 -37.43 -30.98
C LEU C 229 9.39 -36.24 -31.80
N ALA C 230 9.82 -35.17 -31.14
CA ALA C 230 10.40 -34.03 -31.86
C ALA C 230 11.87 -34.27 -32.18
N THR C 231 12.66 -34.62 -31.16
CA THR C 231 14.10 -34.81 -31.36
C THR C 231 14.39 -35.91 -32.37
N GLU C 232 13.76 -37.07 -32.19
CA GLU C 232 14.04 -38.22 -33.05
C GLU C 232 13.75 -37.89 -34.51
N LEU C 233 12.52 -37.48 -34.81
CA LEU C 233 12.15 -37.18 -36.19
C LEU C 233 12.90 -35.98 -36.72
N SER C 234 13.31 -35.05 -35.85
CA SER C 234 14.14 -33.93 -36.30
C SER C 234 15.48 -34.41 -36.81
N ASP C 235 16.09 -35.37 -36.11
CA ASP C 235 17.36 -35.93 -36.56
C ASP C 235 17.22 -36.57 -37.92
N ALA C 236 16.16 -37.37 -38.11
CA ALA C 236 15.95 -38.02 -39.41
C ALA C 236 15.75 -36.99 -40.52
N LEU C 237 15.06 -35.89 -40.22
CA LEU C 237 14.87 -34.83 -41.21
C LEU C 237 16.18 -34.14 -41.57
N PHE C 238 17.04 -33.89 -40.57
CA PHE C 238 18.18 -33.01 -40.76
C PHE C 238 19.52 -33.60 -40.36
N GLY C 239 19.55 -34.79 -39.76
CA GLY C 239 20.82 -35.39 -39.40
C GLY C 239 20.98 -35.45 -37.89
N THR C 240 21.54 -36.56 -37.41
CA THR C 240 21.89 -36.67 -36.00
C THR C 240 23.08 -35.77 -35.70
N PRO C 241 23.06 -35.04 -34.58
CA PRO C 241 24.21 -34.19 -34.24
C PRO C 241 25.43 -35.03 -33.87
N GLN C 242 26.56 -34.71 -34.50
CA GLN C 242 27.85 -35.30 -34.20
C GLN C 242 28.81 -34.19 -33.76
N PRO C 243 29.82 -34.52 -32.96
CA PRO C 243 30.69 -33.48 -32.38
C PRO C 243 31.30 -32.58 -33.45
N VAL C 244 31.22 -31.27 -33.20
CA VAL C 244 31.58 -30.25 -34.18
C VAL C 244 32.05 -29.01 -33.42
N VAL C 245 32.94 -28.25 -34.04
CA VAL C 245 33.48 -27.02 -33.45
C VAL C 245 32.66 -25.83 -33.92
N SER C 246 32.07 -25.10 -32.98
CA SER C 246 31.34 -23.87 -33.25
C SER C 246 31.84 -22.79 -32.28
N ALA C 247 31.29 -21.58 -32.42
CA ALA C 247 31.71 -20.45 -31.60
C ALA C 247 30.50 -19.72 -31.05
N ALA C 248 30.61 -19.23 -29.83
CA ALA C 248 29.51 -18.59 -29.13
C ALA C 248 29.84 -17.13 -28.84
N ASN C 249 28.84 -16.43 -28.26
CA ASN C 249 28.89 -15.04 -27.82
C ASN C 249 28.75 -14.06 -28.97
N LEU C 250 28.57 -12.78 -28.64
CA LEU C 250 28.16 -11.77 -29.61
C LEU C 250 29.22 -11.45 -30.65
N GLY C 251 30.47 -11.86 -30.44
CA GLY C 251 31.51 -11.59 -31.41
C GLY C 251 31.38 -12.37 -32.71
N VAL C 252 30.48 -13.34 -32.76
CA VAL C 252 30.31 -14.16 -33.96
C VAL C 252 29.64 -13.40 -35.10
N MET C 253 29.17 -12.17 -34.86
CA MET C 253 28.72 -11.31 -35.94
C MET C 253 29.91 -10.73 -36.67
N LYS C 254 29.83 -10.67 -38.00
CA LYS C 254 30.89 -10.15 -38.84
C LYS C 254 30.50 -8.79 -39.38
N ARG C 255 31.41 -7.81 -39.23
CA ARG C 255 31.14 -6.48 -39.77
C ARG C 255 31.09 -6.48 -41.28
N GLY C 256 31.89 -7.32 -41.94
CA GLY C 256 31.93 -7.34 -43.39
C GLY C 256 31.04 -8.39 -44.01
N ALA C 257 29.99 -8.79 -43.29
CA ALA C 257 29.08 -9.82 -43.76
C ALA C 257 27.65 -9.41 -43.49
N VAL C 258 26.71 -10.12 -44.11
CA VAL C 258 25.29 -9.95 -43.84
C VAL C 258 24.95 -10.81 -42.63
N ASN C 259 24.69 -10.17 -41.49
CA ASN C 259 24.34 -10.87 -40.26
C ASN C 259 22.84 -11.10 -40.22
N ILE C 260 22.43 -12.36 -40.29
CA ILE C 260 21.03 -12.75 -40.16
C ILE C 260 20.93 -13.67 -38.95
N ALA C 261 20.14 -13.26 -37.96
CA ALA C 261 19.93 -14.05 -36.76
C ALA C 261 18.63 -14.85 -36.91
N VAL C 262 18.70 -16.14 -36.59
CA VAL C 262 17.52 -17.00 -36.52
C VAL C 262 17.21 -17.25 -35.05
N ASN C 263 15.96 -17.03 -34.66
CA ASN C 263 15.55 -17.13 -33.28
C ASN C 263 14.25 -17.90 -33.18
N GLY C 264 14.13 -18.69 -32.11
CA GLY C 264 12.93 -19.45 -31.87
C GLY C 264 13.18 -20.91 -31.54
N HIS C 265 12.44 -21.82 -32.16
CA HIS C 265 12.49 -23.23 -31.77
C HIS C 265 12.37 -24.22 -32.91
N ASN C 266 11.79 -23.87 -34.05
CA ASN C 266 11.55 -24.84 -35.11
C ASN C 266 12.74 -24.88 -36.06
N PRO C 267 13.48 -26.00 -36.13
CA PRO C 267 14.61 -26.07 -37.07
C PRO C 267 14.19 -26.20 -38.53
N MET C 268 12.90 -26.35 -38.82
CA MET C 268 12.46 -26.45 -40.21
C MET C 268 12.70 -25.15 -40.97
N LEU C 269 12.74 -24.02 -40.26
CA LEU C 269 13.07 -22.76 -40.90
C LEU C 269 14.57 -22.57 -41.01
N SER C 270 15.29 -22.66 -39.87
CA SER C 270 16.71 -22.35 -39.85
C SER C 270 17.50 -23.29 -40.75
N ASP C 271 17.21 -24.59 -40.69
CA ASP C 271 17.95 -25.54 -41.51
C ASP C 271 17.80 -25.25 -43.00
N ILE C 272 16.63 -24.78 -43.42
CA ILE C 272 16.46 -24.39 -44.82
C ILE C 272 17.13 -23.04 -45.08
N ILE C 273 17.12 -22.13 -44.10
CA ILE C 273 17.76 -20.84 -44.29
C ILE C 273 19.27 -21.02 -44.42
N CYS C 274 19.86 -21.94 -43.65
CA CYS C 274 21.28 -22.23 -43.78
C CYS C 274 21.62 -22.69 -45.19
N ASP C 275 20.88 -23.68 -45.69
CA ASP C 275 21.16 -24.24 -47.01
C ASP C 275 20.90 -23.26 -48.15
N VAL C 276 20.11 -22.21 -47.90
CA VAL C 276 19.81 -21.23 -48.93
C VAL C 276 20.75 -20.04 -48.75
N ALA C 277 21.22 -19.83 -47.52
CA ALA C 277 22.25 -18.81 -47.30
C ALA C 277 23.55 -19.18 -48.00
N ALA C 278 23.82 -20.47 -48.17
CA ALA C 278 25.05 -20.89 -48.83
C ALA C 278 25.00 -20.61 -50.33
N ASP C 279 23.83 -20.80 -50.95
CA ASP C 279 23.72 -20.59 -52.39
C ASP C 279 23.72 -19.12 -52.76
N LEU C 280 23.25 -18.25 -51.87
CA LEU C 280 23.16 -16.82 -52.13
C LEU C 280 24.40 -16.06 -51.68
N ARG C 281 25.55 -16.73 -51.58
CA ARG C 281 26.78 -16.05 -51.20
C ARG C 281 27.11 -14.91 -52.15
N ASP C 282 27.14 -15.20 -53.46
CA ASP C 282 27.58 -14.23 -54.43
C ASP C 282 26.63 -13.04 -54.56
N GLU C 283 25.38 -13.18 -54.12
CA GLU C 283 24.49 -12.03 -54.06
C GLU C 283 24.91 -11.09 -52.94
N ALA C 284 25.39 -11.64 -51.82
CA ALA C 284 25.83 -10.81 -50.71
C ALA C 284 27.08 -10.00 -51.08
N ILE C 285 28.06 -10.66 -51.70
CA ILE C 285 29.26 -9.96 -52.14
C ILE C 285 28.92 -8.88 -53.15
N ALA C 286 27.93 -9.16 -54.01
CA ALA C 286 27.61 -8.24 -55.11
C ALA C 286 27.29 -6.85 -54.60
N ALA C 287 26.55 -6.75 -53.50
CA ALA C 287 26.15 -5.47 -52.93
C ALA C 287 26.89 -5.17 -51.63
N GLY C 288 28.17 -5.54 -51.57
CA GLY C 288 28.95 -5.34 -50.37
C GLY C 288 29.38 -6.64 -49.73
N ALA C 289 29.06 -6.81 -48.45
CA ALA C 289 29.26 -8.04 -47.68
C ALA C 289 30.42 -8.89 -48.16
N ALA C 290 31.65 -8.46 -47.85
CA ALA C 290 32.83 -9.19 -48.32
C ALA C 290 32.89 -10.60 -47.74
N GLU C 291 32.30 -10.82 -46.57
CA GLU C 291 32.34 -12.12 -45.91
C GLU C 291 31.03 -12.88 -46.04
N GLY C 292 30.25 -12.61 -47.08
CA GLY C 292 29.03 -13.35 -47.37
C GLY C 292 27.88 -13.10 -46.42
N ILE C 293 27.17 -14.16 -46.06
CA ILE C 293 25.99 -14.09 -45.20
C ILE C 293 26.30 -14.84 -43.92
N ASN C 294 26.35 -14.11 -42.80
CA ASN C 294 26.62 -14.70 -41.49
C ASN C 294 25.29 -15.01 -40.82
N ILE C 295 24.90 -16.28 -40.86
CA ILE C 295 23.75 -16.76 -40.09
C ILE C 295 24.23 -17.09 -38.69
N ILE C 296 23.45 -16.68 -37.68
CA ILE C 296 23.83 -16.84 -36.29
C ILE C 296 22.60 -17.24 -35.50
N GLY C 297 22.80 -18.15 -34.55
CA GLY C 297 21.69 -18.67 -33.78
C GLY C 297 21.42 -17.88 -32.51
N ILE C 298 20.15 -17.83 -32.15
CA ILE C 298 19.71 -17.36 -30.84
C ILE C 298 18.73 -18.39 -30.28
N CYS C 299 18.85 -18.67 -28.99
CA CYS C 299 17.92 -19.56 -28.28
C CYS C 299 18.02 -20.95 -28.88
N CYS C 300 16.90 -21.69 -28.91
CA CYS C 300 16.97 -23.12 -29.15
C CYS C 300 17.05 -23.46 -30.64
N THR C 301 16.37 -22.69 -31.50
CA THR C 301 16.57 -22.90 -32.93
C THR C 301 18.00 -22.60 -33.34
N GLY C 302 18.75 -21.88 -32.51
CA GLY C 302 20.16 -21.61 -32.78
C GLY C 302 21.04 -22.75 -32.34
N HIS C 303 20.68 -23.41 -31.24
CA HIS C 303 21.43 -24.61 -30.85
C HIS C 303 21.21 -25.73 -31.85
N GLU C 304 19.97 -25.87 -32.36
CA GLU C 304 19.68 -26.88 -33.37
C GLU C 304 20.67 -26.81 -34.53
N VAL C 305 20.85 -25.61 -35.10
CA VAL C 305 21.79 -25.46 -36.20
C VAL C 305 23.23 -25.48 -35.73
N MET C 306 23.48 -25.21 -34.44
CA MET C 306 24.82 -25.39 -33.90
C MET C 306 25.15 -26.87 -33.72
N MET C 307 24.20 -27.64 -33.19
CA MET C 307 24.42 -29.08 -32.99
C MET C 307 24.76 -29.77 -34.31
N ARG C 308 24.09 -29.39 -35.39
CA ARG C 308 24.13 -30.13 -36.64
C ARG C 308 25.15 -29.57 -37.64
N HIS C 309 25.14 -28.25 -37.86
CA HIS C 309 25.99 -27.63 -38.87
C HIS C 309 27.08 -26.76 -38.28
N GLY C 310 27.15 -26.64 -36.96
CA GLY C 310 28.14 -25.76 -36.35
C GLY C 310 27.89 -24.29 -36.57
N VAL C 311 26.63 -23.89 -36.70
CA VAL C 311 26.29 -22.47 -36.90
C VAL C 311 26.54 -21.73 -35.59
N PRO C 312 27.31 -20.64 -35.60
CA PRO C 312 27.71 -20.02 -34.33
C PRO C 312 26.53 -19.45 -33.57
N LEU C 313 26.61 -19.51 -32.25
CA LEU C 313 25.56 -19.05 -31.36
C LEU C 313 25.82 -17.62 -30.93
N ALA C 314 24.87 -16.73 -31.19
CA ALA C 314 25.00 -15.34 -30.78
C ALA C 314 24.85 -15.23 -29.26
N THR C 315 23.65 -15.54 -28.75
CA THR C 315 23.39 -15.47 -27.33
C THR C 315 22.18 -16.33 -27.00
N ASN C 316 21.85 -16.42 -25.71
CA ASN C 316 20.67 -17.14 -25.28
C ASN C 316 19.51 -16.18 -25.07
N TYR C 317 18.68 -16.42 -24.05
CA TYR C 317 17.41 -15.71 -23.94
C TYR C 317 17.56 -14.21 -23.68
N LEU C 318 17.94 -13.85 -22.44
CA LEU C 318 17.81 -12.47 -21.98
C LEU C 318 18.55 -11.48 -22.88
N SER C 319 19.69 -11.89 -23.44
CA SER C 319 20.55 -11.00 -24.21
C SER C 319 20.21 -10.97 -25.69
N GLN C 320 19.02 -11.43 -26.08
CA GLN C 320 18.68 -11.50 -27.49
C GLN C 320 18.45 -10.13 -28.11
N GLU C 321 18.16 -9.11 -27.30
CA GLU C 321 17.96 -7.76 -27.82
C GLU C 321 19.27 -7.11 -28.24
N LEU C 322 20.41 -7.64 -27.81
CA LEU C 322 21.69 -6.98 -27.92
C LEU C 322 22.35 -7.12 -29.29
N PRO C 323 22.18 -8.25 -30.00
CA PRO C 323 22.62 -8.28 -31.41
C PRO C 323 22.10 -7.10 -32.23
N ILE C 324 20.91 -6.59 -31.93
CA ILE C 324 20.44 -5.37 -32.59
C ILE C 324 21.33 -4.20 -32.20
N LEU C 325 21.79 -4.16 -30.95
CA LEU C 325 22.52 -3.02 -30.42
C LEU C 325 23.96 -2.93 -30.91
N THR C 326 24.46 -3.95 -31.60
CA THR C 326 25.78 -3.82 -32.23
C THR C 326 25.74 -2.98 -33.49
N GLY C 327 24.56 -2.83 -34.10
CA GLY C 327 24.41 -2.02 -35.28
C GLY C 327 24.75 -2.70 -36.59
N ALA C 328 24.79 -4.03 -36.62
CA ALA C 328 25.16 -4.76 -37.83
C ALA C 328 24.31 -6.03 -37.97
N LEU C 329 23.06 -5.97 -37.53
CA LEU C 329 22.13 -7.08 -37.69
C LEU C 329 21.16 -6.74 -38.82
N GLU C 330 21.29 -7.45 -39.94
CA GLU C 330 20.45 -7.15 -41.10
C GLU C 330 19.01 -7.58 -40.86
N ALA C 331 18.81 -8.83 -40.45
CA ALA C 331 17.48 -9.35 -40.20
C ALA C 331 17.49 -10.17 -38.92
N MET C 332 16.31 -10.27 -38.31
CA MET C 332 16.05 -11.20 -37.22
C MET C 332 14.89 -12.08 -37.64
N VAL C 333 15.19 -13.32 -38.01
CA VAL C 333 14.17 -14.26 -38.48
C VAL C 333 13.66 -15.05 -37.28
N VAL C 334 12.40 -14.85 -36.94
CA VAL C 334 11.80 -15.49 -35.77
C VAL C 334 10.67 -16.40 -36.23
N ASP C 335 10.44 -17.48 -35.48
CA ASP C 335 9.27 -18.32 -35.71
C ASP C 335 8.36 -18.30 -34.50
N VAL C 336 8.55 -19.23 -33.55
CA VAL C 336 7.71 -19.31 -32.36
C VAL C 336 8.56 -19.47 -31.11
N GLN C 337 8.00 -19.04 -29.97
CA GLN C 337 8.50 -19.33 -28.63
C GLN C 337 9.78 -18.59 -28.28
N CYS C 338 9.79 -17.99 -27.09
CA CYS C 338 10.96 -17.31 -26.53
C CYS C 338 11.50 -16.24 -27.48
N ILE C 339 10.57 -15.41 -27.97
CA ILE C 339 10.88 -14.24 -28.78
C ILE C 339 10.28 -13.04 -28.06
N MET C 340 11.13 -12.14 -27.60
CA MET C 340 10.65 -10.98 -26.85
C MET C 340 9.87 -10.06 -27.78
N PRO C 341 8.69 -9.59 -27.37
CA PRO C 341 7.94 -8.64 -28.20
C PRO C 341 8.58 -7.27 -28.31
N SER C 342 9.68 -7.02 -27.61
CA SER C 342 10.32 -5.71 -27.63
C SER C 342 11.22 -5.51 -28.85
N LEU C 343 11.57 -6.58 -29.56
CA LEU C 343 12.51 -6.43 -30.68
C LEU C 343 12.03 -5.47 -31.77
N PRO C 344 10.76 -5.47 -32.19
CA PRO C 344 10.33 -4.43 -33.15
C PRO C 344 10.56 -3.03 -32.64
N ARG C 345 10.35 -2.78 -31.35
CA ARG C 345 10.63 -1.47 -30.78
C ARG C 345 12.12 -1.13 -30.89
N ILE C 346 12.98 -2.10 -30.56
CA ILE C 346 14.42 -1.87 -30.60
C ILE C 346 14.88 -1.61 -32.03
N ALA C 347 14.46 -2.47 -32.97
CA ALA C 347 14.96 -2.43 -34.33
C ALA C 347 14.47 -1.23 -35.12
N GLU C 348 13.52 -0.45 -34.60
CA GLU C 348 13.15 0.79 -35.27
C GLU C 348 14.32 1.77 -35.24
N CYS C 349 15.00 1.88 -34.10
CA CYS C 349 16.14 2.77 -33.99
C CYS C 349 17.26 2.44 -34.97
N PHE C 350 17.23 1.25 -35.58
CA PHE C 350 18.30 0.82 -36.46
C PHE C 350 17.76 0.51 -37.86
N HIS C 351 18.37 -0.46 -38.53
CA HIS C 351 17.92 -0.95 -39.81
C HIS C 351 17.46 -2.40 -39.74
N THR C 352 17.57 -3.04 -38.57
CA THR C 352 17.23 -4.44 -38.44
C THR C 352 15.79 -4.70 -38.84
N GLN C 353 15.56 -5.85 -39.48
CA GLN C 353 14.24 -6.26 -39.94
C GLN C 353 13.83 -7.49 -39.14
N ILE C 354 12.85 -7.31 -38.25
CA ILE C 354 12.34 -8.41 -37.43
C ILE C 354 11.22 -9.08 -38.21
N ILE C 355 11.39 -10.37 -38.50
CA ILE C 355 10.59 -11.08 -39.49
C ILE C 355 9.91 -12.25 -38.80
N THR C 356 8.65 -12.06 -38.40
CA THR C 356 7.84 -13.16 -37.89
C THR C 356 7.39 -14.05 -39.05
N THR C 357 7.31 -15.35 -38.80
CA THR C 357 7.09 -16.32 -39.87
C THR C 357 6.01 -17.35 -39.60
N ASP C 358 5.39 -17.35 -38.42
CA ASP C 358 4.36 -18.32 -38.09
C ASP C 358 3.00 -17.66 -38.01
N LYS C 359 1.98 -18.42 -38.41
CA LYS C 359 0.61 -17.92 -38.37
C LYS C 359 0.19 -17.53 -36.95
N HIS C 360 0.65 -18.28 -35.96
CA HIS C 360 0.27 -18.07 -34.57
C HIS C 360 1.34 -17.31 -33.78
N ASN C 361 2.22 -16.57 -34.46
CA ASN C 361 3.35 -15.95 -33.78
C ASN C 361 3.71 -14.63 -34.45
N LYS C 362 2.79 -13.68 -34.44
CA LYS C 362 3.04 -12.36 -34.97
C LYS C 362 3.35 -11.39 -33.84
N ILE C 363 4.23 -10.43 -34.11
CA ILE C 363 4.56 -9.36 -33.18
C ILE C 363 4.16 -8.04 -33.83
N SER C 364 3.52 -7.18 -33.05
CA SER C 364 3.12 -5.87 -33.55
C SER C 364 4.34 -5.06 -33.92
N GLY C 365 4.36 -4.57 -35.17
CA GLY C 365 5.49 -3.82 -35.67
C GLY C 365 6.50 -4.63 -36.44
N ALA C 366 6.51 -5.96 -36.28
CA ALA C 366 7.34 -6.81 -37.11
C ALA C 366 6.83 -6.81 -38.54
N THR C 367 7.69 -7.24 -39.46
CA THR C 367 7.30 -7.47 -40.84
C THR C 367 7.05 -8.97 -41.02
N HIS C 368 5.82 -9.33 -41.33
CA HIS C 368 5.41 -10.72 -41.39
C HIS C 368 5.44 -11.23 -42.82
N VAL C 369 6.15 -12.35 -43.04
CA VAL C 369 6.06 -13.11 -44.26
C VAL C 369 5.90 -14.59 -43.86
N PRO C 370 4.81 -15.25 -44.24
CA PRO C 370 4.57 -16.61 -43.75
C PRO C 370 5.49 -17.61 -44.41
N PHE C 371 6.03 -18.52 -43.60
CA PHE C 371 6.94 -19.55 -44.08
C PHE C 371 6.11 -20.78 -44.46
N ASP C 372 5.88 -20.96 -45.76
CA ASP C 372 5.13 -22.11 -46.26
C ASP C 372 6.09 -23.27 -46.43
N GLU C 373 5.91 -24.31 -45.61
CA GLU C 373 6.75 -25.50 -45.68
C GLU C 373 6.82 -26.04 -47.11
N HIS C 374 5.71 -25.98 -47.83
CA HIS C 374 5.66 -26.50 -49.20
C HIS C 374 6.48 -25.65 -50.16
N LYS C 375 6.65 -24.36 -49.85
CA LYS C 375 7.54 -23.50 -50.64
C LYS C 375 8.64 -22.96 -49.75
N ALA C 376 9.49 -23.86 -49.23
CA ALA C 376 10.44 -23.47 -48.20
C ALA C 376 11.61 -22.67 -48.78
N VAL C 377 12.33 -23.24 -49.75
CA VAL C 377 13.53 -22.60 -50.28
C VAL C 377 13.18 -21.29 -50.97
N GLU C 378 11.99 -21.20 -51.57
CA GLU C 378 11.58 -19.96 -52.22
C GLU C 378 11.29 -18.87 -51.20
N THR C 379 10.62 -19.22 -50.10
CA THR C 379 10.41 -18.25 -49.03
C THR C 379 11.73 -17.91 -48.35
N ALA C 380 12.60 -18.91 -48.17
CA ALA C 380 13.92 -18.65 -47.62
C ALA C 380 14.67 -17.60 -48.43
N LYS C 381 14.61 -17.71 -49.76
CA LYS C 381 15.26 -16.72 -50.61
C LYS C 381 14.66 -15.33 -50.41
N THR C 382 13.34 -15.25 -50.24
CA THR C 382 12.71 -13.97 -49.95
C THR C 382 13.29 -13.34 -48.69
N ILE C 383 13.51 -14.16 -47.66
CA ILE C 383 14.05 -13.66 -46.39
C ILE C 383 15.44 -13.08 -46.61
N ILE C 384 16.36 -13.91 -47.10
CA ILE C 384 17.76 -13.50 -47.24
C ILE C 384 17.89 -12.33 -48.20
N ARG C 385 17.05 -12.30 -49.25
CA ARG C 385 17.00 -11.14 -50.12
C ARG C 385 16.66 -9.88 -49.31
N MET C 386 15.66 -9.97 -48.44
CA MET C 386 15.27 -8.81 -47.64
C MET C 386 16.40 -8.36 -46.72
N ALA C 387 17.18 -9.32 -46.20
CA ALA C 387 18.29 -8.95 -45.32
C ALA C 387 19.48 -8.43 -46.11
N ILE C 388 19.73 -9.00 -47.29
CA ILE C 388 20.75 -8.43 -48.18
C ILE C 388 20.39 -6.99 -48.53
N ALA C 389 19.10 -6.72 -48.72
CA ALA C 389 18.65 -5.34 -48.91
C ALA C 389 18.74 -4.52 -47.64
N ALA C 390 18.78 -5.18 -46.47
CA ALA C 390 18.99 -4.46 -45.22
C ALA C 390 20.45 -4.10 -45.01
N PHE C 391 21.38 -4.88 -45.56
CA PHE C 391 22.79 -4.53 -45.51
C PHE C 391 23.06 -3.22 -46.24
N GLY C 392 22.33 -2.98 -47.32
CA GLY C 392 22.47 -1.74 -48.06
C GLY C 392 21.95 -0.51 -47.34
N ARG C 393 21.22 -0.69 -46.24
CA ARG C 393 20.67 0.41 -45.47
C ARG C 393 21.33 0.53 -44.09
N ARG C 394 22.56 0.03 -43.95
CA ARG C 394 23.23 0.02 -42.67
C ARG C 394 23.93 1.36 -42.40
N ASP C 395 24.07 1.69 -41.12
CA ASP C 395 24.83 2.86 -40.70
C ASP C 395 26.22 2.41 -40.30
N PRO C 396 27.27 2.75 -41.07
CA PRO C 396 28.59 2.17 -40.81
C PRO C 396 29.31 2.81 -39.63
N ASN C 397 29.04 4.10 -39.37
CA ASN C 397 29.60 4.75 -38.21
C ASN C 397 28.94 4.33 -36.90
N ARG C 398 27.94 3.45 -36.96
CA ARG C 398 27.20 3.00 -35.79
C ARG C 398 27.54 1.57 -35.40
N VAL C 399 28.35 0.87 -36.17
CA VAL C 399 28.62 -0.55 -35.95
C VAL C 399 29.55 -0.72 -34.75
N ALA C 400 29.29 -1.75 -33.94
CA ALA C 400 30.10 -2.03 -32.77
C ALA C 400 29.91 -3.46 -32.28
N ILE C 401 30.64 -4.41 -32.85
CA ILE C 401 30.60 -5.80 -32.44
C ILE C 401 31.66 -6.01 -31.36
N PRO C 402 31.28 -6.40 -30.14
CA PRO C 402 32.29 -6.70 -29.11
C PRO C 402 33.08 -7.94 -29.49
N ALA C 403 34.41 -7.84 -29.39
CA ALA C 403 35.30 -8.88 -29.89
C ALA C 403 35.37 -10.07 -28.95
N PHE C 404 34.22 -10.54 -28.47
CA PHE C 404 34.16 -11.67 -27.55
C PHE C 404 33.50 -12.83 -28.30
N LYS C 405 34.33 -13.76 -28.76
CA LYS C 405 33.86 -14.94 -29.50
C LYS C 405 34.60 -16.14 -28.92
N GLN C 406 33.93 -16.88 -28.05
CA GLN C 406 34.53 -17.97 -27.31
C GLN C 406 34.20 -19.29 -27.99
N LYS C 407 35.24 -20.03 -28.39
CA LYS C 407 35.05 -21.29 -29.08
C LYS C 407 34.40 -22.31 -28.16
N SER C 408 33.64 -23.22 -28.77
CA SER C 408 32.87 -24.21 -28.02
C SER C 408 32.71 -25.47 -28.87
N ILE C 409 32.85 -26.63 -28.23
CA ILE C 409 32.68 -27.92 -28.90
C ILE C 409 31.28 -28.41 -28.60
N VAL C 410 30.48 -28.58 -29.65
CA VAL C 410 29.07 -28.95 -29.53
C VAL C 410 28.81 -30.20 -30.38
N GLY C 411 27.58 -30.68 -30.31
CA GLY C 411 27.15 -31.79 -31.13
C GLY C 411 27.05 -33.13 -30.43
N PHE C 412 27.00 -33.15 -29.10
CA PHE C 412 26.98 -34.40 -28.35
C PHE C 412 25.55 -34.89 -28.17
N SER C 413 24.97 -35.31 -29.29
CA SER C 413 23.74 -36.08 -29.23
C SER C 413 24.01 -37.40 -28.51
N ALA C 414 22.93 -38.05 -28.08
CA ALA C 414 23.07 -39.32 -27.39
C ALA C 414 23.83 -40.34 -28.23
N GLU C 415 23.57 -40.34 -29.55
CA GLU C 415 24.31 -41.22 -30.44
C GLU C 415 25.79 -40.86 -30.47
N ALA C 416 26.09 -39.57 -30.51
CA ALA C 416 27.49 -39.12 -30.57
C ALA C 416 28.27 -39.58 -29.34
N VAL C 417 27.64 -39.55 -28.17
CA VAL C 417 28.31 -39.97 -26.94
C VAL C 417 28.63 -41.45 -26.99
N VAL C 418 27.66 -42.27 -27.41
CA VAL C 418 27.89 -43.71 -27.50
C VAL C 418 28.88 -44.05 -28.60
N ALA C 419 28.96 -43.21 -29.64
CA ALA C 419 29.99 -43.40 -30.65
C ALA C 419 31.38 -43.16 -30.07
N ALA C 420 31.52 -42.14 -29.23
CA ALA C 420 32.80 -41.89 -28.57
C ALA C 420 33.11 -42.96 -27.53
N LEU C 421 32.08 -43.58 -26.96
CA LEU C 421 32.28 -44.67 -26.02
C LEU C 421 32.69 -45.95 -26.72
N ALA C 422 32.36 -46.10 -28.00
CA ALA C 422 32.68 -47.31 -28.75
C ALA C 422 34.09 -47.31 -29.31
N LYS C 423 34.75 -46.16 -29.38
CA LYS C 423 36.18 -46.10 -29.64
C LYS C 423 37.02 -46.36 -28.40
N VAL C 424 36.35 -46.70 -27.30
CA VAL C 424 37.00 -47.12 -26.07
C VAL C 424 36.56 -48.52 -25.64
N ASN C 425 35.37 -48.97 -26.06
CA ASN C 425 34.97 -50.36 -26.00
C ASN C 425 33.85 -50.61 -27.00
N ALA C 426 34.17 -51.18 -28.16
CA ALA C 426 33.14 -51.76 -29.00
C ALA C 426 32.87 -53.17 -28.51
N ASP C 427 31.60 -53.59 -28.60
CA ASP C 427 31.02 -54.80 -28.03
C ASP C 427 30.41 -54.51 -26.66
N ASP C 428 30.79 -53.38 -26.06
CA ASP C 428 30.19 -52.92 -24.81
C ASP C 428 30.53 -51.45 -24.61
N PRO C 429 29.90 -50.54 -25.36
CA PRO C 429 30.26 -49.12 -25.22
C PRO C 429 29.85 -48.52 -23.89
N LEU C 430 28.84 -49.08 -23.22
CA LEU C 430 28.40 -48.53 -21.95
C LEU C 430 29.19 -49.08 -20.77
N LYS C 431 30.10 -50.02 -20.99
CA LYS C 431 30.94 -50.57 -19.93
C LYS C 431 31.94 -49.54 -19.42
N PRO C 432 32.59 -48.74 -20.29
CA PRO C 432 33.38 -47.62 -19.77
C PRO C 432 32.56 -46.69 -18.88
N LEU C 433 31.30 -46.48 -19.24
CA LEU C 433 30.42 -45.69 -18.38
C LEU C 433 30.11 -46.43 -17.09
N VAL C 434 29.58 -47.65 -17.20
CA VAL C 434 29.15 -48.40 -16.01
C VAL C 434 30.32 -48.62 -15.05
N ASP C 435 31.51 -48.91 -15.60
CA ASP C 435 32.67 -49.14 -14.74
C ASP C 435 33.10 -47.86 -14.04
N ASN C 436 33.27 -46.79 -14.80
CA ASN C 436 33.80 -45.57 -14.21
C ASN C 436 32.77 -44.85 -13.34
N VAL C 437 31.56 -45.38 -13.21
CA VAL C 437 30.63 -44.87 -12.21
C VAL C 437 30.67 -45.70 -10.93
N VAL C 438 30.87 -47.02 -11.05
CA VAL C 438 30.86 -47.87 -9.85
C VAL C 438 32.05 -47.55 -8.96
N ASN C 439 33.17 -47.11 -9.53
CA ASN C 439 34.23 -46.47 -8.77
C ASN C 439 34.13 -44.97 -8.97
N GLY C 440 34.50 -44.22 -7.93
CA GLY C 440 34.21 -42.80 -7.86
C GLY C 440 34.91 -41.90 -8.87
N ASN C 441 35.21 -42.41 -10.06
CA ASN C 441 35.74 -41.53 -11.10
C ASN C 441 34.64 -40.69 -11.73
N ILE C 442 33.44 -41.24 -11.86
CA ILE C 442 32.23 -40.48 -12.17
C ILE C 442 31.29 -40.67 -10.99
N GLN C 443 31.23 -39.67 -10.11
CA GLN C 443 30.38 -39.77 -8.94
C GLN C 443 28.90 -39.68 -9.32
N GLY C 444 28.59 -39.00 -10.41
CA GLY C 444 27.22 -38.87 -10.84
C GLY C 444 27.16 -38.08 -12.13
N ILE C 445 25.94 -37.71 -12.52
CA ILE C 445 25.70 -36.94 -13.73
C ILE C 445 24.69 -35.84 -13.40
N VAL C 446 25.00 -34.61 -13.83
CA VAL C 446 24.08 -33.49 -13.68
C VAL C 446 23.67 -33.02 -15.08
N LEU C 447 22.44 -32.56 -15.19
CA LEU C 447 21.89 -32.05 -16.44
C LEU C 447 21.22 -30.72 -16.17
N PHE C 448 21.79 -29.64 -16.71
CA PHE C 448 21.22 -28.31 -16.58
C PHE C 448 20.27 -28.05 -17.74
N VAL C 449 19.07 -27.55 -17.44
CA VAL C 449 18.00 -27.50 -18.42
C VAL C 449 17.33 -26.15 -18.55
N GLY C 450 17.51 -25.22 -17.61
CA GLY C 450 16.72 -24.00 -17.56
C GLY C 450 16.87 -23.03 -18.72
N CYS C 451 16.38 -21.80 -18.53
CA CYS C 451 16.45 -20.77 -19.56
C CYS C 451 17.16 -19.58 -18.94
N ASN C 452 16.50 -18.42 -18.87
CA ASN C 452 17.09 -17.21 -18.32
C ASN C 452 16.03 -16.41 -17.60
N THR C 453 16.22 -16.19 -16.30
CA THR C 453 15.37 -15.29 -15.53
C THR C 453 16.18 -14.06 -15.14
N THR C 454 15.49 -12.91 -15.10
CA THR C 454 16.13 -11.68 -14.64
C THR C 454 16.39 -11.69 -13.14
N LYS C 455 15.69 -12.56 -12.40
CA LYS C 455 15.78 -12.58 -10.95
C LYS C 455 17.09 -13.17 -10.43
N VAL C 456 17.98 -13.59 -11.32
CA VAL C 456 19.35 -13.94 -10.97
C VAL C 456 20.25 -13.49 -12.11
N GLN C 457 21.47 -13.08 -11.77
CA GLN C 457 22.42 -12.58 -12.75
C GLN C 457 22.54 -13.56 -13.92
N GLN C 458 22.76 -12.99 -15.12
CA GLN C 458 22.32 -13.63 -16.36
C GLN C 458 22.76 -15.08 -16.48
N ASP C 459 24.04 -15.36 -16.29
CA ASP C 459 24.55 -16.72 -16.47
C ASP C 459 25.37 -17.23 -15.29
N SER C 460 25.54 -16.43 -14.24
CA SER C 460 26.37 -16.82 -13.10
C SER C 460 25.90 -18.14 -12.50
N ALA C 461 24.62 -18.20 -12.11
CA ALA C 461 24.05 -19.36 -11.43
C ALA C 461 24.44 -20.68 -12.08
N TYR C 462 24.48 -20.70 -13.42
CA TYR C 462 24.84 -21.93 -14.13
C TYR C 462 26.30 -22.31 -13.87
N VAL C 463 27.22 -21.38 -14.16
CA VAL C 463 28.65 -21.73 -14.15
C VAL C 463 29.13 -22.02 -12.74
N ASP C 464 28.60 -21.31 -11.74
CA ASP C 464 28.92 -21.62 -10.35
C ASP C 464 28.61 -23.08 -10.04
N LEU C 465 27.43 -23.54 -10.45
CA LEU C 465 27.04 -24.92 -10.20
C LEU C 465 27.81 -25.89 -11.08
N ALA C 466 28.15 -25.49 -12.31
CA ALA C 466 28.89 -26.37 -13.20
C ALA C 466 30.27 -26.67 -12.64
N LYS C 467 31.01 -25.62 -12.26
CA LYS C 467 32.33 -25.83 -11.67
C LYS C 467 32.23 -26.49 -10.29
N SER C 468 31.20 -26.14 -9.53
CA SER C 468 31.03 -26.73 -8.20
C SER C 468 30.84 -28.24 -8.29
N LEU C 469 30.04 -28.70 -9.24
CA LEU C 469 29.74 -30.12 -9.34
C LEU C 469 30.71 -30.87 -10.26
N ALA C 470 31.35 -30.20 -11.21
CA ALA C 470 32.38 -30.86 -12.00
C ALA C 470 33.53 -31.30 -11.11
N LYS C 471 34.14 -30.35 -10.39
CA LYS C 471 35.22 -30.59 -9.44
C LYS C 471 35.00 -31.83 -8.59
N ARG C 472 33.77 -31.99 -8.10
CA ARG C 472 33.40 -33.12 -7.26
C ARG C 472 33.05 -34.37 -8.07
N ASN C 473 33.57 -34.47 -9.30
CA ASN C 473 33.53 -35.68 -10.11
C ASN C 473 32.11 -36.06 -10.52
N VAL C 474 31.33 -35.07 -10.96
CA VAL C 474 29.98 -35.29 -11.48
C VAL C 474 29.96 -34.82 -12.93
N LEU C 475 29.64 -35.75 -13.84
CA LEU C 475 29.55 -35.40 -15.26
C LEU C 475 28.47 -34.33 -15.47
N VAL C 476 28.66 -33.52 -16.50
CA VAL C 476 27.81 -32.36 -16.73
C VAL C 476 27.29 -32.39 -18.16
N LEU C 477 25.96 -32.35 -18.30
CA LEU C 477 25.30 -32.18 -19.58
C LEU C 477 24.41 -30.95 -19.50
N ALA C 478 24.11 -30.37 -20.67
CA ALA C 478 23.32 -29.14 -20.71
C ALA C 478 22.54 -29.07 -22.00
N THR C 479 21.47 -28.29 -21.97
CA THR C 479 20.56 -28.11 -23.11
C THR C 479 20.03 -26.69 -23.10
N GLY C 480 19.44 -26.30 -24.23
CA GLY C 480 18.80 -25.01 -24.39
C GLY C 480 19.68 -23.85 -23.98
N CYS C 481 19.05 -22.83 -23.42
CA CYS C 481 19.77 -21.63 -23.01
C CYS C 481 20.73 -21.89 -21.86
N ALA C 482 20.53 -22.98 -21.11
CA ALA C 482 21.51 -23.38 -20.12
C ALA C 482 22.82 -23.80 -20.79
N ALA C 483 22.72 -24.61 -21.85
CA ALA C 483 23.90 -25.01 -22.60
C ALA C 483 24.53 -23.80 -23.28
N GLY C 484 23.72 -22.99 -23.96
CA GLY C 484 24.24 -21.80 -24.62
C GLY C 484 24.95 -20.86 -23.67
N ALA C 485 24.59 -20.88 -22.39
CA ALA C 485 25.31 -20.12 -21.39
C ALA C 485 26.72 -20.65 -21.20
N PHE C 486 26.85 -21.96 -21.00
CA PHE C 486 28.16 -22.57 -20.86
C PHE C 486 29.02 -22.38 -22.10
N ALA C 487 28.38 -22.24 -23.27
CA ALA C 487 29.12 -22.04 -24.51
C ALA C 487 29.91 -20.74 -24.48
N LYS C 488 29.22 -19.62 -24.26
CA LYS C 488 29.92 -18.34 -24.15
C LYS C 488 30.85 -18.32 -22.95
N ALA C 489 30.45 -18.98 -21.85
CA ALA C 489 31.25 -18.96 -20.63
C ALA C 489 32.65 -19.52 -20.88
N GLY C 490 32.75 -20.60 -21.64
CA GLY C 490 34.04 -21.18 -21.97
C GLY C 490 34.14 -22.65 -21.60
N LEU C 491 33.16 -23.14 -20.84
CA LEU C 491 33.20 -24.50 -20.32
C LEU C 491 32.90 -25.57 -21.36
N MET C 492 32.59 -25.18 -22.59
CA MET C 492 32.39 -26.14 -23.68
C MET C 492 33.67 -26.37 -24.47
N THR C 493 34.81 -26.47 -23.77
CA THR C 493 36.10 -26.64 -24.41
C THR C 493 36.84 -27.79 -23.75
N SER C 494 37.80 -28.36 -24.49
CA SER C 494 38.68 -29.36 -23.92
C SER C 494 39.51 -28.79 -22.78
N GLU C 495 39.84 -27.49 -22.85
CA GLU C 495 40.64 -26.86 -21.80
C GLU C 495 39.87 -26.80 -20.48
N ALA C 496 38.56 -26.55 -20.55
CA ALA C 496 37.77 -26.40 -19.33
C ALA C 496 37.80 -27.67 -18.49
N THR C 497 37.97 -28.83 -19.12
CA THR C 497 38.08 -30.07 -18.37
C THR C 497 39.36 -30.13 -17.56
N THR C 498 40.50 -29.93 -18.22
CA THR C 498 41.79 -29.96 -17.53
C THR C 498 41.86 -28.92 -16.43
N GLN C 499 41.06 -27.86 -16.53
CA GLN C 499 41.13 -26.78 -15.56
C GLN C 499 40.27 -27.06 -14.32
N TYR C 500 39.06 -27.57 -14.51
CA TYR C 500 38.08 -27.64 -13.43
C TYR C 500 37.59 -29.04 -13.08
N ALA C 501 37.75 -30.03 -13.97
CA ALA C 501 36.99 -31.27 -13.84
C ALA C 501 37.25 -31.97 -12.51
N GLY C 502 38.47 -31.95 -12.03
CA GLY C 502 38.84 -32.81 -10.92
C GLY C 502 39.23 -34.20 -11.39
N GLU C 503 40.01 -34.89 -10.56
CA GLU C 503 40.86 -35.97 -11.06
C GLU C 503 40.03 -37.14 -11.59
N GLY C 504 39.14 -37.69 -10.76
CA GLY C 504 38.37 -38.85 -11.19
C GLY C 504 37.60 -38.61 -12.47
N LEU C 505 37.09 -37.40 -12.64
CA LEU C 505 36.36 -37.04 -13.86
C LEU C 505 37.30 -36.73 -15.01
N LYS C 506 38.36 -35.96 -14.72
CA LYS C 506 39.33 -35.58 -15.75
C LYS C 506 39.98 -36.80 -16.40
N GLY C 507 40.00 -37.94 -15.72
CA GLY C 507 40.55 -39.16 -16.27
C GLY C 507 39.65 -39.79 -17.33
N VAL C 508 38.36 -39.95 -17.03
CA VAL C 508 37.46 -40.61 -17.96
C VAL C 508 37.17 -39.71 -19.16
N LEU C 509 36.99 -38.42 -18.92
CA LEU C 509 36.70 -37.51 -20.03
C LEU C 509 37.84 -37.44 -21.03
N SER C 510 39.09 -37.46 -20.53
CA SER C 510 40.23 -37.35 -21.42
C SER C 510 40.46 -38.62 -22.22
N ALA C 511 40.18 -39.79 -21.64
CA ALA C 511 40.32 -41.04 -22.37
C ALA C 511 39.34 -41.10 -23.54
N ILE C 512 38.05 -40.87 -23.26
CA ILE C 512 37.04 -40.76 -24.30
C ILE C 512 37.33 -39.56 -25.20
N GLY C 513 38.12 -38.61 -24.72
CA GLY C 513 38.51 -37.47 -25.52
C GLY C 513 39.66 -37.77 -26.46
N THR C 514 40.73 -38.38 -25.94
CA THR C 514 41.89 -38.65 -26.78
C THR C 514 41.59 -39.77 -27.79
N ALA C 515 41.06 -40.89 -27.32
CA ALA C 515 40.46 -41.85 -28.23
C ALA C 515 39.21 -41.23 -28.82
N ALA C 516 39.05 -41.38 -30.14
CA ALA C 516 38.07 -40.71 -31.01
C ALA C 516 38.56 -39.31 -31.38
N GLY C 517 39.67 -38.84 -30.83
CA GLY C 517 40.38 -37.67 -31.33
C GLY C 517 39.61 -36.37 -31.36
N LEU C 518 39.73 -35.58 -30.29
CA LEU C 518 39.26 -34.20 -30.30
C LEU C 518 40.38 -33.18 -30.35
N GLY C 519 41.61 -33.58 -30.04
CA GLY C 519 42.69 -32.66 -29.72
C GLY C 519 42.94 -32.51 -28.22
N GLY C 520 42.37 -33.38 -27.40
CA GLY C 520 42.33 -33.21 -25.96
C GLY C 520 41.15 -33.98 -25.43
N PRO C 521 40.64 -33.58 -24.27
CA PRO C 521 39.50 -34.32 -23.68
C PRO C 521 38.13 -33.88 -24.19
N LEU C 522 37.09 -34.47 -23.62
CA LEU C 522 35.74 -33.96 -23.83
C LEU C 522 35.60 -32.60 -23.14
N PRO C 523 34.68 -31.76 -23.61
CA PRO C 523 34.39 -30.52 -22.87
C PRO C 523 33.81 -30.84 -21.51
N LEU C 524 34.03 -29.93 -20.56
CA LEU C 524 33.47 -30.04 -19.21
C LEU C 524 31.97 -30.31 -19.30
N VAL C 525 31.24 -29.36 -19.79
CA VAL C 525 29.82 -29.52 -20.09
C VAL C 525 29.70 -29.98 -21.53
N MET C 526 28.68 -30.79 -21.81
CA MET C 526 28.46 -31.33 -23.14
C MET C 526 27.10 -30.85 -23.65
N HIS C 527 27.11 -30.11 -24.76
CA HIS C 527 25.86 -29.66 -25.35
C HIS C 527 25.07 -30.85 -25.87
N MET C 528 23.80 -30.91 -25.50
CA MET C 528 22.91 -31.97 -25.97
C MET C 528 21.75 -31.45 -26.80
N GLY C 529 21.59 -30.14 -26.93
CA GLY C 529 20.66 -29.57 -27.88
C GLY C 529 19.69 -28.53 -27.31
N SER C 530 18.51 -28.46 -27.91
CA SER C 530 17.45 -27.56 -27.47
C SER C 530 16.66 -28.20 -26.32
N CYS C 531 15.61 -27.50 -25.85
CA CYS C 531 14.84 -28.01 -24.72
C CYS C 531 14.26 -29.39 -25.01
N VAL C 532 13.80 -29.61 -26.24
CA VAL C 532 13.26 -30.93 -26.59
C VAL C 532 14.37 -31.97 -26.58
N ASP C 533 15.59 -31.57 -26.96
CA ASP C 533 16.72 -32.48 -27.01
C ASP C 533 17.09 -32.98 -25.62
N ASN C 534 16.41 -32.47 -24.59
CA ASN C 534 16.47 -33.11 -23.27
C ASN C 534 16.05 -34.57 -23.37
N SER C 535 15.23 -34.91 -24.38
CA SER C 535 14.86 -36.30 -24.61
C SER C 535 16.07 -37.16 -24.90
N ARG C 536 17.16 -36.57 -25.41
CA ARG C 536 18.39 -37.33 -25.61
C ARG C 536 18.93 -37.86 -24.30
N ALA C 537 19.06 -36.96 -23.30
CA ALA C 537 19.61 -37.36 -22.02
C ALA C 537 18.73 -38.41 -21.33
N VAL C 538 17.43 -38.37 -21.58
CA VAL C 538 16.56 -39.43 -21.05
C VAL C 538 16.87 -40.75 -21.74
N ALA C 539 17.11 -40.71 -23.06
CA ALA C 539 17.44 -41.92 -23.80
C ALA C 539 18.74 -42.55 -23.28
N LEU C 540 19.78 -41.73 -23.14
CA LEU C 540 21.05 -42.21 -22.59
C LEU C 540 20.85 -42.81 -21.20
N ALA C 541 20.19 -42.06 -20.31
CA ALA C 541 20.01 -42.52 -18.94
C ALA C 541 19.21 -43.83 -18.88
N THR C 542 18.19 -43.96 -19.74
CA THR C 542 17.41 -45.18 -19.77
C THR C 542 18.27 -46.38 -20.19
N ALA C 543 19.20 -46.16 -21.12
CA ALA C 543 20.07 -47.24 -21.55
C ALA C 543 21.04 -47.65 -20.45
N LEU C 544 21.63 -46.67 -19.75
CA LEU C 544 22.51 -46.99 -18.63
C LEU C 544 21.75 -47.69 -17.51
N ALA C 545 20.47 -47.34 -17.31
CA ALA C 545 19.65 -48.04 -16.35
C ALA C 545 19.13 -49.36 -16.88
N ASN C 546 19.22 -49.59 -18.18
CA ASN C 546 18.85 -50.88 -18.76
C ASN C 546 20.04 -51.83 -18.86
N LYS C 547 21.25 -51.29 -19.02
CA LYS C 547 22.45 -52.11 -18.83
C LYS C 547 22.46 -52.72 -17.43
N LEU C 548 22.26 -51.89 -16.42
CA LEU C 548 21.97 -52.36 -15.08
C LEU C 548 20.52 -52.84 -15.03
N GLY C 549 20.13 -53.43 -13.90
CA GLY C 549 18.79 -53.94 -13.79
C GLY C 549 17.83 -52.99 -13.12
N VAL C 550 17.99 -51.69 -13.36
CA VAL C 550 17.35 -50.68 -12.51
C VAL C 550 16.52 -49.68 -13.32
N ASP C 551 16.23 -48.55 -12.69
CA ASP C 551 15.45 -47.46 -13.24
C ASP C 551 16.23 -46.17 -13.05
N LEU C 552 15.73 -45.08 -13.66
CA LEU C 552 16.41 -43.80 -13.47
C LEU C 552 16.25 -43.28 -12.05
N SER C 553 15.34 -43.85 -11.27
CA SER C 553 15.21 -43.53 -9.86
C SER C 553 16.30 -44.18 -9.01
N ASP C 554 17.21 -44.94 -9.61
CA ASP C 554 18.29 -45.60 -8.88
C ASP C 554 19.67 -45.10 -9.25
N LEU C 555 19.81 -44.34 -10.34
CA LEU C 555 21.08 -43.88 -10.89
C LEU C 555 21.48 -42.54 -10.28
N PRO C 556 22.77 -42.33 -10.00
CA PRO C 556 23.21 -41.02 -9.52
C PRO C 556 23.06 -39.94 -10.58
N LEU C 557 21.82 -39.72 -11.03
CA LEU C 557 21.50 -38.72 -12.03
C LEU C 557 20.57 -37.69 -11.41
N VAL C 558 20.94 -36.42 -11.54
CA VAL C 558 20.12 -35.30 -11.08
C VAL C 558 20.04 -34.27 -12.20
N ALA C 559 18.96 -33.49 -12.17
CA ALA C 559 18.77 -32.38 -13.07
C ALA C 559 18.74 -31.08 -12.29
N SER C 560 18.98 -29.98 -12.98
CA SER C 560 19.08 -28.69 -12.32
C SER C 560 18.62 -27.58 -13.27
N ALA C 561 17.80 -26.67 -12.76
CA ALA C 561 17.34 -25.51 -13.50
C ALA C 561 17.64 -24.26 -12.68
N PRO C 562 18.91 -23.84 -12.63
CA PRO C 562 19.27 -22.69 -11.78
C PRO C 562 18.54 -21.41 -12.14
N GLU C 563 18.17 -21.20 -13.42
CA GLU C 563 17.47 -19.99 -13.85
C GLU C 563 16.34 -20.36 -14.80
N CYS C 564 15.29 -20.99 -14.26
CA CYS C 564 14.11 -21.31 -15.04
C CYS C 564 13.09 -20.17 -14.93
N MET C 565 12.22 -20.08 -15.94
CA MET C 565 11.20 -19.03 -15.94
C MET C 565 9.99 -19.41 -16.79
N SER C 566 10.22 -20.05 -17.93
CA SER C 566 9.13 -20.37 -18.84
C SER C 566 8.33 -21.57 -18.32
N GLU C 567 7.11 -21.69 -18.83
CA GLU C 567 6.30 -22.87 -18.52
C GLU C 567 6.90 -24.12 -19.13
N LYS C 568 7.60 -23.99 -20.25
CA LYS C 568 8.32 -25.13 -20.81
C LYS C 568 9.35 -25.67 -19.84
N ALA C 569 10.11 -24.76 -19.20
CA ALA C 569 11.03 -25.18 -18.16
C ALA C 569 10.28 -25.78 -16.98
N LEU C 570 9.09 -25.26 -16.68
CA LEU C 570 8.29 -25.81 -15.60
C LEU C 570 7.77 -27.19 -15.96
N ALA C 571 7.43 -27.41 -17.24
CA ALA C 571 6.97 -28.73 -17.67
C ALA C 571 8.13 -29.70 -17.83
N ILE C 572 9.29 -29.20 -18.31
CA ILE C 572 10.47 -30.06 -18.42
C ILE C 572 10.86 -30.60 -17.06
N GLY C 573 11.08 -29.70 -16.09
CA GLY C 573 11.44 -30.11 -14.75
C GLY C 573 10.38 -30.95 -14.05
N SER C 574 9.17 -31.00 -14.59
CA SER C 574 8.11 -31.78 -13.95
C SER C 574 8.18 -33.25 -14.34
N TRP C 575 8.31 -33.56 -15.63
CA TRP C 575 8.46 -34.96 -16.00
C TRP C 575 9.83 -35.51 -15.61
N ALA C 576 10.82 -34.63 -15.40
CA ALA C 576 12.09 -35.09 -14.84
C ALA C 576 11.88 -35.73 -13.48
N VAL C 577 11.10 -35.08 -12.62
CA VAL C 577 10.69 -35.70 -11.37
C VAL C 577 9.94 -36.99 -11.64
N THR C 578 8.93 -36.93 -12.50
CA THR C 578 8.11 -38.10 -12.81
C THR C 578 8.92 -39.20 -13.50
N ILE C 579 10.10 -38.88 -14.01
CA ILE C 579 10.96 -39.92 -14.57
C ILE C 579 11.78 -40.59 -13.46
N GLY C 580 12.19 -39.83 -12.45
CA GLY C 580 12.82 -40.41 -11.29
C GLY C 580 13.95 -39.59 -10.68
N LEU C 581 14.22 -38.43 -11.26
CA LEU C 581 15.38 -37.59 -10.96
C LEU C 581 15.07 -36.60 -9.83
N PRO C 582 16.03 -36.33 -8.96
CA PRO C 582 15.95 -35.13 -8.13
C PRO C 582 16.17 -33.90 -9.01
N THR C 583 15.25 -32.95 -8.94
CA THR C 583 15.23 -31.83 -9.87
C THR C 583 15.44 -30.54 -9.10
N HIS C 584 16.55 -29.87 -9.36
CA HIS C 584 16.83 -28.58 -8.75
C HIS C 584 16.14 -27.48 -9.55
N VAL C 585 15.33 -26.68 -8.87
CA VAL C 585 14.79 -25.44 -9.41
C VAL C 585 15.46 -24.29 -8.68
N GLY C 586 15.96 -23.31 -9.44
CA GLY C 586 16.62 -22.15 -8.87
C GLY C 586 15.84 -20.86 -8.93
N SER C 587 14.54 -20.91 -9.21
CA SER C 587 13.76 -19.68 -9.39
C SER C 587 12.40 -19.78 -8.73
N VAL C 588 12.27 -20.64 -7.71
CA VAL C 588 11.09 -20.87 -6.87
C VAL C 588 9.77 -20.74 -7.63
N PRO C 589 9.16 -21.86 -8.03
CA PRO C 589 7.81 -21.80 -8.61
C PRO C 589 6.81 -21.28 -7.60
N PRO C 590 5.62 -20.83 -8.05
CA PRO C 590 4.64 -20.27 -7.11
C PRO C 590 3.98 -21.31 -6.22
N VAL C 591 4.74 -21.89 -5.29
CA VAL C 591 4.24 -22.93 -4.39
C VAL C 591 4.43 -22.59 -2.92
N ILE C 592 5.06 -21.45 -2.60
CA ILE C 592 5.39 -21.16 -1.21
C ILE C 592 4.15 -20.83 -0.39
N GLY C 593 3.07 -20.38 -1.03
CA GLY C 593 1.85 -20.09 -0.29
C GLY C 593 1.14 -21.32 0.25
N SER C 594 1.37 -22.48 -0.34
CA SER C 594 0.69 -23.72 0.04
C SER C 594 1.72 -24.73 0.50
N GLN C 595 1.65 -25.10 1.79
CA GLN C 595 2.57 -26.09 2.33
C GLN C 595 2.25 -27.50 1.82
N ILE C 596 0.98 -27.76 1.48
CA ILE C 596 0.59 -29.09 1.05
C ILE C 596 1.13 -29.38 -0.35
N VAL C 597 0.92 -28.45 -1.28
CA VAL C 597 1.49 -28.60 -2.62
C VAL C 597 3.01 -28.65 -2.54
N THR C 598 3.60 -27.93 -1.59
CA THR C 598 5.05 -27.99 -1.40
C THR C 598 5.46 -29.36 -0.86
N LYS C 599 4.70 -29.90 0.10
CA LYS C 599 4.98 -31.25 0.58
C LYS C 599 4.84 -32.29 -0.54
N LEU C 600 3.94 -32.04 -1.48
CA LEU C 600 3.63 -33.04 -2.51
C LEU C 600 4.76 -33.16 -3.52
N VAL C 601 5.24 -32.02 -4.04
CA VAL C 601 6.28 -32.06 -5.07
C VAL C 601 7.68 -32.24 -4.52
N THR C 602 7.84 -32.29 -3.20
CA THR C 602 9.16 -32.40 -2.59
C THR C 602 9.32 -33.61 -1.68
N GLU C 603 8.26 -34.06 -1.00
CA GLU C 603 8.34 -35.19 -0.08
C GLU C 603 7.66 -36.43 -0.63
N THR C 604 6.35 -36.36 -0.88
CA THR C 604 5.62 -37.51 -1.42
C THR C 604 6.08 -37.88 -2.82
N ALA C 605 6.77 -36.97 -3.52
CA ALA C 605 7.31 -37.31 -4.83
C ALA C 605 8.37 -38.39 -4.72
N LYS C 606 9.16 -38.37 -3.65
CA LYS C 606 10.20 -39.37 -3.47
C LYS C 606 9.61 -40.77 -3.33
N ASP C 607 8.47 -40.88 -2.64
CA ASP C 607 7.87 -42.19 -2.39
C ASP C 607 7.13 -42.71 -3.62
N LEU C 608 6.26 -41.87 -4.21
CA LEU C 608 5.44 -42.32 -5.33
C LEU C 608 6.28 -42.58 -6.57
N VAL C 609 6.97 -41.55 -7.07
CA VAL C 609 7.59 -41.62 -8.39
C VAL C 609 9.12 -41.63 -8.32
N GLY C 610 9.71 -41.44 -7.15
CA GLY C 610 11.16 -41.53 -7.02
C GLY C 610 11.86 -40.19 -7.06
N GLY C 611 11.60 -39.41 -8.11
CA GLY C 611 12.15 -38.08 -8.21
C GLY C 611 11.49 -37.11 -7.24
N TYR C 612 12.01 -35.90 -7.21
CA TYR C 612 11.50 -34.85 -6.33
C TYR C 612 12.18 -33.54 -6.70
N PHE C 613 11.63 -32.44 -6.17
CA PHE C 613 12.14 -31.11 -6.44
C PHE C 613 13.09 -30.66 -5.33
N ILE C 614 14.12 -29.93 -5.72
CA ILE C 614 15.01 -29.25 -4.78
C ILE C 614 14.88 -27.76 -5.11
N VAL C 615 14.17 -27.03 -4.26
CA VAL C 615 13.99 -25.60 -4.44
C VAL C 615 15.06 -24.88 -3.63
N ASP C 616 15.97 -24.19 -4.32
CA ASP C 616 17.04 -23.48 -3.64
C ASP C 616 17.58 -22.41 -4.59
N THR C 617 17.64 -21.17 -4.10
CA THR C 617 18.14 -20.05 -4.87
C THR C 617 19.61 -19.75 -4.58
N ASP C 618 20.23 -20.49 -3.65
CA ASP C 618 21.65 -20.36 -3.39
C ASP C 618 22.39 -21.42 -4.19
N PRO C 619 23.10 -21.07 -5.25
CA PRO C 619 23.81 -22.09 -6.04
C PRO C 619 24.78 -22.92 -5.21
N LYS C 620 25.44 -22.31 -4.23
CA LYS C 620 26.34 -23.05 -3.36
C LYS C 620 25.60 -24.14 -2.58
N SER C 621 24.45 -23.78 -1.99
CA SER C 621 23.70 -24.76 -1.21
C SER C 621 22.98 -25.76 -2.11
N ALA C 622 22.67 -25.36 -3.35
CA ALA C 622 22.05 -26.29 -4.29
C ALA C 622 23.00 -27.42 -4.66
N GLY C 623 24.25 -27.07 -5.00
CA GLY C 623 25.24 -28.09 -5.30
C GLY C 623 25.52 -29.01 -4.13
N ASP C 624 25.30 -28.53 -2.90
CA ASP C 624 25.48 -29.38 -1.74
C ASP C 624 24.28 -30.28 -1.50
N LYS C 625 23.08 -29.84 -1.92
CA LYS C 625 21.94 -30.75 -1.96
C LYS C 625 22.02 -31.68 -3.16
N LEU C 626 22.38 -31.13 -4.32
CA LEU C 626 22.46 -31.94 -5.54
C LEU C 626 23.56 -33.01 -5.41
N TYR C 627 24.68 -32.67 -4.78
CA TYR C 627 25.67 -33.70 -4.48
C TYR C 627 25.11 -34.69 -3.47
N ALA C 628 24.59 -34.20 -2.35
CA ALA C 628 24.01 -35.08 -1.34
C ALA C 628 23.06 -36.09 -1.99
N ALA C 629 22.12 -35.59 -2.80
CA ALA C 629 21.19 -36.47 -3.49
C ALA C 629 21.91 -37.50 -4.36
N ILE C 630 23.01 -37.09 -5.01
CA ILE C 630 23.76 -38.02 -5.85
C ILE C 630 24.40 -39.10 -4.99
N GLN C 631 25.08 -38.69 -3.90
CA GLN C 631 25.67 -39.67 -3.01
C GLN C 631 24.61 -40.53 -2.34
N GLU C 632 23.42 -39.96 -2.09
CA GLU C 632 22.29 -40.77 -1.63
C GLU C 632 21.86 -41.76 -2.70
N ARG C 633 21.99 -41.39 -3.97
CA ARG C 633 21.65 -42.29 -5.07
C ARG C 633 22.76 -43.31 -5.29
N ARG C 634 24.01 -42.90 -5.11
CA ARG C 634 25.06 -43.84 -4.79
C ARG C 634 24.72 -44.53 -3.46
N ALA C 635 25.48 -45.56 -3.12
CA ALA C 635 25.28 -46.29 -1.87
C ALA C 635 23.90 -46.93 -1.77
N GLY C 636 23.06 -46.70 -2.76
CA GLY C 636 21.93 -47.56 -3.04
C GLY C 636 22.27 -48.62 -4.04
N LEU C 637 23.55 -48.73 -4.38
CA LEU C 637 24.04 -49.64 -5.40
C LEU C 637 25.32 -50.32 -4.93
N GLU D 17 -28.53 -11.11 -3.92
CA GLU D 17 -29.44 -11.85 -3.05
C GLU D 17 -30.91 -11.68 -3.41
N MET D 18 -31.20 -10.84 -4.41
CA MET D 18 -32.59 -10.69 -4.86
C MET D 18 -33.17 -12.05 -5.22
N LEU D 19 -34.49 -12.16 -5.06
CA LEU D 19 -35.21 -13.44 -5.10
C LEU D 19 -34.84 -14.25 -3.86
N ASN D 20 -35.84 -14.58 -3.05
CA ASN D 20 -35.61 -14.91 -1.63
C ASN D 20 -34.91 -16.26 -1.48
N LEU D 21 -33.76 -16.22 -0.80
CA LEU D 21 -33.08 -17.40 -0.24
C LEU D 21 -32.57 -16.96 1.13
N ALA D 22 -33.42 -17.09 2.15
CA ALA D 22 -33.13 -16.55 3.48
C ALA D 22 -32.34 -17.56 4.29
N GLU D 23 -31.02 -17.42 4.25
CA GLU D 23 -30.13 -18.35 4.94
C GLU D 23 -30.15 -18.11 6.44
N ALA D 24 -29.59 -19.07 7.18
CA ALA D 24 -29.35 -18.89 8.61
C ALA D 24 -28.14 -18.01 8.81
N ASN D 25 -27.03 -18.59 9.30
CA ASN D 25 -25.81 -17.85 9.55
C ASN D 25 -24.68 -18.77 10.01
N SER D 26 -23.73 -18.20 10.77
CA SER D 26 -22.71 -18.89 11.54
C SER D 26 -21.76 -19.80 10.74
N ILE D 27 -22.06 -20.05 9.46
CA ILE D 27 -21.13 -20.77 8.60
C ILE D 27 -20.93 -19.95 7.33
N GLU D 28 -19.74 -20.06 6.74
CA GLU D 28 -19.35 -19.22 5.62
C GLU D 28 -20.04 -19.67 4.34
N THR D 29 -20.49 -18.69 3.55
CA THR D 29 -21.03 -18.95 2.23
C THR D 29 -20.27 -18.17 1.16
N ALA D 30 -20.86 -18.03 -0.03
CA ALA D 30 -20.17 -17.41 -1.14
C ALA D 30 -20.17 -15.89 -1.04
N TRP D 31 -21.16 -15.30 -0.38
CA TRP D 31 -21.14 -13.86 -0.14
C TRP D 31 -20.33 -13.51 1.11
N HIS D 32 -20.36 -14.37 2.13
CA HIS D 32 -19.49 -14.19 3.28
C HIS D 32 -18.03 -14.23 2.84
N ARG D 33 -17.69 -15.13 1.91
CA ARG D 33 -16.32 -15.23 1.42
C ARG D 33 -15.98 -14.09 0.47
N TYR D 34 -16.93 -13.68 -0.38
CA TYR D 34 -16.69 -12.56 -1.27
C TYR D 34 -16.47 -11.28 -0.49
N GLU D 35 -17.27 -11.05 0.55
CA GLU D 35 -17.11 -9.84 1.36
C GLU D 35 -15.75 -9.78 2.03
N LYS D 36 -15.15 -10.94 2.32
CA LYS D 36 -13.84 -11.00 2.95
C LYS D 36 -12.69 -10.79 1.97
N GLN D 37 -12.99 -10.61 0.68
CA GLN D 37 -11.97 -10.38 -0.34
C GLN D 37 -11.85 -8.91 -0.72
N GLN D 38 -12.43 -8.01 0.06
CA GLN D 38 -12.59 -6.63 -0.39
C GLN D 38 -11.50 -5.74 0.18
N PRO D 39 -10.86 -4.91 -0.65
CA PRO D 39 -11.08 -4.76 -2.10
C PRO D 39 -10.18 -5.69 -2.93
N GLN D 40 -10.70 -6.19 -4.05
CA GLN D 40 -9.96 -7.10 -4.90
C GLN D 40 -9.04 -6.32 -5.83
N CYS D 41 -8.00 -7.01 -6.31
CA CYS D 41 -6.92 -6.34 -7.04
C CYS D 41 -7.44 -5.67 -8.31
N GLY D 42 -7.23 -4.36 -8.41
CA GLY D 42 -7.63 -3.65 -9.61
C GLY D 42 -6.72 -3.91 -10.78
N PHE D 43 -5.47 -4.30 -10.52
CA PHE D 43 -4.57 -4.66 -11.62
C PHE D 43 -5.10 -5.88 -12.36
N GLY D 44 -5.54 -6.90 -11.62
CA GLY D 44 -6.18 -8.03 -12.27
C GLY D 44 -7.55 -7.71 -12.81
N SER D 45 -8.28 -6.83 -12.15
CA SER D 45 -9.59 -6.41 -12.65
C SER D 45 -9.45 -5.60 -13.94
N ALA D 46 -8.36 -4.86 -14.09
CA ALA D 46 -8.08 -4.16 -15.34
C ALA D 46 -7.57 -5.08 -16.42
N GLY D 47 -7.01 -6.24 -16.05
CA GLY D 47 -6.27 -7.07 -16.96
C GLY D 47 -4.79 -6.75 -17.01
N LEU D 48 -4.31 -5.84 -16.17
CA LEU D 48 -2.93 -5.34 -16.22
C LEU D 48 -1.99 -6.12 -15.31
N CYS D 49 -2.19 -7.44 -15.20
CA CYS D 49 -1.23 -8.28 -14.50
C CYS D 49 -1.13 -9.61 -15.23
N CYS D 50 0.09 -10.03 -15.52
CA CYS D 50 0.35 -11.25 -16.27
C CYS D 50 1.39 -12.08 -15.53
N ARG D 51 1.15 -13.39 -15.47
CA ARG D 51 1.95 -14.30 -14.67
C ARG D 51 2.45 -15.48 -15.49
N ILE D 52 2.67 -15.27 -16.79
CA ILE D 52 2.88 -16.40 -17.69
C ILE D 52 4.26 -17.02 -17.46
N CYS D 53 5.27 -16.21 -17.16
CA CYS D 53 6.56 -16.75 -16.77
C CYS D 53 6.87 -16.38 -15.33
N LEU D 54 7.91 -17.02 -14.80
CA LEU D 54 8.34 -16.77 -13.43
C LEU D 54 9.06 -15.44 -13.27
N LYS D 55 9.44 -14.79 -14.37
CA LYS D 55 9.93 -13.42 -14.28
C LYS D 55 8.85 -12.48 -13.76
N GLY D 56 7.58 -12.87 -13.86
CA GLY D 56 6.50 -12.12 -13.29
C GLY D 56 6.49 -12.24 -11.77
N PRO D 57 5.44 -11.70 -11.14
CA PRO D 57 4.29 -11.00 -11.72
C PRO D 57 4.64 -9.61 -12.26
N CYS D 58 4.39 -9.38 -13.54
CA CYS D 58 4.64 -8.09 -14.17
C CYS D 58 3.31 -7.38 -14.37
N ARG D 59 3.16 -6.22 -13.72
CA ARG D 59 1.94 -5.43 -13.83
C ARG D 59 2.22 -4.13 -14.58
N ILE D 60 1.15 -3.55 -15.12
CA ILE D 60 1.23 -2.37 -15.97
C ILE D 60 0.65 -1.18 -15.23
N ASP D 61 1.32 -0.03 -15.32
CA ASP D 61 0.81 1.22 -14.81
C ASP D 61 0.36 2.09 -15.98
N PRO D 62 -0.93 2.27 -16.20
CA PRO D 62 -1.37 3.03 -17.38
C PRO D 62 -1.31 4.53 -17.22
N PHE D 63 -1.18 5.05 -16.00
CA PHE D 63 -1.31 6.48 -15.75
C PHE D 63 -0.06 7.07 -15.09
N GLY D 64 0.32 6.57 -13.91
CA GLY D 64 1.29 7.26 -13.08
C GLY D 64 2.75 7.07 -13.43
N GLU D 65 3.04 6.90 -14.73
CA GLU D 65 4.42 6.79 -15.21
C GLU D 65 5.21 5.71 -14.48
N GLY D 66 4.56 4.58 -14.23
CA GLY D 66 5.21 3.44 -13.67
C GLY D 66 5.83 2.58 -14.76
N PRO D 67 5.66 1.27 -14.66
CA PRO D 67 6.09 0.39 -15.76
C PRO D 67 5.02 0.31 -16.84
N LYS D 68 5.42 0.55 -18.08
CA LYS D 68 4.53 0.43 -19.24
C LYS D 68 4.72 -0.88 -19.98
N TYR D 69 5.62 -1.76 -19.52
CA TYR D 69 5.92 -2.99 -20.22
C TYR D 69 6.20 -4.09 -19.20
N GLY D 70 6.10 -5.33 -19.67
CA GLY D 70 6.58 -6.45 -18.89
C GLY D 70 8.09 -6.62 -19.03
N VAL D 71 8.63 -7.52 -18.22
CA VAL D 71 10.08 -7.74 -18.22
C VAL D 71 10.56 -8.22 -19.59
N CYS D 72 9.71 -8.92 -20.33
CA CYS D 72 10.03 -9.40 -21.67
C CYS D 72 9.67 -8.39 -22.76
N GLY D 73 9.12 -7.23 -22.39
CA GLY D 73 8.53 -6.33 -23.35
C GLY D 73 7.03 -6.33 -23.17
N ALA D 74 6.28 -6.58 -24.25
CA ALA D 74 4.84 -6.85 -24.18
C ALA D 74 4.04 -5.72 -23.53
N ASP D 75 3.39 -4.90 -24.35
CA ASP D 75 2.60 -3.79 -23.84
C ASP D 75 1.33 -4.30 -23.15
N ARG D 76 0.51 -3.36 -22.68
CA ARG D 76 -0.71 -3.72 -21.97
C ARG D 76 -1.69 -4.50 -22.84
N ASP D 77 -1.59 -4.36 -24.16
CA ASP D 77 -2.54 -5.01 -25.06
C ASP D 77 -2.22 -6.49 -25.25
N THR D 78 -0.94 -6.82 -25.43
CA THR D 78 -0.55 -8.22 -25.42
C THR D 78 -0.94 -8.88 -24.11
N ILE D 79 -0.60 -8.24 -22.99
CA ILE D 79 -0.92 -8.77 -21.67
C ILE D 79 -2.41 -9.02 -21.54
N VAL D 80 -3.24 -8.07 -22.00
CA VAL D 80 -4.68 -8.21 -21.86
C VAL D 80 -5.22 -9.24 -22.84
N ALA D 81 -4.80 -9.15 -24.11
CA ALA D 81 -5.37 -10.04 -25.14
C ALA D 81 -5.01 -11.49 -24.87
N ARG D 82 -3.81 -11.75 -24.34
CA ARG D 82 -3.41 -13.13 -24.09
C ARG D 82 -4.23 -13.77 -22.98
N HIS D 83 -4.58 -12.99 -21.95
CA HIS D 83 -5.35 -13.56 -20.85
C HIS D 83 -6.79 -13.83 -21.26
N LEU D 84 -7.41 -12.89 -21.98
CA LEU D 84 -8.76 -13.11 -22.46
C LEU D 84 -8.86 -14.37 -23.32
N VAL D 85 -7.80 -14.68 -24.06
CA VAL D 85 -7.81 -15.82 -24.97
C VAL D 85 -7.47 -17.12 -24.24
N ARG D 86 -6.62 -17.06 -23.21
CA ARG D 86 -6.40 -18.23 -22.37
C ARG D 86 -7.62 -18.56 -21.53
N MET D 87 -8.48 -17.58 -21.26
CA MET D 87 -9.75 -17.86 -20.61
C MET D 87 -10.73 -18.50 -21.60
N ILE D 88 -10.78 -17.99 -22.83
CA ILE D 88 -11.65 -18.56 -23.86
C ILE D 88 -11.28 -20.02 -24.12
N ALA D 89 -9.98 -20.32 -24.19
CA ALA D 89 -9.55 -21.70 -24.41
C ALA D 89 -9.86 -22.57 -23.20
N ALA D 90 -9.85 -22.01 -22.00
CA ALA D 90 -10.28 -22.76 -20.83
C ALA D 90 -11.79 -23.00 -20.87
N GLY D 91 -12.55 -22.05 -21.40
CA GLY D 91 -13.97 -22.26 -21.56
C GLY D 91 -14.31 -23.29 -22.61
N THR D 92 -13.47 -23.41 -23.64
CA THR D 92 -13.66 -24.46 -24.63
C THR D 92 -13.28 -25.82 -24.08
N ALA D 93 -12.17 -25.89 -23.34
CA ALA D 93 -11.72 -27.16 -22.76
C ALA D 93 -12.78 -27.73 -21.82
N ALA D 94 -13.46 -26.87 -21.06
CA ALA D 94 -14.54 -27.34 -20.21
C ALA D 94 -15.73 -27.80 -21.04
N HIS D 95 -16.17 -26.95 -21.97
CA HIS D 95 -17.22 -27.36 -22.89
C HIS D 95 -16.88 -28.69 -23.57
N SER D 96 -15.64 -28.81 -24.07
CA SER D 96 -15.27 -29.93 -24.93
C SER D 96 -15.24 -31.25 -24.17
N GLU D 97 -14.71 -31.25 -22.94
CA GLU D 97 -14.61 -32.50 -22.20
C GLU D 97 -15.98 -33.07 -21.89
N HIS D 98 -17.00 -32.23 -21.79
CA HIS D 98 -18.38 -32.71 -21.71
C HIS D 98 -18.76 -33.43 -23.00
N GLY D 99 -18.64 -32.75 -24.13
CA GLY D 99 -19.07 -33.33 -25.40
C GLY D 99 -18.29 -34.57 -25.79
N ARG D 100 -17.03 -34.68 -25.34
CA ARG D 100 -16.22 -35.86 -25.68
C ARG D 100 -16.85 -37.13 -25.15
N HIS D 101 -17.40 -37.09 -23.93
CA HIS D 101 -17.89 -38.30 -23.30
C HIS D 101 -19.12 -38.85 -24.01
N ILE D 102 -20.06 -37.98 -24.36
CA ILE D 102 -21.24 -38.41 -25.10
C ILE D 102 -20.86 -38.91 -26.48
N ALA D 103 -19.73 -38.44 -27.02
CA ALA D 103 -19.22 -38.96 -28.28
C ALA D 103 -18.57 -40.33 -28.12
N LEU D 104 -17.83 -40.53 -27.02
CA LEU D 104 -17.30 -41.86 -26.73
C LEU D 104 -18.39 -42.82 -26.30
N ALA D 105 -19.41 -42.33 -25.59
CA ALA D 105 -20.56 -43.15 -25.24
C ALA D 105 -21.27 -43.65 -26.50
N MET D 106 -21.48 -42.75 -27.46
CA MET D 106 -22.00 -43.13 -28.77
C MET D 106 -21.26 -44.31 -29.35
N GLN D 107 -19.93 -44.31 -29.24
CA GLN D 107 -19.11 -45.30 -29.93
C GLN D 107 -19.23 -46.67 -29.29
N HIS D 108 -19.15 -46.74 -27.95
CA HIS D 108 -19.36 -48.02 -27.27
C HIS D 108 -20.76 -48.55 -27.54
N ILE D 109 -21.76 -47.67 -27.53
CA ILE D 109 -23.11 -48.06 -27.90
C ILE D 109 -23.14 -48.69 -29.28
N SER D 110 -22.46 -48.06 -30.23
CA SER D 110 -22.41 -48.58 -31.59
C SER D 110 -21.67 -49.91 -31.69
N GLN D 111 -20.76 -50.19 -30.75
CA GLN D 111 -20.05 -51.47 -30.72
C GLN D 111 -20.71 -52.50 -29.84
N GLY D 112 -21.84 -52.18 -29.21
CA GLY D 112 -22.51 -53.13 -28.34
C GLY D 112 -22.09 -53.07 -26.89
N GLU D 113 -21.07 -52.29 -26.55
CA GLU D 113 -20.73 -52.06 -25.16
C GLU D 113 -21.64 -50.97 -24.59
N LEU D 114 -21.51 -50.72 -23.28
CA LEU D 114 -22.36 -49.75 -22.58
C LEU D 114 -23.83 -50.14 -22.70
N HIS D 115 -24.27 -51.08 -21.88
CA HIS D 115 -25.63 -51.59 -21.99
C HIS D 115 -26.65 -50.70 -21.28
N ASP D 116 -26.23 -49.99 -20.22
CA ASP D 116 -27.13 -49.13 -19.48
C ASP D 116 -27.63 -47.96 -20.32
N TYR D 117 -27.04 -47.72 -21.49
CA TYR D 117 -27.44 -46.66 -22.39
C TYR D 117 -27.82 -47.27 -23.74
N SER D 118 -28.44 -46.44 -24.58
CA SER D 118 -28.91 -46.84 -25.90
C SER D 118 -29.46 -45.60 -26.57
N ILE D 119 -29.70 -45.71 -27.88
CA ILE D 119 -30.31 -44.62 -28.64
C ILE D 119 -31.75 -44.48 -28.20
N ARG D 120 -31.98 -43.69 -27.15
CA ARG D 120 -33.34 -43.50 -26.64
C ARG D 120 -34.24 -42.81 -27.65
N ASP D 121 -33.68 -41.92 -28.47
CA ASP D 121 -34.44 -41.16 -29.46
C ASP D 121 -33.92 -41.54 -30.85
N GLU D 122 -34.53 -42.57 -31.43
CA GLU D 122 -34.10 -43.04 -32.75
C GLU D 122 -34.41 -42.03 -33.84
N ALA D 123 -35.45 -41.22 -33.66
CA ALA D 123 -35.79 -40.22 -34.67
C ALA D 123 -34.80 -39.06 -34.67
N LYS D 124 -34.24 -38.72 -33.50
CA LYS D 124 -33.25 -37.66 -33.44
C LYS D 124 -31.95 -38.08 -34.10
N LEU D 125 -31.55 -39.34 -33.89
CA LEU D 125 -30.35 -39.88 -34.53
C LEU D 125 -30.42 -39.71 -36.05
N TYR D 126 -31.58 -40.02 -36.64
CA TYR D 126 -31.73 -39.90 -38.08
C TYR D 126 -31.70 -38.44 -38.52
N ALA D 127 -32.16 -37.52 -37.66
CA ALA D 127 -32.08 -36.11 -38.00
C ALA D 127 -30.64 -35.62 -37.97
N ILE D 128 -29.85 -36.11 -37.01
CA ILE D 128 -28.43 -35.77 -36.98
C ILE D 128 -27.73 -36.33 -38.22
N ALA D 129 -28.07 -37.56 -38.60
CA ALA D 129 -27.38 -38.22 -39.70
C ALA D 129 -27.61 -37.51 -41.03
N LYS D 130 -28.74 -36.81 -41.17
CA LYS D 130 -29.01 -36.12 -42.43
C LYS D 130 -28.16 -34.85 -42.58
N THR D 131 -28.21 -33.97 -41.58
CA THR D 131 -27.47 -32.71 -41.67
C THR D 131 -25.96 -32.94 -41.66
N LEU D 132 -25.50 -33.99 -40.98
CA LEU D 132 -24.10 -34.38 -41.11
C LEU D 132 -23.81 -35.08 -42.42
N GLY D 133 -24.85 -35.53 -43.12
CA GLY D 133 -24.67 -36.18 -44.41
C GLY D 133 -24.23 -37.63 -44.33
N VAL D 134 -24.63 -38.34 -43.29
CA VAL D 134 -24.31 -39.77 -43.17
C VAL D 134 -25.40 -40.57 -43.85
N ALA D 135 -25.00 -41.50 -44.72
CA ALA D 135 -25.96 -42.33 -45.43
C ALA D 135 -26.71 -43.23 -44.46
N THR D 136 -28.01 -43.37 -44.68
CA THR D 136 -28.89 -44.13 -43.79
C THR D 136 -29.67 -45.23 -44.47
N GLU D 137 -29.67 -45.30 -45.80
CA GLU D 137 -30.52 -46.23 -46.53
C GLU D 137 -30.19 -47.67 -46.17
N GLY D 138 -31.21 -48.42 -45.73
CA GLY D 138 -30.99 -49.72 -45.14
C GLY D 138 -30.14 -49.56 -43.89
N ARG D 139 -28.86 -49.93 -43.99
CA ARG D 139 -27.85 -49.56 -43.01
C ARG D 139 -28.19 -50.03 -41.60
N GLY D 140 -29.16 -49.39 -40.97
CA GLY D 140 -29.52 -49.72 -39.61
C GLY D 140 -28.79 -48.87 -38.58
N LEU D 141 -29.32 -48.89 -37.36
CA LEU D 141 -28.93 -47.95 -36.31
C LEU D 141 -27.45 -47.99 -35.96
N LEU D 142 -27.00 -49.08 -35.34
CA LEU D 142 -25.65 -49.12 -34.77
C LEU D 142 -24.55 -48.95 -35.81
N ALA D 143 -24.89 -48.92 -37.09
CA ALA D 143 -23.94 -48.53 -38.14
C ALA D 143 -23.97 -47.02 -38.38
N ILE D 144 -25.17 -46.43 -38.43
CA ILE D 144 -25.26 -44.97 -38.50
C ILE D 144 -24.68 -44.34 -37.25
N VAL D 145 -24.99 -44.91 -36.08
CA VAL D 145 -24.39 -44.46 -34.84
C VAL D 145 -22.88 -44.66 -34.88
N GLY D 146 -22.42 -45.64 -35.67
CA GLY D 146 -20.98 -45.83 -35.80
C GLY D 146 -20.29 -44.68 -36.52
N ASP D 147 -20.84 -44.27 -37.67
CA ASP D 147 -20.24 -43.16 -38.40
C ASP D 147 -20.35 -41.86 -37.62
N LEU D 148 -21.46 -41.67 -36.90
CA LEU D 148 -21.63 -40.45 -36.12
C LEU D 148 -20.56 -40.33 -35.04
N ALA D 149 -20.28 -41.43 -34.33
CA ALA D 149 -19.20 -41.42 -33.35
C ALA D 149 -17.86 -41.22 -34.04
N ALA D 150 -17.65 -41.89 -35.18
CA ALA D 150 -16.38 -41.76 -35.90
C ALA D 150 -16.17 -40.32 -36.37
N ILE D 151 -17.23 -39.67 -36.85
CA ILE D 151 -17.10 -38.30 -37.34
C ILE D 151 -16.97 -37.32 -36.18
N THR D 152 -17.87 -37.43 -35.19
CA THR D 152 -17.85 -36.52 -34.05
C THR D 152 -16.51 -36.60 -33.32
N LEU D 153 -15.94 -37.80 -33.21
CA LEU D 153 -14.60 -37.92 -32.65
C LEU D 153 -13.53 -37.35 -33.59
N GLY D 154 -13.85 -37.21 -34.88
CA GLY D 154 -12.90 -36.59 -35.80
C GLY D 154 -12.64 -35.14 -35.49
N ASP D 155 -13.65 -34.43 -34.96
CA ASP D 155 -13.46 -33.05 -34.53
C ASP D 155 -12.48 -32.91 -33.38
N PHE D 156 -12.08 -34.02 -32.75
CA PHE D 156 -11.14 -34.02 -31.66
C PHE D 156 -9.76 -34.52 -32.05
N GLN D 157 -9.56 -34.88 -33.33
CA GLN D 157 -8.32 -35.56 -33.72
C GLN D 157 -7.77 -35.15 -35.07
N ASN D 158 -8.53 -34.50 -35.93
CA ASN D 158 -8.02 -34.11 -37.24
C ASN D 158 -6.84 -33.14 -37.09
N GLN D 159 -5.82 -33.33 -37.94
CA GLN D 159 -4.64 -32.48 -37.92
C GLN D 159 -4.56 -31.54 -39.11
N ASP D 160 -5.50 -31.62 -40.05
CA ASP D 160 -5.53 -30.73 -41.20
C ASP D 160 -6.10 -29.39 -40.74
N TYR D 161 -5.25 -28.35 -40.71
CA TYR D 161 -5.64 -27.06 -40.17
C TYR D 161 -6.78 -26.44 -40.96
N ASP D 162 -6.77 -26.59 -42.28
CA ASP D 162 -7.77 -25.97 -43.15
C ASP D 162 -8.97 -26.86 -43.39
N LYS D 163 -9.20 -27.84 -42.53
CA LYS D 163 -10.37 -28.71 -42.61
C LYS D 163 -11.34 -28.30 -41.51
N PRO D 164 -12.40 -27.54 -41.83
CA PRO D 164 -13.33 -27.09 -40.78
C PRO D 164 -13.93 -28.28 -40.02
N CYS D 165 -14.32 -28.02 -38.78
CA CYS D 165 -14.97 -29.04 -37.98
C CYS D 165 -16.25 -29.50 -38.67
N ALA D 166 -16.56 -30.78 -38.49
CA ALA D 166 -17.71 -31.37 -39.18
C ALA D 166 -19.01 -30.71 -38.74
N TRP D 167 -19.21 -30.56 -37.43
CA TRP D 167 -20.48 -30.03 -36.92
C TRP D 167 -20.68 -28.58 -37.31
N LEU D 168 -19.61 -27.78 -37.27
CA LEU D 168 -19.73 -26.36 -37.63
C LEU D 168 -20.16 -26.20 -39.08
N ALA D 169 -19.43 -26.82 -40.01
CA ALA D 169 -19.76 -26.70 -41.42
C ALA D 169 -21.14 -27.25 -41.74
N ALA D 170 -21.67 -28.14 -40.92
CA ALA D 170 -22.96 -28.77 -41.18
C ALA D 170 -24.12 -28.07 -40.46
N SER D 171 -23.85 -27.23 -39.48
CA SER D 171 -24.90 -26.66 -38.64
C SER D 171 -24.98 -25.14 -38.67
N LEU D 172 -24.07 -24.45 -39.34
CA LEU D 172 -24.16 -23.01 -39.49
C LEU D 172 -24.75 -22.66 -40.86
N THR D 173 -25.35 -21.47 -40.93
CA THR D 173 -25.82 -20.96 -42.21
C THR D 173 -24.64 -20.85 -43.17
N PRO D 174 -24.79 -21.27 -44.43
CA PRO D 174 -23.63 -21.30 -45.34
C PRO D 174 -22.94 -19.96 -45.50
N ARG D 175 -23.67 -18.85 -45.41
CA ARG D 175 -23.04 -17.54 -45.46
C ARG D 175 -22.01 -17.38 -44.35
N ARG D 176 -22.39 -17.78 -43.13
CA ARG D 176 -21.47 -17.68 -41.99
C ARG D 176 -20.27 -18.59 -42.18
N VAL D 177 -20.48 -19.77 -42.75
CA VAL D 177 -19.38 -20.72 -42.93
C VAL D 177 -18.34 -20.15 -43.89
N LYS D 178 -18.80 -19.44 -44.92
CA LYS D 178 -17.86 -18.82 -45.86
C LYS D 178 -17.13 -17.65 -45.21
N ARG D 179 -17.87 -16.77 -44.54
CA ARG D 179 -17.25 -15.59 -43.93
C ARG D 179 -16.18 -15.96 -42.92
N LEU D 180 -16.34 -17.09 -42.23
CA LEU D 180 -15.40 -17.46 -41.18
C LEU D 180 -14.29 -18.36 -41.70
N GLY D 181 -14.61 -19.27 -42.62
CA GLY D 181 -13.56 -20.02 -43.30
C GLY D 181 -12.63 -19.11 -44.09
N ASP D 182 -13.12 -17.94 -44.51
CA ASP D 182 -12.29 -17.00 -45.25
C ASP D 182 -11.39 -16.19 -44.33
N LEU D 183 -11.83 -15.90 -43.11
CA LEU D 183 -10.95 -15.25 -42.14
C LEU D 183 -10.08 -16.24 -41.39
N GLY D 184 -10.27 -17.54 -41.60
CA GLY D 184 -9.54 -18.53 -40.82
C GLY D 184 -10.04 -18.67 -39.41
N LEU D 185 -11.35 -18.54 -39.21
CA LEU D 185 -11.96 -18.61 -37.88
C LEU D 185 -12.73 -19.89 -37.66
N LEU D 186 -12.77 -20.79 -38.64
CA LEU D 186 -13.38 -22.10 -38.47
C LEU D 186 -12.30 -23.07 -37.96
N PRO D 187 -12.39 -23.54 -36.72
CA PRO D 187 -11.34 -24.44 -36.21
C PRO D 187 -11.37 -25.78 -36.92
N HIS D 188 -10.23 -26.45 -36.86
CA HIS D 188 -10.05 -27.76 -37.47
C HIS D 188 -10.11 -28.90 -36.47
N ASN D 189 -9.93 -28.60 -35.20
CA ASN D 189 -9.81 -29.60 -34.15
C ASN D 189 -10.12 -28.92 -32.84
N ILE D 190 -10.94 -29.56 -32.01
CA ILE D 190 -11.33 -28.94 -30.74
C ILE D 190 -10.17 -28.97 -29.75
N ASP D 191 -9.54 -30.12 -29.58
CA ASP D 191 -8.42 -30.24 -28.66
C ASP D 191 -7.26 -29.35 -29.09
N ALA D 192 -6.89 -29.41 -30.37
CA ALA D 192 -5.75 -28.65 -30.85
C ALA D 192 -6.01 -27.15 -30.79
N SER D 193 -7.27 -26.72 -30.89
CA SER D 193 -7.58 -25.31 -30.75
C SER D 193 -7.31 -24.83 -29.33
N VAL D 194 -7.62 -25.65 -28.34
CA VAL D 194 -7.29 -25.32 -26.95
C VAL D 194 -5.77 -25.32 -26.77
N ALA D 195 -5.11 -26.35 -27.30
CA ALA D 195 -3.66 -26.49 -27.08
C ALA D 195 -2.88 -25.41 -27.81
N GLN D 196 -3.24 -25.11 -29.06
CA GLN D 196 -2.52 -24.09 -29.80
C GLN D 196 -2.71 -22.71 -29.22
N THR D 197 -3.86 -22.44 -28.60
CA THR D 197 -4.03 -21.19 -27.86
C THR D 197 -3.11 -21.17 -26.65
N MET D 198 -3.12 -22.24 -25.86
CA MET D 198 -2.22 -22.34 -24.71
C MET D 198 -0.77 -22.16 -25.14
N SER D 199 -0.39 -22.76 -26.27
CA SER D 199 0.99 -22.66 -26.74
C SER D 199 1.30 -21.26 -27.25
N ARG D 200 0.42 -20.70 -28.08
CA ARG D 200 0.68 -19.41 -28.71
C ARG D 200 0.73 -18.27 -27.70
N THR D 201 0.22 -18.47 -26.49
CA THR D 201 0.26 -17.43 -25.46
C THR D 201 1.41 -17.64 -24.49
N HIS D 202 2.37 -18.49 -24.83
CA HIS D 202 3.55 -18.70 -24.01
C HIS D 202 4.40 -17.43 -24.00
N VAL D 203 5.50 -17.49 -23.24
CA VAL D 203 6.25 -16.29 -22.85
C VAL D 203 6.69 -15.50 -24.08
N GLY D 204 7.30 -16.16 -25.06
CA GLY D 204 7.82 -15.48 -26.22
C GLY D 204 7.04 -15.65 -27.50
N CYS D 205 5.80 -16.14 -27.45
CA CYS D 205 5.08 -16.47 -28.66
C CYS D 205 4.24 -15.30 -29.18
N ASP D 206 2.95 -15.55 -29.41
CA ASP D 206 2.09 -14.55 -30.01
C ASP D 206 1.96 -13.32 -29.13
N ALA D 207 2.06 -12.14 -29.76
CA ALA D 207 1.94 -10.88 -29.04
C ALA D 207 1.09 -9.83 -29.75
N ASP D 208 0.84 -9.98 -31.04
CA ASP D 208 0.04 -9.00 -31.78
C ASP D 208 -1.39 -9.01 -31.27
N PRO D 209 -1.94 -7.88 -30.80
CA PRO D 209 -3.31 -7.90 -30.26
C PRO D 209 -4.35 -8.40 -31.23
N THR D 210 -4.29 -7.99 -32.50
CA THR D 210 -5.26 -8.48 -33.47
C THR D 210 -5.09 -9.97 -33.72
N ASN D 211 -3.83 -10.43 -33.81
CA ASN D 211 -3.58 -11.85 -34.01
C ASN D 211 -4.15 -12.69 -32.87
N LEU D 212 -4.02 -12.20 -31.63
CA LEU D 212 -4.45 -12.98 -30.48
C LEU D 212 -5.98 -13.00 -30.37
N ILE D 213 -6.63 -11.86 -30.57
CA ILE D 213 -8.09 -11.81 -30.48
C ILE D 213 -8.71 -12.63 -31.60
N LEU D 214 -8.16 -12.55 -32.81
CA LEU D 214 -8.64 -13.38 -33.91
C LEU D 214 -8.45 -14.86 -33.60
N GLY D 215 -7.46 -15.19 -32.78
CA GLY D 215 -7.31 -16.57 -32.32
C GLY D 215 -8.31 -16.96 -31.26
N GLY D 216 -8.67 -16.03 -30.38
CA GLY D 216 -9.71 -16.31 -29.41
C GLY D 216 -11.05 -16.59 -30.04
N LEU D 217 -11.33 -15.95 -31.18
CA LEU D 217 -12.57 -16.24 -31.90
C LEU D 217 -12.53 -17.62 -32.55
N ARG D 218 -11.35 -18.07 -33.01
CA ARG D 218 -11.26 -19.37 -33.65
C ARG D 218 -11.42 -20.50 -32.62
N VAL D 219 -10.87 -20.32 -31.42
CA VAL D 219 -11.06 -21.32 -30.38
C VAL D 219 -12.44 -21.17 -29.72
N ALA D 220 -13.03 -19.98 -29.77
CA ALA D 220 -14.41 -19.83 -29.36
C ALA D 220 -15.34 -20.64 -30.26
N MET D 221 -14.97 -20.80 -31.52
CA MET D 221 -15.79 -21.59 -32.43
C MET D 221 -15.64 -23.08 -32.16
N ALA D 222 -14.46 -23.53 -31.73
CA ALA D 222 -14.31 -24.90 -31.25
C ALA D 222 -15.19 -25.15 -30.04
N ASP D 223 -15.47 -24.09 -29.29
CA ASP D 223 -16.39 -24.19 -28.16
C ASP D 223 -17.82 -24.41 -28.64
N LEU D 224 -18.27 -23.61 -29.61
CA LEU D 224 -19.59 -23.81 -30.19
C LEU D 224 -19.71 -25.17 -30.85
N ASP D 225 -18.66 -25.59 -31.56
CA ASP D 225 -18.69 -26.90 -32.20
C ASP D 225 -18.85 -28.02 -31.18
N GLY D 226 -18.13 -27.92 -30.05
CA GLY D 226 -18.27 -28.91 -29.01
C GLY D 226 -19.64 -28.92 -28.37
N SER D 227 -20.26 -27.75 -28.26
CA SER D 227 -21.62 -27.69 -27.71
C SER D 227 -22.62 -28.32 -28.67
N MET D 228 -22.42 -28.15 -29.98
CA MET D 228 -23.35 -28.70 -30.96
C MET D 228 -23.46 -30.22 -30.83
N LEU D 229 -22.32 -30.91 -30.75
CA LEU D 229 -22.36 -32.37 -30.66
C LEU D 229 -22.85 -32.83 -29.30
N ALA D 230 -22.51 -32.09 -28.24
CA ALA D 230 -22.95 -32.49 -26.90
C ALA D 230 -24.47 -32.43 -26.78
N THR D 231 -25.10 -31.42 -27.38
CA THR D 231 -26.56 -31.31 -27.32
C THR D 231 -27.22 -32.37 -28.18
N GLU D 232 -26.83 -32.44 -29.46
CA GLU D 232 -27.51 -33.31 -30.41
C GLU D 232 -27.42 -34.77 -30.01
N LEU D 233 -26.22 -35.24 -29.68
CA LEU D 233 -26.06 -36.66 -29.35
C LEU D 233 -26.67 -36.99 -28.00
N SER D 234 -26.74 -36.04 -27.07
CA SER D 234 -27.44 -36.30 -25.81
C SER D 234 -28.95 -36.33 -25.98
N ASP D 235 -29.48 -35.74 -27.06
CA ASP D 235 -30.87 -35.96 -27.40
C ASP D 235 -31.08 -37.39 -27.88
N ALA D 236 -30.21 -37.87 -28.78
CA ALA D 236 -30.32 -39.25 -29.24
C ALA D 236 -30.06 -40.24 -28.10
N LEU D 237 -29.19 -39.87 -27.16
CA LEU D 237 -28.95 -40.74 -26.01
C LEU D 237 -30.12 -40.73 -25.04
N PHE D 238 -30.76 -39.58 -24.87
CA PHE D 238 -31.69 -39.38 -23.77
C PHE D 238 -33.04 -38.78 -24.16
N GLY D 239 -33.26 -38.46 -25.44
CA GLY D 239 -34.52 -37.88 -25.86
C GLY D 239 -34.45 -36.37 -26.01
N THR D 240 -34.89 -35.86 -27.15
CA THR D 240 -34.95 -34.40 -27.30
C THR D 240 -36.12 -33.85 -26.50
N PRO D 241 -35.89 -32.86 -25.64
CA PRO D 241 -36.91 -32.47 -24.67
C PRO D 241 -38.14 -31.85 -25.31
N GLN D 242 -39.29 -32.09 -24.67
CA GLN D 242 -40.59 -31.54 -25.05
C GLN D 242 -41.13 -30.74 -23.88
N PRO D 243 -42.15 -29.90 -24.09
CA PRO D 243 -42.70 -29.11 -22.98
C PRO D 243 -43.17 -29.98 -21.82
N VAL D 244 -42.71 -29.63 -20.61
CA VAL D 244 -43.08 -30.32 -19.39
C VAL D 244 -43.15 -29.29 -18.27
N VAL D 245 -44.11 -29.48 -17.36
CA VAL D 245 -44.27 -28.60 -16.20
C VAL D 245 -43.37 -29.11 -15.08
N SER D 246 -42.73 -28.18 -14.38
CA SER D 246 -41.80 -28.52 -13.30
C SER D 246 -41.86 -27.42 -12.24
N ALA D 247 -40.96 -27.52 -11.26
CA ALA D 247 -40.90 -26.58 -10.16
C ALA D 247 -39.47 -26.11 -9.98
N ALA D 248 -39.31 -25.05 -9.19
CA ALA D 248 -38.00 -24.44 -8.95
C ALA D 248 -37.91 -23.97 -7.51
N ASN D 249 -36.72 -23.44 -7.17
CA ASN D 249 -36.39 -22.91 -5.85
C ASN D 249 -36.32 -24.01 -4.79
N LEU D 250 -35.96 -23.62 -3.56
CA LEU D 250 -35.65 -24.58 -2.51
C LEU D 250 -36.88 -25.35 -2.05
N GLY D 251 -38.08 -24.84 -2.28
CA GLY D 251 -39.30 -25.51 -1.84
C GLY D 251 -39.54 -26.86 -2.48
N VAL D 252 -38.73 -27.24 -3.48
CA VAL D 252 -38.91 -28.53 -4.15
C VAL D 252 -38.44 -29.71 -3.33
N MET D 253 -37.88 -29.48 -2.14
CA MET D 253 -37.44 -30.57 -1.28
C MET D 253 -38.57 -31.04 -0.37
N LYS D 254 -38.44 -32.26 0.14
CA LYS D 254 -39.50 -32.93 0.88
C LYS D 254 -38.95 -33.45 2.20
N ARG D 255 -39.58 -33.02 3.29
CA ARG D 255 -39.18 -33.50 4.61
C ARG D 255 -39.30 -35.02 4.72
N GLY D 256 -40.26 -35.62 4.03
CA GLY D 256 -40.51 -37.04 4.15
C GLY D 256 -39.92 -37.89 3.05
N ALA D 257 -38.87 -37.40 2.39
CA ALA D 257 -38.22 -38.12 1.31
C ALA D 257 -36.72 -38.11 1.52
N VAL D 258 -36.02 -38.90 0.70
CA VAL D 258 -34.56 -38.90 0.65
C VAL D 258 -34.15 -37.87 -0.39
N ASN D 259 -33.66 -36.72 0.06
CA ASN D 259 -33.34 -35.62 -0.85
C ASN D 259 -31.94 -35.83 -1.41
N ILE D 260 -31.85 -35.97 -2.73
CA ILE D 260 -30.58 -36.14 -3.43
C ILE D 260 -30.46 -35.02 -4.44
N ALA D 261 -29.38 -34.25 -4.36
CA ALA D 261 -29.12 -33.14 -5.26
C ALA D 261 -28.00 -33.52 -6.23
N VAL D 262 -28.24 -33.32 -7.52
CA VAL D 262 -27.27 -33.61 -8.57
C VAL D 262 -26.72 -32.29 -9.10
N ASN D 263 -25.41 -32.21 -9.27
CA ASN D 263 -24.73 -30.97 -9.64
C ASN D 263 -23.63 -31.28 -10.64
N GLY D 264 -23.63 -30.58 -11.77
CA GLY D 264 -22.56 -30.71 -12.73
C GLY D 264 -22.93 -31.23 -14.10
N HIS D 265 -23.22 -30.31 -15.03
CA HIS D 265 -23.27 -30.51 -16.46
C HIS D 265 -23.60 -31.92 -16.97
N ASN D 266 -22.65 -32.85 -16.85
CA ASN D 266 -22.73 -34.13 -17.56
C ASN D 266 -23.99 -34.91 -17.18
N PRO D 267 -24.85 -35.24 -18.15
CA PRO D 267 -26.11 -35.94 -17.84
C PRO D 267 -26.02 -37.46 -17.78
N MET D 268 -24.93 -38.06 -18.25
CA MET D 268 -24.85 -39.52 -18.27
C MET D 268 -25.00 -40.12 -16.88
N LEU D 269 -24.54 -39.40 -15.85
CA LEU D 269 -24.72 -39.86 -14.47
C LEU D 269 -26.14 -39.57 -13.99
N SER D 270 -26.58 -38.31 -14.11
CA SER D 270 -27.86 -37.91 -13.53
C SER D 270 -29.03 -38.60 -14.20
N ASP D 271 -28.95 -38.84 -15.52
CA ASP D 271 -30.04 -39.53 -16.20
C ASP D 271 -30.22 -40.95 -15.67
N ILE D 272 -29.11 -41.67 -15.52
CA ILE D 272 -29.18 -43.02 -14.95
C ILE D 272 -29.67 -42.96 -13.52
N ILE D 273 -29.20 -41.96 -12.76
CA ILE D 273 -29.65 -41.78 -11.37
C ILE D 273 -31.17 -41.67 -11.30
N CYS D 274 -31.80 -41.08 -12.32
CA CYS D 274 -33.23 -40.80 -12.28
C CYS D 274 -34.06 -42.06 -12.53
N ASP D 275 -33.70 -42.85 -13.55
CA ASP D 275 -34.41 -44.09 -13.81
C ASP D 275 -34.28 -45.07 -12.65
N VAL D 276 -33.28 -44.85 -11.80
CA VAL D 276 -32.93 -45.78 -10.74
C VAL D 276 -33.51 -45.35 -9.40
N ALA D 277 -33.51 -44.03 -9.13
CA ALA D 277 -34.24 -43.51 -7.98
C ALA D 277 -35.72 -43.88 -8.05
N ALA D 278 -36.23 -44.13 -9.25
CA ALA D 278 -37.60 -44.61 -9.41
C ALA D 278 -37.75 -46.04 -8.88
N ASP D 279 -36.90 -46.95 -9.37
CA ASP D 279 -36.98 -48.34 -8.95
C ASP D 279 -36.76 -48.48 -7.46
N LEU D 280 -35.72 -47.83 -6.93
CA LEU D 280 -35.40 -47.89 -5.50
C LEU D 280 -36.42 -47.18 -4.62
N ARG D 281 -37.54 -46.69 -5.16
CA ARG D 281 -38.54 -46.00 -4.35
C ARG D 281 -38.97 -46.84 -3.15
N ASP D 282 -39.21 -48.14 -3.36
CA ASP D 282 -39.62 -49.00 -2.27
C ASP D 282 -38.52 -49.17 -1.23
N GLU D 283 -37.26 -49.04 -1.64
CA GLU D 283 -36.16 -49.16 -0.70
C GLU D 283 -36.12 -48.00 0.27
N ALA D 284 -36.53 -46.80 -0.17
CA ALA D 284 -36.49 -45.63 0.70
C ALA D 284 -37.70 -45.55 1.61
N ILE D 285 -38.86 -46.04 1.16
CA ILE D 285 -40.01 -46.13 2.06
C ILE D 285 -39.67 -47.03 3.24
N ALA D 286 -39.12 -48.21 2.97
CA ALA D 286 -38.42 -48.95 4.00
C ALA D 286 -37.31 -48.07 4.58
N ALA D 287 -37.19 -48.10 5.91
CA ALA D 287 -36.25 -47.32 6.72
C ALA D 287 -36.66 -45.86 6.87
N GLY D 288 -37.85 -45.45 6.44
CA GLY D 288 -38.47 -44.25 6.98
C GLY D 288 -38.77 -43.10 6.03
N ALA D 289 -38.56 -43.20 4.71
CA ALA D 289 -38.86 -42.09 3.80
C ALA D 289 -40.20 -42.37 3.13
N ALA D 290 -41.27 -41.78 3.67
CA ALA D 290 -42.62 -42.08 3.21
C ALA D 290 -42.81 -41.71 1.73
N GLU D 291 -42.05 -40.75 1.23
CA GLU D 291 -42.20 -40.27 -0.14
C GLU D 291 -41.05 -40.70 -1.04
N GLY D 292 -40.21 -41.62 -0.58
CA GLY D 292 -39.23 -42.19 -1.48
C GLY D 292 -38.04 -41.27 -1.71
N ILE D 293 -37.60 -41.21 -2.96
CA ILE D 293 -36.34 -40.57 -3.33
C ILE D 293 -36.66 -39.33 -4.13
N ASN D 294 -36.42 -38.16 -3.53
CA ASN D 294 -36.69 -36.87 -4.16
C ASN D 294 -35.38 -36.37 -4.77
N ILE D 295 -35.19 -36.64 -6.06
CA ILE D 295 -34.02 -36.18 -6.78
C ILE D 295 -34.26 -34.74 -7.21
N ILE D 296 -33.35 -33.84 -6.82
CA ILE D 296 -33.42 -32.44 -7.18
C ILE D 296 -32.14 -32.07 -7.92
N GLY D 297 -32.23 -31.04 -8.77
CA GLY D 297 -31.14 -30.67 -9.65
C GLY D 297 -30.53 -29.34 -9.28
N ILE D 298 -29.22 -29.22 -9.55
CA ILE D 298 -28.49 -27.97 -9.38
C ILE D 298 -27.61 -27.78 -10.60
N CYS D 299 -27.51 -26.53 -11.07
CA CYS D 299 -26.69 -26.18 -12.24
C CYS D 299 -27.11 -26.97 -13.47
N CYS D 300 -26.20 -27.09 -14.43
CA CYS D 300 -26.58 -27.52 -15.77
C CYS D 300 -26.97 -28.99 -15.86
N THR D 301 -26.52 -29.84 -14.93
CA THR D 301 -27.05 -31.21 -14.93
C THR D 301 -28.46 -31.26 -14.36
N GLY D 302 -28.80 -30.31 -13.49
CA GLY D 302 -30.19 -30.19 -13.08
C GLY D 302 -31.07 -29.71 -14.22
N HIS D 303 -30.53 -28.84 -15.07
CA HIS D 303 -31.28 -28.38 -16.23
C HIS D 303 -31.42 -29.47 -17.28
N GLU D 304 -30.47 -30.40 -17.35
CA GLU D 304 -30.60 -31.52 -18.27
C GLU D 304 -31.82 -32.37 -17.92
N VAL D 305 -31.88 -32.84 -16.67
CA VAL D 305 -32.97 -33.71 -16.25
C VAL D 305 -34.28 -32.95 -16.06
N MET D 306 -34.22 -31.63 -15.83
CA MET D 306 -35.46 -30.85 -15.79
C MET D 306 -36.04 -30.68 -17.19
N MET D 307 -35.20 -30.67 -18.21
CA MET D 307 -35.69 -30.51 -19.57
C MET D 307 -36.37 -31.79 -20.06
N ARG D 308 -35.71 -32.93 -19.89
CA ARG D 308 -36.20 -34.17 -20.47
C ARG D 308 -37.21 -34.88 -19.58
N HIS D 309 -37.09 -34.74 -18.26
CA HIS D 309 -37.90 -35.52 -17.34
C HIS D 309 -38.64 -34.69 -16.30
N GLY D 310 -38.55 -33.35 -16.36
CA GLY D 310 -39.29 -32.50 -15.46
C GLY D 310 -38.80 -32.44 -14.04
N VAL D 311 -37.69 -33.10 -13.73
CA VAL D 311 -37.10 -33.13 -12.38
C VAL D 311 -36.91 -31.71 -11.88
N PRO D 312 -37.44 -31.36 -10.71
CA PRO D 312 -37.41 -29.94 -10.29
C PRO D 312 -35.99 -29.44 -10.07
N LEU D 313 -35.84 -28.12 -10.24
CA LEU D 313 -34.54 -27.46 -10.08
C LEU D 313 -34.50 -26.81 -8.71
N ALA D 314 -33.60 -27.30 -7.84
CA ALA D 314 -33.49 -26.75 -6.50
C ALA D 314 -32.94 -25.33 -6.52
N THR D 315 -31.88 -25.10 -7.29
CA THR D 315 -31.18 -23.84 -7.26
C THR D 315 -30.19 -23.79 -8.42
N ASN D 316 -29.71 -22.58 -8.72
CA ASN D 316 -28.66 -22.40 -9.73
C ASN D 316 -27.32 -22.25 -9.04
N TYR D 317 -26.40 -21.48 -9.64
CA TYR D 317 -25.00 -21.56 -9.24
C TYR D 317 -24.76 -20.98 -7.84
N LEU D 318 -25.09 -19.70 -7.64
CA LEU D 318 -24.64 -19.00 -6.44
C LEU D 318 -25.24 -19.57 -5.17
N SER D 319 -26.52 -19.93 -5.19
CA SER D 319 -27.21 -20.43 -3.99
C SER D 319 -27.16 -21.95 -3.87
N GLN D 320 -26.05 -22.57 -4.27
CA GLN D 320 -25.97 -24.03 -4.30
C GLN D 320 -25.48 -24.64 -2.99
N GLU D 321 -24.86 -23.85 -2.11
CA GLU D 321 -24.51 -24.36 -0.79
C GLU D 321 -25.71 -24.44 0.13
N LEU D 322 -26.78 -23.72 -0.19
CA LEU D 322 -27.94 -23.54 0.68
C LEU D 322 -28.79 -24.80 0.84
N PRO D 323 -28.98 -25.64 -0.21
CA PRO D 323 -29.73 -26.90 0.00
C PRO D 323 -29.19 -27.77 1.11
N ILE D 324 -27.91 -27.60 1.46
CA ILE D 324 -27.36 -28.27 2.63
C ILE D 324 -27.94 -27.66 3.91
N LEU D 325 -28.09 -26.33 3.93
CA LEU D 325 -28.47 -25.60 5.13
C LEU D 325 -29.90 -25.84 5.57
N THR D 326 -30.69 -26.57 4.79
CA THR D 326 -32.04 -26.93 5.20
C THR D 326 -32.08 -28.14 6.12
N GLY D 327 -30.92 -28.68 6.51
CA GLY D 327 -30.86 -29.87 7.34
C GLY D 327 -31.46 -31.11 6.74
N ALA D 328 -31.82 -31.10 5.45
CA ALA D 328 -32.56 -32.21 4.84
C ALA D 328 -32.00 -32.60 3.48
N LEU D 329 -30.75 -32.28 3.18
CA LEU D 329 -30.09 -32.75 1.97
C LEU D 329 -29.30 -34.00 2.33
N GLU D 330 -29.75 -35.15 1.83
CA GLU D 330 -29.09 -36.41 2.17
C GLU D 330 -27.77 -36.54 1.45
N ALA D 331 -27.76 -36.33 0.14
CA ALA D 331 -26.56 -36.51 -0.65
C ALA D 331 -26.45 -35.47 -1.74
N MET D 332 -25.25 -34.91 -1.89
CA MET D 332 -24.87 -34.14 -3.07
C MET D 332 -23.98 -35.03 -3.93
N VAL D 333 -24.35 -35.18 -5.19
CA VAL D 333 -23.64 -36.09 -6.09
C VAL D 333 -23.16 -35.26 -7.28
N VAL D 334 -21.91 -34.84 -7.22
CA VAL D 334 -21.34 -33.95 -8.22
C VAL D 334 -20.50 -34.76 -9.19
N ASP D 335 -20.33 -34.23 -10.40
CA ASP D 335 -19.37 -34.82 -11.33
C ASP D 335 -18.34 -33.80 -11.76
N VAL D 336 -18.68 -32.86 -12.66
CA VAL D 336 -17.70 -31.95 -13.25
C VAL D 336 -18.28 -30.54 -13.32
N GLN D 337 -17.42 -29.54 -13.11
CA GLN D 337 -17.66 -28.13 -13.44
C GLN D 337 -18.66 -27.43 -12.53
N CYS D 338 -18.32 -26.21 -12.13
CA CYS D 338 -19.20 -25.33 -11.35
C CYS D 338 -19.68 -26.03 -10.07
N ILE D 339 -18.77 -26.73 -9.41
CA ILE D 339 -19.04 -27.38 -8.14
C ILE D 339 -18.21 -26.67 -7.09
N MET D 340 -18.88 -26.02 -6.15
CA MET D 340 -18.17 -25.20 -5.17
C MET D 340 -17.34 -26.08 -4.25
N PRO D 341 -16.03 -25.84 -4.13
CA PRO D 341 -15.19 -26.69 -3.27
C PRO D 341 -15.50 -26.52 -1.79
N SER D 342 -16.32 -25.55 -1.42
CA SER D 342 -16.68 -25.33 -0.02
C SER D 342 -17.67 -26.36 0.50
N LEU D 343 -18.33 -27.09 -0.40
CA LEU D 343 -19.41 -27.99 0.01
C LEU D 343 -19.00 -28.97 1.11
N PRO D 344 -17.86 -29.68 1.02
CA PRO D 344 -17.48 -30.56 2.14
C PRO D 344 -17.32 -29.81 3.45
N ARG D 345 -16.68 -28.64 3.42
CA ARG D 345 -16.53 -27.82 4.63
C ARG D 345 -17.87 -27.36 5.19
N ILE D 346 -18.90 -27.28 4.36
CA ILE D 346 -20.21 -26.85 4.81
C ILE D 346 -21.04 -28.02 5.30
N ALA D 347 -20.94 -29.17 4.63
CA ALA D 347 -21.37 -30.42 5.25
C ALA D 347 -20.39 -30.76 6.39
N GLU D 348 -20.60 -31.92 7.02
CA GLU D 348 -19.90 -32.30 8.24
C GLU D 348 -20.31 -31.39 9.40
N CYS D 349 -20.73 -30.17 9.09
CA CYS D 349 -21.66 -29.44 9.95
C CYS D 349 -23.06 -30.04 9.87
N PHE D 350 -23.30 -30.94 8.92
CA PHE D 350 -24.57 -31.62 8.72
C PHE D 350 -24.32 -33.09 8.50
N HIS D 351 -25.40 -33.85 8.32
CA HIS D 351 -25.34 -35.26 7.97
C HIS D 351 -25.12 -35.49 6.47
N THR D 352 -25.08 -34.42 5.68
CA THR D 352 -25.09 -34.53 4.22
C THR D 352 -23.83 -35.24 3.72
N GLN D 353 -24.00 -36.01 2.65
CA GLN D 353 -22.92 -36.75 2.01
C GLN D 353 -22.68 -36.18 0.62
N ILE D 354 -21.51 -35.59 0.41
CA ILE D 354 -21.13 -35.05 -0.89
C ILE D 354 -20.24 -36.08 -1.58
N ILE D 355 -20.66 -36.49 -2.78
CA ILE D 355 -20.10 -37.64 -3.45
C ILE D 355 -19.61 -37.18 -4.83
N THR D 356 -18.30 -37.00 -4.96
CA THR D 356 -17.71 -36.76 -6.27
C THR D 356 -17.63 -38.06 -7.06
N THR D 357 -17.76 -37.95 -8.38
CA THR D 357 -17.81 -39.13 -9.24
C THR D 357 -16.80 -39.13 -10.39
N ASP D 358 -16.14 -38.03 -10.67
CA ASP D 358 -15.27 -37.94 -11.83
C ASP D 358 -13.80 -38.02 -11.44
N LYS D 359 -13.00 -38.61 -12.32
CA LYS D 359 -11.57 -38.77 -12.06
C LYS D 359 -10.82 -37.44 -12.09
N HIS D 360 -11.28 -36.51 -12.91
CA HIS D 360 -10.67 -35.18 -13.01
C HIS D 360 -11.49 -34.14 -12.25
N ASN D 361 -12.02 -34.50 -11.08
CA ASN D 361 -12.91 -33.61 -10.35
C ASN D 361 -13.14 -34.08 -8.93
N LYS D 362 -12.08 -34.33 -8.18
CA LYS D 362 -12.19 -34.64 -6.76
C LYS D 362 -12.10 -33.37 -5.94
N ILE D 363 -12.76 -33.39 -4.78
CA ILE D 363 -12.73 -32.28 -3.83
C ILE D 363 -12.26 -32.83 -2.49
N SER D 364 -11.16 -32.28 -1.98
CA SER D 364 -10.60 -32.74 -0.71
C SER D 364 -11.59 -32.52 0.43
N GLY D 365 -12.23 -33.60 0.87
CA GLY D 365 -13.21 -33.51 1.94
C GLY D 365 -14.45 -34.35 1.68
N ALA D 366 -14.73 -34.61 0.40
CA ALA D 366 -15.88 -35.40 0.02
C ALA D 366 -15.52 -36.88 0.01
N THR D 367 -16.49 -37.72 -0.33
CA THR D 367 -16.28 -39.15 -0.52
C THR D 367 -16.37 -39.46 -2.00
N HIS D 368 -15.35 -40.14 -2.53
CA HIS D 368 -15.31 -40.46 -3.95
C HIS D 368 -15.90 -41.83 -4.21
N VAL D 369 -16.88 -41.88 -5.10
CA VAL D 369 -17.46 -43.13 -5.58
C VAL D 369 -17.42 -43.06 -7.11
N PRO D 370 -16.40 -43.63 -7.75
CA PRO D 370 -16.21 -43.40 -9.19
C PRO D 370 -17.31 -44.04 -10.03
N PHE D 371 -17.74 -43.31 -11.05
CA PHE D 371 -18.89 -43.68 -11.88
C PHE D 371 -18.37 -44.36 -13.14
N ASP D 372 -18.17 -45.68 -13.06
CA ASP D 372 -17.85 -46.47 -14.23
C ASP D 372 -19.06 -46.50 -15.15
N GLU D 373 -18.97 -45.81 -16.29
CA GLU D 373 -20.09 -45.77 -17.24
C GLU D 373 -20.57 -47.16 -17.60
N HIS D 374 -19.67 -48.15 -17.63
CA HIS D 374 -20.06 -49.52 -17.90
C HIS D 374 -20.93 -50.10 -16.79
N LYS D 375 -20.75 -49.62 -15.56
CA LYS D 375 -21.60 -50.04 -14.45
C LYS D 375 -22.46 -48.86 -14.00
N ALA D 376 -23.19 -48.26 -14.93
CA ALA D 376 -23.94 -47.03 -14.63
C ALA D 376 -25.07 -47.30 -13.64
N VAL D 377 -26.02 -48.17 -14.02
CA VAL D 377 -27.13 -48.49 -13.13
C VAL D 377 -26.66 -49.07 -11.81
N GLU D 378 -25.53 -49.78 -11.82
CA GLU D 378 -24.99 -50.31 -10.58
C GLU D 378 -24.41 -49.20 -9.71
N THR D 379 -23.69 -48.25 -10.31
CA THR D 379 -23.13 -47.15 -9.55
C THR D 379 -24.24 -46.23 -9.03
N ALA D 380 -25.26 -45.97 -9.86
CA ALA D 380 -26.41 -45.21 -9.40
C ALA D 380 -27.04 -45.87 -8.17
N LYS D 381 -27.25 -47.18 -8.23
CA LYS D 381 -27.81 -47.90 -7.09
C LYS D 381 -26.95 -47.71 -5.85
N THR D 382 -25.64 -47.97 -5.97
CA THR D 382 -24.72 -47.80 -4.84
C THR D 382 -24.82 -46.41 -4.25
N ILE D 383 -24.80 -45.38 -5.11
CA ILE D 383 -24.80 -44.00 -4.64
C ILE D 383 -26.09 -43.69 -3.90
N ILE D 384 -27.22 -44.12 -4.44
CA ILE D 384 -28.51 -43.80 -3.84
C ILE D 384 -28.64 -44.45 -2.47
N ARG D 385 -28.08 -45.66 -2.30
CA ARG D 385 -28.10 -46.31 -0.99
C ARG D 385 -27.48 -45.41 0.07
N MET D 386 -26.37 -44.75 -0.26
CA MET D 386 -25.68 -43.91 0.70
C MET D 386 -26.59 -42.81 1.23
N ALA D 387 -27.37 -42.18 0.36
CA ALA D 387 -28.30 -41.15 0.82
C ALA D 387 -29.42 -41.78 1.64
N ILE D 388 -29.90 -42.95 1.25
CA ILE D 388 -30.88 -43.66 2.06
C ILE D 388 -30.30 -43.97 3.44
N ALA D 389 -29.00 -44.26 3.49
CA ALA D 389 -28.33 -44.44 4.77
C ALA D 389 -28.13 -43.11 5.48
N ALA D 390 -27.67 -42.09 4.74
CA ALA D 390 -27.53 -40.76 5.30
C ALA D 390 -28.88 -40.17 5.74
N PHE D 391 -29.97 -40.66 5.16
CA PHE D 391 -31.30 -40.32 5.68
C PHE D 391 -31.45 -40.79 7.11
N GLY D 392 -31.00 -41.99 7.42
CA GLY D 392 -31.15 -42.57 8.75
C GLY D 392 -30.43 -41.80 9.85
N ARG D 393 -29.54 -40.87 9.49
CA ARG D 393 -28.82 -40.08 10.47
C ARG D 393 -29.20 -38.60 10.44
N ARG D 394 -30.29 -38.26 9.76
CA ARG D 394 -30.75 -36.88 9.75
C ARG D 394 -31.12 -36.43 11.16
N ASP D 395 -30.73 -35.19 11.50
CA ASP D 395 -31.15 -34.59 12.76
C ASP D 395 -32.52 -33.97 12.54
N PRO D 396 -33.60 -34.56 13.06
CA PRO D 396 -34.94 -34.05 12.75
C PRO D 396 -35.21 -32.67 13.31
N ASN D 397 -34.52 -32.27 14.38
CA ASN D 397 -34.70 -30.95 14.95
C ASN D 397 -34.09 -29.85 14.09
N ARG D 398 -33.15 -30.20 13.20
CA ARG D 398 -32.35 -29.22 12.47
C ARG D 398 -32.84 -28.99 11.05
N VAL D 399 -34.00 -29.52 10.68
CA VAL D 399 -34.55 -29.29 9.34
C VAL D 399 -35.14 -27.88 9.27
N ALA D 400 -35.12 -27.31 8.07
CA ALA D 400 -35.68 -25.98 7.84
C ALA D 400 -35.87 -25.71 6.36
N ILE D 401 -36.69 -26.53 5.70
CA ILE D 401 -36.91 -26.37 4.25
C ILE D 401 -37.90 -25.24 4.03
N PRO D 402 -37.57 -24.25 3.20
CA PRO D 402 -38.52 -23.16 2.93
C PRO D 402 -39.73 -23.62 2.12
N ALA D 403 -40.67 -22.70 1.88
CA ALA D 403 -41.88 -23.02 1.13
C ALA D 403 -42.00 -22.14 -0.10
N PHE D 404 -41.04 -22.26 -1.02
CA PHE D 404 -40.93 -21.32 -2.13
C PHE D 404 -41.02 -21.99 -3.49
N LYS D 405 -41.48 -23.25 -3.55
CA LYS D 405 -41.66 -23.96 -4.81
C LYS D 405 -42.40 -23.12 -5.82
N GLN D 406 -41.82 -22.97 -7.01
CA GLN D 406 -42.35 -22.09 -8.06
C GLN D 406 -42.53 -22.90 -9.33
N LYS D 407 -43.77 -22.99 -9.80
CA LYS D 407 -44.08 -23.82 -10.96
C LYS D 407 -43.40 -23.28 -12.21
N SER D 408 -42.77 -24.18 -12.97
CA SER D 408 -42.01 -23.81 -14.15
C SER D 408 -42.44 -24.67 -15.34
N ILE D 409 -42.63 -24.03 -16.49
CA ILE D 409 -42.87 -24.73 -17.75
C ILE D 409 -41.55 -24.71 -18.52
N VAL D 410 -40.94 -25.88 -18.70
CA VAL D 410 -39.63 -25.97 -19.33
C VAL D 410 -39.73 -26.86 -20.57
N GLY D 411 -38.59 -27.33 -21.06
CA GLY D 411 -38.58 -28.30 -22.13
C GLY D 411 -38.80 -27.74 -23.52
N PHE D 412 -38.28 -26.55 -23.79
CA PHE D 412 -38.47 -25.92 -25.10
C PHE D 412 -37.20 -26.05 -25.94
N SER D 413 -36.92 -27.29 -26.33
CA SER D 413 -35.82 -27.57 -27.23
C SER D 413 -36.11 -27.01 -28.61
N ALA D 414 -35.12 -27.14 -29.50
CA ALA D 414 -35.27 -26.63 -30.86
C ALA D 414 -36.45 -27.27 -31.57
N GLU D 415 -36.65 -28.57 -31.38
CA GLU D 415 -37.73 -29.27 -32.05
C GLU D 415 -39.10 -28.86 -31.49
N ALA D 416 -39.19 -28.72 -30.17
CA ALA D 416 -40.47 -28.44 -29.54
C ALA D 416 -41.04 -27.10 -29.99
N VAL D 417 -40.17 -26.13 -30.32
CA VAL D 417 -40.65 -24.84 -30.79
C VAL D 417 -41.15 -24.94 -32.23
N VAL D 418 -40.45 -25.70 -33.07
CA VAL D 418 -40.94 -25.93 -34.42
C VAL D 418 -42.22 -26.76 -34.38
N ALA D 419 -42.40 -27.57 -33.33
CA ALA D 419 -43.64 -28.29 -33.11
C ALA D 419 -44.69 -27.45 -32.37
N ALA D 420 -44.27 -26.43 -31.62
CA ALA D 420 -45.21 -25.44 -31.12
C ALA D 420 -45.84 -24.69 -32.29
N LEU D 421 -45.00 -24.06 -33.10
CA LEU D 421 -45.37 -23.71 -34.46
C LEU D 421 -45.81 -24.99 -35.17
N ALA D 422 -46.42 -24.83 -36.35
CA ALA D 422 -46.99 -25.93 -37.12
C ALA D 422 -48.24 -26.51 -36.46
N LYS D 423 -48.42 -26.29 -35.16
CA LYS D 423 -49.77 -26.30 -34.61
C LYS D 423 -50.54 -25.05 -35.03
N VAL D 424 -49.84 -24.06 -35.56
CA VAL D 424 -50.46 -22.89 -36.15
C VAL D 424 -50.33 -22.87 -37.67
N ASN D 425 -49.35 -23.58 -38.25
CA ASN D 425 -49.15 -23.60 -39.70
C ASN D 425 -48.27 -24.82 -40.03
N ALA D 426 -48.90 -25.94 -40.40
CA ALA D 426 -48.18 -27.18 -40.58
C ALA D 426 -47.32 -27.20 -41.84
N ASP D 427 -47.68 -26.44 -42.87
CA ASP D 427 -46.97 -26.48 -44.14
C ASP D 427 -45.88 -25.41 -44.24
N ASP D 428 -45.88 -24.42 -43.36
CA ASP D 428 -44.82 -23.41 -43.31
C ASP D 428 -44.67 -22.94 -41.87
N PRO D 429 -44.18 -23.82 -40.99
CA PRO D 429 -44.16 -23.47 -39.55
C PRO D 429 -43.40 -22.21 -39.23
N LEU D 430 -42.43 -21.83 -40.05
CA LEU D 430 -41.68 -20.60 -39.78
C LEU D 430 -42.40 -19.36 -40.30
N LYS D 431 -43.39 -19.52 -41.18
CA LYS D 431 -44.18 -18.38 -41.63
C LYS D 431 -44.87 -17.64 -40.48
N PRO D 432 -45.51 -18.30 -39.50
CA PRO D 432 -46.05 -17.54 -38.36
C PRO D 432 -45.01 -16.74 -37.61
N LEU D 433 -43.80 -17.27 -37.46
CA LEU D 433 -42.76 -16.56 -36.74
C LEU D 433 -42.03 -15.56 -37.62
N VAL D 434 -41.87 -15.86 -38.92
CA VAL D 434 -41.34 -14.88 -39.85
C VAL D 434 -42.30 -13.70 -39.97
N ASP D 435 -43.56 -13.98 -40.31
CA ASP D 435 -44.54 -12.92 -40.52
C ASP D 435 -44.64 -11.99 -39.34
N ASN D 436 -44.46 -12.50 -38.12
CA ASN D 436 -44.68 -11.67 -36.95
C ASN D 436 -43.47 -10.85 -36.54
N VAL D 437 -42.30 -11.08 -37.15
CA VAL D 437 -41.21 -10.13 -36.95
C VAL D 437 -41.26 -9.00 -37.98
N VAL D 438 -41.72 -9.28 -39.20
CA VAL D 438 -41.80 -8.21 -40.21
C VAL D 438 -42.88 -7.20 -39.82
N ASN D 439 -44.06 -7.69 -39.43
CA ASN D 439 -45.11 -6.76 -39.01
C ASN D 439 -44.70 -6.01 -37.74
N GLY D 440 -44.08 -6.70 -36.80
CA GLY D 440 -43.51 -6.04 -35.65
C GLY D 440 -44.05 -6.48 -34.31
N ASN D 441 -44.88 -7.53 -34.28
CA ASN D 441 -45.39 -8.03 -33.01
C ASN D 441 -44.25 -8.54 -32.13
N ILE D 442 -43.34 -9.33 -32.72
CA ILE D 442 -42.14 -9.78 -32.02
C ILE D 442 -40.97 -8.99 -32.61
N GLN D 443 -40.47 -8.01 -31.86
CA GLN D 443 -39.49 -7.06 -32.36
C GLN D 443 -38.11 -7.69 -32.52
N GLY D 444 -37.81 -8.74 -31.78
CA GLY D 444 -36.51 -9.37 -31.82
C GLY D 444 -36.47 -10.46 -30.77
N ILE D 445 -35.37 -11.20 -30.75
CA ILE D 445 -35.24 -12.30 -29.82
C ILE D 445 -33.95 -12.15 -29.04
N VAL D 446 -34.05 -12.17 -27.70
CA VAL D 446 -32.90 -12.17 -26.82
C VAL D 446 -32.68 -13.58 -26.30
N LEU D 447 -31.42 -13.94 -26.08
CA LEU D 447 -31.06 -15.23 -25.53
C LEU D 447 -30.16 -14.99 -24.33
N PHE D 448 -30.62 -15.41 -23.15
CA PHE D 448 -29.91 -15.14 -21.91
C PHE D 448 -29.00 -16.32 -21.59
N VAL D 449 -27.69 -16.10 -21.71
CA VAL D 449 -26.69 -17.05 -21.23
C VAL D 449 -26.23 -16.61 -19.85
N GLY D 450 -25.24 -17.31 -19.32
CA GLY D 450 -24.53 -16.84 -18.15
C GLY D 450 -24.79 -17.70 -16.93
N CYS D 451 -23.94 -17.49 -15.94
CA CYS D 451 -23.99 -18.21 -14.67
C CYS D 451 -24.48 -17.23 -13.61
N ASN D 452 -23.79 -17.09 -12.47
CA ASN D 452 -24.09 -16.10 -11.46
C ASN D 452 -22.76 -15.61 -10.89
N THR D 453 -22.65 -14.31 -10.65
CA THR D 453 -21.47 -13.75 -10.03
C THR D 453 -21.88 -12.94 -8.80
N THR D 454 -21.00 -12.93 -7.79
CA THR D 454 -21.27 -12.18 -6.57
C THR D 454 -21.20 -10.68 -6.78
N LYS D 455 -20.61 -10.22 -7.88
CA LYS D 455 -20.44 -8.80 -8.16
C LYS D 455 -21.66 -8.18 -8.81
N VAL D 456 -22.76 -8.91 -8.89
CA VAL D 456 -24.08 -8.34 -9.20
C VAL D 456 -25.12 -9.18 -8.47
N GLN D 457 -26.14 -8.50 -7.95
CA GLN D 457 -27.11 -9.14 -7.06
C GLN D 457 -27.78 -10.32 -7.74
N GLN D 458 -27.77 -11.47 -7.06
CA GLN D 458 -28.14 -12.75 -7.67
C GLN D 458 -29.53 -12.68 -8.31
N ASP D 459 -29.59 -13.10 -9.58
CA ASP D 459 -30.82 -13.21 -10.35
C ASP D 459 -31.45 -11.87 -10.69
N SER D 460 -31.04 -10.81 -9.99
CA SER D 460 -31.70 -9.51 -10.15
C SER D 460 -31.50 -8.95 -11.56
N ALA D 461 -30.27 -9.02 -12.08
CA ALA D 461 -30.02 -8.50 -13.42
C ALA D 461 -30.70 -9.34 -14.48
N TYR D 462 -30.89 -10.63 -14.23
CA TYR D 462 -31.59 -11.48 -15.18
C TYR D 462 -33.05 -11.07 -15.30
N VAL D 463 -33.72 -10.89 -14.16
CA VAL D 463 -35.16 -10.64 -14.16
C VAL D 463 -35.46 -9.25 -14.71
N ASP D 464 -34.65 -8.25 -14.36
CA ASP D 464 -34.91 -6.89 -14.82
C ASP D 464 -34.76 -6.79 -16.33
N LEU D 465 -33.70 -7.37 -16.89
CA LEU D 465 -33.51 -7.34 -18.34
C LEU D 465 -34.67 -7.99 -19.06
N ALA D 466 -35.11 -9.15 -18.58
CA ALA D 466 -36.18 -9.89 -19.25
C ALA D 466 -37.45 -9.06 -19.34
N LYS D 467 -37.85 -8.44 -18.22
CA LYS D 467 -39.07 -7.64 -18.22
C LYS D 467 -38.88 -6.33 -19.00
N SER D 468 -37.74 -5.67 -18.83
CA SER D 468 -37.47 -4.45 -19.56
C SER D 468 -37.56 -4.67 -21.07
N LEU D 469 -37.17 -5.86 -21.52
CA LEU D 469 -37.17 -6.18 -22.94
C LEU D 469 -38.49 -6.82 -23.38
N ALA D 470 -39.02 -7.78 -22.60
CA ALA D 470 -40.25 -8.47 -23.00
C ALA D 470 -41.42 -7.51 -23.09
N LYS D 471 -41.52 -6.56 -22.16
CA LYS D 471 -42.53 -5.51 -22.26
C LYS D 471 -42.41 -4.75 -23.58
N ARG D 472 -41.21 -4.72 -24.14
CA ARG D 472 -40.95 -4.03 -25.39
C ARG D 472 -40.96 -4.96 -26.59
N ASN D 473 -41.60 -6.13 -26.44
CA ASN D 473 -41.91 -7.06 -27.53
C ASN D 473 -40.71 -7.78 -28.10
N VAL D 474 -39.89 -8.40 -27.26
CA VAL D 474 -38.84 -9.29 -27.72
C VAL D 474 -38.93 -10.61 -26.96
N LEU D 475 -38.85 -11.72 -27.69
CA LEU D 475 -39.03 -13.03 -27.11
C LEU D 475 -37.79 -13.43 -26.32
N VAL D 476 -37.99 -13.92 -25.11
CA VAL D 476 -36.91 -14.22 -24.19
C VAL D 476 -36.60 -15.71 -24.26
N LEU D 477 -35.35 -16.03 -24.57
CA LEU D 477 -34.83 -17.38 -24.49
C LEU D 477 -33.76 -17.43 -23.41
N ALA D 478 -33.68 -18.55 -22.70
CA ALA D 478 -32.79 -18.64 -21.55
C ALA D 478 -32.19 -20.04 -21.47
N THR D 479 -30.93 -20.10 -21.03
CA THR D 479 -30.21 -21.35 -20.84
C THR D 479 -29.45 -21.27 -19.51
N GLY D 480 -28.78 -22.37 -19.18
CA GLY D 480 -27.84 -22.39 -18.06
C GLY D 480 -28.46 -21.91 -16.76
N CYS D 481 -27.69 -21.11 -16.02
CA CYS D 481 -28.15 -20.56 -14.76
C CYS D 481 -29.07 -19.36 -14.95
N ALA D 482 -29.08 -18.76 -16.14
CA ALA D 482 -30.06 -17.72 -16.43
C ALA D 482 -31.47 -18.29 -16.48
N ALA D 483 -31.62 -19.44 -17.14
CA ALA D 483 -32.93 -20.10 -17.19
C ALA D 483 -33.38 -20.51 -15.80
N GLY D 484 -32.45 -20.95 -14.95
CA GLY D 484 -32.76 -21.20 -13.56
C GLY D 484 -33.06 -19.94 -12.78
N ALA D 485 -32.53 -18.80 -13.20
CA ALA D 485 -32.86 -17.54 -12.55
C ALA D 485 -34.25 -17.05 -12.91
N PHE D 486 -34.75 -17.44 -14.08
CA PHE D 486 -36.14 -17.19 -14.44
C PHE D 486 -37.08 -18.28 -13.93
N ALA D 487 -36.54 -19.46 -13.64
CA ALA D 487 -37.32 -20.57 -13.07
C ALA D 487 -37.92 -20.13 -11.75
N LYS D 488 -37.10 -20.05 -10.71
CA LYS D 488 -37.48 -19.29 -9.53
C LYS D 488 -37.76 -17.85 -9.95
N ALA D 489 -38.69 -17.21 -9.23
CA ALA D 489 -39.36 -16.00 -9.69
C ALA D 489 -40.08 -16.28 -11.01
N GLY D 490 -40.89 -17.34 -11.01
CA GLY D 490 -41.55 -17.89 -12.18
C GLY D 490 -41.95 -16.95 -13.30
N LEU D 491 -40.96 -16.51 -14.08
CA LEU D 491 -41.24 -15.95 -15.40
C LEU D 491 -41.43 -17.02 -16.45
N MET D 492 -41.15 -18.29 -16.12
CA MET D 492 -41.35 -19.41 -17.03
C MET D 492 -42.75 -19.99 -16.91
N THR D 493 -43.76 -19.12 -16.97
CA THR D 493 -45.15 -19.53 -16.81
C THR D 493 -46.01 -18.84 -17.86
N SER D 494 -47.12 -19.49 -18.21
CA SER D 494 -48.12 -18.84 -19.05
C SER D 494 -48.61 -17.55 -18.42
N GLU D 495 -48.75 -17.55 -17.09
CA GLU D 495 -49.24 -16.36 -16.39
C GLU D 495 -48.25 -15.20 -16.49
N ALA D 496 -46.95 -15.48 -16.56
CA ALA D 496 -45.97 -14.41 -16.64
C ALA D 496 -46.05 -13.66 -17.97
N THR D 497 -46.54 -14.32 -19.02
CA THR D 497 -46.66 -13.66 -20.31
C THR D 497 -47.74 -12.58 -20.27
N THR D 498 -48.92 -12.91 -19.74
CA THR D 498 -50.00 -11.93 -19.70
C THR D 498 -49.65 -10.74 -18.82
N GLN D 499 -48.88 -10.97 -17.75
CA GLN D 499 -48.50 -9.90 -16.85
C GLN D 499 -47.50 -8.95 -17.51
N TYR D 500 -46.39 -9.48 -18.01
CA TYR D 500 -45.23 -8.67 -18.35
C TYR D 500 -45.01 -8.45 -19.84
N ALA D 501 -45.49 -9.34 -20.70
CA ALA D 501 -45.19 -9.22 -22.13
C ALA D 501 -45.89 -8.01 -22.73
N GLY D 502 -45.21 -7.36 -23.69
CA GLY D 502 -45.84 -6.31 -24.45
C GLY D 502 -46.91 -6.84 -25.37
N GLU D 503 -47.82 -5.95 -25.76
CA GLU D 503 -49.00 -6.36 -26.52
C GLU D 503 -48.62 -7.09 -27.80
N GLY D 504 -47.58 -6.62 -28.49
CA GLY D 504 -47.12 -7.33 -29.68
C GLY D 504 -46.60 -8.72 -29.34
N LEU D 505 -45.76 -8.83 -28.32
CA LEU D 505 -45.23 -10.12 -27.92
C LEU D 505 -46.31 -10.97 -27.25
N LYS D 506 -47.08 -10.37 -26.35
CA LYS D 506 -48.16 -11.09 -25.68
C LYS D 506 -49.19 -11.62 -26.67
N GLY D 507 -49.32 -10.99 -27.84
CA GLY D 507 -50.32 -11.43 -28.80
C GLY D 507 -49.98 -12.77 -29.43
N VAL D 508 -48.73 -12.93 -29.86
CA VAL D 508 -48.34 -14.16 -30.55
C VAL D 508 -48.08 -15.28 -29.55
N LEU D 509 -47.25 -15.01 -28.53
CA LEU D 509 -46.96 -16.01 -27.50
C LEU D 509 -48.22 -16.68 -26.98
N SER D 510 -49.34 -15.97 -26.98
CA SER D 510 -50.62 -16.57 -26.61
C SER D 510 -51.23 -17.38 -27.74
N ALA D 511 -50.98 -16.99 -29.00
CA ALA D 511 -51.54 -17.70 -30.13
C ALA D 511 -50.98 -19.12 -30.22
N ILE D 512 -49.65 -19.25 -30.28
CA ILE D 512 -49.04 -20.57 -30.32
C ILE D 512 -49.29 -21.31 -29.02
N GLY D 513 -49.37 -20.60 -27.91
CA GLY D 513 -49.60 -21.20 -26.62
C GLY D 513 -50.85 -22.07 -26.58
N THR D 514 -52.00 -21.48 -26.89
CA THR D 514 -53.24 -22.24 -26.87
C THR D 514 -53.36 -23.17 -28.08
N ALA D 515 -52.69 -22.85 -29.18
CA ALA D 515 -52.77 -23.69 -30.36
C ALA D 515 -52.07 -25.03 -30.16
N ALA D 516 -51.06 -25.06 -29.29
CA ALA D 516 -50.53 -26.32 -28.81
C ALA D 516 -51.30 -26.72 -27.55
N GLY D 517 -50.62 -27.29 -26.56
CA GLY D 517 -51.28 -27.58 -25.31
C GLY D 517 -51.40 -26.35 -24.43
N LEU D 518 -50.89 -26.45 -23.20
CA LEU D 518 -50.62 -25.31 -22.33
C LEU D 518 -51.89 -24.69 -21.74
N GLY D 519 -52.91 -24.45 -22.57
CA GLY D 519 -54.11 -23.78 -22.12
C GLY D 519 -53.98 -22.29 -21.93
N GLY D 520 -52.76 -21.75 -21.90
CA GLY D 520 -52.53 -20.34 -21.91
C GLY D 520 -51.53 -19.98 -22.99
N PRO D 521 -50.74 -18.93 -22.75
CA PRO D 521 -49.64 -18.61 -23.66
C PRO D 521 -48.39 -19.43 -23.33
N LEU D 522 -47.38 -19.28 -24.19
CA LEU D 522 -46.06 -19.80 -23.89
C LEU D 522 -45.44 -19.00 -22.75
N PRO D 523 -44.51 -19.60 -22.01
CA PRO D 523 -43.84 -18.86 -20.94
C PRO D 523 -43.15 -17.61 -21.47
N LEU D 524 -43.04 -16.60 -20.61
CA LEU D 524 -42.40 -15.35 -21.01
C LEU D 524 -40.97 -15.60 -21.47
N VAL D 525 -40.13 -16.12 -20.58
CA VAL D 525 -38.83 -16.65 -20.97
C VAL D 525 -39.01 -18.12 -21.32
N MET D 526 -38.27 -18.57 -22.32
CA MET D 526 -38.38 -19.94 -22.80
C MET D 526 -37.11 -20.70 -22.44
N HIS D 527 -37.28 -21.84 -21.77
CA HIS D 527 -36.16 -22.65 -21.31
C HIS D 527 -35.69 -23.56 -22.43
N MET D 528 -34.44 -23.39 -22.85
CA MET D 528 -33.87 -24.19 -23.92
C MET D 528 -32.77 -25.13 -23.43
N GLY D 529 -32.55 -25.22 -22.12
CA GLY D 529 -31.68 -26.25 -21.57
C GLY D 529 -30.50 -25.67 -20.82
N SER D 530 -29.39 -26.40 -20.87
CA SER D 530 -28.22 -26.11 -20.05
C SER D 530 -27.22 -25.25 -20.82
N CYS D 531 -25.98 -25.21 -20.32
CA CYS D 531 -24.94 -24.39 -20.95
C CYS D 531 -24.71 -24.81 -22.39
N VAL D 532 -24.54 -26.11 -22.63
CA VAL D 532 -24.28 -26.59 -23.97
C VAL D 532 -25.50 -26.43 -24.86
N ASP D 533 -26.69 -26.42 -24.27
CA ASP D 533 -27.93 -26.31 -25.03
C ASP D 533 -28.11 -24.95 -25.68
N ASN D 534 -27.15 -24.03 -25.53
CA ASN D 534 -27.17 -22.81 -26.32
C ASN D 534 -27.10 -23.09 -27.80
N SER D 535 -26.56 -24.25 -28.19
CA SER D 535 -26.59 -24.67 -29.58
C SER D 535 -28.00 -24.76 -30.12
N ARG D 536 -28.98 -25.00 -29.24
CA ARG D 536 -30.37 -25.09 -29.69
C ARG D 536 -30.85 -23.77 -30.27
N ALA D 537 -30.56 -22.66 -29.59
CA ALA D 537 -30.96 -21.35 -30.11
C ALA D 537 -30.22 -21.01 -31.39
N VAL D 538 -28.99 -21.49 -31.55
CA VAL D 538 -28.28 -21.30 -32.80
C VAL D 538 -28.91 -22.15 -33.90
N ALA D 539 -29.54 -23.26 -33.54
CA ALA D 539 -30.26 -24.08 -34.52
C ALA D 539 -31.51 -23.36 -35.01
N LEU D 540 -32.26 -22.73 -34.10
CA LEU D 540 -33.43 -21.96 -34.51
C LEU D 540 -33.04 -20.81 -35.40
N ALA D 541 -32.08 -19.99 -34.95
CA ALA D 541 -31.74 -18.77 -35.66
C ALA D 541 -31.22 -19.06 -37.06
N THR D 542 -30.47 -20.16 -37.23
CA THR D 542 -30.01 -20.52 -38.56
C THR D 542 -31.16 -21.08 -39.41
N ALA D 543 -32.03 -21.89 -38.80
CA ALA D 543 -33.24 -22.31 -39.50
C ALA D 543 -34.11 -21.11 -39.83
N LEU D 544 -34.15 -20.11 -38.94
CA LEU D 544 -34.82 -18.86 -39.24
C LEU D 544 -34.09 -18.10 -40.34
N ALA D 545 -32.79 -17.86 -40.15
CA ALA D 545 -32.02 -17.09 -41.12
C ALA D 545 -32.03 -17.75 -42.50
N ASN D 546 -32.02 -19.08 -42.53
CA ASN D 546 -32.08 -19.78 -43.80
C ASN D 546 -33.44 -19.60 -44.47
N LYS D 547 -34.50 -19.52 -43.68
CA LYS D 547 -35.83 -19.29 -44.24
C LYS D 547 -35.90 -17.96 -44.98
N LEU D 548 -35.05 -17.00 -44.62
CA LEU D 548 -35.06 -15.67 -45.22
C LEU D 548 -33.91 -15.45 -46.19
N GLY D 549 -33.05 -16.45 -46.41
CA GLY D 549 -31.87 -16.25 -47.22
C GLY D 549 -30.99 -15.17 -46.63
N VAL D 550 -30.46 -15.42 -45.43
CA VAL D 550 -29.81 -14.37 -44.66
C VAL D 550 -28.93 -15.00 -43.59
N ASP D 551 -28.11 -14.18 -42.92
CA ASP D 551 -27.21 -14.63 -41.87
C ASP D 551 -27.67 -14.09 -40.53
N LEU D 552 -27.15 -14.69 -39.45
CA LEU D 552 -27.52 -14.27 -38.11
C LEU D 552 -27.09 -12.86 -37.80
N SER D 553 -26.09 -12.33 -38.52
CA SER D 553 -25.70 -10.94 -38.35
C SER D 553 -26.78 -9.98 -38.85
N ASP D 554 -27.71 -10.45 -39.68
CA ASP D 554 -28.79 -9.61 -40.18
C ASP D 554 -30.05 -9.70 -39.34
N LEU D 555 -30.25 -10.79 -38.60
CA LEU D 555 -31.47 -10.97 -37.83
C LEU D 555 -31.49 -10.03 -36.64
N PRO D 556 -32.68 -9.65 -36.15
CA PRO D 556 -32.80 -8.88 -34.91
C PRO D 556 -32.67 -9.75 -33.68
N LEU D 557 -31.51 -10.40 -33.55
CA LEU D 557 -31.27 -11.41 -32.54
C LEU D 557 -30.05 -11.03 -31.72
N VAL D 558 -30.18 -11.09 -30.39
CA VAL D 558 -29.12 -10.66 -29.48
C VAL D 558 -28.98 -11.67 -28.35
N ALA D 559 -27.80 -11.68 -27.74
CA ALA D 559 -27.51 -12.50 -26.58
C ALA D 559 -27.02 -11.61 -25.44
N SER D 560 -27.35 -12.00 -24.21
CA SER D 560 -27.02 -11.19 -23.04
C SER D 560 -26.49 -12.09 -21.94
N ALA D 561 -25.38 -11.67 -21.33
CA ALA D 561 -24.76 -12.38 -20.20
C ALA D 561 -24.71 -11.43 -19.01
N PRO D 562 -25.85 -11.21 -18.35
CA PRO D 562 -25.90 -10.18 -17.29
C PRO D 562 -25.04 -10.50 -16.08
N GLU D 563 -24.89 -11.77 -15.71
CA GLU D 563 -24.15 -12.16 -14.51
C GLU D 563 -23.06 -13.17 -14.84
N CYS D 564 -22.42 -13.01 -16.00
CA CYS D 564 -21.41 -13.97 -16.41
C CYS D 564 -20.21 -13.94 -15.46
N MET D 565 -19.41 -15.01 -15.49
CA MET D 565 -18.29 -15.12 -14.58
C MET D 565 -17.30 -16.21 -15.01
N SER D 566 -17.79 -17.27 -15.63
CA SER D 566 -16.95 -18.43 -15.91
C SER D 566 -16.19 -18.23 -17.22
N GLU D 567 -15.06 -18.93 -17.33
CA GLU D 567 -14.38 -19.03 -18.61
C GLU D 567 -15.29 -19.62 -19.66
N LYS D 568 -16.14 -20.58 -19.27
CA LYS D 568 -17.15 -21.13 -20.17
C LYS D 568 -18.03 -20.01 -20.71
N ALA D 569 -18.44 -19.08 -19.84
CA ALA D 569 -19.28 -17.97 -20.30
C ALA D 569 -18.51 -17.06 -21.26
N LEU D 570 -17.25 -16.76 -20.95
CA LEU D 570 -16.44 -15.95 -21.86
C LEU D 570 -16.32 -16.61 -23.23
N ALA D 571 -16.25 -17.93 -23.27
CA ALA D 571 -16.22 -18.64 -24.54
C ALA D 571 -17.56 -18.52 -25.26
N ILE D 572 -18.67 -18.60 -24.53
CA ILE D 572 -19.99 -18.60 -25.14
C ILE D 572 -20.27 -17.27 -25.81
N GLY D 573 -20.06 -16.17 -25.09
CA GLY D 573 -20.22 -14.85 -25.68
C GLY D 573 -19.27 -14.59 -26.83
N SER D 574 -18.13 -15.30 -26.87
CA SER D 574 -17.15 -15.06 -27.91
C SER D 574 -17.61 -15.64 -29.25
N TRP D 575 -18.13 -16.88 -29.24
CA TRP D 575 -18.65 -17.41 -30.50
C TRP D 575 -20.01 -16.81 -30.86
N ALA D 576 -20.74 -16.27 -29.88
CA ALA D 576 -21.96 -15.54 -30.20
C ALA D 576 -21.63 -14.30 -31.05
N VAL D 577 -20.56 -13.59 -30.72
CA VAL D 577 -20.10 -12.49 -31.55
C VAL D 577 -19.72 -12.99 -32.93
N THR D 578 -18.99 -14.12 -32.98
CA THR D 578 -18.54 -14.66 -34.28
C THR D 578 -19.70 -15.20 -35.09
N ILE D 579 -20.77 -15.66 -34.44
CA ILE D 579 -21.92 -16.16 -35.17
C ILE D 579 -22.73 -15.01 -35.78
N GLY D 580 -22.61 -13.81 -35.22
CA GLY D 580 -23.22 -12.64 -35.82
C GLY D 580 -24.01 -11.80 -34.83
N LEU D 581 -23.88 -12.13 -33.54
CA LEU D 581 -24.79 -11.58 -32.56
C LEU D 581 -24.17 -10.41 -31.80
N PRO D 582 -24.94 -9.35 -31.56
CA PRO D 582 -24.56 -8.37 -30.53
C PRO D 582 -24.73 -9.01 -29.16
N THR D 583 -23.63 -9.04 -28.40
CA THR D 583 -23.55 -9.86 -27.19
C THR D 583 -23.32 -8.97 -25.98
N HIS D 584 -24.33 -8.88 -25.11
CA HIS D 584 -24.21 -8.12 -23.88
C HIS D 584 -23.48 -8.93 -22.82
N VAL D 585 -22.65 -8.24 -22.03
CA VAL D 585 -21.92 -8.83 -20.92
C VAL D 585 -22.06 -7.90 -19.72
N GLY D 586 -22.36 -8.47 -18.56
CA GLY D 586 -22.63 -7.68 -17.37
C GLY D 586 -21.62 -7.76 -16.26
N SER D 587 -20.44 -8.35 -16.49
CA SER D 587 -19.47 -8.57 -15.44
C SER D 587 -18.10 -7.94 -15.72
N VAL D 588 -17.99 -7.15 -16.78
CA VAL D 588 -16.76 -6.54 -17.31
C VAL D 588 -15.54 -7.47 -17.19
N PRO D 589 -15.17 -8.15 -18.27
CA PRO D 589 -13.99 -9.03 -18.24
C PRO D 589 -12.71 -8.20 -18.17
N PRO D 590 -11.55 -8.84 -17.94
CA PRO D 590 -10.29 -8.06 -17.86
C PRO D 590 -9.79 -7.59 -19.22
N VAL D 591 -10.38 -6.48 -19.69
CA VAL D 591 -10.09 -5.96 -21.02
C VAL D 591 -10.03 -4.45 -20.97
N ILE D 592 -10.69 -3.86 -19.96
CA ILE D 592 -10.77 -2.40 -19.83
C ILE D 592 -9.38 -1.77 -19.90
N GLY D 593 -8.38 -2.42 -19.31
CA GLY D 593 -7.04 -1.88 -19.27
C GLY D 593 -6.38 -1.70 -20.61
N SER D 594 -6.95 -2.25 -21.69
CA SER D 594 -6.42 -2.08 -23.04
C SER D 594 -7.53 -1.54 -23.93
N GLN D 595 -7.37 -0.29 -24.38
CA GLN D 595 -8.34 0.28 -25.31
C GLN D 595 -8.19 -0.30 -26.72
N ILE D 596 -7.00 -0.81 -27.06
CA ILE D 596 -6.80 -1.40 -28.36
C ILE D 596 -7.48 -2.77 -28.46
N VAL D 597 -7.55 -3.50 -27.35
CA VAL D 597 -8.35 -4.72 -27.32
C VAL D 597 -9.83 -4.39 -27.20
N THR D 598 -10.17 -3.40 -26.38
CA THR D 598 -11.57 -3.02 -26.21
C THR D 598 -12.20 -2.61 -27.53
N LYS D 599 -11.48 -1.84 -28.34
CA LYS D 599 -11.98 -1.50 -29.67
C LYS D 599 -12.11 -2.74 -30.54
N LEU D 600 -11.22 -3.72 -30.36
CA LEU D 600 -11.18 -4.87 -31.27
C LEU D 600 -12.45 -5.71 -31.14
N VAL D 601 -12.96 -5.87 -29.93
CA VAL D 601 -14.13 -6.72 -29.73
C VAL D 601 -15.46 -5.95 -29.76
N THR D 602 -15.42 -4.63 -29.61
CA THR D 602 -16.64 -3.82 -29.68
C THR D 602 -16.81 -3.23 -31.07
N GLU D 603 -15.93 -2.32 -31.46
CA GLU D 603 -15.85 -1.90 -32.85
C GLU D 603 -15.09 -2.98 -33.64
N THR D 604 -14.76 -2.69 -34.89
CA THR D 604 -13.96 -3.57 -35.76
C THR D 604 -14.54 -4.98 -35.87
N ALA D 605 -14.95 -5.57 -34.75
CA ALA D 605 -15.70 -6.82 -34.81
C ALA D 605 -16.97 -6.66 -35.62
N LYS D 606 -17.63 -5.51 -35.50
CA LYS D 606 -18.82 -5.22 -36.30
C LYS D 606 -18.53 -5.35 -37.79
N ASP D 607 -17.34 -4.92 -38.21
CA ASP D 607 -17.01 -4.93 -39.64
C ASP D 607 -16.52 -6.29 -40.11
N LEU D 608 -15.86 -7.04 -39.22
CA LEU D 608 -15.33 -8.35 -39.61
C LEU D 608 -16.43 -9.40 -39.69
N VAL D 609 -17.24 -9.50 -38.63
CA VAL D 609 -18.00 -10.71 -38.38
C VAL D 609 -19.40 -10.38 -37.89
N GLY D 610 -19.85 -9.15 -38.14
CA GLY D 610 -21.22 -8.77 -37.87
C GLY D 610 -21.56 -8.56 -36.40
N GLY D 611 -21.09 -9.46 -35.54
CA GLY D 611 -21.34 -9.35 -34.12
C GLY D 611 -20.39 -8.39 -33.44
N TYR D 612 -20.61 -8.21 -32.14
CA TYR D 612 -19.79 -7.32 -31.31
C TYR D 612 -20.23 -7.47 -29.86
N PHE D 613 -19.34 -7.06 -28.96
CA PHE D 613 -19.65 -7.07 -27.54
C PHE D 613 -20.29 -5.75 -27.14
N ILE D 614 -21.32 -5.84 -26.31
CA ILE D 614 -21.94 -4.68 -25.69
C ILE D 614 -21.70 -4.81 -24.19
N VAL D 615 -20.64 -4.17 -23.71
CA VAL D 615 -20.30 -4.19 -22.29
C VAL D 615 -21.09 -3.10 -21.58
N ASP D 616 -21.72 -3.44 -20.46
CA ASP D 616 -22.47 -2.48 -19.66
C ASP D 616 -22.79 -3.07 -18.29
N THR D 617 -22.41 -2.36 -17.23
CA THR D 617 -22.63 -2.80 -15.86
C THR D 617 -23.91 -2.27 -15.25
N ASP D 618 -24.82 -1.75 -16.08
CA ASP D 618 -26.10 -1.22 -15.62
C ASP D 618 -27.22 -1.97 -16.33
N PRO D 619 -28.07 -2.72 -15.61
CA PRO D 619 -29.18 -3.41 -16.27
C PRO D 619 -30.11 -2.49 -17.04
N LYS D 620 -30.38 -1.30 -16.51
CA LYS D 620 -31.21 -0.33 -17.22
C LYS D 620 -30.62 0.01 -18.57
N SER D 621 -29.37 0.50 -18.58
CA SER D 621 -28.72 0.87 -19.83
C SER D 621 -28.46 -0.34 -20.71
N ALA D 622 -28.27 -1.52 -20.11
CA ALA D 622 -28.07 -2.72 -20.91
C ALA D 622 -29.29 -3.03 -21.77
N GLY D 623 -30.49 -2.89 -21.20
CA GLY D 623 -31.69 -3.15 -21.97
C GLY D 623 -31.88 -2.17 -23.12
N ASP D 624 -31.54 -0.90 -22.90
CA ASP D 624 -31.67 0.09 -23.95
C ASP D 624 -30.68 -0.17 -25.09
N LYS D 625 -29.44 -0.52 -24.75
CA LYS D 625 -28.45 -0.84 -25.78
C LYS D 625 -28.81 -2.12 -26.52
N LEU D 626 -29.31 -3.13 -25.79
CA LEU D 626 -29.70 -4.38 -26.42
C LEU D 626 -30.87 -4.15 -27.38
N TYR D 627 -31.88 -3.40 -26.94
CA TYR D 627 -32.97 -3.05 -27.84
C TYR D 627 -32.46 -2.23 -29.02
N ALA D 628 -31.59 -1.25 -28.76
CA ALA D 628 -31.03 -0.47 -29.86
C ALA D 628 -30.29 -1.36 -30.84
N ALA D 629 -29.62 -2.41 -30.34
CA ALA D 629 -28.98 -3.37 -31.24
C ALA D 629 -30.02 -4.14 -32.05
N ILE D 630 -31.22 -4.30 -31.53
CA ILE D 630 -32.27 -4.99 -32.26
C ILE D 630 -32.87 -4.07 -33.32
N GLN D 631 -33.02 -2.78 -33.01
CA GLN D 631 -33.60 -1.83 -33.96
C GLN D 631 -32.68 -1.62 -35.15
N GLU D 632 -31.38 -1.44 -34.89
CA GLU D 632 -30.41 -1.31 -35.97
C GLU D 632 -30.47 -2.51 -36.91
N ARG D 633 -30.78 -3.69 -36.37
CA ARG D 633 -30.86 -4.89 -37.20
C ARG D 633 -32.07 -4.85 -38.13
N ARG D 634 -33.26 -4.59 -37.58
CA ARG D 634 -34.45 -4.54 -38.41
C ARG D 634 -34.35 -3.47 -39.48
N ALA D 635 -33.68 -2.36 -39.20
CA ALA D 635 -33.52 -1.30 -40.20
C ALA D 635 -32.87 -1.84 -41.46
N GLY D 636 -31.85 -2.69 -41.31
CA GLY D 636 -31.20 -3.31 -42.45
C GLY D 636 -32.05 -4.39 -43.10
N LEU D 637 -33.37 -4.26 -43.01
CA LEU D 637 -34.31 -5.18 -43.65
C LEU D 637 -35.48 -4.40 -44.22
N LEU E 21 37.63 -3.16 -0.07
CA LEU E 21 36.52 -2.98 0.85
C LEU E 21 35.48 -4.10 0.68
N ALA E 22 35.64 -5.17 1.46
CA ALA E 22 34.74 -6.31 1.43
C ALA E 22 34.67 -6.94 0.04
N GLU E 23 33.68 -6.54 -0.75
CA GLU E 23 33.50 -6.99 -2.13
C GLU E 23 33.15 -8.48 -2.11
N ALA E 24 33.77 -9.31 -2.96
CA ALA E 24 33.41 -10.71 -3.22
C ALA E 24 32.07 -10.80 -3.95
N ASN E 25 31.07 -10.03 -3.50
CA ASN E 25 29.74 -9.93 -4.11
C ASN E 25 29.06 -11.28 -4.30
N SER E 26 29.75 -12.36 -3.97
CA SER E 26 29.10 -13.49 -3.34
C SER E 26 29.05 -13.16 -1.86
N ILE E 27 28.05 -13.72 -1.16
CA ILE E 27 27.75 -13.41 0.24
C ILE E 27 27.13 -12.03 0.34
N GLU E 28 26.28 -11.83 1.35
CA GLU E 28 25.31 -10.76 1.30
C GLU E 28 25.64 -9.55 2.17
N THR E 29 26.48 -9.68 3.20
CA THR E 29 26.88 -8.53 4.02
C THR E 29 25.69 -7.97 4.80
N ALA E 30 25.87 -6.92 5.61
CA ALA E 30 24.77 -6.33 6.35
C ALA E 30 24.19 -5.07 5.72
N TRP E 31 24.96 -4.36 4.88
CA TRP E 31 24.40 -3.20 4.19
C TRP E 31 23.40 -3.63 3.11
N HIS E 32 23.68 -4.72 2.41
CA HIS E 32 22.73 -5.21 1.41
C HIS E 32 21.42 -5.61 2.06
N ARG E 33 21.50 -6.31 3.20
CA ARG E 33 20.29 -6.64 3.97
C ARG E 33 19.55 -5.38 4.41
N TYR E 34 20.22 -4.23 4.46
CA TYR E 34 19.56 -2.97 4.75
C TYR E 34 18.87 -2.42 3.51
N GLU E 35 19.49 -2.58 2.34
CA GLU E 35 18.84 -2.12 1.11
C GLU E 35 17.62 -2.96 0.79
N LYS E 36 17.67 -4.27 1.07
CA LYS E 36 16.53 -5.15 0.85
C LYS E 36 15.39 -4.88 1.82
N GLN E 37 15.59 -3.93 2.72
CA GLN E 37 14.60 -3.56 3.73
C GLN E 37 13.83 -2.29 3.38
N GLN E 38 14.29 -1.52 2.39
CA GLN E 38 13.69 -0.22 2.14
C GLN E 38 12.32 -0.36 1.49
N PRO E 39 11.36 0.48 1.86
CA PRO E 39 11.44 1.47 2.94
C PRO E 39 10.91 0.90 4.25
N GLN E 40 11.57 1.19 5.37
CA GLN E 40 11.14 0.63 6.65
C GLN E 40 9.90 1.36 7.17
N CYS E 41 8.99 0.60 7.77
CA CYS E 41 7.70 1.08 8.24
C CYS E 41 7.81 2.41 8.98
N GLY E 42 7.27 3.47 8.38
CA GLY E 42 7.24 4.77 9.04
C GLY E 42 6.42 4.78 10.31
N PHE E 43 5.54 3.79 10.49
CA PHE E 43 4.79 3.68 11.75
C PHE E 43 5.72 3.31 12.90
N GLY E 44 6.66 2.40 12.66
CA GLY E 44 7.63 2.05 13.68
C GLY E 44 8.77 3.05 13.80
N SER E 45 9.10 3.73 12.70
CA SER E 45 10.10 4.79 12.76
C SER E 45 9.56 5.99 13.54
N ALA E 46 8.32 6.39 13.27
CA ALA E 46 7.68 7.44 14.05
C ALA E 46 7.35 6.97 15.46
N GLY E 47 7.31 5.66 15.69
CA GLY E 47 6.94 5.14 16.99
C GLY E 47 5.45 5.09 17.25
N LEU E 48 4.64 4.96 16.21
CA LEU E 48 3.19 4.97 16.33
C LEU E 48 2.58 3.58 16.17
N CYS E 49 3.36 2.54 16.46
CA CYS E 49 2.89 1.18 16.46
C CYS E 49 3.12 0.55 17.83
N CYS E 50 2.22 -0.34 18.23
CA CYS E 50 2.32 -1.01 19.52
C CYS E 50 2.02 -2.48 19.34
N ARG E 51 2.55 -3.29 20.28
CA ARG E 51 2.38 -4.74 20.21
C ARG E 51 2.35 -5.41 21.58
N ILE E 52 2.00 -4.68 22.64
CA ILE E 52 1.92 -5.31 23.96
C ILE E 52 0.65 -6.15 24.07
N CYS E 53 -0.40 -5.73 23.38
CA CYS E 53 -1.65 -6.48 23.30
C CYS E 53 -1.54 -7.58 22.24
N LEU E 54 -2.28 -8.67 22.45
CA LEU E 54 -2.51 -9.59 21.35
C LEU E 54 -3.53 -9.05 20.37
N LYS E 55 -4.42 -8.18 20.84
CA LYS E 55 -5.42 -7.54 19.98
C LYS E 55 -4.78 -6.39 19.19
N GLY E 56 -3.78 -6.75 18.40
CA GLY E 56 -3.02 -5.80 17.62
C GLY E 56 -2.69 -6.29 16.24
N PRO E 57 -1.68 -5.69 15.60
CA PRO E 57 -0.91 -4.53 16.06
C PRO E 57 -1.71 -3.22 15.95
N CYS E 58 -1.79 -2.46 17.03
CA CYS E 58 -2.65 -1.29 17.10
C CYS E 58 -1.82 -0.04 16.81
N ARG E 59 -2.21 0.66 15.75
CA ARG E 59 -1.44 1.75 15.18
C ARG E 59 -2.17 3.08 15.36
N ILE E 60 -1.41 4.15 15.13
CA ILE E 60 -1.88 5.51 15.31
C ILE E 60 -1.69 6.28 14.01
N ASP E 61 -2.70 7.05 13.61
CA ASP E 61 -2.61 7.94 12.46
C ASP E 61 -2.57 9.38 12.94
N PRO E 62 -1.46 10.10 12.77
CA PRO E 62 -1.40 11.49 13.24
C PRO E 62 -2.14 12.48 12.36
N PHE E 63 -2.56 12.08 11.15
CA PHE E 63 -3.13 13.03 10.21
C PHE E 63 -4.59 12.74 9.88
N GLY E 64 -4.81 11.97 8.82
CA GLY E 64 -6.11 11.84 8.19
C GLY E 64 -7.17 11.07 8.97
N GLU E 65 -7.67 11.68 10.05
CA GLU E 65 -8.80 11.20 10.85
C GLU E 65 -8.91 9.68 10.95
N GLY E 66 -7.77 8.99 10.96
CA GLY E 66 -7.77 7.56 11.09
C GLY E 66 -7.92 7.14 12.54
N PRO E 67 -7.14 6.15 12.97
CA PRO E 67 -7.15 5.75 14.39
C PRO E 67 -6.31 6.71 15.22
N LYS E 68 -6.91 7.28 16.26
CA LYS E 68 -6.18 8.15 17.17
C LYS E 68 -5.76 7.46 18.46
N TYR E 69 -6.38 6.33 18.79
CA TYR E 69 -5.98 5.51 19.93
C TYR E 69 -5.89 4.05 19.49
N GLY E 70 -5.32 3.23 20.36
CA GLY E 70 -5.39 1.79 20.22
C GLY E 70 -6.64 1.23 20.88
N VAL E 71 -6.82 -0.09 20.73
CA VAL E 71 -7.99 -0.75 21.29
C VAL E 71 -8.02 -0.56 22.80
N CYS E 72 -6.89 -0.84 23.46
CA CYS E 72 -6.82 -0.68 24.92
C CYS E 72 -7.18 0.73 25.35
N GLY E 73 -6.67 1.74 24.63
CA GLY E 73 -7.06 3.11 24.91
C GLY E 73 -5.94 4.12 24.90
N ALA E 74 -4.70 3.66 24.72
CA ALA E 74 -3.55 4.56 24.80
C ALA E 74 -3.55 5.54 23.63
N ASP E 75 -2.98 6.72 23.89
CA ASP E 75 -2.76 7.71 22.84
C ASP E 75 -1.32 7.59 22.32
N ARG E 76 -1.03 8.37 21.28
CA ARG E 76 0.32 8.42 20.73
C ARG E 76 1.34 8.77 21.80
N ASP E 77 0.95 9.60 22.77
CA ASP E 77 1.87 10.00 23.83
C ASP E 77 2.21 8.83 24.74
N THR E 78 1.22 8.00 25.07
CA THR E 78 1.48 6.81 25.88
C THR E 78 2.24 5.76 25.09
N ILE E 79 1.93 5.63 23.80
CA ILE E 79 2.48 4.53 23.01
C ILE E 79 3.98 4.72 22.80
N VAL E 80 4.40 5.93 22.42
CA VAL E 80 5.83 6.16 22.24
C VAL E 80 6.55 6.16 23.58
N ALA E 81 5.84 6.50 24.66
CA ALA E 81 6.49 6.65 25.95
C ALA E 81 6.91 5.29 26.52
N ARG E 82 6.06 4.28 26.38
CA ARG E 82 6.39 2.98 26.94
C ARG E 82 7.30 2.16 26.03
N HIS E 83 7.24 2.39 24.71
CA HIS E 83 8.18 1.72 23.83
C HIS E 83 9.60 2.25 24.01
N LEU E 84 9.75 3.48 24.48
CA LEU E 84 11.08 4.02 24.78
C LEU E 84 11.64 3.44 26.06
N VAL E 85 10.85 3.46 27.15
CA VAL E 85 11.33 2.99 28.43
C VAL E 85 11.54 1.48 28.45
N ARG E 86 10.96 0.75 27.49
CA ARG E 86 11.29 -0.66 27.36
C ARG E 86 12.61 -0.87 26.66
N MET E 87 12.95 0.00 25.70
CA MET E 87 14.28 -0.02 25.12
C MET E 87 15.34 0.34 26.16
N ILE E 88 15.03 1.28 27.04
CA ILE E 88 15.95 1.63 28.12
C ILE E 88 16.07 0.48 29.10
N ALA E 89 14.94 -0.06 29.55
CA ALA E 89 14.96 -1.17 30.50
C ALA E 89 15.63 -2.40 29.93
N ALA E 90 15.59 -2.58 28.61
CA ALA E 90 16.27 -3.70 28.00
C ALA E 90 17.78 -3.48 27.95
N GLY E 91 18.22 -2.28 27.57
CA GLY E 91 19.64 -1.98 27.57
C GLY E 91 20.24 -2.03 28.95
N THR E 92 19.47 -1.63 29.97
CA THR E 92 19.93 -1.76 31.35
C THR E 92 20.16 -3.22 31.71
N ALA E 93 19.25 -4.10 31.29
CA ALA E 93 19.44 -5.53 31.54
C ALA E 93 20.63 -6.09 30.78
N ALA E 94 21.00 -5.46 29.66
CA ALA E 94 22.17 -5.91 28.92
C ALA E 94 23.46 -5.60 29.67
N HIS E 95 23.56 -4.40 30.22
CA HIS E 95 24.76 -4.03 30.99
C HIS E 95 24.77 -4.69 32.36
N SER E 96 23.60 -4.87 32.95
CA SER E 96 23.50 -5.56 34.23
C SER E 96 24.10 -6.95 34.17
N GLU E 97 23.68 -7.73 33.16
CA GLU E 97 24.16 -9.10 33.03
C GLU E 97 25.68 -9.14 32.86
N HIS E 98 26.26 -8.09 32.31
CA HIS E 98 27.72 -8.01 32.27
C HIS E 98 28.29 -7.75 33.66
N GLY E 99 27.78 -6.73 34.35
CA GLY E 99 28.28 -6.43 35.69
C GLY E 99 28.02 -7.54 36.69
N ARG E 100 26.93 -8.30 36.51
CA ARG E 100 26.61 -9.38 37.44
C ARG E 100 27.66 -10.48 37.38
N HIS E 101 28.16 -10.79 36.18
CA HIS E 101 29.11 -11.88 36.04
C HIS E 101 30.43 -11.57 36.74
N ILE E 102 30.94 -10.35 36.56
CA ILE E 102 32.14 -9.93 37.29
C ILE E 102 31.84 -9.87 38.78
N ALA E 103 30.65 -9.37 39.14
CA ALA E 103 30.31 -9.20 40.55
C ALA E 103 30.23 -10.52 41.29
N LEU E 104 29.72 -11.56 40.64
CA LEU E 104 29.66 -12.87 41.29
C LEU E 104 31.00 -13.58 41.22
N ALA E 105 31.81 -13.32 40.19
CA ALA E 105 33.17 -13.84 40.16
C ALA E 105 33.93 -13.41 41.40
N MET E 106 33.87 -12.11 41.71
CA MET E 106 34.36 -11.54 42.96
C MET E 106 34.07 -12.45 44.15
N GLN E 107 32.82 -12.89 44.27
CA GLN E 107 32.43 -13.74 45.38
C GLN E 107 33.09 -15.10 45.30
N HIS E 108 33.26 -15.63 44.08
CA HIS E 108 33.97 -16.89 43.92
C HIS E 108 35.43 -16.76 44.31
N ILE E 109 36.07 -15.66 43.91
CA ILE E 109 37.46 -15.41 44.32
C ILE E 109 37.54 -15.20 45.82
N SER E 110 36.54 -14.52 46.41
CA SER E 110 36.51 -14.34 47.85
C SER E 110 36.44 -15.68 48.58
N GLN E 111 35.68 -16.61 48.04
CA GLN E 111 35.66 -17.98 48.54
C GLN E 111 36.80 -18.75 47.84
N GLY E 112 36.85 -20.06 48.03
CA GLY E 112 38.00 -20.81 47.55
C GLY E 112 38.05 -21.07 46.06
N GLU E 113 37.02 -20.68 45.30
CA GLU E 113 36.84 -21.15 43.94
C GLU E 113 37.43 -20.19 42.92
N LEU E 114 37.41 -20.63 41.65
CA LEU E 114 37.92 -19.89 40.50
C LEU E 114 39.44 -19.70 40.60
N HIS E 115 40.14 -20.83 40.43
CA HIS E 115 41.59 -20.83 40.55
C HIS E 115 42.27 -20.17 39.35
N ASP E 116 41.58 -20.05 38.23
CA ASP E 116 42.14 -19.41 37.04
C ASP E 116 41.99 -17.90 37.06
N TYR E 117 41.46 -17.33 38.13
CA TYR E 117 41.25 -15.89 38.24
C TYR E 117 41.77 -15.39 39.57
N SER E 118 42.07 -14.10 39.63
CA SER E 118 42.64 -13.48 40.81
C SER E 118 42.56 -11.97 40.67
N ILE E 119 42.90 -11.28 41.76
CA ILE E 119 42.88 -9.82 41.80
C ILE E 119 44.18 -9.30 41.21
N ARG E 120 44.15 -8.97 39.92
CA ARG E 120 45.35 -8.56 39.20
C ARG E 120 45.71 -7.09 39.43
N ASP E 121 44.91 -6.36 40.20
CA ASP E 121 45.15 -4.94 40.44
C ASP E 121 44.67 -4.63 41.86
N GLU E 122 45.41 -5.14 42.84
CA GLU E 122 45.08 -4.85 44.23
C GLU E 122 45.01 -3.35 44.48
N ALA E 123 45.99 -2.60 43.97
CA ALA E 123 46.00 -1.15 44.03
C ALA E 123 44.63 -0.56 43.68
N LYS E 124 43.96 -1.17 42.70
CA LYS E 124 42.63 -0.71 42.30
C LYS E 124 41.55 -1.16 43.28
N LEU E 125 41.62 -2.42 43.74
CA LEU E 125 40.57 -2.95 44.60
C LEU E 125 40.46 -2.15 45.89
N TYR E 126 41.59 -1.72 46.45
CA TYR E 126 41.55 -0.92 47.67
C TYR E 126 40.89 0.43 47.41
N ALA E 127 41.09 1.00 46.22
CA ALA E 127 40.40 2.23 45.86
C ALA E 127 38.90 2.00 45.78
N ILE E 128 38.49 0.90 45.14
CA ILE E 128 37.09 0.49 45.14
C ILE E 128 36.61 0.27 46.56
N ALA E 129 37.51 -0.15 47.45
CA ALA E 129 37.13 -0.43 48.83
C ALA E 129 36.94 0.85 49.63
N LYS E 130 37.81 1.84 49.42
CA LYS E 130 37.44 3.22 49.74
C LYS E 130 36.34 3.62 48.76
N THR E 131 35.95 4.90 48.76
CA THR E 131 34.80 5.32 47.96
C THR E 131 33.55 4.58 48.39
N LEU E 132 33.56 3.25 48.28
CA LEU E 132 32.49 2.41 48.83
C LEU E 132 32.55 2.30 50.34
N GLY E 133 33.72 2.46 50.94
CA GLY E 133 33.82 2.51 52.39
C GLY E 133 33.92 1.17 53.09
N VAL E 134 34.66 0.22 52.53
CA VAL E 134 35.03 -0.98 53.25
C VAL E 134 36.47 -0.83 53.74
N ALA E 135 36.88 -1.71 54.66
CA ALA E 135 37.96 -1.37 55.59
C ALA E 135 39.35 -1.47 54.96
N THR E 136 39.69 -2.62 54.36
CA THR E 136 41.03 -2.95 53.85
C THR E 136 42.10 -3.00 54.92
N GLU E 137 42.16 -1.99 55.78
CA GLU E 137 43.27 -1.79 56.72
C GLU E 137 43.54 -3.01 57.58
N GLY E 138 44.69 -3.64 57.38
CA GLY E 138 45.05 -4.81 58.17
C GLY E 138 44.24 -6.05 57.87
N ARG E 139 43.38 -6.03 56.86
CA ARG E 139 42.61 -7.19 56.45
C ARG E 139 43.30 -7.91 55.29
N GLY E 140 43.00 -9.21 55.17
CA GLY E 140 43.47 -9.98 54.04
C GLY E 140 42.59 -9.79 52.82
N LEU E 141 43.20 -9.98 51.65
CA LEU E 141 42.56 -9.61 50.38
C LEU E 141 41.16 -10.19 50.25
N LEU E 142 41.03 -11.49 50.50
CA LEU E 142 39.74 -12.16 50.29
C LEU E 142 38.65 -11.67 51.24
N ALA E 143 38.99 -10.81 52.19
CA ALA E 143 37.96 -10.17 53.02
C ALA E 143 37.43 -8.92 52.33
N ILE E 144 38.31 -8.12 51.72
CA ILE E 144 37.84 -6.92 51.04
C ILE E 144 37.07 -7.28 49.77
N VAL E 145 37.58 -8.25 49.00
CA VAL E 145 36.81 -8.73 47.85
C VAL E 145 35.59 -9.49 48.30
N GLY E 146 35.60 -10.05 49.51
CA GLY E 146 34.41 -10.65 50.08
C GLY E 146 33.34 -9.62 50.35
N ASP E 147 33.70 -8.57 51.10
CA ASP E 147 32.75 -7.49 51.36
C ASP E 147 32.33 -6.81 50.07
N LEU E 148 33.27 -6.63 49.14
CA LEU E 148 32.96 -5.95 47.88
C LEU E 148 31.94 -6.73 47.07
N ALA E 149 32.03 -8.06 47.09
CA ALA E 149 31.05 -8.88 46.38
C ALA E 149 29.70 -8.85 47.07
N ALA E 150 29.69 -8.83 48.41
CA ALA E 150 28.43 -8.76 49.13
C ALA E 150 27.72 -7.44 48.88
N ILE E 151 28.48 -6.34 48.80
CA ILE E 151 27.86 -5.03 48.58
C ILE E 151 27.39 -4.90 47.14
N THR E 152 28.23 -5.32 46.18
CA THR E 152 27.88 -5.14 44.77
C THR E 152 26.72 -6.06 44.37
N LEU E 153 26.81 -7.34 44.71
CA LEU E 153 25.69 -8.24 44.47
C LEU E 153 24.43 -7.75 45.16
N GLY E 154 24.58 -7.00 46.27
CA GLY E 154 23.44 -6.38 46.91
C GLY E 154 22.67 -5.45 45.99
N ASP E 155 23.37 -4.79 45.06
CA ASP E 155 22.71 -3.95 44.08
C ASP E 155 21.83 -4.75 43.12
N PHE E 156 21.96 -6.07 43.10
CA PHE E 156 21.09 -6.93 42.32
C PHE E 156 20.05 -7.63 43.17
N GLN E 157 19.93 -7.27 44.45
CA GLN E 157 18.97 -7.94 45.31
C GLN E 157 18.31 -7.02 46.32
N ASN E 158 18.80 -5.78 46.47
CA ASN E 158 18.16 -4.86 47.41
C ASN E 158 16.68 -4.73 47.09
N GLN E 159 15.86 -4.72 48.14
CA GLN E 159 14.41 -4.65 47.97
C GLN E 159 13.77 -3.42 48.59
N ASP E 160 14.54 -2.53 49.19
CA ASP E 160 14.02 -1.27 49.73
C ASP E 160 14.04 -0.24 48.61
N TYR E 161 12.85 0.17 48.16
CA TYR E 161 12.74 1.15 47.08
C TYR E 161 13.46 2.44 47.41
N ASP E 162 13.49 2.83 48.68
CA ASP E 162 13.97 4.15 49.09
C ASP E 162 15.41 4.14 49.58
N LYS E 163 16.13 3.03 49.42
CA LYS E 163 17.56 3.00 49.70
C LYS E 163 18.31 2.92 48.38
N PRO E 164 19.00 3.98 47.96
CA PRO E 164 19.67 3.98 46.65
C PRO E 164 20.71 2.88 46.53
N CYS E 165 21.13 2.66 45.28
CA CYS E 165 22.14 1.66 44.99
C CYS E 165 23.47 2.02 45.64
N ALA E 166 24.26 0.99 45.95
CA ALA E 166 25.54 1.21 46.62
C ALA E 166 26.48 2.04 45.77
N TRP E 167 26.62 1.69 44.49
CA TRP E 167 27.59 2.36 43.65
C TRP E 167 27.13 3.77 43.26
N LEU E 168 25.83 3.93 42.98
CA LEU E 168 25.31 5.25 42.63
C LEU E 168 25.57 6.26 43.73
N ALA E 169 25.25 5.90 44.97
CA ALA E 169 25.52 6.80 46.10
C ALA E 169 27.00 7.11 46.20
N ALA E 170 27.86 6.15 45.86
CA ALA E 170 29.29 6.27 46.12
C ALA E 170 30.06 7.03 45.05
N SER E 171 29.44 7.37 43.91
CA SER E 171 30.22 7.88 42.79
C SER E 171 29.63 9.09 42.07
N LEU E 172 28.45 9.57 42.43
CA LEU E 172 27.99 10.85 41.92
C LEU E 172 28.39 11.97 42.86
N THR E 173 28.47 13.17 42.32
CA THR E 173 28.61 14.35 43.14
C THR E 173 27.46 14.39 44.14
N PRO E 174 27.72 14.66 45.42
CA PRO E 174 26.62 14.66 46.40
C PRO E 174 25.51 15.65 46.08
N ARG E 175 25.76 16.63 45.21
CA ARG E 175 24.69 17.47 44.71
C ARG E 175 23.75 16.67 43.81
N ARG E 176 24.31 15.79 42.96
CA ARG E 176 23.48 14.87 42.18
C ARG E 176 22.64 14.00 43.11
N VAL E 177 23.30 13.21 43.96
CA VAL E 177 22.64 12.18 44.75
C VAL E 177 21.46 12.73 45.52
N LYS E 178 21.46 14.01 45.84
CA LYS E 178 20.30 14.64 46.45
C LYS E 178 19.32 15.19 45.42
N ARG E 179 19.81 15.66 44.27
CA ARG E 179 18.94 16.12 43.20
C ARG E 179 18.02 15.01 42.72
N LEU E 180 18.60 13.99 42.07
CA LEU E 180 17.81 12.86 41.62
C LEU E 180 17.21 12.08 42.78
N GLY E 181 17.86 12.11 43.95
CA GLY E 181 17.31 11.43 45.11
C GLY E 181 16.01 12.04 45.59
N ASP E 182 15.95 13.36 45.62
CA ASP E 182 14.69 14.05 45.92
C ASP E 182 13.70 13.99 44.76
N LEU E 183 14.09 13.37 43.64
CA LEU E 183 13.22 13.22 42.48
C LEU E 183 12.76 11.79 42.27
N GLY E 184 13.32 10.82 42.99
CA GLY E 184 12.92 9.44 42.81
C GLY E 184 13.58 8.73 41.66
N LEU E 185 14.66 9.28 41.11
CA LEU E 185 15.36 8.66 39.99
C LEU E 185 16.57 7.85 40.43
N LEU E 186 16.78 7.69 41.74
CA LEU E 186 17.86 6.86 42.25
C LEU E 186 17.35 5.43 42.36
N PRO E 187 17.77 4.52 41.49
CA PRO E 187 17.22 3.16 41.51
C PRO E 187 17.67 2.41 42.75
N HIS E 188 16.81 1.52 43.22
CA HIS E 188 17.06 0.72 44.41
C HIS E 188 17.55 -0.68 44.08
N ASN E 189 17.43 -1.11 42.83
CA ASN E 189 17.79 -2.46 42.42
C ASN E 189 17.83 -2.51 40.91
N ILE E 190 18.86 -3.14 40.35
CA ILE E 190 18.98 -3.23 38.90
C ILE E 190 17.88 -4.10 38.32
N ASP E 191 17.80 -5.35 38.79
CA ASP E 191 16.81 -6.28 38.25
C ASP E 191 15.39 -5.80 38.50
N ALA E 192 15.14 -5.18 39.65
CA ALA E 192 13.82 -4.65 39.93
C ALA E 192 13.46 -3.54 38.95
N SER E 193 14.40 -2.60 38.74
CA SER E 193 14.14 -1.51 37.81
C SER E 193 13.88 -2.03 36.40
N VAL E 194 14.57 -3.10 36.00
CA VAL E 194 14.29 -3.74 34.72
C VAL E 194 12.89 -4.34 34.75
N ALA E 195 12.60 -5.16 35.77
CA ALA E 195 11.34 -5.89 35.81
C ALA E 195 10.17 -4.96 36.13
N GLN E 196 10.39 -3.91 36.92
CA GLN E 196 9.30 -2.98 37.21
C GLN E 196 8.98 -2.10 36.01
N THR E 197 9.97 -1.79 35.18
CA THR E 197 9.68 -1.10 33.92
C THR E 197 8.96 -2.04 32.96
N MET E 198 9.41 -3.29 32.88
CA MET E 198 8.68 -4.31 32.14
C MET E 198 7.24 -4.42 32.64
N SER E 199 7.05 -4.36 33.96
CA SER E 199 5.72 -4.54 34.53
C SER E 199 4.86 -3.31 34.30
N ARG E 200 5.40 -2.12 34.57
CA ARG E 200 4.60 -0.91 34.49
C ARG E 200 4.15 -0.59 33.06
N THR E 201 4.81 -1.12 32.05
CA THR E 201 4.42 -0.89 30.66
C THR E 201 3.62 -2.04 30.07
N HIS E 202 3.05 -2.88 30.93
CA HIS E 202 2.13 -3.93 30.51
C HIS E 202 0.84 -3.31 29.96
N VAL E 203 -0.07 -4.15 29.48
CA VAL E 203 -1.32 -3.66 28.92
C VAL E 203 -2.07 -2.88 29.98
N GLY E 204 -2.38 -1.62 29.69
CA GLY E 204 -3.19 -0.82 30.60
C GLY E 204 -2.63 -0.72 32.00
N CYS E 205 -1.31 -0.61 32.11
CA CYS E 205 -0.70 -0.28 33.38
C CYS E 205 -0.37 1.21 33.38
N ASP E 206 0.91 1.55 33.59
CA ASP E 206 1.34 2.92 33.43
C ASP E 206 0.91 3.44 32.05
N ALA E 207 0.53 4.71 32.00
CA ALA E 207 0.06 5.27 30.75
C ALA E 207 0.50 6.73 30.61
N ASP E 208 0.53 7.47 31.70
CA ASP E 208 0.94 8.86 31.67
C ASP E 208 2.35 8.98 31.11
N PRO E 209 2.55 9.72 30.01
CA PRO E 209 3.89 9.80 29.41
C PRO E 209 4.95 10.37 30.33
N THR E 210 4.63 11.45 31.05
CA THR E 210 5.58 12.01 32.01
C THR E 210 6.00 10.96 33.03
N ASN E 211 5.02 10.24 33.58
CA ASN E 211 5.32 9.17 34.53
C ASN E 211 6.12 8.05 33.87
N LEU E 212 5.75 7.70 32.63
CA LEU E 212 6.45 6.64 31.91
C LEU E 212 7.91 7.01 31.68
N ILE E 213 8.16 8.20 31.12
CA ILE E 213 9.52 8.59 30.76
C ILE E 213 10.36 8.84 32.00
N LEU E 214 9.77 9.43 33.04
CA LEU E 214 10.49 9.59 34.30
C LEU E 214 10.92 8.25 34.87
N GLY E 215 10.14 7.19 34.64
CA GLY E 215 10.56 5.87 35.04
C GLY E 215 11.75 5.38 34.23
N GLY E 216 11.78 5.70 32.93
CA GLY E 216 12.90 5.31 32.10
C GLY E 216 14.21 5.95 32.54
N LEU E 217 14.14 7.15 33.14
CA LEU E 217 15.34 7.79 33.64
C LEU E 217 15.83 7.14 34.91
N ARG E 218 14.94 6.51 35.68
CA ARG E 218 15.36 5.81 36.90
C ARG E 218 16.09 4.52 36.56
N VAL E 219 15.49 3.68 35.72
CA VAL E 219 16.15 2.46 35.27
C VAL E 219 17.38 2.76 34.42
N ALA E 220 17.50 3.99 33.91
CA ALA E 220 18.70 4.38 33.20
C ALA E 220 19.87 4.59 34.16
N MET E 221 19.59 5.13 35.35
CA MET E 221 20.62 5.19 36.39
C MET E 221 21.02 3.79 36.83
N ALA E 222 20.09 2.83 36.74
CA ALA E 222 20.43 1.44 36.98
C ALA E 222 21.34 0.87 35.91
N ASP E 223 21.42 1.53 34.75
CA ASP E 223 22.46 1.18 33.78
C ASP E 223 23.81 1.73 34.20
N LEU E 224 23.84 2.98 34.70
CA LEU E 224 25.09 3.54 35.19
C LEU E 224 25.66 2.70 36.32
N ASP E 225 24.78 2.18 37.19
CA ASP E 225 25.19 1.26 38.25
C ASP E 225 25.95 0.08 37.68
N GLY E 226 25.26 -0.77 36.91
CA GLY E 226 25.92 -1.90 36.28
C GLY E 226 27.08 -1.52 35.40
N SER E 227 27.07 -0.29 34.87
CA SER E 227 28.21 0.20 34.12
C SER E 227 29.34 0.64 35.05
N MET E 228 29.00 1.28 36.17
CA MET E 228 30.01 1.68 37.14
C MET E 228 30.63 0.45 37.81
N LEU E 229 29.79 -0.44 38.33
CA LEU E 229 30.30 -1.60 39.07
C LEU E 229 31.08 -2.54 38.16
N ALA E 230 30.72 -2.62 36.88
CA ALA E 230 31.42 -3.55 36.00
C ALA E 230 32.82 -3.03 35.65
N THR E 231 32.94 -1.74 35.36
CA THR E 231 34.24 -1.18 34.99
C THR E 231 35.25 -1.31 36.11
N GLU E 232 34.83 -1.00 37.35
CA GLU E 232 35.77 -0.96 38.45
C GLU E 232 36.21 -2.36 38.85
N LEU E 233 35.26 -3.26 39.09
CA LEU E 233 35.63 -4.63 39.44
C LEU E 233 36.32 -5.37 38.31
N SER E 234 36.12 -4.94 37.06
CA SER E 234 36.90 -5.50 35.97
C SER E 234 38.33 -5.00 36.00
N ASP E 235 38.55 -3.80 36.55
CA ASP E 235 39.92 -3.30 36.68
C ASP E 235 40.70 -4.12 37.70
N ALA E 236 40.03 -4.58 38.76
CA ALA E 236 40.70 -5.42 39.74
C ALA E 236 41.04 -6.79 39.16
N LEU E 237 40.17 -7.32 38.31
CA LEU E 237 40.37 -8.68 37.80
C LEU E 237 41.43 -8.76 36.72
N PHE E 238 41.65 -7.69 35.97
CA PHE E 238 42.55 -7.73 34.82
C PHE E 238 43.51 -6.55 34.73
N GLY E 239 43.24 -5.43 35.40
CA GLY E 239 44.19 -4.33 35.41
C GLY E 239 43.63 -3.01 34.90
N THR E 240 43.98 -1.93 35.59
CA THR E 240 43.58 -0.60 35.12
C THR E 240 44.37 -0.25 33.86
N PRO E 241 43.74 0.28 32.82
CA PRO E 241 44.48 0.60 31.60
C PRO E 241 45.42 1.78 31.76
N GLN E 242 46.72 1.51 31.73
CA GLN E 242 47.67 2.58 31.48
C GLN E 242 47.91 2.67 29.97
N PRO E 243 48.22 3.86 29.45
CA PRO E 243 48.27 4.04 27.99
C PRO E 243 49.20 3.04 27.30
N VAL E 244 48.72 2.53 26.16
CA VAL E 244 49.46 1.56 25.34
C VAL E 244 49.15 1.86 23.88
N VAL E 245 50.17 1.74 23.03
CA VAL E 245 50.03 1.90 21.58
C VAL E 245 49.58 0.59 20.97
N SER E 246 48.74 0.67 19.94
CA SER E 246 48.28 -0.52 19.24
C SER E 246 47.74 -0.10 17.87
N ALA E 247 47.30 -1.08 17.10
CA ALA E 247 46.71 -0.86 15.79
C ALA E 247 45.21 -1.14 15.86
N ALA E 248 44.50 -0.77 14.78
CA ALA E 248 43.05 -0.84 14.83
C ALA E 248 42.38 -0.85 13.45
N ASN E 249 42.63 -1.87 12.65
CA ASN E 249 41.90 -2.04 11.40
C ASN E 249 42.14 -3.46 10.88
N LEU E 250 41.46 -3.80 9.79
CA LEU E 250 41.54 -5.13 9.20
C LEU E 250 42.96 -5.60 8.94
N GLY E 251 43.92 -4.66 8.84
CA GLY E 251 45.29 -5.05 8.60
C GLY E 251 45.94 -5.76 9.76
N VAL E 252 45.34 -5.70 10.95
CA VAL E 252 45.92 -6.33 12.14
C VAL E 252 45.81 -7.85 12.03
N MET E 253 45.19 -8.33 10.96
CA MET E 253 45.15 -9.75 10.67
C MET E 253 46.45 -10.14 9.97
N LYS E 254 47.16 -11.10 10.55
CA LYS E 254 48.47 -11.51 10.05
C LYS E 254 48.33 -12.84 9.31
N ARG E 255 48.66 -12.84 8.02
CA ARG E 255 48.55 -14.05 7.21
C ARG E 255 49.36 -15.19 7.80
N GLY E 256 50.60 -14.90 8.22
CA GLY E 256 51.46 -15.91 8.82
C GLY E 256 51.05 -16.35 10.21
N ALA E 257 50.04 -15.73 10.80
CA ALA E 257 49.56 -16.10 12.12
C ALA E 257 48.21 -16.77 12.01
N VAL E 258 47.80 -17.45 13.08
CA VAL E 258 46.49 -18.06 13.16
C VAL E 258 45.57 -17.06 13.85
N ASN E 259 44.79 -16.34 13.04
CA ASN E 259 44.03 -15.18 13.50
C ASN E 259 42.75 -15.63 14.18
N ILE E 260 42.57 -15.23 15.44
CA ILE E 260 41.36 -15.51 16.18
C ILE E 260 40.75 -14.19 16.63
N ALA E 261 39.43 -14.08 16.51
CA ALA E 261 38.69 -12.91 16.94
C ALA E 261 37.91 -13.22 18.20
N VAL E 262 37.91 -12.27 19.14
CA VAL E 262 37.03 -12.31 20.29
C VAL E 262 35.96 -11.25 20.09
N ASN E 263 34.70 -11.68 20.11
CA ASN E 263 33.57 -10.79 19.90
C ASN E 263 32.59 -10.94 21.03
N GLY E 264 31.83 -9.87 21.28
CA GLY E 264 30.95 -9.86 22.43
C GLY E 264 31.21 -8.72 23.40
N HIS E 265 31.31 -9.02 24.69
CA HIS E 265 31.34 -7.95 25.69
C HIS E 265 32.09 -8.33 26.97
N ASN E 266 32.16 -9.62 27.31
CA ASN E 266 32.63 -10.04 28.63
C ASN E 266 34.13 -10.30 28.58
N PRO E 267 34.95 -9.51 29.28
CA PRO E 267 36.40 -9.76 29.26
C PRO E 267 36.80 -11.03 29.98
N MET E 268 35.94 -11.60 30.81
CA MET E 268 36.27 -12.81 31.55
C MET E 268 36.48 -14.00 30.62
N LEU E 269 35.92 -13.97 29.42
CA LEU E 269 36.34 -14.87 28.36
C LEU E 269 37.68 -14.44 27.78
N SER E 270 37.73 -13.22 27.24
CA SER E 270 38.83 -12.83 26.36
C SER E 270 40.16 -12.77 27.10
N ASP E 271 40.16 -12.27 28.34
CA ASP E 271 41.43 -12.07 29.03
C ASP E 271 42.11 -13.37 29.43
N ILE E 272 41.37 -14.47 29.51
CA ILE E 272 41.98 -15.75 29.85
C ILE E 272 42.50 -16.48 28.62
N ILE E 273 41.83 -16.37 27.47
CA ILE E 273 42.31 -17.04 26.28
C ILE E 273 43.52 -16.33 25.69
N CYS E 274 43.70 -15.04 25.99
CA CYS E 274 45.00 -14.40 25.74
C CYS E 274 46.10 -15.08 26.54
N ASP E 275 45.86 -15.23 27.85
CA ASP E 275 46.76 -15.98 28.72
C ASP E 275 47.14 -17.32 28.10
N VAL E 276 46.17 -18.04 27.53
CA VAL E 276 46.46 -19.37 26.99
C VAL E 276 46.86 -19.34 25.52
N ALA E 277 46.44 -18.32 24.76
CA ALA E 277 46.99 -18.16 23.41
C ALA E 277 48.48 -17.95 23.46
N ALA E 278 48.97 -17.28 24.50
CA ALA E 278 50.40 -17.14 24.70
C ALA E 278 51.05 -18.48 25.04
N ASP E 279 50.43 -19.25 25.94
CA ASP E 279 51.14 -20.34 26.60
C ASP E 279 51.59 -21.42 25.62
N LEU E 280 50.73 -21.79 24.68
CA LEU E 280 51.17 -22.77 23.68
C LEU E 280 51.29 -22.10 22.32
N ARG E 281 52.17 -21.08 22.23
CA ARG E 281 52.52 -20.49 20.95
C ARG E 281 53.28 -21.46 20.07
N ASP E 282 53.92 -22.46 20.67
CA ASP E 282 54.67 -23.46 19.90
C ASP E 282 53.75 -24.38 19.10
N GLU E 283 52.47 -24.47 19.47
CA GLU E 283 51.54 -25.30 18.72
C GLU E 283 51.05 -24.58 17.46
N ALA E 284 50.99 -23.26 17.48
CA ALA E 284 50.60 -22.52 16.28
C ALA E 284 51.67 -22.62 15.20
N ILE E 285 52.94 -22.51 15.58
CA ILE E 285 54.03 -22.69 14.63
C ILE E 285 54.02 -24.12 14.09
N ALA E 286 53.86 -25.10 14.99
CA ALA E 286 53.91 -26.50 14.58
C ALA E 286 52.88 -26.83 13.52
N ALA E 287 51.74 -26.11 13.51
CA ALA E 287 50.72 -26.30 12.50
C ALA E 287 50.97 -25.49 11.24
N GLY E 288 51.96 -24.61 11.24
CA GLY E 288 52.29 -23.86 10.04
C GLY E 288 52.36 -22.35 10.24
N ALA E 289 51.52 -21.82 11.12
CA ALA E 289 51.48 -20.38 11.37
C ALA E 289 52.84 -19.88 11.87
N ALA E 290 53.63 -19.29 10.98
CA ALA E 290 54.98 -18.84 11.32
C ALA E 290 54.99 -17.76 12.39
N GLU E 291 53.84 -17.24 12.77
CA GLU E 291 53.72 -16.20 13.78
C GLU E 291 52.85 -16.76 14.91
N GLY E 292 52.53 -15.93 15.89
CA GLY E 292 51.81 -16.39 17.05
C GLY E 292 50.34 -16.66 16.76
N ILE E 293 49.60 -16.90 17.86
CA ILE E 293 48.14 -16.99 17.79
C ILE E 293 47.64 -15.54 17.86
N ASN E 294 47.36 -14.95 16.70
CA ASN E 294 47.05 -13.53 16.62
C ASN E 294 45.61 -13.30 17.06
N ILE E 295 45.43 -12.79 18.28
CA ILE E 295 44.11 -12.41 18.76
C ILE E 295 43.79 -11.01 18.27
N ILE E 296 42.69 -10.87 17.56
CA ILE E 296 42.15 -9.58 17.18
C ILE E 296 40.82 -9.41 17.90
N GLY E 297 40.56 -8.19 18.37
CA GLY E 297 39.36 -7.90 19.13
C GLY E 297 38.36 -7.14 18.29
N ILE E 298 37.12 -7.64 18.27
CA ILE E 298 36.02 -7.00 17.58
C ILE E 298 35.01 -6.55 18.63
N CYS E 299 34.43 -5.36 18.40
CA CYS E 299 33.42 -4.79 19.29
C CYS E 299 33.94 -4.62 20.71
N CYS E 300 33.01 -4.49 21.67
CA CYS E 300 33.38 -3.98 22.99
C CYS E 300 34.26 -4.93 23.79
N THR E 301 34.22 -6.24 23.53
CA THR E 301 35.18 -7.12 24.19
C THR E 301 36.56 -6.95 23.58
N GLY E 302 36.64 -6.54 22.32
CA GLY E 302 37.92 -6.22 21.73
C GLY E 302 38.51 -4.95 22.31
N HIS E 303 37.66 -3.96 22.60
CA HIS E 303 38.11 -2.78 23.30
C HIS E 303 38.61 -3.12 24.70
N GLU E 304 38.02 -4.14 25.34
CA GLU E 304 38.41 -4.51 26.69
C GLU E 304 39.89 -4.89 26.75
N VAL E 305 40.29 -5.88 25.95
CA VAL E 305 41.68 -6.31 25.92
C VAL E 305 42.55 -5.39 25.08
N MET E 306 41.97 -4.34 24.49
CA MET E 306 42.78 -3.34 23.80
C MET E 306 43.27 -2.28 24.79
N MET E 307 42.41 -1.85 25.71
CA MET E 307 42.82 -0.86 26.71
C MET E 307 43.87 -1.42 27.65
N ARG E 308 43.65 -2.63 28.15
CA ARG E 308 44.66 -3.36 28.91
C ARG E 308 45.12 -4.55 28.07
N HIS E 309 46.45 -4.73 27.97
CA HIS E 309 47.16 -5.74 27.18
C HIS E 309 47.40 -5.27 25.75
N GLY E 310 46.56 -4.36 25.26
CA GLY E 310 46.81 -3.72 23.97
C GLY E 310 46.73 -4.61 22.75
N VAL E 311 45.74 -5.49 22.69
CA VAL E 311 45.54 -6.34 21.50
C VAL E 311 44.90 -5.47 20.43
N PRO E 312 45.01 -5.83 19.14
CA PRO E 312 44.49 -4.96 18.09
C PRO E 312 43.01 -5.17 17.81
N LEU E 313 42.36 -4.08 17.39
CA LEU E 313 40.94 -4.07 17.10
C LEU E 313 40.75 -4.21 15.59
N ALA E 314 40.15 -5.32 15.16
CA ALA E 314 39.95 -5.53 13.74
C ALA E 314 38.93 -4.55 13.16
N THR E 315 37.82 -4.34 13.86
CA THR E 315 36.73 -3.53 13.33
C THR E 315 35.69 -3.31 14.42
N ASN E 316 34.85 -2.30 14.19
CA ASN E 316 33.76 -1.99 15.13
C ASN E 316 32.55 -2.87 14.86
N TYR E 317 31.35 -2.33 15.07
CA TYR E 317 30.14 -3.14 14.98
C TYR E 317 29.76 -3.51 13.55
N LEU E 318 29.28 -2.52 12.79
CA LEU E 318 28.72 -2.78 11.47
C LEU E 318 29.64 -3.64 10.62
N SER E 319 30.94 -3.35 10.64
CA SER E 319 31.87 -4.01 9.76
C SER E 319 32.45 -5.30 10.34
N GLN E 320 31.63 -6.13 11.00
CA GLN E 320 32.13 -7.29 11.73
C GLN E 320 32.11 -8.60 10.93
N GLU E 321 31.31 -8.70 9.86
CA GLU E 321 31.40 -9.87 9.01
C GLU E 321 32.62 -9.86 8.11
N LEU E 322 33.22 -8.71 7.90
CA LEU E 322 34.30 -8.56 6.93
C LEU E 322 35.62 -9.19 7.39
N PRO E 323 35.84 -9.40 8.70
CA PRO E 323 36.94 -10.31 9.08
C PRO E 323 36.87 -11.68 8.43
N ILE E 324 35.68 -12.26 8.27
CA ILE E 324 35.59 -13.55 7.61
C ILE E 324 35.81 -13.41 6.12
N LEU E 325 35.34 -12.31 5.53
CA LEU E 325 35.48 -12.09 4.09
C LEU E 325 36.94 -12.05 3.66
N THR E 326 37.86 -11.71 4.57
CA THR E 326 39.28 -11.74 4.25
C THR E 326 39.80 -13.15 4.02
N GLY E 327 38.99 -14.16 4.24
CA GLY E 327 39.45 -15.54 4.14
C GLY E 327 40.59 -15.87 5.07
N ALA E 328 40.76 -15.09 6.15
CA ALA E 328 41.92 -15.22 7.01
C ALA E 328 41.56 -15.41 8.48
N LEU E 329 40.29 -15.65 8.80
CA LEU E 329 39.84 -15.86 10.17
C LEU E 329 39.58 -17.35 10.37
N GLU E 330 40.32 -17.96 11.31
CA GLU E 330 40.08 -19.35 11.63
C GLU E 330 38.84 -19.50 12.52
N ALA E 331 38.79 -18.74 13.60
CA ALA E 331 37.67 -18.79 14.52
C ALA E 331 37.37 -17.40 15.06
N MET E 332 36.09 -17.11 15.23
CA MET E 332 35.63 -15.92 15.95
C MET E 332 34.95 -16.42 17.21
N VAL E 333 35.63 -16.27 18.34
CA VAL E 333 35.12 -16.74 19.63
C VAL E 333 34.30 -15.62 20.25
N VAL E 334 33.05 -15.91 20.57
CA VAL E 334 32.10 -14.87 20.92
C VAL E 334 31.23 -15.31 22.09
N ASP E 335 30.91 -14.38 22.98
CA ASP E 335 30.01 -14.65 24.11
C ASP E 335 28.64 -14.01 23.93
N VAL E 336 28.49 -12.74 24.29
CA VAL E 336 27.18 -12.10 24.40
C VAL E 336 27.22 -10.70 23.78
N GLN E 337 26.10 -10.32 23.16
CA GLN E 337 25.76 -8.93 22.81
C GLN E 337 26.50 -8.36 21.61
N CYS E 338 25.74 -7.74 20.70
CA CYS E 338 26.26 -7.08 19.50
C CYS E 338 27.02 -8.07 18.61
N ILE E 339 26.48 -9.27 18.51
CA ILE E 339 27.04 -10.32 17.65
C ILE E 339 25.98 -10.68 16.62
N MET E 340 26.30 -10.49 15.38
CA MET E 340 25.22 -10.57 14.41
C MET E 340 24.93 -12.02 14.06
N PRO E 341 23.65 -12.40 13.98
CA PRO E 341 23.31 -13.82 13.75
C PRO E 341 23.76 -14.36 12.40
N SER E 342 24.28 -13.52 11.51
CA SER E 342 24.63 -13.97 10.16
C SER E 342 25.97 -14.72 10.11
N LEU E 343 26.80 -14.61 11.14
CA LEU E 343 28.13 -15.21 11.09
C LEU E 343 28.12 -16.72 10.82
N PRO E 344 27.12 -17.49 11.24
CA PRO E 344 27.08 -18.90 10.80
C PRO E 344 26.80 -19.07 9.31
N ARG E 345 25.92 -18.26 8.72
CA ARG E 345 25.58 -18.44 7.32
C ARG E 345 26.77 -18.12 6.41
N ILE E 346 27.35 -16.93 6.57
CA ILE E 346 28.70 -16.65 6.06
C ILE E 346 29.63 -17.58 6.83
N ALA E 347 30.86 -17.73 6.35
CA ALA E 347 31.88 -18.61 6.95
C ALA E 347 31.56 -20.07 6.70
N GLU E 348 30.31 -20.39 6.35
CA GLU E 348 30.04 -21.70 5.77
C GLU E 348 30.53 -21.78 4.34
N CYS E 349 30.81 -20.63 3.74
CA CYS E 349 31.45 -20.57 2.45
C CYS E 349 32.96 -20.61 2.58
N PHE E 350 33.47 -20.53 3.80
CA PHE E 350 34.90 -20.54 4.04
C PHE E 350 35.24 -21.72 4.93
N HIS E 351 36.27 -21.54 5.75
CA HIS E 351 36.69 -22.51 6.75
C HIS E 351 36.41 -22.04 8.17
N THR E 352 36.12 -20.75 8.34
CA THR E 352 36.01 -20.14 9.65
C THR E 352 35.00 -20.87 10.52
N GLN E 353 35.35 -21.04 11.80
CA GLN E 353 34.48 -21.66 12.78
C GLN E 353 33.93 -20.57 13.71
N ILE E 354 32.61 -20.45 13.78
CA ILE E 354 31.96 -19.52 14.70
C ILE E 354 31.70 -20.28 16.00
N ILE E 355 32.30 -19.80 17.09
CA ILE E 355 32.22 -20.47 18.39
C ILE E 355 31.46 -19.58 19.35
N THR E 356 30.37 -20.10 19.92
CA THR E 356 29.61 -19.45 20.96
C THR E 356 30.00 -20.02 22.33
N THR E 357 29.83 -19.21 23.37
CA THR E 357 30.35 -19.61 24.67
C THR E 357 29.33 -19.52 25.82
N ASP E 358 28.32 -18.65 25.69
CA ASP E 358 27.45 -18.36 26.82
C ASP E 358 26.14 -19.15 26.72
N LYS E 359 25.59 -19.50 27.88
CA LYS E 359 24.41 -20.34 27.97
C LYS E 359 23.13 -19.63 27.51
N HIS E 360 23.16 -18.31 27.34
CA HIS E 360 22.01 -17.57 26.83
C HIS E 360 22.32 -16.90 25.50
N ASN E 361 23.28 -17.45 24.74
CA ASN E 361 23.77 -16.74 23.56
C ASN E 361 24.31 -17.74 22.54
N LYS E 362 23.39 -18.35 21.79
CA LYS E 362 23.71 -19.31 20.74
C LYS E 362 23.00 -18.86 19.47
N ILE E 363 23.74 -18.82 18.36
CA ILE E 363 23.17 -18.56 17.04
C ILE E 363 23.11 -19.86 16.26
N SER E 364 21.95 -20.15 15.68
CA SER E 364 21.59 -21.47 15.14
C SER E 364 22.75 -22.25 14.52
N GLY E 365 23.51 -21.63 13.62
CA GLY E 365 24.44 -22.41 12.81
C GLY E 365 25.90 -22.37 13.22
N ALA E 366 26.17 -22.18 14.50
CA ALA E 366 27.53 -22.16 15.01
C ALA E 366 27.81 -23.42 15.82
N THR E 367 29.04 -23.52 16.32
CA THR E 367 29.44 -24.61 17.20
C THR E 367 29.59 -24.06 18.61
N HIS E 368 28.77 -24.56 19.53
CA HIS E 368 28.74 -24.06 20.89
C HIS E 368 29.67 -24.87 21.79
N VAL E 369 30.54 -24.18 22.50
CA VAL E 369 31.32 -24.79 23.58
C VAL E 369 31.08 -23.96 24.84
N PRO E 370 30.71 -24.57 25.95
CA PRO E 370 30.34 -23.80 27.13
C PRO E 370 31.56 -23.36 27.92
N PHE E 371 31.61 -22.08 28.27
CA PHE E 371 32.71 -21.49 29.03
C PHE E 371 32.44 -21.70 30.51
N ASP E 372 32.92 -22.81 31.05
CA ASP E 372 32.89 -23.03 32.49
C ASP E 372 34.02 -22.21 33.11
N GLU E 373 33.67 -21.28 33.99
CA GLU E 373 34.68 -20.42 34.59
C GLU E 373 35.56 -21.19 35.56
N HIS E 374 34.99 -22.11 36.33
CA HIS E 374 35.80 -22.95 37.21
C HIS E 374 36.79 -23.78 36.41
N LYS E 375 36.46 -24.10 35.17
CA LYS E 375 37.39 -24.73 34.22
C LYS E 375 37.63 -23.76 33.07
N ALA E 376 38.27 -22.63 33.39
CA ALA E 376 38.40 -21.54 32.42
C ALA E 376 39.56 -21.76 31.46
N VAL E 377 40.78 -21.86 31.99
CA VAL E 377 41.94 -22.03 31.12
C VAL E 377 41.92 -23.38 30.43
N GLU E 378 41.22 -24.38 30.99
CA GLU E 378 41.10 -25.68 30.36
C GLU E 378 40.03 -25.70 29.27
N THR E 379 39.07 -24.77 29.30
CA THR E 379 38.20 -24.58 28.14
C THR E 379 38.86 -23.66 27.13
N ALA E 380 39.70 -22.73 27.59
CA ALA E 380 40.40 -21.83 26.69
C ALA E 380 41.40 -22.59 25.82
N LYS E 381 41.91 -23.73 26.28
CA LYS E 381 42.77 -24.54 25.44
C LYS E 381 41.96 -25.24 24.35
N THR E 382 40.73 -25.66 24.68
CA THR E 382 39.91 -26.38 23.72
C THR E 382 39.49 -25.48 22.56
N ILE E 383 39.24 -24.20 22.84
CA ILE E 383 38.85 -23.22 21.83
C ILE E 383 39.91 -23.18 20.73
N ILE E 384 41.10 -22.68 21.09
CA ILE E 384 42.16 -22.49 20.11
C ILE E 384 42.52 -23.81 19.44
N ARG E 385 42.43 -24.93 20.18
CA ARG E 385 42.67 -26.24 19.60
C ARG E 385 41.84 -26.45 18.34
N MET E 386 40.56 -26.06 18.39
CA MET E 386 39.73 -26.14 17.18
C MET E 386 40.10 -25.07 16.16
N ALA E 387 40.75 -23.99 16.58
CA ALA E 387 41.09 -22.93 15.65
C ALA E 387 42.41 -23.18 14.94
N ILE E 388 43.39 -23.78 15.62
CA ILE E 388 44.58 -24.24 14.91
C ILE E 388 44.30 -25.48 14.09
N ALA E 389 43.18 -26.15 14.35
CA ALA E 389 42.67 -27.14 13.41
C ALA E 389 42.01 -26.46 12.22
N ALA E 390 41.31 -25.35 12.47
CA ALA E 390 40.73 -24.57 11.38
C ALA E 390 41.79 -23.84 10.56
N PHE E 391 43.00 -23.68 11.10
CA PHE E 391 44.10 -23.16 10.31
C PHE E 391 44.60 -24.19 9.31
N GLY E 392 44.41 -25.48 9.60
CA GLY E 392 44.80 -26.52 8.67
C GLY E 392 43.87 -26.68 7.50
N ARG E 393 42.66 -26.12 7.58
CA ARG E 393 41.69 -26.16 6.49
C ARG E 393 41.62 -24.85 5.72
N ARG E 394 42.53 -23.92 6.00
CA ARG E 394 42.51 -22.61 5.35
C ARG E 394 42.76 -22.74 3.85
N ASP E 395 41.94 -22.06 3.06
CA ASP E 395 42.08 -22.11 1.61
C ASP E 395 43.19 -21.16 1.16
N PRO E 396 44.26 -21.66 0.54
CA PRO E 396 45.24 -20.76 -0.07
C PRO E 396 44.64 -20.06 -1.29
N ASN E 397 45.25 -18.94 -1.66
CA ASN E 397 44.78 -18.07 -2.74
C ASN E 397 43.37 -17.53 -2.49
N ARG E 398 42.81 -17.78 -1.30
CA ARG E 398 41.57 -17.15 -0.87
C ARG E 398 41.79 -16.31 0.38
N VAL E 399 43.03 -15.87 0.60
CA VAL E 399 43.39 -14.98 1.70
C VAL E 399 43.68 -13.61 1.12
N ALA E 400 43.21 -12.57 1.80
CA ALA E 400 43.40 -11.21 1.30
C ALA E 400 43.28 -10.19 2.42
N ILE E 401 44.28 -10.11 3.27
CA ILE E 401 44.26 -9.11 4.34
C ILE E 401 44.45 -7.74 3.71
N PRO E 402 43.60 -6.76 4.01
CA PRO E 402 43.86 -5.40 3.53
C PRO E 402 45.03 -4.79 4.28
N ALA E 403 45.72 -3.85 3.62
CA ALA E 403 46.81 -3.14 4.27
C ALA E 403 46.30 -2.42 5.51
N PHE E 404 45.51 -1.37 5.31
CA PHE E 404 44.74 -0.74 6.38
C PHE E 404 45.60 -0.37 7.61
N LYS E 405 45.89 -1.36 8.48
CA LYS E 405 46.72 -1.22 9.70
C LYS E 405 46.90 0.20 10.22
N GLN E 406 46.21 0.59 11.29
CA GLN E 406 46.26 1.97 11.76
C GLN E 406 46.69 2.04 13.22
N LYS E 407 47.85 2.65 13.47
CA LYS E 407 48.36 2.83 14.82
C LYS E 407 47.54 3.88 15.56
N SER E 408 46.88 3.46 16.65
CA SER E 408 46.13 4.36 17.52
C SER E 408 46.52 4.09 18.96
N ILE E 409 46.77 5.16 19.71
CA ILE E 409 47.17 5.04 21.12
C ILE E 409 45.93 5.06 22.00
N VAL E 410 45.82 4.08 22.89
CA VAL E 410 44.61 3.83 23.66
C VAL E 410 44.99 3.56 25.11
N GLY E 411 43.99 3.23 25.90
CA GLY E 411 44.18 2.84 27.28
C GLY E 411 44.07 3.96 28.30
N PHE E 412 43.27 4.99 28.02
CA PHE E 412 43.17 6.14 28.92
C PHE E 412 42.03 5.89 29.92
N SER E 413 42.37 5.21 31.01
CA SER E 413 41.44 5.12 32.13
C SER E 413 41.34 6.47 32.82
N ALA E 414 40.40 6.57 33.76
CA ALA E 414 40.39 7.73 34.65
C ALA E 414 41.65 7.76 35.50
N GLU E 415 42.23 6.59 35.78
CA GLU E 415 43.47 6.52 36.53
C GLU E 415 44.65 6.99 35.69
N ALA E 416 44.67 6.64 34.41
CA ALA E 416 45.78 7.01 33.53
C ALA E 416 45.72 8.47 33.12
N VAL E 417 44.59 9.12 33.28
CA VAL E 417 44.48 10.54 32.95
C VAL E 417 44.92 11.42 34.11
N VAL E 418 44.55 11.05 35.34
CA VAL E 418 45.07 11.77 36.50
C VAL E 418 46.54 11.47 36.69
N ALA E 419 47.01 10.30 36.24
CA ALA E 419 48.43 9.99 36.28
C ALA E 419 49.22 10.96 35.41
N ALA E 420 48.73 11.24 34.21
CA ALA E 420 49.38 12.22 33.35
C ALA E 420 49.17 13.64 33.86
N LEU E 421 48.01 13.90 34.50
CA LEU E 421 47.78 15.21 35.09
C LEU E 421 48.70 15.48 36.28
N ALA E 422 49.33 14.44 36.82
CA ALA E 422 50.51 14.60 37.66
C ALA E 422 51.76 14.58 36.79
N LYS E 423 52.83 15.20 37.31
CA LYS E 423 54.06 15.53 36.59
C LYS E 423 53.83 16.64 35.58
N VAL E 424 52.60 17.15 35.46
CA VAL E 424 52.37 18.55 35.12
C VAL E 424 52.08 19.34 36.40
N ASN E 425 51.62 18.66 37.46
CA ASN E 425 51.50 19.27 38.78
C ASN E 425 51.95 18.30 39.86
N ALA E 426 51.14 17.25 40.11
CA ALA E 426 51.31 16.17 41.08
C ALA E 426 50.98 16.60 42.51
N ASP E 427 50.80 17.89 42.78
CA ASP E 427 50.25 18.32 44.06
C ASP E 427 48.73 18.39 43.99
N ASP E 428 48.22 19.23 43.08
CA ASP E 428 46.81 19.23 42.68
C ASP E 428 46.77 18.82 41.22
N PRO E 429 46.68 17.52 40.92
CA PRO E 429 46.65 17.10 39.51
C PRO E 429 45.38 17.52 38.78
N LEU E 430 44.32 17.89 39.50
CA LEU E 430 43.13 18.43 38.86
C LEU E 430 43.22 19.94 38.63
N LYS E 431 44.21 20.61 39.21
CA LYS E 431 44.38 22.05 39.03
C LYS E 431 44.86 22.45 37.63
N PRO E 432 45.78 21.73 36.98
CA PRO E 432 46.07 22.06 35.57
C PRO E 432 44.85 21.91 34.68
N LEU E 433 43.89 21.10 35.09
CA LEU E 433 42.63 20.95 34.37
C LEU E 433 41.67 22.08 34.70
N VAL E 434 41.49 22.39 35.98
CA VAL E 434 40.53 23.40 36.38
C VAL E 434 41.00 24.79 35.96
N ASP E 435 42.31 25.05 36.04
CA ASP E 435 42.82 26.37 35.70
C ASP E 435 42.84 26.63 34.21
N ASN E 436 42.56 25.62 33.38
CA ASN E 436 42.52 25.79 31.94
C ASN E 436 41.10 25.69 31.38
N VAL E 437 40.09 25.52 32.24
CA VAL E 437 38.71 25.75 31.85
C VAL E 437 38.30 27.19 32.14
N VAL E 438 38.79 27.74 33.26
CA VAL E 438 38.46 29.11 33.64
C VAL E 438 38.94 30.09 32.57
N ASN E 439 39.97 29.72 31.82
CA ASN E 439 40.32 30.41 30.58
C ASN E 439 39.95 29.52 29.40
N GLY E 440 39.74 30.16 28.25
CA GLY E 440 39.15 29.48 27.11
C GLY E 440 40.08 28.57 26.33
N ASN E 441 41.17 28.10 26.94
CA ASN E 441 42.07 27.20 26.24
C ASN E 441 41.36 25.90 25.89
N ILE E 442 40.61 25.33 26.83
CA ILE E 442 39.65 24.29 26.53
C ILE E 442 38.27 24.86 26.87
N GLN E 443 37.45 25.08 25.85
CA GLN E 443 36.12 25.62 26.07
C GLN E 443 35.23 24.64 26.84
N GLY E 444 35.66 23.39 26.95
CA GLY E 444 34.88 22.34 27.58
C GLY E 444 35.21 21.03 26.88
N ILE E 445 34.39 20.00 27.15
CA ILE E 445 34.62 18.68 26.62
C ILE E 445 33.31 18.05 26.17
N VAL E 446 33.41 17.05 25.30
CA VAL E 446 32.26 16.23 24.95
C VAL E 446 32.70 14.77 24.99
N LEU E 447 31.84 13.84 24.57
CA LEU E 447 32.09 12.42 24.80
C LEU E 447 31.27 11.61 23.80
N PHE E 448 31.94 10.91 22.89
CA PHE E 448 31.27 10.10 21.87
C PHE E 448 31.08 8.67 22.37
N VAL E 449 29.89 8.11 22.11
CA VAL E 449 29.46 6.86 22.76
C VAL E 449 28.96 5.82 21.76
N GLY E 450 28.20 6.27 20.76
CA GLY E 450 27.29 5.42 20.02
C GLY E 450 27.83 4.18 19.34
N CYS E 451 26.94 3.46 18.67
CA CYS E 451 27.30 2.24 17.96
C CYS E 451 27.63 2.54 16.51
N ASN E 452 27.25 1.64 15.61
CA ASN E 452 27.21 1.89 14.18
C ASN E 452 25.81 1.55 13.69
N THR E 453 25.09 2.55 13.20
CA THR E 453 23.81 2.31 12.56
C THR E 453 24.01 2.26 11.05
N THR E 454 23.09 1.60 10.37
CA THR E 454 23.12 1.49 8.93
C THR E 454 22.30 2.58 8.23
N LYS E 455 21.73 3.51 9.00
CA LYS E 455 21.12 4.72 8.47
C LYS E 455 22.09 5.90 8.43
N VAL E 456 23.29 5.73 8.98
CA VAL E 456 24.39 6.68 8.85
C VAL E 456 25.59 5.91 8.33
N GLN E 457 26.33 6.52 7.39
CA GLN E 457 27.34 5.87 6.56
C GLN E 457 28.15 4.78 7.28
N GLN E 458 29.36 5.11 7.73
CA GLN E 458 30.19 4.19 8.48
C GLN E 458 31.34 4.95 9.12
N ASP E 459 31.37 4.99 10.46
CA ASP E 459 32.44 5.64 11.21
C ASP E 459 32.58 7.13 10.88
N SER E 460 31.77 7.63 9.94
CA SER E 460 32.04 8.94 9.34
C SER E 460 31.49 10.08 10.18
N ALA E 461 30.21 10.01 10.56
CA ALA E 461 29.63 11.07 11.38
C ALA E 461 30.38 11.27 12.69
N TYR E 462 31.11 10.24 13.14
CA TYR E 462 31.99 10.40 14.29
C TYR E 462 33.16 11.31 13.95
N VAL E 463 33.95 10.92 12.95
CA VAL E 463 35.22 11.59 12.68
C VAL E 463 34.99 13.03 12.24
N ASP E 464 33.92 13.27 11.47
CA ASP E 464 33.58 14.64 11.08
C ASP E 464 33.30 15.50 12.31
N LEU E 465 32.45 15.01 13.22
CA LEU E 465 32.14 15.76 14.44
C LEU E 465 33.36 15.91 15.32
N ALA E 466 34.28 14.94 15.31
CA ALA E 466 35.42 14.97 16.21
C ALA E 466 36.42 16.05 15.83
N LYS E 467 36.48 16.42 14.56
CA LYS E 467 37.36 17.51 14.14
C LYS E 467 36.68 18.86 14.27
N SER E 468 35.38 18.93 13.96
CA SER E 468 34.68 20.22 13.93
C SER E 468 34.72 20.91 15.28
N LEU E 469 34.86 20.16 16.36
CA LEU E 469 34.87 20.73 17.70
C LEU E 469 36.24 20.77 18.35
N ALA E 470 37.14 19.84 17.99
CA ALA E 470 38.53 19.97 18.41
C ALA E 470 39.15 21.24 17.85
N LYS E 471 38.70 21.66 16.66
CA LYS E 471 39.05 22.98 16.16
C LYS E 471 38.51 24.07 17.09
N ARG E 472 37.34 23.84 17.67
CA ARG E 472 36.67 24.83 18.52
C ARG E 472 37.10 24.73 19.97
N ASN E 473 38.29 24.19 20.25
CA ASN E 473 38.87 24.18 21.59
C ASN E 473 38.01 23.39 22.57
N VAL E 474 37.61 22.20 22.15
CA VAL E 474 36.76 21.31 22.97
C VAL E 474 37.37 19.92 22.93
N LEU E 475 37.99 19.52 24.04
CA LEU E 475 38.54 18.18 24.15
C LEU E 475 37.41 17.15 24.08
N VAL E 476 37.72 15.97 23.55
CA VAL E 476 36.73 14.94 23.30
C VAL E 476 37.25 13.60 23.77
N LEU E 477 36.33 12.75 24.25
CA LEU E 477 36.62 11.38 24.60
C LEU E 477 35.67 10.46 23.85
N ALA E 478 36.08 9.21 23.70
CA ALA E 478 35.32 8.25 22.92
C ALA E 478 35.30 6.90 23.60
N THR E 479 34.25 6.13 23.31
CA THR E 479 34.03 4.84 23.94
C THR E 479 33.28 3.93 22.99
N GLY E 480 33.51 2.63 23.12
CA GLY E 480 32.81 1.66 22.30
C GLY E 480 33.19 1.74 20.84
N CYS E 481 32.24 1.35 19.97
CA CYS E 481 32.46 1.37 18.54
C CYS E 481 32.58 2.79 17.99
N ALA E 482 32.26 3.81 18.79
CA ALA E 482 32.62 5.17 18.43
C ALA E 482 34.14 5.37 18.57
N ALA E 483 34.70 4.91 19.68
CA ALA E 483 36.15 4.88 19.82
C ALA E 483 36.77 3.95 18.78
N GLY E 484 36.08 2.86 18.46
CA GLY E 484 36.50 2.04 17.34
C GLY E 484 36.51 2.83 16.04
N ALA E 485 35.65 3.84 15.92
CA ALA E 485 35.58 4.63 14.70
C ALA E 485 36.60 5.75 14.66
N PHE E 486 37.03 6.24 15.82
CA PHE E 486 38.14 7.19 15.84
C PHE E 486 39.48 6.46 15.78
N ALA E 487 39.52 5.23 16.27
CA ALA E 487 40.48 4.27 15.77
C ALA E 487 40.15 3.96 14.30
N LYS E 488 40.98 3.14 13.65
CA LYS E 488 40.95 2.99 12.20
C LYS E 488 41.20 4.32 11.51
N ALA E 489 40.40 5.35 11.85
CA ALA E 489 40.51 6.67 11.26
C ALA E 489 41.55 7.55 11.95
N GLY E 490 42.45 6.96 12.72
CA GLY E 490 43.60 7.68 13.23
C GLY E 490 43.40 8.48 14.52
N LEU E 491 42.50 9.46 14.48
CA LEU E 491 42.35 10.55 15.45
C LEU E 491 42.89 10.33 16.87
N MET E 492 43.09 9.08 17.29
CA MET E 492 43.80 8.78 18.53
C MET E 492 45.31 8.72 18.27
N THR E 493 45.85 9.84 17.78
CA THR E 493 47.28 9.94 17.51
C THR E 493 47.76 11.31 17.96
N SER E 494 49.05 11.37 18.34
CA SER E 494 49.66 12.65 18.67
C SER E 494 49.59 13.61 17.50
N GLU E 495 49.78 13.10 16.28
CA GLU E 495 49.82 13.94 15.09
C GLU E 495 48.46 14.55 14.74
N ALA E 496 47.38 14.00 15.29
CA ALA E 496 46.06 14.55 14.97
C ALA E 496 45.83 15.90 15.64
N THR E 497 46.40 16.10 16.82
CA THR E 497 46.21 17.37 17.55
C THR E 497 46.75 18.54 16.76
N THR E 498 48.06 18.56 16.52
CA THR E 498 48.72 19.68 15.84
C THR E 498 48.04 20.05 14.54
N GLN E 499 47.26 19.15 13.96
CA GLN E 499 46.56 19.41 12.70
C GLN E 499 45.15 19.94 12.94
N TYR E 500 44.29 19.16 13.60
CA TYR E 500 42.86 19.46 13.68
C TYR E 500 42.45 20.11 15.00
N ALA E 501 43.37 20.46 15.87
CA ALA E 501 43.00 21.05 17.15
C ALA E 501 43.16 22.57 17.10
N GLY E 502 42.35 23.25 17.90
CA GLY E 502 42.52 24.68 18.08
C GLY E 502 43.76 25.00 18.89
N GLU E 503 44.21 26.25 18.77
CA GLU E 503 45.48 26.63 19.38
C GLU E 503 45.39 26.63 20.90
N GLY E 504 44.26 27.08 21.45
CA GLY E 504 44.05 26.94 22.88
C GLY E 504 44.04 25.49 23.32
N LEU E 505 43.45 24.62 22.51
CA LEU E 505 43.36 23.21 22.84
C LEU E 505 44.66 22.47 22.53
N LYS E 506 45.22 22.68 21.34
CA LYS E 506 46.42 21.94 20.93
C LYS E 506 47.60 22.25 21.84
N GLY E 507 47.63 23.43 22.46
CA GLY E 507 48.70 23.74 23.38
C GLY E 507 48.59 22.96 24.67
N VAL E 508 47.39 22.92 25.24
CA VAL E 508 47.19 22.21 26.51
C VAL E 508 47.40 20.71 26.32
N LEU E 509 46.97 20.16 25.19
CA LEU E 509 47.16 18.74 24.94
C LEU E 509 48.63 18.41 24.71
N SER E 510 49.41 19.38 24.22
CA SER E 510 50.84 19.17 24.04
C SER E 510 51.62 19.36 25.33
N ALA E 511 51.11 20.17 26.25
CA ALA E 511 51.78 20.33 27.54
C ALA E 511 51.66 19.06 28.38
N ILE E 512 50.48 18.44 28.38
CA ILE E 512 50.29 17.19 29.12
C ILE E 512 50.85 16.01 28.36
N GLY E 513 51.01 16.13 27.03
CA GLY E 513 51.58 15.05 26.25
C GLY E 513 53.06 14.89 26.48
N THR E 514 53.84 15.93 26.19
CA THR E 514 55.30 15.82 26.28
C THR E 514 55.74 15.44 27.68
N ALA E 515 55.12 16.02 28.70
CA ALA E 515 55.35 15.57 30.07
C ALA E 515 54.83 14.15 30.24
N ALA E 516 55.52 13.38 31.09
CA ALA E 516 55.25 11.96 31.30
C ALA E 516 55.49 11.12 30.05
N GLY E 517 56.30 11.63 29.12
CA GLY E 517 56.62 10.92 27.90
C GLY E 517 55.70 11.21 26.73
N LEU E 518 54.99 10.18 26.26
CA LEU E 518 53.91 10.30 25.27
C LEU E 518 54.38 10.91 23.95
N GLY E 519 55.70 10.93 23.70
CA GLY E 519 56.21 11.57 22.49
C GLY E 519 55.85 13.04 22.41
N GLY E 520 54.90 13.37 21.53
CA GLY E 520 54.41 14.72 21.43
C GLY E 520 53.19 14.93 22.31
N PRO E 521 52.21 15.68 21.79
CA PRO E 521 50.96 15.89 22.54
C PRO E 521 50.22 14.59 22.81
N LEU E 522 49.24 14.68 23.70
CA LEU E 522 48.27 13.62 23.91
C LEU E 522 47.42 13.48 22.63
N PRO E 523 46.59 12.45 22.53
CA PRO E 523 45.77 12.29 21.33
C PRO E 523 44.50 13.14 21.40
N LEU E 524 43.95 13.40 20.21
CA LEU E 524 42.77 14.25 20.08
C LEU E 524 41.60 13.70 20.89
N VAL E 525 41.21 12.47 20.61
CA VAL E 525 39.92 11.94 21.07
C VAL E 525 40.05 10.96 22.23
N MET E 526 41.19 10.28 22.40
CA MET E 526 41.48 9.54 23.63
C MET E 526 40.53 8.38 23.87
N HIS E 527 40.99 7.15 23.63
CA HIS E 527 40.17 5.97 23.90
C HIS E 527 39.94 5.82 25.40
N MET E 528 38.74 5.37 25.77
CA MET E 528 38.41 5.16 27.17
C MET E 528 37.79 3.80 27.48
N GLY E 529 37.46 2.99 26.47
CA GLY E 529 37.14 1.60 26.72
C GLY E 529 35.89 1.16 26.00
N SER E 530 35.26 0.12 26.55
CA SER E 530 34.07 -0.48 25.99
C SER E 530 32.82 0.21 26.53
N CYS E 531 31.64 -0.25 26.06
CA CYS E 531 30.37 0.38 26.43
C CYS E 531 30.27 0.64 27.91
N VAL E 532 30.68 -0.33 28.73
CA VAL E 532 30.67 -0.16 30.18
C VAL E 532 31.63 0.93 30.61
N ASP E 533 32.73 1.12 29.88
CA ASP E 533 33.78 2.04 30.30
C ASP E 533 33.38 3.51 30.18
N ASN E 534 32.17 3.81 29.70
CA ASN E 534 31.69 5.18 29.75
C ASN E 534 31.57 5.70 31.18
N SER E 535 31.54 4.79 32.16
CA SER E 535 31.55 5.18 33.56
C SER E 535 32.87 5.81 33.99
N ARG E 536 33.96 5.54 33.27
CA ARG E 536 35.25 6.12 33.64
C ARG E 536 35.20 7.63 33.62
N ALA E 537 34.57 8.22 32.60
CA ALA E 537 34.51 9.68 32.49
C ALA E 537 33.55 10.27 33.52
N VAL E 538 32.56 9.49 33.97
CA VAL E 538 31.66 9.99 35.01
C VAL E 538 32.41 10.16 36.32
N ALA E 539 33.23 9.17 36.69
CA ALA E 539 34.11 9.33 37.84
C ALA E 539 35.06 10.51 37.63
N LEU E 540 35.52 10.71 36.40
CA LEU E 540 36.37 11.86 36.08
C LEU E 540 35.61 13.17 36.30
N ALA E 541 34.47 13.32 35.63
CA ALA E 541 33.72 14.57 35.71
C ALA E 541 33.25 14.84 37.13
N THR E 542 32.76 13.81 37.82
CA THR E 542 32.39 13.98 39.23
C THR E 542 33.60 14.40 40.06
N ALA E 543 34.78 13.84 39.76
CA ALA E 543 35.97 14.18 40.53
C ALA E 543 36.40 15.63 40.32
N LEU E 544 36.12 16.20 39.16
CA LEU E 544 36.40 17.62 38.94
C LEU E 544 35.19 18.51 39.19
N ALA E 545 33.97 17.98 39.04
CA ALA E 545 32.80 18.70 39.54
C ALA E 545 32.75 18.71 41.06
N ASN E 546 33.56 17.88 41.72
CA ASN E 546 33.80 17.99 43.15
C ASN E 546 35.01 18.85 43.47
N LYS E 547 35.91 19.05 42.50
CA LYS E 547 37.02 19.99 42.69
C LYS E 547 36.48 21.40 42.88
N LEU E 548 35.56 21.82 42.02
CA LEU E 548 34.75 22.99 42.33
C LEU E 548 33.64 22.58 43.27
N GLY E 549 32.78 23.54 43.64
CA GLY E 549 31.66 23.20 44.49
C GLY E 549 30.41 22.87 43.68
N VAL E 550 30.61 22.36 42.47
CA VAL E 550 29.55 22.35 41.47
C VAL E 550 29.10 20.93 41.18
N ASP E 551 28.76 20.65 39.91
CA ASP E 551 27.99 19.48 39.52
C ASP E 551 27.86 19.39 38.01
N LEU E 552 27.93 18.16 37.47
CA LEU E 552 27.98 17.90 36.03
C LEU E 552 27.00 18.75 35.21
N SER E 553 25.85 19.10 35.80
CA SER E 553 24.87 19.91 35.10
C SER E 553 25.30 21.36 34.93
N ASP E 554 26.41 21.78 35.54
CA ASP E 554 26.96 23.11 35.32
C ASP E 554 28.37 23.06 34.74
N LEU E 555 28.86 21.87 34.39
CA LEU E 555 30.21 21.71 33.86
C LEU E 555 30.14 21.53 32.35
N PRO E 556 30.69 22.46 31.54
CA PRO E 556 30.58 22.35 30.07
C PRO E 556 30.97 20.98 29.53
N LEU E 557 30.12 19.99 29.78
CA LEU E 557 30.38 18.60 29.39
C LEU E 557 29.10 18.05 28.79
N VAL E 558 29.17 17.62 27.54
CA VAL E 558 28.01 17.07 26.84
C VAL E 558 28.34 15.65 26.41
N ALA E 559 27.49 15.05 25.57
CA ALA E 559 27.75 13.74 25.00
C ALA E 559 27.04 13.64 23.66
N SER E 560 27.55 12.78 22.78
CA SER E 560 27.01 12.68 21.44
C SER E 560 27.09 11.23 20.95
N ALA E 561 26.01 10.78 20.31
CA ALA E 561 25.93 9.46 19.70
C ALA E 561 25.30 9.61 18.33
N PRO E 562 26.12 9.89 17.30
CA PRO E 562 25.57 10.13 15.96
C PRO E 562 25.20 8.87 15.19
N GLU E 563 25.87 7.76 15.46
CA GLU E 563 25.52 6.50 14.81
C GLU E 563 24.83 5.58 15.81
N CYS E 564 23.81 6.10 16.49
CA CYS E 564 23.11 5.35 17.52
C CYS E 564 22.36 4.17 16.92
N MET E 565 22.30 3.07 17.68
CA MET E 565 21.69 1.85 17.17
C MET E 565 21.06 1.00 18.27
N SER E 566 21.84 0.60 19.27
CA SER E 566 21.42 -0.42 20.21
C SER E 566 20.49 0.14 21.27
N GLU E 567 19.94 -0.77 22.09
CA GLU E 567 19.18 -0.37 23.26
C GLU E 567 20.09 0.13 24.38
N LYS E 568 21.28 -0.47 24.49
CA LYS E 568 22.26 0.02 25.45
C LYS E 568 22.61 1.47 25.18
N ALA E 569 22.80 1.83 23.91
CA ALA E 569 23.08 3.21 23.55
C ALA E 569 21.94 4.13 23.96
N LEU E 570 20.70 3.64 23.92
CA LEU E 570 19.57 4.46 24.35
C LEU E 570 19.52 4.59 25.86
N ALA E 571 19.98 3.57 26.59
CA ALA E 571 20.13 3.71 28.03
C ALA E 571 21.27 4.67 28.37
N ILE E 572 22.42 4.48 27.70
CA ILE E 572 23.59 5.33 27.96
C ILE E 572 23.26 6.79 27.67
N GLY E 573 22.58 7.04 26.54
CA GLY E 573 22.22 8.40 26.22
C GLY E 573 21.24 9.02 27.20
N SER E 574 20.45 8.18 27.88
CA SER E 574 19.42 8.69 28.77
C SER E 574 19.98 9.02 30.15
N TRP E 575 20.79 8.13 30.74
CA TRP E 575 21.33 8.48 32.06
C TRP E 575 22.34 9.62 31.96
N ALA E 576 23.01 9.76 30.81
CA ALA E 576 23.81 10.95 30.58
C ALA E 576 22.95 12.21 30.64
N VAL E 577 21.67 12.10 30.26
CA VAL E 577 20.75 13.22 30.41
C VAL E 577 20.41 13.41 31.89
N THR E 578 20.12 12.32 32.61
CA THR E 578 19.85 12.44 34.04
C THR E 578 21.11 12.74 34.85
N ILE E 579 22.29 12.67 34.24
CA ILE E 579 23.49 13.10 34.96
C ILE E 579 23.67 14.61 34.84
N GLY E 580 23.26 15.20 33.71
CA GLY E 580 23.34 16.65 33.56
C GLY E 580 24.01 17.07 32.27
N LEU E 581 24.12 16.13 31.33
CA LEU E 581 24.76 16.40 30.05
C LEU E 581 23.71 16.61 28.98
N PRO E 582 23.75 17.72 28.28
CA PRO E 582 23.22 17.76 26.92
C PRO E 582 23.73 16.58 26.14
N THR E 583 22.84 15.63 25.78
CA THR E 583 23.25 14.41 25.07
C THR E 583 22.63 14.45 23.68
N HIS E 584 23.48 14.54 22.67
CA HIS E 584 23.03 14.61 21.30
C HIS E 584 22.82 13.21 20.73
N VAL E 585 21.76 13.05 19.94
CA VAL E 585 21.47 11.82 19.23
C VAL E 585 21.39 12.13 17.74
N GLY E 586 22.06 11.33 16.93
CA GLY E 586 22.05 11.54 15.49
C GLY E 586 21.43 10.39 14.72
N SER E 587 20.40 9.77 15.28
CA SER E 587 19.81 8.61 14.62
C SER E 587 18.30 8.51 14.79
N VAL E 588 17.62 9.57 15.22
CA VAL E 588 16.17 9.64 15.46
C VAL E 588 15.58 8.38 16.09
N PRO E 589 15.33 8.37 17.39
CA PRO E 589 14.58 7.27 18.01
C PRO E 589 13.09 7.50 17.89
N PRO E 590 12.25 6.46 18.09
CA PRO E 590 10.81 6.62 17.85
C PRO E 590 10.14 7.59 18.81
N VAL E 591 10.55 8.86 18.72
CA VAL E 591 9.99 9.91 19.55
C VAL E 591 9.22 10.95 18.74
N ILE E 592 9.43 11.01 17.42
CA ILE E 592 8.81 12.04 16.60
C ILE E 592 7.31 11.84 16.47
N GLY E 593 6.81 10.65 16.79
CA GLY E 593 5.36 10.43 16.74
C GLY E 593 4.61 11.27 17.76
N SER E 594 5.21 11.51 18.91
CA SER E 594 4.57 12.29 19.97
C SER E 594 5.35 13.58 20.20
N GLN E 595 4.64 14.72 20.13
CA GLN E 595 5.22 15.99 20.52
C GLN E 595 5.21 16.21 22.02
N ILE E 596 4.31 15.51 22.74
CA ILE E 596 4.35 15.53 24.20
C ILE E 596 5.67 14.96 24.69
N VAL E 597 5.96 13.71 24.32
CA VAL E 597 7.15 13.04 24.82
C VAL E 597 8.42 13.68 24.26
N THR E 598 8.34 14.32 23.08
CA THR E 598 9.51 15.00 22.55
C THR E 598 9.87 16.21 23.41
N LYS E 599 8.89 17.04 23.77
CA LYS E 599 9.15 18.13 24.71
C LYS E 599 9.57 17.59 26.07
N LEU E 600 9.13 16.36 26.41
CA LEU E 600 9.53 15.76 27.67
C LEU E 600 11.03 15.53 27.75
N VAL E 601 11.69 15.25 26.62
CA VAL E 601 13.10 14.87 26.65
C VAL E 601 13.94 15.80 25.78
N THR E 602 13.47 17.03 25.54
CA THR E 602 14.30 18.00 24.83
C THR E 602 14.31 19.32 25.59
N GLU E 603 13.16 19.99 25.65
CA GLU E 603 12.97 21.05 26.64
C GLU E 603 12.56 20.39 27.95
N THR E 604 12.13 21.19 28.92
CA THR E 604 11.70 20.68 30.23
C THR E 604 12.78 19.88 30.93
N ALA E 605 13.46 18.99 30.19
CA ALA E 605 14.63 18.29 30.72
C ALA E 605 15.66 19.27 31.26
N LYS E 606 15.88 20.37 30.55
CA LYS E 606 16.70 21.47 31.06
C LYS E 606 16.28 21.89 32.46
N ASP E 607 15.00 21.75 32.79
CA ASP E 607 14.45 22.36 33.99
C ASP E 607 14.43 21.45 35.20
N LEU E 608 14.47 20.12 35.01
CA LEU E 608 14.31 19.21 36.14
C LEU E 608 15.47 18.25 36.35
N VAL E 609 16.40 18.12 35.40
CA VAL E 609 17.53 17.23 35.60
C VAL E 609 18.80 17.83 35.00
N GLY E 610 18.70 19.05 34.50
CA GLY E 610 19.86 19.75 33.97
C GLY E 610 20.27 19.39 32.56
N GLY E 611 20.44 18.10 32.28
CA GLY E 611 20.73 17.66 30.93
C GLY E 611 19.46 17.53 30.10
N TYR E 612 19.67 17.43 28.78
CA TYR E 612 18.56 17.27 27.84
C TYR E 612 19.08 16.54 26.61
N PHE E 613 18.21 16.35 25.63
CA PHE E 613 18.54 15.67 24.39
C PHE E 613 18.59 16.67 23.24
N ILE E 614 19.45 16.37 22.27
CA ILE E 614 19.60 17.19 21.06
C ILE E 614 19.62 16.22 19.88
N VAL E 615 18.46 15.99 19.28
CA VAL E 615 18.34 15.13 18.12
C VAL E 615 18.48 15.98 16.86
N ASP E 616 19.20 15.45 15.86
CA ASP E 616 19.50 16.27 14.70
C ASP E 616 19.80 15.48 13.44
N THR E 617 20.53 14.36 13.57
CA THR E 617 21.46 13.85 12.55
C THR E 617 22.14 15.02 11.84
N ASP E 618 22.64 14.80 10.61
CA ASP E 618 23.45 15.78 9.88
C ASP E 618 24.56 16.37 10.75
N PRO E 619 25.77 15.82 10.69
CA PRO E 619 26.81 16.16 11.68
C PRO E 619 27.04 17.64 11.92
N LYS E 620 26.93 18.50 10.90
CA LYS E 620 27.31 19.90 11.08
C LYS E 620 26.43 20.59 12.11
N SER E 621 25.10 20.56 11.90
CA SER E 621 24.18 21.22 12.83
C SER E 621 24.14 20.55 14.20
N ALA E 622 24.77 19.39 14.36
CA ALA E 622 24.81 18.73 15.65
C ALA E 622 25.87 19.34 16.55
N GLY E 623 27.13 19.32 16.11
CA GLY E 623 28.15 20.09 16.79
C GLY E 623 27.79 21.55 16.91
N ASP E 624 26.95 22.05 15.99
CA ASP E 624 26.46 23.42 16.07
C ASP E 624 25.64 23.63 17.33
N LYS E 625 24.63 22.77 17.56
CA LYS E 625 23.90 22.82 18.83
C LYS E 625 24.73 22.29 19.98
N LEU E 626 25.77 21.50 19.68
CA LEU E 626 26.63 21.00 20.75
C LEU E 626 27.50 22.11 21.34
N TYR E 627 28.12 22.93 20.48
CA TYR E 627 28.89 24.03 21.04
C TYR E 627 28.01 25.22 21.43
N ALA E 628 26.72 25.18 21.14
CA ALA E 628 25.80 26.10 21.80
C ALA E 628 25.63 25.72 23.25
N ALA E 629 25.65 24.42 23.56
CA ALA E 629 25.47 23.97 24.94
C ALA E 629 26.73 24.15 25.77
N ILE E 630 27.90 24.14 25.13
CA ILE E 630 29.14 24.32 25.88
C ILE E 630 29.28 25.76 26.35
N GLN E 631 28.84 26.72 25.52
CA GLN E 631 28.95 28.12 25.85
C GLN E 631 27.90 28.53 26.88
N GLU E 632 26.67 28.07 26.71
CA GLU E 632 25.63 28.33 27.69
C GLU E 632 26.02 27.81 29.06
N ARG E 633 26.65 26.63 29.10
CA ARG E 633 27.05 26.06 30.39
C ARG E 633 28.21 26.83 31.00
N ARG E 634 29.12 27.33 30.16
CA ARG E 634 30.14 28.24 30.65
C ARG E 634 29.51 29.48 31.25
N ALA E 635 28.47 30.02 30.60
CA ALA E 635 27.82 31.24 31.06
C ALA E 635 27.24 31.09 32.46
N GLY E 636 26.95 29.87 32.90
CA GLY E 636 26.55 29.64 34.27
C GLY E 636 27.66 29.78 35.28
N LEU E 637 28.88 30.05 34.84
CA LEU E 637 30.02 30.18 35.74
C LEU E 637 30.70 31.54 35.55
N LEU F 21 -25.74 -3.12 26.67
CA LEU F 21 -25.84 -1.69 26.96
C LEU F 21 -25.32 -0.89 25.76
N ALA F 22 -24.01 -0.67 25.74
CA ALA F 22 -23.29 -0.09 24.61
C ALA F 22 -23.88 1.24 24.15
N GLU F 23 -23.74 2.23 25.03
CA GLU F 23 -23.83 3.67 24.74
C GLU F 23 -25.00 4.16 23.90
N ALA F 24 -24.96 5.44 23.54
CA ALA F 24 -25.93 6.09 22.67
C ALA F 24 -25.35 7.41 22.17
N ASN F 25 -25.03 8.31 23.09
CA ASN F 25 -24.37 9.56 22.73
C ASN F 25 -22.90 9.28 22.39
N SER F 26 -22.32 10.20 21.63
CA SER F 26 -20.98 10.02 21.07
C SER F 26 -19.92 9.78 22.16
N ILE F 27 -19.73 8.51 22.52
CA ILE F 27 -18.66 8.10 23.42
C ILE F 27 -17.95 6.92 22.78
N GLU F 28 -16.63 7.04 22.64
CA GLU F 28 -15.81 6.04 21.94
C GLU F 28 -15.35 4.98 22.93
N THR F 29 -15.83 3.76 22.75
CA THR F 29 -15.49 2.65 23.63
C THR F 29 -14.39 1.81 23.00
N ALA F 30 -14.13 0.63 23.59
CA ALA F 30 -13.05 -0.22 23.11
C ALA F 30 -13.41 -0.91 21.79
N TRP F 31 -14.69 -1.23 21.60
CA TRP F 31 -15.10 -1.83 20.33
C TRP F 31 -15.02 -0.82 19.20
N HIS F 32 -15.36 0.44 19.47
CA HIS F 32 -15.24 1.49 18.46
C HIS F 32 -13.79 1.64 18.03
N ARG F 33 -12.85 1.62 18.97
CA ARG F 33 -11.45 1.85 18.64
C ARG F 33 -10.84 0.67 17.89
N TYR F 34 -11.51 -0.50 17.89
CA TYR F 34 -10.97 -1.66 17.18
C TYR F 34 -11.37 -1.64 15.71
N GLU F 35 -12.60 -1.20 15.39
CA GLU F 35 -13.00 -1.10 13.99
C GLU F 35 -12.21 -0.05 13.25
N LYS F 36 -11.77 1.01 13.94
CA LYS F 36 -10.89 2.00 13.34
C LYS F 36 -9.51 1.44 13.07
N GLN F 37 -9.11 0.39 13.77
CA GLN F 37 -7.80 -0.23 13.60
C GLN F 37 -7.73 -1.14 12.37
N GLN F 38 -8.78 -1.20 11.55
CA GLN F 38 -8.77 -2.26 10.56
C GLN F 38 -8.34 -1.74 9.20
N PRO F 39 -7.53 -2.53 8.48
CA PRO F 39 -6.97 -3.82 8.91
C PRO F 39 -5.76 -3.60 9.81
N GLN F 40 -5.41 -4.56 10.65
CA GLN F 40 -4.23 -4.43 11.49
C GLN F 40 -3.04 -5.06 10.78
N CYS F 41 -1.85 -4.50 11.05
CA CYS F 41 -0.65 -4.86 10.30
C CYS F 41 -0.44 -6.36 10.28
N GLY F 42 -0.48 -6.94 9.07
CA GLY F 42 -0.29 -8.37 8.93
C GLY F 42 1.10 -8.83 9.30
N PHE F 43 2.10 -7.95 9.20
CA PHE F 43 3.46 -8.33 9.57
C PHE F 43 3.57 -8.60 11.06
N GLY F 44 2.81 -7.88 11.88
CA GLY F 44 2.82 -8.10 13.32
C GLY F 44 1.98 -9.29 13.73
N SER F 45 0.82 -9.46 13.10
CA SER F 45 -0.04 -10.59 13.40
C SER F 45 0.63 -11.92 13.08
N ALA F 46 1.71 -11.90 12.30
CA ALA F 46 2.48 -13.10 12.00
C ALA F 46 3.81 -13.14 12.72
N GLY F 47 4.16 -12.11 13.48
CA GLY F 47 5.45 -12.06 14.15
C GLY F 47 6.60 -11.66 13.25
N LEU F 48 6.33 -11.07 12.10
CA LEU F 48 7.39 -10.73 11.16
C LEU F 48 7.70 -9.24 11.17
N CYS F 49 8.23 -8.76 12.29
CA CYS F 49 8.58 -7.35 12.40
C CYS F 49 9.68 -7.18 13.45
N CYS F 50 10.76 -6.50 13.08
CA CYS F 50 11.83 -6.17 13.99
C CYS F 50 11.74 -4.70 14.41
N ARG F 51 12.37 -4.38 15.55
CA ARG F 51 12.38 -3.00 16.02
C ARG F 51 13.30 -2.76 17.21
N ILE F 52 13.86 -3.83 17.80
CA ILE F 52 14.55 -3.66 19.08
C ILE F 52 15.85 -2.87 18.94
N CYS F 53 16.38 -2.71 17.73
CA CYS F 53 17.49 -1.80 17.51
C CYS F 53 17.05 -0.71 16.54
N LEU F 54 17.76 0.42 16.58
CA LEU F 54 17.37 1.58 15.80
C LEU F 54 17.47 1.32 14.30
N LYS F 55 18.29 0.37 13.87
CA LYS F 55 18.39 0.05 12.44
C LYS F 55 17.09 -0.48 11.87
N GLY F 56 16.06 -0.71 12.68
CA GLY F 56 14.77 -1.12 12.19
C GLY F 56 13.89 0.05 11.81
N PRO F 57 12.59 -0.20 11.67
CA PRO F 57 11.90 -1.49 11.79
C PRO F 57 12.09 -2.38 10.58
N CYS F 58 12.70 -3.54 10.77
CA CYS F 58 12.83 -4.52 9.70
C CYS F 58 11.69 -5.51 9.77
N ARG F 59 11.50 -6.25 8.67
CA ARG F 59 10.36 -7.15 8.57
C ARG F 59 10.68 -8.26 7.58
N ILE F 60 9.88 -9.33 7.64
CA ILE F 60 10.14 -10.56 6.90
C ILE F 60 9.16 -10.68 5.76
N ASP F 61 9.68 -11.07 4.59
CA ASP F 61 8.85 -11.59 3.50
C ASP F 61 9.12 -13.08 3.43
N PRO F 62 8.16 -13.93 3.80
CA PRO F 62 8.37 -15.38 3.70
C PRO F 62 8.17 -15.94 2.30
N PHE F 63 7.60 -15.15 1.37
CA PHE F 63 7.15 -15.68 0.09
C PHE F 63 7.78 -14.96 -1.09
N GLY F 64 7.39 -13.72 -1.36
CA GLY F 64 7.70 -13.07 -2.63
C GLY F 64 9.08 -12.48 -2.77
N GLU F 65 10.12 -13.26 -2.47
CA GLU F 65 11.51 -12.92 -2.77
C GLU F 65 11.97 -11.65 -2.08
N GLY F 66 11.27 -11.21 -1.03
CA GLY F 66 11.64 -10.02 -0.33
C GLY F 66 12.81 -10.23 0.61
N PRO F 67 12.84 -9.49 1.72
CA PRO F 67 13.91 -9.65 2.71
C PRO F 67 13.67 -10.86 3.60
N LYS F 68 14.54 -11.86 3.49
CA LYS F 68 14.50 -13.03 4.36
C LYS F 68 15.21 -12.80 5.69
N TYR F 69 16.02 -11.74 5.80
CA TYR F 69 16.74 -11.45 7.02
C TYR F 69 16.54 -9.98 7.38
N GLY F 70 17.06 -9.60 8.55
CA GLY F 70 17.13 -8.21 8.95
C GLY F 70 18.54 -7.68 8.76
N VAL F 71 18.69 -6.38 9.02
CA VAL F 71 20.02 -5.77 8.96
C VAL F 71 20.94 -6.40 9.98
N CYS F 72 20.40 -6.82 11.12
CA CYS F 72 21.18 -7.57 12.10
C CYS F 72 21.52 -8.96 11.59
N GLY F 73 20.62 -9.57 10.80
CA GLY F 73 20.83 -10.87 10.22
C GLY F 73 19.93 -11.97 10.75
N ALA F 74 19.02 -11.66 11.66
CA ALA F 74 18.15 -12.67 12.25
C ALA F 74 17.23 -13.27 11.19
N ASP F 75 16.98 -14.57 11.31
CA ASP F 75 16.04 -15.27 10.44
C ASP F 75 14.67 -15.35 11.11
N ARG F 76 13.62 -15.33 10.29
CA ARG F 76 12.23 -15.18 10.71
C ARG F 76 11.90 -15.88 12.03
N ASP F 77 12.66 -16.93 12.35
CA ASP F 77 12.46 -17.65 13.59
C ASP F 77 13.08 -16.92 14.77
N THR F 78 14.24 -16.30 14.55
CA THR F 78 14.82 -15.45 15.59
C THR F 78 13.85 -14.35 16.00
N ILE F 79 13.29 -13.64 15.02
CA ILE F 79 12.46 -12.49 15.33
C ILE F 79 11.18 -12.92 16.07
N VAL F 80 10.53 -13.99 15.62
CA VAL F 80 9.33 -14.43 16.30
C VAL F 80 9.67 -14.95 17.70
N ALA F 81 10.74 -15.73 17.83
CA ALA F 81 11.04 -16.36 19.11
C ALA F 81 11.45 -15.32 20.14
N ARG F 82 12.30 -14.36 19.75
CA ARG F 82 12.69 -13.31 20.67
C ARG F 82 11.49 -12.50 21.14
N HIS F 83 10.56 -12.21 20.23
CA HIS F 83 9.40 -11.41 20.59
C HIS F 83 8.45 -12.19 21.50
N LEU F 84 8.34 -13.50 21.29
CA LEU F 84 7.48 -14.31 22.14
C LEU F 84 8.00 -14.37 23.56
N VAL F 85 9.30 -14.62 23.73
CA VAL F 85 9.86 -14.71 25.07
C VAL F 85 9.95 -13.35 25.75
N ARG F 86 10.04 -12.27 24.98
CA ARG F 86 9.90 -10.94 25.56
C ARG F 86 8.48 -10.68 26.03
N MET F 87 7.50 -11.37 25.45
CA MET F 87 6.11 -11.28 25.91
C MET F 87 5.91 -12.09 27.19
N ILE F 88 6.54 -13.26 27.28
CA ILE F 88 6.45 -14.07 28.50
C ILE F 88 7.10 -13.33 29.66
N ALA F 89 8.30 -12.78 29.43
CA ALA F 89 9.02 -12.09 30.50
C ALA F 89 8.26 -10.86 30.96
N ALA F 90 7.60 -10.16 30.03
CA ALA F 90 6.80 -9.00 30.42
C ALA F 90 5.54 -9.40 31.18
N GLY F 91 5.09 -10.65 31.06
CA GLY F 91 4.01 -11.15 31.87
C GLY F 91 4.52 -11.64 33.21
N THR F 92 5.66 -12.34 33.17
CA THR F 92 6.31 -12.76 34.41
C THR F 92 6.57 -11.57 35.33
N ALA F 93 7.03 -10.45 34.75
CA ALA F 93 7.28 -9.26 35.56
C ALA F 93 5.99 -8.65 36.08
N ALA F 94 4.88 -8.80 35.35
CA ALA F 94 3.61 -8.26 35.81
C ALA F 94 3.10 -9.01 37.04
N HIS F 95 3.01 -10.35 36.94
CA HIS F 95 2.56 -11.14 38.08
C HIS F 95 3.53 -11.05 39.25
N SER F 96 4.83 -10.91 38.97
CA SER F 96 5.83 -10.89 40.03
C SER F 96 5.64 -9.69 40.94
N GLU F 97 5.42 -8.50 40.36
CA GLU F 97 5.22 -7.31 41.16
C GLU F 97 3.97 -7.40 42.02
N HIS F 98 3.02 -8.26 41.65
CA HIS F 98 1.89 -8.55 42.52
C HIS F 98 2.36 -9.31 43.76
N GLY F 99 3.00 -10.46 43.55
CA GLY F 99 3.45 -11.30 44.64
C GLY F 99 4.57 -10.72 45.48
N ARG F 100 5.18 -9.60 45.04
CA ARG F 100 6.25 -9.01 45.84
C ARG F 100 5.70 -8.11 46.94
N HIS F 101 4.68 -7.31 46.63
CA HIS F 101 4.06 -6.48 47.66
C HIS F 101 3.42 -7.33 48.73
N ILE F 102 2.91 -8.50 48.36
CA ILE F 102 2.37 -9.43 49.35
C ILE F 102 3.49 -9.96 50.24
N ALA F 103 4.60 -10.38 49.63
CA ALA F 103 5.71 -10.93 50.40
C ALA F 103 6.44 -9.84 51.19
N LEU F 104 6.44 -8.60 50.70
CA LEU F 104 6.94 -7.50 51.51
C LEU F 104 6.00 -7.20 52.67
N ALA F 105 4.70 -7.47 52.48
CA ALA F 105 3.73 -7.17 53.53
C ALA F 105 3.91 -8.06 54.75
N MET F 106 4.13 -9.37 54.57
CA MET F 106 4.37 -10.25 55.72
C MET F 106 5.76 -10.06 56.30
N GLN F 107 6.73 -9.62 55.49
CA GLN F 107 7.97 -9.18 56.09
C GLN F 107 7.71 -8.06 57.07
N HIS F 108 6.83 -7.12 56.68
CA HIS F 108 6.46 -6.04 57.60
C HIS F 108 5.63 -6.57 58.77
N ILE F 109 4.69 -7.49 58.52
CA ILE F 109 3.87 -8.01 59.61
C ILE F 109 4.54 -9.25 60.19
N SER F 110 5.84 -9.37 59.97
CA SER F 110 6.72 -10.14 60.84
C SER F 110 7.65 -9.26 61.65
N GLN F 111 7.66 -7.95 61.39
CA GLN F 111 8.40 -6.99 62.19
C GLN F 111 7.48 -6.10 63.02
N GLY F 112 6.24 -6.55 63.24
CA GLY F 112 5.25 -5.75 63.94
C GLY F 112 4.79 -4.49 63.24
N GLU F 113 5.40 -4.11 62.12
CA GLU F 113 4.93 -2.98 61.34
C GLU F 113 3.72 -3.41 60.49
N LEU F 114 3.08 -2.43 59.86
CA LEU F 114 1.88 -2.65 59.04
C LEU F 114 0.75 -3.19 59.92
N HIS F 115 0.28 -2.32 60.81
CA HIS F 115 -0.79 -2.70 61.73
C HIS F 115 -2.09 -3.00 60.99
N ASP F 116 -2.35 -2.28 59.90
CA ASP F 116 -3.62 -2.39 59.20
C ASP F 116 -3.85 -3.78 58.63
N TYR F 117 -2.80 -4.57 58.48
CA TYR F 117 -2.91 -5.95 58.02
C TYR F 117 -2.53 -6.88 59.16
N SER F 118 -2.84 -8.15 58.96
CA SER F 118 -2.61 -9.18 59.98
C SER F 118 -2.70 -10.53 59.32
N ILE F 119 -2.61 -11.59 60.12
CA ILE F 119 -2.61 -12.95 59.62
C ILE F 119 -3.99 -13.56 59.87
N ARG F 120 -4.92 -13.26 58.95
CA ARG F 120 -6.33 -13.58 59.20
C ARG F 120 -6.57 -15.08 59.26
N ASP F 121 -5.86 -15.86 58.44
CA ASP F 121 -6.02 -17.31 58.39
C ASP F 121 -4.71 -17.97 58.80
N GLU F 122 -4.67 -18.50 60.02
CA GLU F 122 -3.47 -19.13 60.55
C GLU F 122 -3.35 -20.59 60.15
N ALA F 123 -4.47 -21.27 59.92
CA ALA F 123 -4.42 -22.64 59.44
C ALA F 123 -3.73 -22.77 58.09
N LYS F 124 -3.54 -21.66 57.37
CA LYS F 124 -2.85 -21.68 56.09
C LYS F 124 -1.39 -21.31 56.18
N LEU F 125 -1.03 -20.28 56.96
CA LEU F 125 0.38 -20.04 57.22
C LEU F 125 1.06 -21.33 57.66
N TYR F 126 0.47 -21.99 58.66
CA TYR F 126 1.02 -23.25 59.13
C TYR F 126 0.96 -24.33 58.06
N ALA F 127 0.02 -24.22 57.12
CA ALA F 127 -0.07 -25.20 56.04
C ALA F 127 1.05 -25.00 55.02
N ILE F 128 1.27 -23.77 54.58
CA ILE F 128 2.33 -23.51 53.62
C ILE F 128 3.70 -23.47 54.26
N ALA F 129 3.79 -23.18 55.56
CA ALA F 129 5.06 -23.32 56.26
C ALA F 129 5.49 -24.77 56.33
N LYS F 130 4.53 -25.70 56.32
CA LYS F 130 4.88 -27.12 56.29
C LYS F 130 5.39 -27.53 54.92
N THR F 131 4.74 -27.07 53.85
CA THR F 131 5.15 -27.41 52.50
C THR F 131 6.56 -26.91 52.18
N LEU F 132 7.10 -25.99 52.98
CA LEU F 132 8.35 -25.30 52.67
C LEU F 132 9.46 -25.60 53.66
N GLY F 133 9.32 -26.67 54.45
CA GLY F 133 10.34 -26.99 55.43
C GLY F 133 10.50 -25.95 56.52
N VAL F 134 9.50 -25.10 56.72
CA VAL F 134 9.53 -24.09 57.76
C VAL F 134 8.86 -24.68 59.00
N ALA F 135 9.67 -25.00 60.01
CA ALA F 135 9.13 -25.58 61.23
C ALA F 135 8.09 -24.66 61.86
N THR F 136 7.16 -25.26 62.62
CA THR F 136 6.02 -24.52 63.16
C THR F 136 5.78 -24.72 64.64
N GLU F 137 6.32 -25.76 65.27
CA GLU F 137 5.91 -26.15 66.61
C GLU F 137 6.41 -25.14 67.65
N GLY F 138 5.47 -24.49 68.32
CA GLY F 138 5.83 -23.64 69.47
C GLY F 138 6.75 -22.50 69.12
N ARG F 139 6.52 -21.86 67.97
CA ARG F 139 7.42 -20.83 67.47
C ARG F 139 6.86 -19.43 67.56
N GLY F 140 5.57 -19.23 67.32
CA GLY F 140 4.97 -17.91 67.40
C GLY F 140 4.85 -17.25 66.04
N LEU F 141 3.60 -17.07 65.58
CA LEU F 141 3.21 -16.58 64.26
C LEU F 141 4.25 -15.65 63.64
N LEU F 142 4.58 -14.58 64.38
CA LEU F 142 5.64 -13.62 64.08
C LEU F 142 6.85 -14.28 63.43
N ALA F 143 7.28 -15.43 63.97
CA ALA F 143 8.50 -16.07 63.48
C ALA F 143 8.25 -16.92 62.24
N ILE F 144 7.19 -17.71 62.22
CA ILE F 144 6.92 -18.56 61.08
C ILE F 144 6.50 -17.73 59.86
N VAL F 145 6.08 -16.48 60.07
CA VAL F 145 5.84 -15.58 58.94
C VAL F 145 7.15 -14.99 58.46
N GLY F 146 7.97 -14.49 59.38
CA GLY F 146 9.23 -13.87 59.01
C GLY F 146 10.18 -14.83 58.33
N ASP F 147 10.12 -16.11 58.70
CA ASP F 147 10.74 -17.15 57.87
C ASP F 147 10.20 -16.99 56.47
N LEU F 148 8.98 -17.48 56.22
CA LEU F 148 8.31 -17.39 54.93
C LEU F 148 8.55 -16.05 54.23
N ALA F 149 8.76 -14.99 55.01
CA ALA F 149 9.18 -13.72 54.43
C ALA F 149 10.62 -13.80 53.91
N ALA F 150 11.52 -14.36 54.72
CA ALA F 150 12.91 -14.49 54.28
C ALA F 150 13.05 -15.48 53.13
N ILE F 151 12.39 -16.64 53.21
CA ILE F 151 12.58 -17.65 52.16
C ILE F 151 11.87 -17.26 50.87
N THR F 152 10.70 -16.62 50.94
CA THR F 152 10.00 -16.23 49.72
C THR F 152 10.72 -15.10 49.02
N LEU F 153 11.14 -14.07 49.77
CA LEU F 153 11.88 -12.97 49.16
C LEU F 153 13.15 -13.46 48.48
N GLY F 154 13.80 -14.49 49.04
CA GLY F 154 14.96 -15.09 48.41
C GLY F 154 14.70 -15.59 47.01
N ASP F 155 13.43 -15.85 46.66
CA ASP F 155 13.08 -16.22 45.29
C ASP F 155 13.18 -15.03 44.33
N PHE F 156 13.43 -13.83 44.85
CA PHE F 156 13.68 -12.66 44.02
C PHE F 156 15.14 -12.20 44.08
N GLN F 157 15.97 -12.83 44.92
CA GLN F 157 17.32 -12.38 45.17
C GLN F 157 18.39 -13.44 44.93
N ASN F 158 18.04 -14.72 44.96
CA ASN F 158 19.02 -15.79 44.84
C ASN F 158 19.81 -15.64 43.55
N GLN F 159 21.12 -15.45 43.69
CA GLN F 159 22.01 -15.29 42.55
C GLN F 159 22.64 -16.61 42.10
N ASP F 160 22.23 -17.74 42.68
CA ASP F 160 22.70 -19.05 42.26
C ASP F 160 21.78 -19.55 41.16
N TYR F 161 22.26 -19.52 39.92
CA TYR F 161 21.45 -19.95 38.78
C TYR F 161 20.99 -21.39 38.91
N ASP F 162 21.73 -22.23 39.64
CA ASP F 162 21.43 -23.65 39.75
C ASP F 162 20.71 -24.00 41.04
N LYS F 163 20.10 -23.03 41.70
CA LYS F 163 19.26 -23.28 42.88
C LYS F 163 17.83 -22.85 42.56
N PRO F 164 17.00 -23.77 42.10
CA PRO F 164 15.59 -23.48 41.83
C PRO F 164 14.91 -22.73 42.95
N CYS F 165 13.82 -22.02 42.61
CA CYS F 165 13.08 -21.19 43.58
C CYS F 165 12.41 -22.07 44.63
N ALA F 166 12.22 -21.49 45.81
CA ALA F 166 11.68 -22.25 46.94
C ALA F 166 10.28 -22.78 46.64
N TRP F 167 9.42 -21.94 46.08
CA TRP F 167 8.01 -22.31 45.92
C TRP F 167 7.82 -23.42 44.90
N LEU F 168 8.61 -23.41 43.82
CA LEU F 168 8.41 -24.41 42.76
C LEU F 168 8.82 -25.80 43.24
N ALA F 169 10.05 -25.94 43.74
CA ALA F 169 10.52 -27.23 44.21
C ALA F 169 9.56 -27.84 45.22
N ALA F 170 8.95 -27.01 46.06
CA ALA F 170 8.07 -27.53 47.10
C ALA F 170 6.67 -27.83 46.57
N SER F 171 6.16 -27.01 45.64
CA SER F 171 4.77 -27.08 45.23
C SER F 171 4.58 -27.75 43.88
N LEU F 172 5.54 -28.56 43.46
CA LEU F 172 5.45 -29.28 42.19
C LEU F 172 5.75 -30.75 42.44
N THR F 173 5.00 -31.62 41.76
CA THR F 173 5.25 -33.06 41.87
C THR F 173 6.70 -33.36 41.54
N PRO F 174 7.40 -34.13 42.37
CA PRO F 174 8.86 -34.28 42.18
C PRO F 174 9.24 -34.92 40.86
N ARG F 175 8.36 -35.72 40.26
CA ARG F 175 8.61 -36.17 38.89
C ARG F 175 8.72 -35.00 37.94
N ARG F 176 7.96 -33.93 38.18
CA ARG F 176 8.09 -32.71 37.40
C ARG F 176 9.33 -31.93 37.79
N VAL F 177 9.60 -31.81 39.10
CA VAL F 177 10.78 -31.09 39.56
C VAL F 177 12.05 -31.73 39.04
N LYS F 178 12.08 -33.07 39.01
CA LYS F 178 13.24 -33.77 38.45
C LYS F 178 13.26 -33.64 36.93
N ARG F 179 12.10 -33.79 36.27
CA ARG F 179 12.05 -33.74 34.82
C ARG F 179 12.48 -32.38 34.30
N LEU F 180 11.84 -31.32 34.78
CA LEU F 180 12.33 -29.98 34.47
C LEU F 180 13.75 -29.79 34.96
N GLY F 181 14.15 -30.54 36.01
CA GLY F 181 15.46 -30.34 36.58
C GLY F 181 16.59 -30.74 35.65
N ASP F 182 16.37 -31.80 34.87
CA ASP F 182 17.42 -32.27 33.98
C ASP F 182 17.55 -31.36 32.77
N LEU F 183 16.43 -30.85 32.26
CA LEU F 183 16.49 -29.70 31.37
C LEU F 183 16.82 -28.46 32.20
N GLY F 184 17.00 -27.32 31.52
CA GLY F 184 17.42 -26.13 32.25
C GLY F 184 16.28 -25.20 32.60
N LEU F 185 15.16 -25.75 33.06
CA LEU F 185 13.91 -25.00 33.12
C LEU F 185 13.43 -24.68 34.53
N LEU F 186 14.24 -24.90 35.57
CA LEU F 186 13.87 -24.43 36.90
C LEU F 186 14.48 -23.06 37.14
N PRO F 187 13.68 -21.99 37.15
CA PRO F 187 14.26 -20.66 37.39
C PRO F 187 14.79 -20.54 38.80
N HIS F 188 15.91 -19.83 38.93
CA HIS F 188 16.54 -19.57 40.22
C HIS F 188 16.03 -18.29 40.85
N ASN F 189 15.63 -17.33 40.03
CA ASN F 189 15.26 -16.00 40.48
C ASN F 189 14.25 -15.45 39.48
N ILE F 190 13.22 -14.78 39.99
CA ILE F 190 12.19 -14.25 39.11
C ILE F 190 12.61 -12.91 38.53
N ASP F 191 13.17 -12.02 39.36
CA ASP F 191 13.66 -10.76 38.86
C ASP F 191 14.80 -10.95 37.86
N ALA F 192 15.69 -11.91 38.13
CA ALA F 192 16.79 -12.18 37.21
C ALA F 192 16.29 -12.80 35.92
N SER F 193 15.18 -13.56 35.96
CA SER F 193 14.68 -14.21 34.76
C SER F 193 14.02 -13.22 33.81
N VAL F 194 13.33 -12.21 34.34
CA VAL F 194 12.81 -11.14 33.50
C VAL F 194 13.97 -10.36 32.88
N ALA F 195 14.98 -10.05 33.70
CA ALA F 195 16.13 -9.30 33.21
C ALA F 195 16.93 -10.10 32.19
N GLN F 196 17.25 -11.36 32.52
CA GLN F 196 18.08 -12.16 31.63
C GLN F 196 17.38 -12.42 30.30
N THR F 197 16.06 -12.62 30.32
CA THR F 197 15.33 -12.78 29.07
C THR F 197 15.31 -11.47 28.30
N MET F 198 15.17 -10.34 29.00
CA MET F 198 15.31 -9.05 28.35
C MET F 198 16.70 -8.89 27.76
N SER F 199 17.73 -9.27 28.51
CA SER F 199 19.10 -9.12 28.04
C SER F 199 19.40 -10.05 26.87
N ARG F 200 18.99 -11.31 26.98
CA ARG F 200 19.33 -12.29 25.96
C ARG F 200 18.64 -12.03 24.63
N THR F 201 17.62 -11.18 24.60
CA THR F 201 16.95 -10.81 23.37
C THR F 201 17.32 -9.40 22.91
N HIS F 202 18.46 -8.89 23.38
CA HIS F 202 19.03 -7.66 22.83
C HIS F 202 19.43 -7.89 21.37
N VAL F 203 19.72 -6.78 20.68
CA VAL F 203 20.20 -6.91 19.31
C VAL F 203 21.53 -7.64 19.31
N GLY F 204 21.65 -8.63 18.43
CA GLY F 204 22.89 -9.38 18.33
C GLY F 204 23.17 -10.26 19.52
N CYS F 205 22.15 -10.77 20.18
CA CYS F 205 22.30 -11.65 21.34
C CYS F 205 21.87 -13.06 20.94
N ASP F 206 20.98 -13.71 21.70
CA ASP F 206 20.55 -15.07 21.35
C ASP F 206 19.81 -15.07 20.02
N ALA F 207 20.11 -16.06 19.18
CA ALA F 207 19.48 -16.15 17.87
C ALA F 207 19.00 -17.56 17.52
N ASP F 208 19.42 -18.59 18.23
CA ASP F 208 18.93 -19.93 17.97
C ASP F 208 17.46 -20.02 18.41
N PRO F 209 16.54 -20.39 17.51
CA PRO F 209 15.12 -20.42 17.90
C PRO F 209 14.83 -21.36 19.07
N THR F 210 15.48 -22.52 19.11
CA THR F 210 15.19 -23.48 20.17
C THR F 210 15.79 -23.07 21.51
N ASN F 211 16.96 -22.43 21.49
CA ASN F 211 17.56 -21.96 22.73
C ASN F 211 16.72 -20.86 23.37
N LEU F 212 16.11 -20.00 22.55
CA LEU F 212 15.28 -18.93 23.08
C LEU F 212 14.01 -19.47 23.71
N ILE F 213 13.35 -20.42 23.04
CA ILE F 213 12.06 -20.91 23.52
C ILE F 213 12.24 -21.73 24.79
N LEU F 214 13.35 -22.45 24.91
CA LEU F 214 13.64 -23.13 26.18
C LEU F 214 13.82 -22.12 27.31
N GLY F 215 14.34 -20.92 26.99
CA GLY F 215 14.39 -19.86 27.99
C GLY F 215 13.01 -19.30 28.31
N GLY F 216 12.11 -19.30 27.34
CA GLY F 216 10.75 -18.85 27.60
C GLY F 216 10.04 -19.71 28.62
N LEU F 217 10.19 -21.04 28.51
CA LEU F 217 9.58 -21.94 29.49
C LEU F 217 10.19 -21.77 30.87
N ARG F 218 11.45 -21.33 30.94
CA ARG F 218 12.08 -21.11 32.24
C ARG F 218 11.58 -19.83 32.90
N VAL F 219 11.47 -18.74 32.11
CA VAL F 219 10.94 -17.50 32.68
C VAL F 219 9.43 -17.59 32.85
N ALA F 220 8.75 -18.43 32.06
CA ALA F 220 7.35 -18.71 32.33
C ALA F 220 7.18 -19.44 33.65
N MET F 221 8.13 -20.32 33.98
CA MET F 221 8.13 -20.97 35.29
C MET F 221 8.28 -19.95 36.41
N ALA F 222 8.98 -18.85 36.17
CA ALA F 222 9.03 -17.77 37.14
C ALA F 222 7.64 -17.16 37.36
N ASP F 223 6.79 -17.18 36.33
CA ASP F 223 5.43 -16.68 36.50
C ASP F 223 4.59 -17.63 37.34
N LEU F 224 4.83 -18.95 37.23
CA LEU F 224 4.19 -19.87 38.16
C LEU F 224 4.58 -19.54 39.60
N ASP F 225 5.89 -19.52 39.89
CA ASP F 225 6.38 -19.10 41.20
C ASP F 225 5.64 -17.87 41.68
N GLY F 226 5.84 -16.75 40.99
CA GLY F 226 5.12 -15.52 41.31
C GLY F 226 3.66 -15.73 41.64
N SER F 227 3.01 -16.70 40.98
CA SER F 227 1.62 -16.99 41.24
C SER F 227 1.41 -17.95 42.41
N MET F 228 2.43 -18.71 42.81
CA MET F 228 2.28 -19.55 43.99
C MET F 228 2.47 -18.75 45.28
N LEU F 229 3.55 -17.95 45.36
CA LEU F 229 3.72 -17.16 46.58
C LEU F 229 2.62 -16.15 46.74
N ALA F 230 2.13 -15.57 45.64
CA ALA F 230 1.10 -14.56 45.77
C ALA F 230 -0.19 -15.14 46.34
N THR F 231 -0.67 -16.26 45.78
CA THR F 231 -1.90 -16.86 46.26
C THR F 231 -1.77 -17.33 47.71
N GLU F 232 -0.89 -18.30 47.95
CA GLU F 232 -0.71 -18.85 49.30
C GLU F 232 -0.56 -17.75 50.34
N LEU F 233 0.11 -16.67 49.97
CA LEU F 233 0.53 -15.72 50.99
C LEU F 233 -0.59 -14.71 51.21
N SER F 234 -1.31 -14.39 50.14
CA SER F 234 -2.47 -13.50 50.24
C SER F 234 -3.55 -14.10 51.12
N ASP F 235 -3.99 -15.31 50.77
CA ASP F 235 -4.98 -16.01 51.58
C ASP F 235 -4.57 -16.07 53.05
N ALA F 236 -3.26 -16.13 53.31
CA ALA F 236 -2.78 -16.05 54.69
C ALA F 236 -3.00 -14.66 55.28
N LEU F 237 -3.02 -13.62 54.44
CA LEU F 237 -3.33 -12.28 54.94
C LEU F 237 -4.82 -12.03 55.02
N PHE F 238 -5.62 -12.67 54.16
CA PHE F 238 -7.03 -12.32 54.03
C PHE F 238 -7.99 -13.50 54.15
N GLY F 239 -7.51 -14.71 54.33
CA GLY F 239 -8.40 -15.83 54.55
C GLY F 239 -8.57 -16.71 53.32
N THR F 240 -8.78 -18.00 53.56
CA THR F 240 -9.12 -18.92 52.48
C THR F 240 -10.45 -18.50 51.87
N PRO F 241 -10.60 -18.57 50.55
CA PRO F 241 -11.94 -18.50 49.96
C PRO F 241 -12.64 -19.85 50.04
N GLN F 242 -13.56 -19.98 50.99
CA GLN F 242 -14.56 -21.05 50.99
C GLN F 242 -15.80 -20.56 50.27
N PRO F 243 -16.63 -21.47 49.75
CA PRO F 243 -17.71 -21.05 48.85
C PRO F 243 -18.65 -20.01 49.46
N VAL F 244 -18.94 -18.97 48.68
CA VAL F 244 -19.88 -17.92 49.04
C VAL F 244 -20.55 -17.45 47.75
N VAL F 245 -21.83 -17.08 47.86
CA VAL F 245 -22.64 -16.74 46.70
C VAL F 245 -22.61 -15.23 46.49
N SER F 246 -22.39 -14.81 45.24
CA SER F 246 -22.43 -13.40 44.86
C SER F 246 -23.16 -13.29 43.52
N ALA F 247 -23.15 -12.08 42.94
CA ALA F 247 -23.78 -11.82 41.66
C ALA F 247 -22.80 -11.12 40.74
N ALA F 248 -23.16 -11.04 39.46
CA ALA F 248 -22.25 -10.50 38.47
C ALA F 248 -23.03 -9.86 37.33
N ASN F 249 -22.27 -9.24 36.41
CA ASN F 249 -22.75 -8.31 35.38
C ASN F 249 -23.19 -7.00 36.03
N LEU F 250 -23.80 -6.12 35.23
CA LEU F 250 -23.87 -4.70 35.54
C LEU F 250 -25.02 -4.30 36.46
N GLY F 251 -25.96 -5.21 36.76
CA GLY F 251 -27.11 -4.79 37.56
C GLY F 251 -26.82 -4.59 39.02
N VAL F 252 -25.62 -4.91 39.50
CA VAL F 252 -25.32 -4.98 40.92
C VAL F 252 -24.85 -3.63 41.46
N MET F 253 -25.23 -2.54 40.81
CA MET F 253 -24.71 -1.22 41.17
C MET F 253 -25.58 -0.49 42.19
N LYS F 254 -26.89 -0.78 42.24
CA LYS F 254 -27.84 -0.19 43.17
C LYS F 254 -27.96 1.32 43.01
N ARG F 255 -29.16 1.80 42.67
CA ARG F 255 -29.39 3.23 42.49
C ARG F 255 -29.10 4.00 43.77
N GLY F 256 -29.75 3.62 44.86
CA GLY F 256 -29.62 4.34 46.12
C GLY F 256 -28.43 3.93 46.95
N ALA F 257 -27.25 3.92 46.34
CA ALA F 257 -26.04 3.53 47.03
C ALA F 257 -24.83 4.19 46.38
N VAL F 258 -23.90 4.64 47.22
CA VAL F 258 -22.56 5.05 46.79
C VAL F 258 -21.80 3.85 46.27
N ASN F 259 -21.96 3.55 44.98
CA ASN F 259 -21.27 2.42 44.38
C ASN F 259 -19.91 2.85 43.87
N ILE F 260 -18.94 1.94 43.97
CA ILE F 260 -17.53 2.27 43.73
C ILE F 260 -16.79 1.01 43.29
N ALA F 261 -16.02 1.11 42.22
CA ALA F 261 -15.38 -0.04 41.59
C ALA F 261 -13.90 -0.10 41.95
N VAL F 262 -13.39 -1.33 42.06
CA VAL F 262 -11.99 -1.59 42.38
C VAL F 262 -11.36 -2.33 41.19
N ASN F 263 -10.36 -1.71 40.57
CA ASN F 263 -9.81 -2.20 39.31
C ASN F 263 -8.34 -2.55 39.46
N GLY F 264 -7.97 -3.72 38.96
CA GLY F 264 -6.56 -4.06 38.83
C GLY F 264 -6.19 -5.48 39.23
N HIS F 265 -5.26 -5.61 40.19
CA HIS F 265 -4.72 -6.90 40.58
C HIS F 265 -4.43 -7.06 42.07
N ASN F 266 -4.12 -5.99 42.80
CA ASN F 266 -3.62 -6.12 44.16
C ASN F 266 -4.77 -6.10 45.16
N PRO F 267 -5.03 -7.20 45.87
CA PRO F 267 -6.09 -7.19 46.89
C PRO F 267 -5.72 -6.40 48.13
N MET F 268 -4.46 -5.99 48.29
CA MET F 268 -4.07 -5.19 49.44
C MET F 268 -4.89 -3.91 49.55
N LEU F 269 -5.08 -3.22 48.42
CA LEU F 269 -5.97 -2.08 48.40
C LEU F 269 -7.41 -2.50 48.71
N SER F 270 -7.88 -3.57 48.06
CA SER F 270 -9.31 -3.78 48.00
C SER F 270 -9.85 -4.67 49.12
N ASP F 271 -9.00 -5.46 49.77
CA ASP F 271 -9.43 -6.05 51.03
C ASP F 271 -9.53 -5.00 52.12
N ILE F 272 -8.79 -3.90 51.98
CA ILE F 272 -8.81 -2.85 52.99
C ILE F 272 -9.96 -1.87 52.75
N ILE F 273 -10.20 -1.44 51.51
CA ILE F 273 -11.30 -0.50 51.29
C ILE F 273 -12.65 -1.19 51.50
N CYS F 274 -12.68 -2.52 51.53
CA CYS F 274 -13.93 -3.24 51.77
C CYS F 274 -14.31 -3.18 53.25
N ASP F 275 -13.34 -3.42 54.13
CA ASP F 275 -13.63 -3.43 55.56
C ASP F 275 -13.79 -2.03 56.11
N VAL F 276 -13.17 -1.03 55.49
CA VAL F 276 -13.37 0.33 55.96
C VAL F 276 -14.71 0.85 55.44
N ALA F 277 -15.09 0.46 54.21
CA ALA F 277 -16.43 0.77 53.72
C ALA F 277 -17.50 0.26 54.66
N ALA F 278 -17.21 -0.75 55.47
CA ALA F 278 -18.14 -1.16 56.52
C ALA F 278 -18.14 -0.16 57.67
N ASP F 279 -16.97 0.32 58.07
CA ASP F 279 -16.87 1.37 59.08
C ASP F 279 -17.37 2.73 58.58
N LEU F 280 -17.79 2.82 57.32
CA LEU F 280 -18.13 4.08 56.67
C LEU F 280 -19.60 4.16 56.26
N ARG F 281 -20.45 3.28 56.79
CA ARG F 281 -21.84 3.25 56.34
C ARG F 281 -22.53 4.58 56.61
N ASP F 282 -22.29 5.18 57.78
CA ASP F 282 -23.07 6.34 58.21
C ASP F 282 -22.89 7.52 57.26
N GLU F 283 -21.66 7.82 56.87
CA GLU F 283 -21.39 8.98 56.02
C GLU F 283 -21.93 8.82 54.62
N ALA F 284 -22.30 7.60 54.21
CA ALA F 284 -22.92 7.37 52.91
C ALA F 284 -24.38 7.81 52.91
N ILE F 285 -25.18 7.20 53.79
CA ILE F 285 -26.59 7.57 53.89
C ILE F 285 -26.73 9.03 54.27
N ALA F 286 -25.76 9.58 55.00
CA ALA F 286 -25.78 11.01 55.29
C ALA F 286 -25.68 11.83 54.02
N ALA F 287 -24.83 11.41 53.09
CA ALA F 287 -24.77 12.07 51.78
C ALA F 287 -26.08 11.91 51.04
N GLY F 288 -26.72 10.74 51.15
CA GLY F 288 -28.02 10.52 50.56
C GLY F 288 -28.20 9.17 49.91
N ALA F 289 -27.35 8.20 50.27
CA ALA F 289 -27.37 6.88 49.67
C ALA F 289 -28.13 5.93 50.59
N ALA F 290 -29.40 5.68 50.26
CA ALA F 290 -30.29 4.84 51.08
C ALA F 290 -29.83 3.39 51.19
N GLU F 291 -28.65 3.00 50.71
CA GLU F 291 -28.20 1.62 50.87
C GLU F 291 -26.73 1.49 51.23
N GLY F 292 -26.06 2.59 51.52
CA GLY F 292 -24.68 2.55 51.97
C GLY F 292 -23.69 2.42 50.82
N ILE F 293 -22.44 2.16 51.21
CA ILE F 293 -21.39 1.89 50.23
C ILE F 293 -21.69 0.56 49.54
N ASN F 294 -21.59 0.55 48.21
CA ASN F 294 -21.59 -0.68 47.45
C ASN F 294 -20.23 -0.86 46.80
N ILE F 295 -19.55 -1.94 47.14
CA ILE F 295 -18.26 -2.29 46.56
C ILE F 295 -18.52 -3.27 45.42
N ILE F 296 -18.06 -2.94 44.22
CA ILE F 296 -18.26 -3.77 43.05
C ILE F 296 -16.90 -4.04 42.42
N GLY F 297 -16.64 -5.29 42.06
CA GLY F 297 -15.36 -5.69 41.54
C GLY F 297 -15.28 -5.56 40.03
N ILE F 298 -14.06 -5.35 39.55
CA ILE F 298 -13.76 -5.27 38.12
C ILE F 298 -12.35 -5.80 37.90
N CYS F 299 -12.23 -6.79 37.02
CA CYS F 299 -11.00 -7.56 36.81
C CYS F 299 -10.56 -8.26 38.09
N CYS F 300 -9.29 -8.66 38.16
CA CYS F 300 -8.88 -9.68 39.12
C CYS F 300 -8.73 -9.17 40.54
N THR F 301 -8.68 -7.86 40.76
CA THR F 301 -8.88 -7.38 42.12
C THR F 301 -10.30 -7.67 42.57
N GLY F 302 -11.27 -7.54 41.67
CA GLY F 302 -12.65 -7.84 42.02
C GLY F 302 -12.85 -9.32 42.28
N HIS F 303 -12.27 -10.18 41.43
CA HIS F 303 -12.36 -11.61 41.67
C HIS F 303 -11.75 -12.00 43.00
N GLU F 304 -10.71 -11.29 43.43
CA GLU F 304 -10.08 -11.57 44.72
C GLU F 304 -11.07 -11.43 45.86
N VAL F 305 -11.69 -10.26 45.99
CA VAL F 305 -12.63 -10.02 47.08
C VAL F 305 -14.03 -10.49 46.78
N MET F 306 -14.30 -10.93 45.54
CA MET F 306 -15.49 -11.73 45.29
C MET F 306 -15.25 -13.18 45.69
N MET F 307 -14.02 -13.67 45.51
CA MET F 307 -13.71 -15.03 45.94
C MET F 307 -13.88 -15.19 47.45
N ARG F 308 -13.24 -14.32 48.22
CA ARG F 308 -13.20 -14.50 49.67
C ARG F 308 -14.44 -13.92 50.33
N HIS F 309 -14.70 -12.64 50.11
CA HIS F 309 -15.76 -11.94 50.82
C HIS F 309 -17.12 -12.07 50.14
N GLY F 310 -17.15 -11.89 48.82
CA GLY F 310 -18.38 -12.03 48.06
C GLY F 310 -19.00 -10.74 47.54
N VAL F 311 -18.26 -9.65 47.51
CA VAL F 311 -18.82 -8.44 46.90
C VAL F 311 -19.00 -8.67 45.41
N PRO F 312 -20.10 -8.21 44.82
CA PRO F 312 -20.39 -8.53 43.41
C PRO F 312 -19.33 -8.01 42.45
N LEU F 313 -19.37 -8.53 41.23
CA LEU F 313 -18.41 -8.22 40.17
C LEU F 313 -19.13 -7.48 39.06
N ALA F 314 -18.67 -6.28 38.74
CA ALA F 314 -19.30 -5.44 37.74
C ALA F 314 -19.25 -6.09 36.36
N THR F 315 -18.07 -6.21 35.79
CA THR F 315 -17.88 -6.92 34.52
C THR F 315 -16.51 -7.57 34.57
N ASN F 316 -15.97 -7.93 33.42
CA ASN F 316 -14.63 -8.47 33.30
C ASN F 316 -13.76 -7.42 32.55
N TYR F 317 -13.06 -7.80 31.49
CA TYR F 317 -12.11 -6.89 30.89
C TYR F 317 -12.76 -5.93 29.90
N LEU F 318 -13.02 -6.40 28.67
CA LEU F 318 -13.47 -5.55 27.57
C LEU F 318 -14.50 -4.51 27.98
N SER F 319 -15.50 -4.92 28.74
CA SER F 319 -16.64 -4.08 29.07
C SER F 319 -16.44 -3.30 30.37
N GLN F 320 -15.20 -3.02 30.77
CA GLN F 320 -14.98 -2.30 32.02
C GLN F 320 -15.27 -0.81 31.90
N GLU F 321 -15.23 -0.26 30.69
CA GLU F 321 -15.67 1.13 30.51
C GLU F 321 -17.14 1.27 30.88
N LEU F 322 -17.97 0.35 30.38
CA LEU F 322 -19.43 0.44 30.39
C LEU F 322 -20.05 0.76 31.75
N PRO F 323 -19.48 0.32 32.88
CA PRO F 323 -19.95 0.85 34.16
C PRO F 323 -19.93 2.36 34.26
N ILE F 324 -19.07 3.02 33.48
CA ILE F 324 -19.06 4.49 33.48
C ILE F 324 -20.33 5.04 32.85
N LEU F 325 -20.89 4.33 31.87
CA LEU F 325 -21.92 4.89 31.00
C LEU F 325 -23.30 4.84 31.60
N THR F 326 -23.51 4.06 32.66
CA THR F 326 -24.81 3.98 33.30
C THR F 326 -25.16 5.25 34.07
N GLY F 327 -24.20 6.14 34.29
CA GLY F 327 -24.46 7.36 35.03
C GLY F 327 -24.51 7.19 36.53
N ALA F 328 -24.12 6.03 37.04
CA ALA F 328 -24.24 5.75 38.47
C ALA F 328 -23.00 5.00 38.95
N LEU F 329 -21.83 5.48 38.58
CA LEU F 329 -20.59 5.14 39.26
C LEU F 329 -20.15 6.37 40.04
N GLU F 330 -19.65 6.17 41.26
CA GLU F 330 -19.19 7.33 42.00
C GLU F 330 -17.71 7.57 41.80
N ALA F 331 -16.93 6.50 41.74
CA ALA F 331 -15.51 6.57 41.41
C ALA F 331 -15.08 5.19 40.97
N MET F 332 -13.80 5.05 40.64
CA MET F 332 -13.23 3.74 40.37
C MET F 332 -11.82 3.70 40.91
N VAL F 333 -11.59 2.84 41.89
CA VAL F 333 -10.24 2.69 42.44
C VAL F 333 -9.46 1.76 41.53
N VAL F 334 -8.30 2.23 41.08
CA VAL F 334 -7.41 1.45 40.24
C VAL F 334 -6.03 1.40 40.87
N ASP F 335 -5.42 0.21 40.87
CA ASP F 335 -4.06 0.08 41.36
C ASP F 335 -3.12 -0.22 40.21
N VAL F 336 -3.01 -1.48 39.81
CA VAL F 336 -2.07 -1.91 38.78
C VAL F 336 -2.74 -2.89 37.83
N GLN F 337 -2.27 -2.88 36.58
CA GLN F 337 -2.53 -3.91 35.59
C GLN F 337 -3.97 -3.97 35.09
N CYS F 338 -4.13 -4.03 33.77
CA CYS F 338 -5.40 -4.32 33.11
C CYS F 338 -6.47 -3.27 33.36
N ILE F 339 -6.06 -2.02 33.55
CA ILE F 339 -6.98 -0.89 33.64
C ILE F 339 -6.80 -0.05 32.39
N MET F 340 -7.91 0.31 31.78
CA MET F 340 -7.76 0.88 30.44
C MET F 340 -7.45 2.37 30.52
N PRO F 341 -6.54 2.86 29.68
CA PRO F 341 -6.13 4.28 29.76
C PRO F 341 -7.24 5.26 29.38
N SER F 342 -8.30 4.81 28.74
CA SER F 342 -9.35 5.70 28.27
C SER F 342 -10.27 6.18 29.39
N LEU F 343 -10.35 5.46 30.49
CA LEU F 343 -11.37 5.70 31.50
C LEU F 343 -11.49 7.15 31.97
N PRO F 344 -10.42 7.94 32.08
CA PRO F 344 -10.62 9.37 32.32
C PRO F 344 -11.35 10.09 31.19
N ARG F 345 -11.04 9.75 29.94
CA ARG F 345 -11.69 10.42 28.81
C ARG F 345 -13.19 10.10 28.77
N ILE F 346 -13.59 8.89 29.16
CA ILE F 346 -15.00 8.57 29.18
C ILE F 346 -15.66 9.13 30.43
N ALA F 347 -14.92 9.25 31.51
CA ALA F 347 -15.29 10.14 32.60
C ALA F 347 -15.15 11.57 32.09
N GLU F 348 -15.31 12.56 32.98
CA GLU F 348 -15.37 13.97 32.61
C GLU F 348 -16.61 14.27 31.78
N CYS F 349 -16.94 13.37 30.85
CA CYS F 349 -18.34 13.09 30.58
C CYS F 349 -18.91 12.43 31.82
N PHE F 350 -20.12 12.85 32.21
CA PHE F 350 -20.76 12.41 33.46
C PHE F 350 -20.03 12.96 34.67
N HIS F 351 -20.53 12.63 35.86
CA HIS F 351 -19.70 12.58 37.04
C HIS F 351 -18.85 11.30 37.00
N THR F 352 -17.88 11.22 37.90
CA THR F 352 -17.04 10.07 38.28
C THR F 352 -15.58 10.48 38.44
N GLN F 353 -14.90 9.86 39.40
CA GLN F 353 -13.49 10.10 39.65
C GLN F 353 -12.72 8.81 39.41
N ILE F 354 -11.83 8.82 38.42
CA ILE F 354 -10.90 7.71 38.23
C ILE F 354 -9.68 8.06 39.06
N ILE F 355 -9.52 7.38 40.18
CA ILE F 355 -8.38 7.59 41.07
C ILE F 355 -7.45 6.40 40.92
N THR F 356 -6.16 6.68 40.76
CA THR F 356 -5.14 5.65 40.74
C THR F 356 -4.48 5.55 42.10
N THR F 357 -3.82 4.43 42.36
CA THR F 357 -3.33 4.19 43.72
C THR F 357 -1.97 3.52 43.75
N ASP F 358 -1.19 3.56 42.67
CA ASP F 358 0.17 3.04 42.71
C ASP F 358 1.11 3.98 41.99
N LYS F 359 2.29 4.16 42.58
CA LYS F 359 3.33 5.03 42.03
C LYS F 359 3.73 4.65 40.62
N HIS F 360 3.47 3.41 40.20
CA HIS F 360 3.86 2.92 38.88
C HIS F 360 2.65 2.67 37.99
N ASN F 361 1.62 3.50 38.11
CA ASN F 361 0.41 3.31 37.34
C ASN F 361 -0.52 4.52 37.36
N LYS F 362 0.01 5.68 37.00
CA LYS F 362 -0.79 6.85 36.75
C LYS F 362 -1.24 6.89 35.29
N ILE F 363 -2.45 7.41 35.08
CA ILE F 363 -2.98 7.68 33.75
C ILE F 363 -3.34 9.15 33.66
N SER F 364 -3.06 9.76 32.52
CA SER F 364 -2.97 11.21 32.40
C SER F 364 -4.19 11.92 32.99
N GLY F 365 -5.39 11.57 32.53
CA GLY F 365 -6.57 12.30 32.94
C GLY F 365 -7.05 12.00 34.35
N ALA F 366 -6.47 10.99 35.00
CA ALA F 366 -6.98 10.52 36.28
C ALA F 366 -6.54 11.43 37.44
N THR F 367 -6.91 11.03 38.66
CA THR F 367 -6.51 11.72 39.88
C THR F 367 -5.79 10.72 40.78
N HIS F 368 -4.48 10.89 40.91
CA HIS F 368 -3.71 10.01 41.78
C HIS F 368 -3.51 10.63 43.16
N VAL F 369 -3.65 9.80 44.18
CA VAL F 369 -3.05 10.00 45.50
C VAL F 369 -2.69 8.61 46.00
N PRO F 370 -1.54 8.43 46.65
CA PRO F 370 -0.95 7.09 46.78
C PRO F 370 -1.44 6.28 47.96
N PHE F 371 -1.43 4.96 47.76
CA PHE F 371 -1.67 3.99 48.83
C PHE F 371 -0.36 3.76 49.57
N ASP F 372 -0.16 4.52 50.64
CA ASP F 372 0.85 4.16 51.61
C ASP F 372 0.34 2.95 52.39
N GLU F 373 1.05 1.83 52.27
CA GLU F 373 0.57 0.60 52.91
C GLU F 373 0.47 0.76 54.42
N HIS F 374 1.40 1.50 55.03
CA HIS F 374 1.41 1.63 56.48
C HIS F 374 0.21 2.41 57.01
N LYS F 375 -0.35 3.30 56.19
CA LYS F 375 -1.58 4.01 56.51
C LYS F 375 -2.70 3.48 55.62
N ALA F 376 -3.03 2.19 55.80
CA ALA F 376 -3.87 1.56 54.80
C ALA F 376 -5.35 1.88 54.96
N VAL F 377 -5.88 1.90 56.19
CA VAL F 377 -7.31 2.14 56.35
C VAL F 377 -7.64 3.63 56.42
N GLU F 378 -6.69 4.47 56.81
CA GLU F 378 -6.95 5.90 56.85
C GLU F 378 -7.02 6.50 55.45
N THR F 379 -6.18 6.02 54.52
CA THR F 379 -6.37 6.40 53.12
C THR F 379 -7.52 5.63 52.49
N ALA F 380 -7.71 4.37 52.86
CA ALA F 380 -8.91 3.66 52.43
C ALA F 380 -10.16 4.37 52.91
N LYS F 381 -10.10 5.00 54.08
CA LYS F 381 -11.14 5.93 54.48
C LYS F 381 -11.18 7.14 53.55
N THR F 382 -10.00 7.66 53.19
CA THR F 382 -9.95 8.87 52.37
C THR F 382 -10.67 8.66 51.03
N ILE F 383 -10.22 7.68 50.23
CA ILE F 383 -10.75 7.51 48.89
C ILE F 383 -12.25 7.21 48.89
N ILE F 384 -12.82 6.86 50.03
CA ILE F 384 -14.28 6.75 50.12
C ILE F 384 -14.91 8.11 50.45
N ARG F 385 -14.12 9.07 50.94
CA ARG F 385 -14.66 10.40 51.20
C ARG F 385 -14.92 11.17 49.91
N MET F 386 -14.19 10.85 48.83
CA MET F 386 -14.50 11.47 47.55
C MET F 386 -15.67 10.78 46.85
N ALA F 387 -15.85 9.48 47.09
CA ALA F 387 -16.92 8.72 46.46
C ALA F 387 -18.30 9.04 47.05
N ILE F 388 -18.35 9.66 48.23
CA ILE F 388 -19.62 10.16 48.76
C ILE F 388 -19.81 11.64 48.45
N ALA F 389 -18.73 12.39 48.20
CA ALA F 389 -18.85 13.73 47.64
C ALA F 389 -19.10 13.69 46.14
N ALA F 390 -18.72 12.61 45.46
CA ALA F 390 -19.11 12.41 44.07
C ALA F 390 -20.55 11.95 43.95
N PHE F 391 -21.06 11.26 44.97
CA PHE F 391 -22.48 10.93 45.03
C PHE F 391 -23.34 12.18 45.04
N GLY F 392 -22.82 13.27 45.60
CA GLY F 392 -23.56 14.53 45.61
C GLY F 392 -23.72 15.15 44.24
N ARG F 393 -22.93 14.71 43.26
CA ARG F 393 -22.90 15.32 41.93
C ARG F 393 -23.27 14.30 40.85
N ARG F 394 -24.22 13.41 41.12
CA ARG F 394 -24.44 12.26 40.26
C ARG F 394 -25.20 12.61 38.98
N ASP F 395 -26.33 13.34 39.12
CA ASP F 395 -27.33 13.66 38.09
C ASP F 395 -28.30 12.50 37.93
N PRO F 396 -29.46 12.56 38.59
CA PRO F 396 -30.40 11.41 38.54
C PRO F 396 -31.03 11.17 37.17
N ASN F 397 -31.09 12.17 36.29
CA ASN F 397 -31.71 11.93 35.00
C ASN F 397 -30.80 11.18 34.03
N ARG F 398 -29.53 10.98 34.38
CA ARG F 398 -28.57 10.29 33.52
C ARG F 398 -28.18 8.93 34.10
N VAL F 399 -29.09 8.32 34.86
CA VAL F 399 -28.86 7.02 35.48
C VAL F 399 -29.51 5.94 34.64
N ALA F 400 -28.88 4.76 34.61
CA ALA F 400 -29.38 3.66 33.79
C ALA F 400 -28.70 2.34 34.08
N ILE F 401 -28.84 1.83 35.30
CA ILE F 401 -28.29 0.51 35.64
C ILE F 401 -29.16 -0.56 34.99
N PRO F 402 -28.62 -1.43 34.14
CA PRO F 402 -29.42 -2.49 33.54
C PRO F 402 -29.90 -3.48 34.60
N ALA F 403 -30.81 -4.35 34.17
CA ALA F 403 -31.24 -5.45 35.05
C ALA F 403 -30.06 -6.36 35.37
N PHE F 404 -29.34 -6.79 34.33
CA PHE F 404 -28.00 -7.39 34.36
C PHE F 404 -27.49 -7.83 35.74
N LYS F 405 -28.28 -8.58 36.50
CA LYS F 405 -27.83 -9.08 37.81
C LYS F 405 -28.06 -10.59 37.87
N GLN F 406 -27.02 -11.35 37.58
CA GLN F 406 -27.09 -12.81 37.55
C GLN F 406 -26.39 -13.36 38.79
N LYS F 407 -27.16 -14.00 39.67
CA LYS F 407 -26.59 -14.65 40.84
C LYS F 407 -25.88 -15.91 40.41
N SER F 408 -24.58 -15.97 40.64
CA SER F 408 -23.79 -17.16 40.45
C SER F 408 -22.96 -17.37 41.70
N ILE F 409 -22.98 -18.60 42.23
CA ILE F 409 -22.23 -18.93 43.44
C ILE F 409 -20.75 -18.88 43.08
N VAL F 410 -19.90 -19.36 44.00
CA VAL F 410 -18.51 -19.78 43.79
C VAL F 410 -17.58 -19.03 44.74
N GLY F 411 -16.77 -19.79 45.45
CA GLY F 411 -15.61 -19.26 46.13
C GLY F 411 -14.56 -20.34 46.28
N PHE F 412 -14.63 -21.38 45.45
CA PHE F 412 -13.80 -22.55 45.65
C PHE F 412 -12.33 -22.22 45.49
N SER F 413 -11.61 -22.16 46.60
CA SER F 413 -10.19 -22.47 46.57
C SER F 413 -10.03 -23.99 46.58
N ALA F 414 -8.78 -24.46 46.56
CA ALA F 414 -8.55 -25.90 46.60
C ALA F 414 -8.81 -26.47 47.98
N GLU F 415 -8.56 -25.69 49.04
CA GLU F 415 -8.92 -26.13 50.38
C GLU F 415 -10.40 -26.36 50.52
N ALA F 416 -11.21 -25.59 49.77
CA ALA F 416 -12.66 -25.77 49.81
C ALA F 416 -13.13 -26.89 48.91
N VAL F 417 -12.36 -27.22 47.87
CA VAL F 417 -12.75 -28.30 46.97
C VAL F 417 -12.66 -29.65 47.69
N VAL F 418 -11.57 -29.87 48.42
CA VAL F 418 -11.37 -31.14 49.09
C VAL F 418 -12.07 -31.22 50.45
N ALA F 419 -12.41 -30.08 51.05
CA ALA F 419 -13.22 -30.10 52.26
C ALA F 419 -14.63 -30.59 51.95
N ALA F 420 -15.12 -30.33 50.73
CA ALA F 420 -16.38 -30.92 50.29
C ALA F 420 -16.17 -32.36 49.82
N LEU F 421 -15.03 -32.62 49.17
CA LEU F 421 -14.70 -33.99 48.78
C LEU F 421 -14.51 -34.91 49.98
N ALA F 422 -14.38 -34.36 51.18
CA ALA F 422 -14.36 -35.15 52.41
C ALA F 422 -15.75 -35.30 53.03
N LYS F 423 -16.77 -34.67 52.46
CA LYS F 423 -18.16 -34.89 52.84
C LYS F 423 -18.79 -36.03 52.07
N VAL F 424 -18.09 -36.56 51.08
CA VAL F 424 -18.46 -37.82 50.45
C VAL F 424 -17.55 -38.96 50.94
N ASN F 425 -16.29 -38.65 51.30
CA ASN F 425 -15.37 -39.66 51.84
C ASN F 425 -14.26 -38.88 52.55
N ALA F 426 -14.30 -38.87 53.89
CA ALA F 426 -13.33 -38.09 54.65
C ALA F 426 -11.97 -38.77 54.74
N ASP F 427 -11.91 -40.08 54.56
CA ASP F 427 -10.65 -40.80 54.70
C ASP F 427 -9.71 -40.50 53.54
N ASP F 428 -10.10 -40.89 52.32
CA ASP F 428 -9.42 -40.47 51.11
C ASP F 428 -10.34 -39.47 50.41
N PRO F 429 -10.29 -38.19 50.76
CA PRO F 429 -11.12 -37.20 50.07
C PRO F 429 -10.90 -37.19 48.56
N LEU F 430 -9.76 -37.71 48.09
CA LEU F 430 -9.49 -37.82 46.67
C LEU F 430 -10.12 -39.05 46.05
N LYS F 431 -10.54 -40.03 46.86
CA LYS F 431 -11.10 -41.27 46.33
C LYS F 431 -12.28 -41.08 45.37
N PRO F 432 -13.34 -40.34 45.73
CA PRO F 432 -14.49 -40.28 44.81
C PRO F 432 -14.19 -39.55 43.51
N LEU F 433 -13.16 -38.70 43.48
CA LEU F 433 -12.78 -38.02 42.25
C LEU F 433 -12.08 -39.00 41.30
N VAL F 434 -11.06 -39.70 41.78
CA VAL F 434 -10.30 -40.58 40.91
C VAL F 434 -11.15 -41.79 40.51
N ASP F 435 -11.95 -42.32 41.43
CA ASP F 435 -12.88 -43.39 41.09
C ASP F 435 -13.87 -42.95 40.01
N ASN F 436 -14.08 -41.64 39.85
CA ASN F 436 -15.04 -41.13 38.87
C ASN F 436 -14.39 -40.82 37.53
N VAL F 437 -13.08 -40.53 37.50
CA VAL F 437 -12.40 -40.31 36.23
C VAL F 437 -12.07 -41.65 35.57
N VAL F 438 -11.64 -42.63 36.36
CA VAL F 438 -11.79 -44.01 35.90
C VAL F 438 -13.28 -44.25 35.61
N ASN F 439 -13.55 -45.22 34.74
CA ASN F 439 -14.87 -45.64 34.26
C ASN F 439 -15.47 -44.63 33.29
N GLY F 440 -15.50 -43.33 33.64
CA GLY F 440 -15.89 -42.35 32.65
C GLY F 440 -17.03 -41.40 32.98
N ASN F 441 -17.46 -41.37 34.25
CA ASN F 441 -18.42 -40.34 34.65
C ASN F 441 -17.82 -38.96 34.52
N ILE F 442 -16.50 -38.85 34.71
CA ILE F 442 -15.77 -37.61 34.47
C ILE F 442 -14.63 -37.95 33.51
N GLN F 443 -14.86 -37.79 32.23
CA GLN F 443 -13.74 -37.66 31.31
C GLN F 443 -13.00 -36.39 31.69
N GLY F 444 -11.70 -36.51 31.93
CA GLY F 444 -10.80 -35.43 32.34
C GLY F 444 -11.34 -34.14 32.94
N ILE F 445 -10.59 -33.04 32.77
CA ILE F 445 -10.95 -31.74 33.31
C ILE F 445 -10.42 -30.66 32.37
N VAL F 446 -11.11 -29.53 32.32
CA VAL F 446 -10.64 -28.35 31.60
C VAL F 446 -10.46 -27.21 32.58
N LEU F 447 -9.51 -26.32 32.27
CA LEU F 447 -9.29 -25.10 33.02
C LEU F 447 -9.31 -23.93 32.04
N PHE F 448 -10.21 -22.98 32.26
CA PHE F 448 -10.40 -21.86 31.35
C PHE F 448 -9.67 -20.64 31.93
N VAL F 449 -8.54 -20.29 31.31
CA VAL F 449 -7.75 -19.14 31.73
C VAL F 449 -7.74 -18.11 30.61
N GLY F 450 -7.31 -16.91 30.97
CA GLY F 450 -7.20 -15.85 29.98
C GLY F 450 -8.11 -14.68 30.30
N CYS F 451 -8.41 -13.88 29.28
CA CYS F 451 -9.22 -12.69 29.49
C CYS F 451 -10.14 -12.45 28.32
N ASN F 452 -10.14 -11.23 27.80
CA ASN F 452 -10.98 -10.86 26.67
C ASN F 452 -10.12 -10.23 25.60
N THR F 453 -9.90 -10.97 24.51
CA THR F 453 -9.47 -10.30 23.29
C THR F 453 -10.69 -9.78 22.55
N THR F 454 -10.48 -8.78 21.71
CA THR F 454 -11.53 -8.24 20.86
C THR F 454 -11.58 -8.92 19.50
N LYS F 455 -10.72 -9.92 19.26
CA LYS F 455 -10.71 -10.66 18.01
C LYS F 455 -11.66 -11.85 18.04
N VAL F 456 -12.31 -12.12 19.17
CA VAL F 456 -13.53 -12.91 19.22
C VAL F 456 -14.52 -12.15 20.10
N GLN F 457 -15.81 -12.23 19.75
CA GLN F 457 -16.81 -11.43 20.43
C GLN F 457 -16.84 -11.76 21.92
N GLN F 458 -17.21 -10.75 22.71
CA GLN F 458 -17.02 -10.81 24.16
C GLN F 458 -17.78 -11.99 24.78
N ASP F 459 -17.05 -12.80 25.54
CA ASP F 459 -17.58 -13.87 26.39
C ASP F 459 -18.18 -15.05 25.61
N SER F 460 -18.35 -14.92 24.29
CA SER F 460 -19.04 -15.95 23.53
C SER F 460 -18.24 -17.24 23.49
N ALA F 461 -16.98 -17.17 23.05
CA ALA F 461 -16.14 -18.35 22.92
C ALA F 461 -15.86 -19.05 24.24
N TYR F 462 -16.14 -18.39 25.37
CA TYR F 462 -16.01 -19.03 26.68
C TYR F 462 -17.18 -19.97 26.94
N VAL F 463 -18.40 -19.44 26.88
CA VAL F 463 -19.59 -20.22 27.16
C VAL F 463 -19.71 -21.39 26.19
N ASP F 464 -19.44 -21.13 24.91
CA ASP F 464 -19.59 -22.17 23.89
C ASP F 464 -18.67 -23.36 24.17
N LEU F 465 -17.44 -23.09 24.60
CA LEU F 465 -16.50 -24.18 24.85
C LEU F 465 -16.86 -24.95 26.12
N ALA F 466 -17.24 -24.24 27.18
CA ALA F 466 -17.68 -24.92 28.40
C ALA F 466 -18.88 -25.81 28.11
N LYS F 467 -19.89 -25.27 27.43
CA LYS F 467 -21.09 -26.06 27.12
C LYS F 467 -20.75 -27.23 26.21
N SER F 468 -20.02 -26.97 25.12
CA SER F 468 -19.66 -28.04 24.20
C SER F 468 -18.91 -29.16 24.90
N LEU F 469 -18.10 -28.82 25.89
CA LEU F 469 -17.31 -29.81 26.60
C LEU F 469 -18.09 -30.40 27.78
N ALA F 470 -18.70 -29.54 28.61
CA ALA F 470 -19.40 -30.02 29.79
C ALA F 470 -20.53 -31.00 29.46
N LYS F 471 -21.08 -30.95 28.25
CA LYS F 471 -21.98 -32.00 27.82
C LYS F 471 -21.26 -33.33 27.66
N ARG F 472 -19.99 -33.28 27.23
CA ARG F 472 -19.19 -34.47 26.95
C ARG F 472 -18.54 -35.06 28.21
N ASN F 473 -18.96 -34.61 29.39
CA ASN F 473 -18.49 -35.14 30.67
C ASN F 473 -17.04 -34.78 30.96
N VAL F 474 -16.72 -33.48 30.87
CA VAL F 474 -15.42 -32.96 31.30
C VAL F 474 -15.67 -31.81 32.27
N LEU F 475 -15.11 -31.92 33.48
CA LEU F 475 -15.27 -30.88 34.47
C LEU F 475 -14.57 -29.59 34.01
N VAL F 476 -15.17 -28.45 34.33
CA VAL F 476 -14.68 -27.15 33.89
C VAL F 476 -14.22 -26.35 35.11
N LEU F 477 -12.98 -25.88 35.06
CA LEU F 477 -12.45 -24.90 36.00
C LEU F 477 -12.22 -23.59 35.26
N ALA F 478 -12.21 -22.48 36.01
CA ALA F 478 -12.05 -21.17 35.38
C ALA F 478 -11.45 -20.20 36.39
N THR F 479 -10.72 -19.22 35.87
CA THR F 479 -10.04 -18.23 36.70
C THR F 479 -10.21 -16.83 36.13
N GLY F 480 -10.30 -15.86 37.04
CA GLY F 480 -10.15 -14.45 36.70
C GLY F 480 -11.10 -13.97 35.62
N CYS F 481 -10.57 -13.15 34.71
CA CYS F 481 -11.37 -12.59 33.63
C CYS F 481 -12.00 -13.68 32.76
N ALA F 482 -11.33 -14.82 32.63
CA ALA F 482 -11.92 -15.94 31.90
C ALA F 482 -13.18 -16.43 32.59
N ALA F 483 -13.13 -16.59 33.92
CA ALA F 483 -14.33 -16.96 34.66
C ALA F 483 -15.34 -15.83 34.67
N GLY F 484 -14.89 -14.58 34.55
CA GLY F 484 -15.80 -13.45 34.53
C GLY F 484 -16.95 -13.60 33.54
N ALA F 485 -16.69 -14.28 32.42
CA ALA F 485 -17.78 -14.65 31.52
C ALA F 485 -18.73 -15.62 32.19
N PHE F 486 -18.20 -16.78 32.61
CA PHE F 486 -19.01 -17.75 33.35
C PHE F 486 -19.60 -17.12 34.60
N ALA F 487 -18.76 -16.41 35.36
CA ALA F 487 -19.21 -15.63 36.52
C ALA F 487 -20.00 -14.41 36.07
N LYS F 488 -21.15 -14.63 35.42
CA LYS F 488 -22.08 -13.60 34.97
C LYS F 488 -23.07 -14.22 33.98
N ALA F 489 -22.62 -15.26 33.27
CA ALA F 489 -23.48 -15.98 32.35
C ALA F 489 -24.33 -17.03 33.05
N GLY F 490 -24.40 -16.98 34.37
CA GLY F 490 -25.11 -17.98 35.14
C GLY F 490 -24.48 -19.36 35.10
N LEU F 491 -23.28 -19.48 34.57
CA LEU F 491 -22.66 -20.78 34.40
C LEU F 491 -22.00 -21.29 35.68
N MET F 492 -22.05 -20.52 36.77
CA MET F 492 -21.46 -20.96 38.03
C MET F 492 -22.39 -20.72 39.22
N THR F 493 -23.71 -20.80 39.00
CA THR F 493 -24.67 -20.74 40.08
C THR F 493 -24.76 -22.09 40.79
N SER F 494 -25.53 -22.12 41.88
CA SER F 494 -25.76 -23.38 42.59
C SER F 494 -26.36 -24.42 41.66
N GLU F 495 -27.49 -24.10 41.06
CA GLU F 495 -28.18 -24.99 40.13
C GLU F 495 -27.68 -24.84 38.70
N ALA F 496 -26.68 -23.98 38.45
CA ALA F 496 -26.11 -23.87 37.11
C ALA F 496 -25.77 -25.23 36.54
N THR F 497 -25.26 -26.11 37.38
CA THR F 497 -25.12 -27.52 37.02
C THR F 497 -26.47 -28.08 36.61
N THR F 498 -27.42 -28.16 37.54
CA THR F 498 -28.74 -28.71 37.24
C THR F 498 -29.60 -27.73 36.43
N GLN F 499 -28.95 -26.91 35.60
CA GLN F 499 -29.66 -25.98 34.72
C GLN F 499 -28.95 -25.87 33.38
N TYR F 500 -27.71 -25.39 33.40
CA TYR F 500 -26.96 -25.12 32.18
C TYR F 500 -25.86 -26.13 31.91
N ALA F 501 -25.49 -26.95 32.88
CA ALA F 501 -24.51 -28.00 32.61
C ALA F 501 -25.13 -29.09 31.74
N GLY F 502 -24.28 -29.74 30.95
CA GLY F 502 -24.77 -30.82 30.12
C GLY F 502 -25.34 -31.94 30.96
N GLU F 503 -26.43 -32.55 30.48
CA GLU F 503 -27.19 -33.47 31.31
C GLU F 503 -26.33 -34.60 31.85
N GLY F 504 -25.36 -35.05 31.07
CA GLY F 504 -24.42 -36.04 31.53
C GLY F 504 -23.61 -35.56 32.72
N LEU F 505 -22.73 -34.59 32.48
CA LEU F 505 -21.84 -34.13 33.53
C LEU F 505 -22.55 -33.28 34.58
N LYS F 506 -23.75 -32.76 34.29
CA LYS F 506 -24.51 -32.10 35.35
C LYS F 506 -24.84 -33.10 36.45
N GLY F 507 -25.13 -34.34 36.07
CA GLY F 507 -25.43 -35.35 37.07
C GLY F 507 -24.22 -35.73 37.90
N VAL F 508 -23.04 -35.81 37.28
CA VAL F 508 -21.85 -36.19 38.03
C VAL F 508 -21.33 -35.00 38.84
N LEU F 509 -21.43 -33.78 38.30
CA LEU F 509 -21.17 -32.61 39.13
C LEU F 509 -22.11 -32.58 40.33
N SER F 510 -23.36 -32.98 40.12
CA SER F 510 -24.31 -32.97 41.24
C SER F 510 -23.89 -33.95 42.33
N ALA F 511 -23.31 -35.09 41.93
CA ALA F 511 -23.00 -36.14 42.89
C ALA F 511 -22.01 -35.66 43.96
N ILE F 512 -20.92 -35.02 43.53
CA ILE F 512 -19.90 -34.61 44.49
C ILE F 512 -20.32 -33.35 45.24
N GLY F 513 -21.42 -32.70 44.83
CA GLY F 513 -21.95 -31.56 45.56
C GLY F 513 -23.36 -31.77 46.08
N THR F 514 -23.78 -33.03 46.20
CA THR F 514 -25.07 -33.34 46.79
C THR F 514 -24.99 -33.18 48.31
N ALA F 515 -24.39 -34.16 48.98
CA ALA F 515 -24.20 -34.10 50.42
C ALA F 515 -23.21 -33.03 50.85
N ALA F 516 -22.70 -32.22 49.93
CA ALA F 516 -21.77 -31.14 50.26
C ALA F 516 -22.52 -29.89 50.71
N GLY F 517 -23.28 -30.06 51.79
CA GLY F 517 -24.04 -28.97 52.38
C GLY F 517 -24.95 -28.27 51.41
N LEU F 518 -25.78 -29.03 50.67
CA LEU F 518 -26.62 -28.45 49.64
C LEU F 518 -27.77 -29.37 49.27
N GLY F 519 -27.51 -30.68 49.24
CA GLY F 519 -28.49 -31.61 48.72
C GLY F 519 -28.74 -31.45 47.24
N GLY F 520 -27.76 -30.93 46.50
CA GLY F 520 -27.94 -30.65 45.09
C GLY F 520 -26.68 -30.90 44.28
N PRO F 521 -26.15 -29.85 43.66
CA PRO F 521 -25.03 -30.03 42.74
C PRO F 521 -23.81 -29.20 43.09
N LEU F 522 -22.88 -29.08 42.13
CA LEU F 522 -21.85 -28.06 42.16
C LEU F 522 -21.84 -27.36 40.81
N PRO F 523 -21.63 -26.04 40.79
CA PRO F 523 -21.77 -25.26 39.56
C PRO F 523 -21.05 -25.89 38.39
N LEU F 524 -21.71 -25.86 37.24
CA LEU F 524 -21.13 -26.19 35.95
C LEU F 524 -19.66 -25.81 35.89
N VAL F 525 -19.37 -24.54 36.07
CA VAL F 525 -18.00 -24.04 36.07
C VAL F 525 -17.49 -24.01 37.51
N MET F 526 -16.61 -24.95 37.85
CA MET F 526 -15.96 -24.98 39.15
C MET F 526 -14.86 -23.93 39.14
N HIS F 527 -15.26 -22.68 39.36
CA HIS F 527 -14.35 -21.54 39.25
C HIS F 527 -13.26 -21.61 40.31
N MET F 528 -12.04 -21.22 39.93
CA MET F 528 -10.86 -21.48 40.76
C MET F 528 -10.34 -20.22 41.46
N GLY F 529 -10.29 -19.08 40.79
CA GLY F 529 -9.82 -17.87 41.44
C GLY F 529 -9.60 -16.73 40.45
N SER F 530 -8.89 -15.70 40.92
CA SER F 530 -8.54 -14.57 40.06
C SER F 530 -7.42 -14.95 39.11
N CYS F 531 -6.61 -13.96 38.69
CA CYS F 531 -5.42 -14.22 37.87
C CYS F 531 -4.47 -15.17 38.56
N VAL F 532 -3.64 -14.61 39.44
CA VAL F 532 -2.63 -15.34 40.21
C VAL F 532 -3.19 -16.63 40.78
N ASP F 533 -4.49 -16.64 41.10
CA ASP F 533 -5.13 -17.82 41.67
C ASP F 533 -5.20 -18.97 40.68
N ASN F 534 -4.47 -18.86 39.56
CA ASN F 534 -4.25 -20.02 38.72
C ASN F 534 -3.36 -21.06 39.40
N SER F 535 -2.72 -20.70 40.51
CA SER F 535 -1.91 -21.63 41.29
C SER F 535 -2.73 -22.55 42.16
N ARG F 536 -4.03 -22.28 42.34
CA ARG F 536 -4.87 -23.20 43.10
C ARG F 536 -5.11 -24.48 42.32
N ALA F 537 -5.22 -24.39 41.00
CA ALA F 537 -5.47 -25.57 40.18
C ALA F 537 -4.25 -26.49 40.18
N VAL F 538 -3.05 -25.93 39.99
CA VAL F 538 -1.86 -26.78 40.03
C VAL F 538 -1.71 -27.43 41.40
N ALA F 539 -2.04 -26.68 42.48
CA ALA F 539 -2.06 -27.30 43.81
C ALA F 539 -3.01 -28.49 43.84
N LEU F 540 -4.17 -28.37 43.20
CA LEU F 540 -5.11 -29.47 43.13
C LEU F 540 -4.63 -30.55 42.18
N ALA F 541 -4.04 -30.14 41.05
CA ALA F 541 -3.66 -31.11 40.03
C ALA F 541 -2.42 -31.91 40.43
N THR F 542 -1.44 -31.28 41.09
CA THR F 542 -0.33 -32.06 41.65
C THR F 542 -0.80 -33.03 42.72
N ALA F 543 -1.47 -32.51 43.76
CA ALA F 543 -1.99 -33.30 44.86
C ALA F 543 -2.75 -34.52 44.35
N LEU F 544 -3.40 -34.39 43.19
CA LEU F 544 -4.00 -35.55 42.54
C LEU F 544 -2.92 -36.48 42.01
N ALA F 545 -1.99 -35.95 41.21
CA ALA F 545 -0.96 -36.78 40.62
C ALA F 545 -0.07 -37.42 41.69
N ASN F 546 0.08 -36.76 42.83
CA ASN F 546 0.76 -37.37 43.97
C ASN F 546 -0.08 -38.52 44.52
N LYS F 547 0.48 -39.23 45.50
CA LYS F 547 -0.18 -40.38 46.11
C LYS F 547 -0.49 -41.46 45.08
N LEU F 548 -1.28 -41.11 44.05
CA LEU F 548 -1.55 -42.00 42.93
C LEU F 548 -0.41 -42.01 41.90
N GLY F 549 0.67 -41.28 42.17
CA GLY F 549 1.91 -41.50 41.46
C GLY F 549 2.28 -40.57 40.32
N VAL F 550 1.41 -40.46 39.32
CA VAL F 550 1.77 -39.92 38.00
C VAL F 550 2.16 -38.45 38.04
N ASP F 551 2.38 -37.89 36.85
CA ASP F 551 2.61 -36.46 36.64
C ASP F 551 1.43 -35.89 35.87
N LEU F 552 1.29 -34.55 35.95
CA LEU F 552 0.23 -33.89 35.20
C LEU F 552 0.41 -34.08 33.70
N SER F 553 1.59 -34.51 33.26
CA SER F 553 1.77 -34.95 31.88
C SER F 553 0.98 -36.20 31.56
N ASP F 554 0.58 -36.97 32.57
CA ASP F 554 -0.23 -38.17 32.38
C ASP F 554 -1.70 -37.94 32.72
N LEU F 555 -2.04 -36.82 33.35
CA LEU F 555 -3.39 -36.60 33.84
C LEU F 555 -4.27 -36.00 32.75
N PRO F 556 -5.38 -36.65 32.35
CA PRO F 556 -6.33 -35.98 31.46
C PRO F 556 -6.79 -34.65 32.03
N LEU F 557 -5.94 -33.63 31.92
CA LEU F 557 -6.19 -32.32 32.52
C LEU F 557 -5.72 -31.27 31.53
N VAL F 558 -6.63 -30.36 31.16
CA VAL F 558 -6.44 -29.49 30.01
C VAL F 558 -6.71 -28.06 30.40
N ALA F 559 -5.94 -27.13 29.83
CA ALA F 559 -6.17 -25.70 29.99
C ALA F 559 -6.54 -25.10 28.63
N SER F 560 -7.21 -23.95 28.66
CA SER F 560 -7.68 -23.31 27.44
C SER F 560 -7.74 -21.80 27.61
N ALA F 561 -7.14 -21.07 26.67
CA ALA F 561 -7.14 -19.61 26.65
C ALA F 561 -7.76 -19.15 25.34
N PRO F 562 -9.09 -19.11 25.26
CA PRO F 562 -9.76 -18.78 23.99
C PRO F 562 -9.70 -17.30 23.62
N GLU F 563 -9.78 -16.41 24.61
CA GLU F 563 -9.79 -14.97 24.35
C GLU F 563 -8.59 -14.27 24.98
N CYS F 564 -7.46 -14.96 25.05
CA CYS F 564 -6.28 -14.40 25.70
C CYS F 564 -5.70 -13.24 24.90
N MET F 565 -5.13 -12.26 25.62
CA MET F 565 -4.56 -11.09 24.96
C MET F 565 -3.38 -10.51 25.74
N SER F 566 -3.47 -10.49 27.07
CA SER F 566 -2.41 -9.92 27.89
C SER F 566 -1.15 -10.78 27.84
N GLU F 567 0.01 -10.11 27.94
CA GLU F 567 1.27 -10.84 28.03
C GLU F 567 1.23 -11.87 29.15
N LYS F 568 0.60 -11.51 30.27
CA LYS F 568 0.40 -12.45 31.36
C LYS F 568 -0.28 -13.73 30.87
N ALA F 569 -1.23 -13.59 29.94
CA ALA F 569 -1.91 -14.76 29.41
C ALA F 569 -0.98 -15.65 28.60
N LEU F 570 -0.01 -15.05 27.88
CA LEU F 570 0.99 -15.87 27.21
C LEU F 570 2.01 -16.45 28.18
N ALA F 571 2.13 -15.88 29.38
CA ALA F 571 2.99 -16.48 30.41
C ALA F 571 2.31 -17.67 31.05
N ILE F 572 1.06 -17.50 31.48
CA ILE F 572 0.31 -18.61 32.06
C ILE F 572 0.15 -19.74 31.06
N GLY F 573 -0.20 -19.39 29.81
CA GLY F 573 -0.32 -20.38 28.76
C GLY F 573 0.97 -21.10 28.43
N SER F 574 2.10 -20.64 28.95
CA SER F 574 3.39 -21.26 28.68
C SER F 574 3.98 -22.02 29.85
N TRP F 575 3.60 -21.71 31.09
CA TRP F 575 3.97 -22.62 32.17
C TRP F 575 2.95 -23.75 32.31
N ALA F 576 1.70 -23.53 31.93
CA ALA F 576 0.74 -24.63 31.87
C ALA F 576 1.25 -25.73 30.96
N VAL F 577 1.95 -25.35 29.89
CA VAL F 577 2.55 -26.34 29.01
C VAL F 577 3.73 -27.01 29.69
N THR F 578 4.72 -26.22 30.11
CA THR F 578 5.95 -26.75 30.67
C THR F 578 5.68 -27.43 32.02
N ILE F 579 4.40 -27.54 32.39
CA ILE F 579 3.98 -28.30 33.55
C ILE F 579 3.48 -29.68 33.10
N GLY F 580 2.95 -29.77 31.88
CA GLY F 580 2.49 -31.04 31.35
C GLY F 580 1.12 -30.94 30.68
N LEU F 581 0.45 -29.83 30.91
CA LEU F 581 -0.90 -29.67 30.39
C LEU F 581 -0.84 -29.30 28.91
N PRO F 582 -1.77 -29.81 28.11
CA PRO F 582 -2.04 -29.19 26.81
C PRO F 582 -2.92 -27.97 27.01
N THR F 583 -2.55 -26.87 26.35
CA THR F 583 -3.25 -25.60 26.52
C THR F 583 -3.85 -25.16 25.19
N HIS F 584 -5.13 -24.84 25.20
CA HIS F 584 -5.75 -24.24 24.03
C HIS F 584 -5.57 -22.73 24.10
N VAL F 585 -5.09 -22.14 23.01
CA VAL F 585 -4.97 -20.70 22.89
C VAL F 585 -5.77 -20.25 21.70
N GLY F 586 -6.60 -19.21 21.90
CA GLY F 586 -7.23 -18.50 20.80
C GLY F 586 -6.43 -17.27 20.44
N SER F 587 -7.04 -16.45 19.58
CA SER F 587 -6.52 -15.12 19.26
C SER F 587 -5.09 -15.15 18.71
N VAL F 588 -4.68 -16.31 18.18
CA VAL F 588 -3.41 -16.60 17.51
C VAL F 588 -2.26 -15.69 17.94
N PRO F 589 -1.37 -16.13 18.82
CA PRO F 589 -0.16 -15.36 19.13
C PRO F 589 0.77 -15.32 17.93
N PRO F 590 1.70 -14.34 17.87
CA PRO F 590 2.53 -14.17 16.67
C PRO F 590 3.56 -15.26 16.47
N VAL F 591 3.14 -16.46 16.03
CA VAL F 591 4.05 -17.55 15.72
C VAL F 591 3.83 -18.13 14.34
N ILE F 592 2.82 -17.66 13.59
CA ILE F 592 2.57 -18.22 12.27
C ILE F 592 3.66 -17.84 11.27
N GLY F 593 4.47 -16.83 11.58
CA GLY F 593 5.53 -16.44 10.67
C GLY F 593 6.68 -17.44 10.59
N SER F 594 6.83 -18.28 11.60
CA SER F 594 7.89 -19.28 11.62
C SER F 594 7.30 -20.64 11.95
N GLN F 595 7.36 -21.56 10.98
CA GLN F 595 6.94 -22.93 11.23
C GLN F 595 7.81 -23.59 12.29
N ILE F 596 9.07 -23.16 12.39
CA ILE F 596 10.02 -23.82 13.28
C ILE F 596 9.67 -23.56 14.75
N VAL F 597 9.36 -22.31 15.11
CA VAL F 597 8.83 -22.11 16.47
C VAL F 597 7.45 -22.74 16.60
N THR F 598 6.68 -22.77 15.51
CA THR F 598 5.34 -23.35 15.57
C THR F 598 5.39 -24.83 15.89
N LYS F 599 6.24 -25.57 15.17
CA LYS F 599 6.46 -26.97 15.53
C LYS F 599 7.07 -27.11 16.91
N LEU F 600 7.89 -26.14 17.32
CA LEU F 600 8.61 -26.24 18.59
C LEU F 600 7.64 -26.23 19.78
N VAL F 601 6.65 -25.32 19.76
CA VAL F 601 5.74 -25.20 20.90
C VAL F 601 4.52 -26.11 20.79
N THR F 602 4.30 -26.74 19.64
CA THR F 602 3.15 -27.62 19.45
C THR F 602 3.55 -29.09 19.43
N GLU F 603 4.41 -29.49 18.49
CA GLU F 603 4.93 -30.85 18.51
C GLU F 603 5.98 -30.97 19.60
N THR F 604 7.27 -30.95 19.23
CA THR F 604 8.42 -31.19 20.11
C THR F 604 8.23 -30.80 21.57
N ALA F 605 7.28 -29.92 21.85
CA ALA F 605 6.90 -29.66 23.25
C ALA F 605 6.24 -30.87 23.89
N LYS F 606 5.62 -31.75 23.10
CA LYS F 606 5.01 -32.95 23.67
C LYS F 606 6.08 -33.94 24.12
N ASP F 607 7.16 -34.07 23.34
CA ASP F 607 8.23 -34.98 23.73
C ASP F 607 9.00 -34.44 24.94
N LEU F 608 9.50 -33.21 24.82
CA LEU F 608 10.41 -32.67 25.84
C LEU F 608 9.73 -32.53 27.19
N VAL F 609 8.53 -31.96 27.21
CA VAL F 609 7.94 -31.50 28.47
C VAL F 609 6.50 -31.98 28.59
N GLY F 610 6.05 -32.80 27.66
CA GLY F 610 4.71 -33.33 27.69
C GLY F 610 3.63 -32.30 27.41
N GLY F 611 3.92 -31.05 27.76
CA GLY F 611 2.95 -29.97 27.72
C GLY F 611 2.22 -29.75 26.42
N TYR F 612 2.91 -29.18 25.42
CA TYR F 612 2.38 -28.81 24.11
C TYR F 612 1.08 -27.99 24.18
N PHE F 613 0.77 -27.22 23.13
CA PHE F 613 -0.45 -26.44 23.22
C PHE F 613 -0.99 -26.12 21.83
N ILE F 614 -2.31 -25.95 21.77
CA ILE F 614 -3.08 -25.98 20.53
C ILE F 614 -3.53 -24.59 20.17
N VAL F 615 -3.36 -24.23 18.89
CA VAL F 615 -3.86 -22.98 18.33
C VAL F 615 -5.05 -23.32 17.44
N ASP F 616 -6.24 -22.95 17.87
CA ASP F 616 -7.42 -22.98 17.00
C ASP F 616 -8.34 -21.85 17.42
N THR F 617 -8.67 -20.99 16.46
CA THR F 617 -9.51 -19.83 16.70
C THR F 617 -11.00 -20.15 16.59
N ASP F 618 -11.35 -21.38 16.24
CA ASP F 618 -12.74 -21.79 16.08
C ASP F 618 -13.15 -22.55 17.33
N PRO F 619 -14.05 -22.01 18.17
CA PRO F 619 -14.42 -22.72 19.40
C PRO F 619 -14.97 -24.12 19.18
N LYS F 620 -15.59 -24.38 18.03
CA LYS F 620 -16.05 -25.74 17.73
C LYS F 620 -14.87 -26.67 17.55
N SER F 621 -13.96 -26.33 16.63
CA SER F 621 -12.73 -27.09 16.46
C SER F 621 -11.79 -26.97 17.65
N ALA F 622 -12.12 -26.16 18.65
CA ALA F 622 -11.34 -26.12 19.88
C ALA F 622 -11.74 -27.26 20.81
N GLY F 623 -13.04 -27.39 21.09
CA GLY F 623 -13.50 -28.44 21.98
C GLY F 623 -13.33 -29.83 21.42
N ASP F 624 -13.31 -29.96 20.09
CA ASP F 624 -13.06 -31.27 19.49
C ASP F 624 -11.60 -31.65 19.54
N LYS F 625 -10.69 -30.68 19.44
CA LYS F 625 -9.29 -30.93 19.75
C LYS F 625 -9.05 -30.99 21.26
N LEU F 626 -9.85 -30.27 22.04
CA LEU F 626 -9.73 -30.34 23.49
C LEU F 626 -10.20 -31.68 24.02
N TYR F 627 -11.29 -32.22 23.45
CA TYR F 627 -11.77 -33.52 23.87
C TYR F 627 -10.96 -34.65 23.27
N ALA F 628 -10.38 -34.45 22.09
CA ALA F 628 -9.52 -35.48 21.51
C ALA F 628 -8.26 -35.68 22.34
N ALA F 629 -7.78 -34.62 22.99
CA ALA F 629 -6.66 -34.76 23.92
C ALA F 629 -7.10 -35.39 25.24
N ILE F 630 -8.34 -35.13 25.65
CA ILE F 630 -8.88 -35.75 26.85
C ILE F 630 -8.96 -37.26 26.69
N GLN F 631 -9.23 -37.72 25.47
CA GLN F 631 -9.32 -39.15 25.19
C GLN F 631 -8.00 -39.76 24.74
N GLU F 632 -7.06 -38.97 24.24
CA GLU F 632 -5.72 -39.48 23.98
C GLU F 632 -4.89 -39.58 25.26
N ARG F 633 -5.23 -38.79 26.27
CA ARG F 633 -4.54 -38.88 27.56
C ARG F 633 -5.20 -39.89 28.49
N ARG F 634 -6.50 -40.15 28.32
CA ARG F 634 -7.13 -41.25 29.02
C ARG F 634 -6.51 -42.59 28.62
N ALA F 635 -6.12 -42.71 27.35
CA ALA F 635 -5.69 -44.00 26.82
C ALA F 635 -4.43 -44.53 27.50
N GLY F 636 -3.55 -43.64 27.93
CA GLY F 636 -2.29 -44.07 28.54
C GLY F 636 -2.41 -44.63 29.94
N LEU F 637 -3.57 -44.50 30.56
CA LEU F 637 -3.75 -44.95 31.94
C LEU F 637 -4.74 -46.10 32.02
#